data_6O77
#
_entry.id   6O77
#
_cell.length_a   1
_cell.length_b   1
_cell.length_c   1
_cell.angle_alpha   90
_cell.angle_beta   90
_cell.angle_gamma   90
#
_symmetry.space_group_name_H-M   'P 1'
#
loop_
_entity.id
_entity.type
_entity.pdbx_description
1 polymer 'Transient receptor potential cation channel subfamily M member 8'
2 non-polymer 'CALCIUM ION'
3 non-polymer 'CHOLESTEROL HEMISUCCINATE'
#
_entity_poly.entity_id   1
_entity_poly.type   'polypeptide(L)'
_entity_poly.pdbx_seq_one_letter_code
;GAMGSRHRRNGNFESSRLLYSSMSRSIDVACSDADLANFIQENFKKRECVFFTKDTKSMGNLCKCGYPENQHIEGTQVNT
TEKWNYKKHTKELPTDAFGDIQFENLGKRGKYIRLSCDTDSETLYDLMTQHWHLKTPNLVISVTGGAKNFALKPRMRKIF
SRLIYIAQSKGAWIFTGGTHYGLMKYIGEVVRDNTISRSSEENVVAIGIAAWGMISNRETLIRTADSDGSFLARYIMDDL
KRDPLYCLDNNHTHLLLVDNGTHGHPTTEAKVRTQLEKYISERVIPESNYGGKIPIVCFAQGGGKETLKSINVAIKSKIP
CVVVEGSGRIADVIASLVEAEGTLASSCVKESLLRFLPRTISRLSEEETESWIKWIKEVLESPHLLTVIKIEEAGDEIVS
NAISFALYKAFSTNEHDRDNWNGQLKLLLEWNQLDLASDEIFTNDRNWESADLQDVMFTALVKDRPKFVRLFLENGLNLR
KFLTTEVLRELYTNNFSSLVFKNLQIAKNSYNDALLTFVWKMVEDFRRGFKRDYKNSKDEMEIQLSEECPITRHPLQALF
IWSVLQNKKELSKVIWEQTRGCTLAALGASKLLKSMAKVKNDINAAGESEELANEYETRAVELFTECYSNDEDLAEQLLT
YSCEAWGGSNCLELAVEARDQQFIAQPGVQNFLSKQWYGEISRDTKNWKIIMCLFFFPLIGCGFISFRKKPVEKSKKLFL
YYVSFFTSPFVVFSWNVIFYIAFLLLFAYVLLMDFQKEPTALEIILYVLVFVLLCDEVRQWYMNGSKYFSDLWNVMDTLA
IFYFIAGIVFRLHSDESSWYSGRVIFCLDYIVFTLRLIHIFTVSRNLGPKIIMLQRMMIDVFFFLFLFAVWMVAFGVARQ
GILRKNEHRWEWIFRSVIYEPYLAMFGQYPDDIDGTTYNFDRCTFSGNESKPLCVELDANNQPRFPEWITIPLVCIYMLS
TNILLVNLLVAMFGYTVGSVQENNDQVWKFQRFFLVQEYCSRLTIPFPFVIFAYIFMVMRKCFKCCCNKESKEPSICCSR
NEDNEILAWEAVMKENYLVKINTKANDSSEEMVHRFRQLDAKLSDLKGLLKEISSKIK
;
_entity_poly.pdbx_strand_id   A,B,C,D
#
loop_
_chem_comp.id
_chem_comp.type
_chem_comp.name
_chem_comp.formula
CA non-polymer 'CALCIUM ION' 'Ca 2'
Y01 non-polymer 'CHOLESTEROL HEMISUCCINATE' 'C31 H50 O4'
#
# COMPACT_ATOMS: atom_id res chain seq x y z
N GLY A 99 42.01 22.90 48.23
CA GLY A 99 41.49 21.75 48.94
C GLY A 99 40.46 20.97 48.16
N ASP A 100 39.65 20.18 48.86
CA ASP A 100 38.54 19.47 48.27
C ASP A 100 37.25 20.22 48.53
N ILE A 101 36.16 19.73 47.93
CA ILE A 101 34.88 20.43 47.98
C ILE A 101 33.75 19.41 48.05
N GLN A 102 32.62 19.88 48.58
CA GLN A 102 31.41 19.09 48.69
C GLN A 102 30.23 20.01 48.45
N PHE A 103 29.21 19.48 47.76
CA PHE A 103 28.05 20.28 47.42
C PHE A 103 26.81 19.79 48.17
N GLY A 110 34.37 16.83 44.75
CA GLY A 110 35.39 17.25 43.79
C GLY A 110 36.51 18.03 44.43
N LYS A 111 37.47 18.47 43.62
CA LYS A 111 38.62 19.22 44.09
C LYS A 111 38.62 20.61 43.47
N TYR A 112 39.36 21.52 44.08
CA TYR A 112 39.47 22.88 43.58
C TYR A 112 40.84 23.45 43.96
N ILE A 113 41.14 24.61 43.39
CA ILE A 113 42.35 25.36 43.71
C ILE A 113 42.10 26.81 43.34
N ARG A 114 42.61 27.72 44.18
CA ARG A 114 42.52 29.16 43.93
C ARG A 114 43.85 29.60 43.32
N LEU A 115 43.85 29.85 42.02
CA LEU A 115 45.07 30.09 41.28
C LEU A 115 45.42 31.58 41.29
N SER A 116 46.37 31.97 40.45
CA SER A 116 46.72 33.37 40.28
C SER A 116 47.10 33.60 38.82
N CYS A 117 46.83 34.80 38.33
CA CYS A 117 47.17 35.13 36.94
C CYS A 117 48.64 35.47 36.81
N GLU A 122 51.88 26.25 32.79
CA GLU A 122 52.83 25.14 32.77
C GLU A 122 52.75 24.32 34.04
N THR A 123 53.08 24.95 35.16
CA THR A 123 53.04 24.26 36.45
C THR A 123 51.62 23.94 36.90
N LEU A 124 50.62 24.61 36.32
CA LEU A 124 49.24 24.18 36.46
C LEU A 124 49.04 22.79 35.89
N TYR A 125 49.61 22.52 34.72
CA TYR A 125 49.50 21.20 34.11
C TYR A 125 50.29 20.17 34.89
N ASP A 126 51.33 20.60 35.60
CA ASP A 126 52.07 19.68 36.46
C ASP A 126 51.23 19.25 37.65
N LEU A 127 50.32 20.11 38.10
CA LEU A 127 49.42 19.75 39.20
C LEU A 127 48.36 18.76 38.73
N MET A 128 47.76 19.02 37.57
CA MET A 128 46.61 18.26 37.09
C MET A 128 46.96 16.87 36.61
N THR A 129 48.23 16.54 36.46
CA THR A 129 48.62 15.25 35.90
C THR A 129 49.40 14.39 36.88
N GLN A 130 50.37 14.97 37.59
CA GLN A 130 51.23 14.15 38.44
C GLN A 130 50.57 13.82 39.76
N HIS A 131 49.74 14.72 40.28
CA HIS A 131 48.94 14.45 41.47
C HIS A 131 47.55 13.97 41.12
N TRP A 132 46.92 14.62 40.15
CA TRP A 132 45.57 14.34 39.70
C TRP A 132 45.60 13.38 38.52
N HIS A 133 44.54 13.38 37.72
CA HIS A 133 44.19 12.40 36.70
C HIS A 133 45.12 12.30 35.49
N LEU A 134 44.73 11.45 34.54
CA LEU A 134 45.56 10.94 33.45
C LEU A 134 45.75 11.98 32.35
N LYS A 135 46.86 11.82 31.61
CA LYS A 135 47.15 12.54 30.39
C LYS A 135 46.12 12.22 29.30
N THR A 136 45.97 13.14 28.35
CA THR A 136 44.85 13.07 27.42
C THR A 136 45.26 12.92 25.97
N PRO A 137 44.51 12.15 25.19
CA PRO A 137 44.66 12.18 23.73
C PRO A 137 43.76 13.16 23.01
N ASN A 138 43.02 14.00 23.73
CA ASN A 138 42.11 14.96 23.12
C ASN A 138 41.81 16.05 24.14
N LEU A 139 41.34 17.20 23.66
CA LEU A 139 41.02 18.32 24.54
C LEU A 139 40.02 19.22 23.84
N VAL A 140 38.77 19.21 24.32
CA VAL A 140 37.71 20.03 23.77
C VAL A 140 37.43 21.16 24.76
N ILE A 141 37.25 22.37 24.26
CA ILE A 141 37.11 23.56 25.10
C ILE A 141 35.90 24.35 24.63
N SER A 142 34.92 24.52 25.51
CA SER A 142 33.71 25.28 25.20
C SER A 142 33.83 26.66 25.82
N VAL A 143 34.09 27.67 24.99
CA VAL A 143 34.26 29.03 25.49
C VAL A 143 32.88 29.65 25.71
N THR A 144 32.53 29.78 26.99
CA THR A 144 31.33 30.41 27.52
C THR A 144 31.55 30.58 29.01
N GLY A 145 30.51 30.96 29.73
CA GLY A 145 30.63 31.10 31.17
C GLY A 145 29.93 32.31 31.71
N GLY A 146 29.90 33.38 30.91
CA GLY A 146 29.06 34.51 31.25
C GLY A 146 27.58 34.22 31.02
N ALA A 147 27.27 33.16 30.28
CA ALA A 147 25.89 32.78 30.00
C ALA A 147 25.30 32.14 31.25
N LYS A 148 24.84 33.01 32.16
CA LYS A 148 23.96 32.54 33.21
C LYS A 148 22.61 32.12 32.63
N ASN A 149 22.20 32.78 31.55
CA ASN A 149 21.04 32.39 30.76
C ASN A 149 21.56 31.80 29.46
N PHE A 150 21.09 30.61 29.10
CA PHE A 150 21.51 29.99 27.86
C PHE A 150 20.36 29.20 27.26
N ALA A 151 20.03 29.50 26.01
CA ALA A 151 18.96 28.82 25.30
C ALA A 151 19.41 27.43 24.93
N LEU A 152 19.04 26.44 25.75
CA LEU A 152 19.41 25.04 25.50
C LEU A 152 18.44 24.44 24.49
N LYS A 153 18.61 24.86 23.24
CA LYS A 153 17.82 24.36 22.14
C LYS A 153 18.14 22.89 21.89
N PRO A 154 17.23 22.13 21.29
CA PRO A 154 17.51 20.71 21.02
C PRO A 154 18.65 20.47 20.04
N ARG A 155 19.00 21.44 19.20
CA ARG A 155 20.17 21.28 18.37
C ARG A 155 21.45 21.49 19.18
N MET A 156 21.46 22.53 20.03
CA MET A 156 22.59 22.74 20.93
C MET A 156 22.67 21.68 22.00
N ARG A 157 21.55 21.03 22.30
CA ARG A 157 21.55 19.87 23.18
C ARG A 157 22.06 18.63 22.47
N LYS A 158 21.82 18.53 21.17
CA LYS A 158 22.31 17.39 20.40
C LYS A 158 23.81 17.43 20.23
N ILE A 159 24.36 18.62 20.00
CA ILE A 159 25.79 18.76 19.68
C ILE A 159 26.65 18.44 20.90
N PHE A 160 26.31 19.01 22.04
CA PHE A 160 27.14 18.82 23.23
C PHE A 160 26.84 17.52 23.96
N SER A 161 25.86 16.75 23.52
CA SER A 161 25.72 15.39 24.03
C SER A 161 26.49 14.41 23.18
N ARG A 162 26.52 14.62 21.87
CA ARG A 162 27.36 13.82 20.99
C ARG A 162 28.82 14.18 21.15
N LEU A 163 29.13 15.36 21.67
CA LEU A 163 30.51 15.78 21.84
C LEU A 163 31.18 15.00 22.97
N ILE A 164 30.47 14.83 24.09
CA ILE A 164 31.06 14.13 25.23
C ILE A 164 31.10 12.64 24.97
N TYR A 165 30.19 12.13 24.15
CA TYR A 165 30.30 10.74 23.70
C TYR A 165 31.50 10.55 22.78
N ILE A 166 31.80 11.56 21.96
CA ILE A 166 33.02 11.54 21.16
C ILE A 166 34.24 11.66 22.06
N ALA A 167 34.17 12.53 23.06
CA ALA A 167 35.29 12.73 23.98
C ALA A 167 35.53 11.52 24.87
N GLN A 168 34.52 10.68 25.09
CA GLN A 168 34.74 9.48 25.90
C GLN A 168 35.37 8.36 25.10
N SER A 169 35.25 8.38 23.78
CA SER A 169 35.96 7.40 22.98
C SER A 169 37.46 7.66 22.97
N LYS A 170 37.88 8.92 23.07
CA LYS A 170 39.29 9.25 23.07
C LYS A 170 39.84 9.58 24.44
N GLY A 171 39.00 9.95 25.39
CA GLY A 171 39.47 10.26 26.73
C GLY A 171 39.99 11.67 26.90
N ALA A 172 39.14 12.65 26.65
CA ALA A 172 39.55 14.04 26.65
C ALA A 172 39.42 14.69 28.03
N TRP A 173 39.94 15.90 28.12
CA TRP A 173 39.52 16.87 29.12
C TRP A 173 38.54 17.82 28.47
N ILE A 174 37.65 18.40 29.27
CA ILE A 174 36.75 19.42 28.77
C ILE A 174 36.88 20.64 29.67
N PHE A 175 37.32 21.75 29.10
CA PHE A 175 37.42 23.01 29.84
C PHE A 175 36.16 23.82 29.60
N THR A 176 35.44 24.12 30.67
CA THR A 176 34.21 24.88 30.60
C THR A 176 34.30 26.11 31.49
N GLY A 177 33.17 26.81 31.63
CA GLY A 177 33.12 27.96 32.51
C GLY A 177 33.13 27.58 33.97
N GLY A 178 32.48 26.49 34.33
CA GLY A 178 32.58 25.92 35.66
C GLY A 178 31.46 26.26 36.60
N THR A 179 30.52 27.12 36.21
CA THR A 179 29.45 27.51 37.10
C THR A 179 28.18 26.73 36.77
N HIS A 180 27.16 26.92 37.60
CA HIS A 180 26.01 26.04 37.67
C HIS A 180 24.90 26.40 36.68
N TYR A 181 25.17 27.22 35.68
CA TYR A 181 24.12 27.75 34.84
C TYR A 181 24.37 27.44 33.37
N GLY A 182 23.28 27.16 32.66
CA GLY A 182 23.34 27.16 31.20
C GLY A 182 24.00 25.92 30.66
N LEU A 183 24.99 26.13 29.77
CA LEU A 183 25.65 25.02 29.11
C LEU A 183 26.59 24.26 30.04
N MET A 184 27.25 24.95 30.98
CA MET A 184 28.16 24.27 31.88
C MET A 184 27.42 23.35 32.84
N LYS A 185 26.18 23.69 33.17
CA LYS A 185 25.34 22.77 33.91
C LYS A 185 24.99 21.56 33.05
N TYR A 186 24.75 21.79 31.76
CA TYR A 186 24.40 20.69 30.88
C TYR A 186 25.61 19.85 30.52
N ILE A 187 26.79 20.46 30.42
CA ILE A 187 28.00 19.70 30.14
C ILE A 187 28.33 18.78 31.31
N GLY A 188 28.24 19.30 32.54
CA GLY A 188 28.50 18.48 33.71
C GLY A 188 27.49 17.36 33.89
N GLU A 189 26.24 17.59 33.49
CA GLU A 189 25.24 16.54 33.61
C GLU A 189 25.47 15.41 32.63
N VAL A 190 26.03 15.70 31.46
CA VAL A 190 26.26 14.65 30.48
C VAL A 190 27.62 14.00 30.73
N VAL A 191 28.57 14.74 31.31
CA VAL A 191 29.83 14.14 31.75
C VAL A 191 29.59 13.17 32.88
N ARG A 192 28.76 13.55 33.85
CA ARG A 192 28.54 12.70 35.03
C ARG A 192 27.82 11.41 34.67
N ASP A 193 26.83 11.48 33.79
CA ASP A 193 26.10 10.28 33.40
C ASP A 193 26.95 9.38 32.51
N ASN A 194 27.90 9.94 31.77
CA ASN A 194 28.75 9.13 30.92
C ASN A 194 29.93 8.53 31.67
N THR A 195 30.36 9.14 32.77
CA THR A 195 31.47 8.59 33.53
C THR A 195 31.03 7.39 34.38
N ILE A 196 29.80 7.40 34.86
CA ILE A 196 29.31 6.30 35.67
C ILE A 196 29.00 5.09 34.81
N SER A 197 28.17 5.27 33.78
CA SER A 197 27.83 4.20 32.87
C SER A 197 28.95 3.95 31.87
N GLU A 202 38.37 4.60 28.45
CA GLU A 202 38.83 5.98 28.56
C GLU A 202 37.78 6.83 29.28
N ASN A 203 38.19 8.00 29.74
CA ASN A 203 37.37 8.78 30.66
C ASN A 203 37.38 10.25 30.28
N VAL A 204 36.27 10.93 30.53
CA VAL A 204 36.14 12.36 30.33
C VAL A 204 36.29 13.05 31.68
N VAL A 205 37.17 14.01 31.77
CA VAL A 205 37.27 14.87 32.94
C VAL A 205 36.80 16.25 32.52
N ALA A 206 35.94 16.85 33.31
CA ALA A 206 35.34 18.14 32.97
C ALA A 206 35.88 19.19 33.92
N ILE A 207 37.00 19.80 33.56
CA ILE A 207 37.61 20.83 34.38
C ILE A 207 36.88 22.15 34.14
N GLY A 208 36.44 22.79 35.22
CA GLY A 208 35.86 24.11 35.14
C GLY A 208 36.87 25.17 35.54
N ILE A 209 36.83 26.30 34.84
CA ILE A 209 37.74 27.42 35.12
C ILE A 209 36.87 28.65 35.36
N ALA A 210 36.63 28.97 36.63
CA ALA A 210 35.85 30.13 37.03
C ALA A 210 36.80 31.26 37.45
N ALA A 211 36.23 32.34 37.96
CA ALA A 211 36.98 33.57 38.14
C ALA A 211 37.05 34.09 39.57
N TRP A 212 36.43 33.41 40.54
CA TRP A 212 36.62 33.57 41.99
C TRP A 212 36.11 34.89 42.57
N GLY A 213 35.86 35.88 41.72
CA GLY A 213 35.17 37.07 42.16
C GLY A 213 33.71 37.01 41.88
N MET A 214 33.33 36.05 41.04
CA MET A 214 31.95 35.85 40.66
C MET A 214 31.32 34.67 41.38
N ILE A 215 32.08 33.95 42.20
CA ILE A 215 31.53 32.86 42.98
C ILE A 215 30.78 33.45 44.17
N SER A 216 29.69 32.79 44.57
CA SER A 216 28.76 33.38 45.52
C SER A 216 29.26 33.33 46.96
N ASN A 217 29.58 32.14 47.45
CA ASN A 217 29.67 31.88 48.89
C ASN A 217 31.03 31.29 49.24
N ARG A 218 32.10 32.03 48.89
CA ARG A 218 33.49 31.62 49.06
C ARG A 218 33.82 31.15 50.48
N GLU A 219 34.36 29.93 50.58
CA GLU A 219 34.97 29.42 51.80
C GLU A 219 36.45 29.14 51.55
N THR A 220 37.20 29.09 52.64
CA THR A 220 38.65 28.92 52.57
C THR A 220 39.15 27.91 53.61
N ASP A 228 38.34 20.09 53.68
CA ASP A 228 37.18 19.62 52.93
C ASP A 228 36.00 20.57 53.12
N GLY A 229 36.12 21.78 52.54
CA GLY A 229 35.09 22.78 52.73
C GLY A 229 33.87 22.51 51.88
N SER A 230 32.69 22.62 52.48
CA SER A 230 31.44 22.47 51.76
C SER A 230 31.02 23.80 51.17
N PHE A 231 30.26 23.73 50.08
CA PHE A 231 29.84 24.90 49.33
C PHE A 231 28.32 24.97 49.25
N LEU A 232 27.77 26.16 49.44
CA LEU A 232 26.35 26.41 49.23
C LEU A 232 26.14 27.73 48.51
N LEU A 240 21.38 35.08 49.93
CA LEU A 240 20.74 36.01 49.01
C LEU A 240 19.94 35.22 47.98
N LYS A 241 18.87 35.83 47.47
CA LYS A 241 17.95 35.16 46.56
C LYS A 241 18.01 35.67 45.13
N ARG A 242 18.61 36.84 44.91
CA ARG A 242 18.77 37.43 43.58
C ARG A 242 20.20 37.94 43.41
N ASP A 243 21.17 37.10 43.76
CA ASP A 243 22.56 37.52 43.71
C ASP A 243 23.05 37.55 42.26
N PRO A 244 23.89 38.53 41.91
CA PRO A 244 24.50 38.53 40.57
C PRO A 244 25.73 37.63 40.46
N LEU A 245 26.11 36.96 41.54
CA LEU A 245 27.25 36.06 41.52
C LEU A 245 26.84 34.71 40.96
N TYR A 246 27.72 33.72 41.04
CA TYR A 246 27.55 32.45 40.35
C TYR A 246 27.69 31.29 41.32
N CYS A 247 26.80 30.32 41.19
CA CYS A 247 26.93 29.07 41.93
C CYS A 247 27.89 28.14 41.20
N LEU A 248 28.69 27.41 41.95
CA LEU A 248 29.62 26.47 41.33
C LEU A 248 28.88 25.24 40.85
N ASP A 249 29.34 24.69 39.73
CA ASP A 249 28.68 23.53 39.15
C ASP A 249 29.07 22.27 39.93
N ASN A 250 28.08 21.41 40.16
CA ASN A 250 28.30 20.25 41.03
C ASN A 250 29.13 19.19 40.35
N ASN A 251 28.98 19.05 39.03
CA ASN A 251 29.50 17.90 38.30
C ASN A 251 30.80 18.21 37.56
N HIS A 252 31.47 19.31 37.89
CA HIS A 252 32.85 19.52 37.46
C HIS A 252 33.74 19.07 38.60
N THR A 253 34.39 17.92 38.42
CA THR A 253 35.12 17.30 39.50
C THR A 253 36.41 18.02 39.85
N HIS A 254 36.91 18.86 38.95
CA HIS A 254 38.11 19.64 39.21
C HIS A 254 37.84 21.07 38.77
N LEU A 255 37.99 22.02 39.69
CA LEU A 255 37.69 23.41 39.41
C LEU A 255 38.95 24.25 39.56
N LEU A 256 39.09 25.25 38.69
CA LEU A 256 40.19 26.20 38.76
C LEU A 256 39.61 27.59 38.98
N LEU A 257 40.06 28.25 40.04
CA LEU A 257 39.52 29.55 40.43
C LEU A 257 40.62 30.58 40.26
N VAL A 258 40.47 31.46 39.26
CA VAL A 258 41.48 32.46 38.95
C VAL A 258 41.29 33.67 39.83
N ASP A 259 42.36 34.16 40.43
CA ASP A 259 42.29 35.29 41.34
C ASP A 259 42.63 36.59 40.62
N ASN A 260 42.05 37.68 41.11
CA ASN A 260 42.27 39.00 40.55
C ASN A 260 42.16 40.01 41.69
N GLY A 261 42.05 41.29 41.35
CA GLY A 261 41.92 42.34 42.33
C GLY A 261 40.64 43.14 42.21
N ALA A 270 40.37 33.64 32.34
CA ALA A 270 40.42 33.81 30.88
C ALA A 270 41.87 33.84 30.39
N LYS A 271 42.76 34.42 31.19
CA LYS A 271 44.15 34.53 30.79
C LYS A 271 44.87 33.19 30.96
N VAL A 272 44.73 32.57 32.13
CA VAL A 272 45.45 31.32 32.40
C VAL A 272 44.79 30.14 31.70
N ARG A 273 43.54 30.26 31.28
CA ARG A 273 42.91 29.22 30.50
C ARG A 273 43.52 29.13 29.11
N THR A 274 43.65 30.27 28.43
CA THR A 274 44.22 30.29 27.08
C THR A 274 45.71 29.99 27.10
N GLN A 275 46.39 30.30 28.19
CA GLN A 275 47.77 29.88 28.32
C GLN A 275 47.87 28.39 28.58
N LEU A 276 46.85 27.79 29.21
CA LEU A 276 46.83 26.35 29.36
C LEU A 276 46.47 25.67 28.05
N GLU A 277 45.77 26.38 27.16
CA GLU A 277 45.60 25.89 25.79
C GLU A 277 46.94 25.81 25.07
N LYS A 278 47.76 26.85 25.20
CA LYS A 278 48.99 26.92 24.42
C LYS A 278 50.06 25.98 24.95
N TYR A 279 49.99 25.62 26.23
CA TYR A 279 51.01 24.73 26.77
C TYR A 279 50.72 23.27 26.44
N ILE A 280 49.44 22.88 26.47
CA ILE A 280 49.08 21.51 26.17
C ILE A 280 49.26 21.21 24.68
N SER A 281 49.02 22.20 23.83
CA SER A 281 49.25 22.02 22.40
C SER A 281 50.73 21.92 22.06
N GLU A 282 51.59 22.52 22.87
CA GLU A 282 53.02 22.34 22.71
C GLU A 282 53.57 21.17 23.49
N ARG A 283 52.74 20.52 24.31
CA ARG A 283 53.20 19.34 25.04
C ARG A 283 53.35 18.18 24.08
N VAL A 284 54.52 17.55 24.09
CA VAL A 284 54.88 16.54 23.09
C VAL A 284 54.56 15.16 23.65
N ILE A 285 53.72 14.43 22.94
CA ILE A 285 53.44 13.02 23.23
C ILE A 285 54.07 12.20 22.11
N PRO A 286 54.93 11.24 22.41
CA PRO A 286 55.52 10.43 21.33
C PRO A 286 54.57 9.40 20.74
N GLU A 287 53.58 8.92 21.50
CA GLU A 287 52.72 7.85 21.00
C GLU A 287 51.47 8.37 20.29
N SER A 288 51.65 9.28 19.34
CA SER A 288 50.52 9.88 18.66
C SER A 288 50.77 9.93 17.16
N ASN A 289 49.68 10.07 16.42
CA ASN A 289 49.70 10.21 14.97
C ASN A 289 49.31 11.60 14.51
N TYR A 290 49.12 12.53 15.44
CA TYR A 290 48.94 13.95 15.16
C TYR A 290 50.27 14.70 15.06
N GLY A 291 51.38 13.97 15.01
CA GLY A 291 52.67 14.56 15.28
C GLY A 291 52.89 14.79 16.75
N GLY A 292 52.16 14.10 17.60
CA GLY A 292 52.14 14.43 19.00
C GLY A 292 51.10 15.48 19.27
N LYS A 293 51.50 16.50 20.01
CA LYS A 293 50.86 17.82 20.08
C LYS A 293 49.51 17.87 20.79
N ILE A 294 48.93 16.72 21.17
CA ILE A 294 47.71 16.60 21.97
C ILE A 294 46.55 17.41 21.40
N PRO A 295 45.84 16.90 20.38
CA PRO A 295 44.88 17.72 19.60
C PRO A 295 43.82 18.48 20.37
N ILE A 296 43.90 19.82 20.29
CA ILE A 296 43.05 20.72 21.05
C ILE A 296 42.06 21.36 20.11
N VAL A 297 40.78 21.28 20.46
CA VAL A 297 39.70 21.93 19.72
C VAL A 297 39.01 22.91 20.66
N CYS A 298 38.69 24.09 20.14
CA CYS A 298 37.93 25.10 20.86
C CYS A 298 36.54 25.20 20.27
N PHE A 299 35.52 25.08 21.10
CA PHE A 299 34.14 25.18 20.65
C PHE A 299 33.57 26.53 21.03
N ALA A 300 33.27 27.35 20.03
CA ALA A 300 32.70 28.67 20.24
C ALA A 300 31.23 28.63 19.88
N GLN A 301 30.38 28.99 20.83
CA GLN A 301 28.95 29.07 20.51
C GLN A 301 28.27 30.34 20.99
N GLY A 302 28.75 30.97 22.05
CA GLY A 302 28.06 32.08 22.66
C GLY A 302 28.36 33.42 22.01
N GLY A 303 28.52 34.43 22.85
CA GLY A 303 28.76 35.78 22.38
C GLY A 303 29.49 36.59 23.43
N GLY A 304 29.60 37.88 23.16
CA GLY A 304 30.17 38.82 24.12
C GLY A 304 31.63 39.09 23.86
N LYS A 305 32.15 40.06 24.61
CA LYS A 305 33.56 40.42 24.50
C LYS A 305 34.44 39.33 25.07
N GLU A 306 33.95 38.60 26.08
CA GLU A 306 34.78 37.63 26.79
C GLU A 306 35.09 36.40 25.95
N THR A 307 34.30 36.11 24.92
CA THR A 307 34.62 35.04 23.99
C THR A 307 35.27 35.55 22.71
N LEU A 308 34.89 36.76 22.27
CA LEU A 308 35.53 37.37 21.11
C LEU A 308 37.00 37.66 21.37
N LYS A 309 37.34 38.07 22.59
CA LYS A 309 38.74 38.13 22.98
C LYS A 309 39.35 36.74 23.02
N SER A 310 38.58 35.75 23.49
CA SER A 310 39.08 34.39 23.65
C SER A 310 39.10 33.59 22.35
N ILE A 311 38.71 34.20 21.24
CA ILE A 311 38.95 33.58 19.93
C ILE A 311 40.22 34.14 19.30
N ASN A 312 40.49 35.44 19.50
CA ASN A 312 41.70 36.06 19.02
C ASN A 312 42.94 35.45 19.67
N VAL A 313 42.96 35.42 21.01
CA VAL A 313 44.10 34.89 21.73
C VAL A 313 44.18 33.37 21.57
N ALA A 314 43.07 32.74 21.20
CA ALA A 314 43.12 31.38 20.70
C ALA A 314 43.86 31.33 19.37
N ILE A 315 43.40 32.12 18.39
CA ILE A 315 43.95 32.07 17.04
C ILE A 315 45.36 32.64 16.98
N LYS A 316 45.66 33.64 17.81
CA LYS A 316 47.04 34.14 17.92
C LYS A 316 47.97 33.05 18.45
N SER A 317 47.49 32.22 19.35
CA SER A 317 48.21 31.01 19.71
C SER A 317 48.13 30.03 18.56
N LYS A 318 49.19 29.25 18.38
CA LYS A 318 49.17 28.30 17.28
C LYS A 318 48.38 27.07 17.69
N ILE A 319 47.70 26.49 16.70
CA ILE A 319 46.77 25.36 16.80
C ILE A 319 45.71 25.62 17.88
N PRO A 320 44.72 26.51 17.67
CA PRO A 320 43.53 26.45 18.52
C PRO A 320 42.42 25.57 17.98
N CYS A 321 42.31 25.47 16.66
CA CYS A 321 41.23 24.80 15.93
C CYS A 321 39.86 25.20 16.45
N VAL A 322 39.58 26.50 16.43
CA VAL A 322 38.33 27.00 16.99
C VAL A 322 37.18 26.60 16.08
N VAL A 323 36.12 26.05 16.66
CA VAL A 323 34.94 25.58 15.94
C VAL A 323 33.76 26.44 16.37
N VAL A 324 33.13 27.11 15.41
CA VAL A 324 31.99 27.97 15.70
C VAL A 324 30.72 27.28 15.25
N GLU A 325 29.59 27.75 15.80
CA GLU A 325 28.29 27.16 15.52
C GLU A 325 27.34 28.22 15.01
N GLY A 326 26.28 27.78 14.35
CA GLY A 326 25.31 28.69 13.78
C GLY A 326 24.20 29.10 14.73
N SER A 327 24.49 29.21 16.03
CA SER A 327 23.50 29.67 17.00
C SER A 327 24.21 30.37 18.13
N GLY A 328 23.96 31.68 18.27
CA GLY A 328 24.62 32.49 19.27
C GLY A 328 24.73 33.93 18.82
N ARG A 329 25.50 34.74 19.55
CA ARG A 329 25.68 36.13 19.15
C ARG A 329 26.95 36.34 18.34
N ILE A 330 28.12 36.08 18.93
CA ILE A 330 29.38 36.26 18.22
C ILE A 330 29.60 35.10 17.27
N ALA A 331 29.23 33.88 17.68
CA ALA A 331 29.41 32.71 16.84
C ALA A 331 28.52 32.73 15.61
N ASP A 332 27.43 33.48 15.61
CA ASP A 332 26.67 33.70 14.39
C ASP A 332 27.29 34.78 13.50
N VAL A 333 28.08 35.68 14.07
CA VAL A 333 28.75 36.69 13.26
C VAL A 333 29.86 36.05 12.43
N ILE A 334 30.76 35.31 13.09
CA ILE A 334 31.87 34.67 12.41
C ILE A 334 31.40 33.56 11.49
N ALA A 335 30.25 32.96 11.76
CA ALA A 335 29.67 32.00 10.82
C ALA A 335 29.20 32.67 9.55
N SER A 336 28.71 33.91 9.65
CA SER A 336 28.21 34.61 8.47
C SER A 336 29.33 35.20 7.63
N LEU A 337 30.47 35.51 8.25
CA LEU A 337 31.55 36.19 7.53
C LEU A 337 32.43 35.24 6.73
N VAL A 338 32.32 33.93 6.96
CA VAL A 338 33.10 32.99 6.18
C VAL A 338 32.31 32.55 4.96
N ALA A 345 35.99 43.69 4.63
CA ALA A 345 36.04 45.15 4.81
C ALA A 345 35.70 45.53 6.24
N SER A 346 36.07 46.74 6.64
CA SER A 346 35.75 47.21 7.99
C SER A 346 34.28 47.56 8.10
N SER A 347 33.69 48.10 7.02
CA SER A 347 32.28 48.44 7.05
C SER A 347 31.40 47.23 6.80
N CYS A 348 31.87 46.27 6.00
CA CYS A 348 31.10 45.06 5.71
C CYS A 348 30.96 44.17 6.94
N VAL A 349 31.94 44.25 7.86
CA VAL A 349 31.82 43.55 9.14
C VAL A 349 30.69 44.16 9.96
N LYS A 350 30.59 45.49 9.99
CA LYS A 350 29.52 46.14 10.75
C LYS A 350 28.17 46.07 10.03
N GLU A 351 28.14 45.62 8.77
CA GLU A 351 26.86 45.21 8.19
C GLU A 351 26.31 43.98 8.90
N SER A 352 27.20 43.07 9.28
CA SER A 352 26.86 42.04 10.26
C SER A 352 27.04 42.62 11.66
N LEU A 353 26.86 41.78 12.68
CA LEU A 353 27.00 42.08 14.12
C LEU A 353 26.08 43.18 14.65
N LEU A 354 25.24 43.76 13.79
CA LEU A 354 24.11 44.58 14.20
C LEU A 354 22.79 43.89 13.90
N ARG A 355 22.79 42.95 12.96
CA ARG A 355 21.70 42.01 12.82
C ARG A 355 21.79 40.89 13.84
N PHE A 356 22.98 40.66 14.40
CA PHE A 356 23.19 39.60 15.38
C PHE A 356 23.40 40.12 16.79
N LEU A 357 24.04 41.27 16.96
CA LEU A 357 24.20 41.90 18.26
C LEU A 357 23.69 43.34 18.20
N PRO A 358 22.37 43.54 18.16
CA PRO A 358 21.85 44.89 18.02
C PRO A 358 21.86 45.69 19.31
N ARG A 359 21.84 45.04 20.47
CA ARG A 359 21.58 45.72 21.72
C ARG A 359 22.78 45.80 22.65
N THR A 360 23.99 45.51 22.16
CA THR A 360 25.19 45.75 22.95
C THR A 360 26.10 46.82 22.35
N ILE A 361 25.87 47.20 21.09
CA ILE A 361 26.69 48.25 20.48
C ILE A 361 26.13 49.61 20.84
N SER A 362 24.81 49.70 21.02
CA SER A 362 24.20 50.91 21.55
C SER A 362 24.64 51.19 22.98
N ARG A 363 25.04 50.16 23.72
CA ARG A 363 25.69 50.32 25.01
C ARG A 363 27.21 50.45 24.90
N LEU A 364 27.76 50.28 23.69
CA LEU A 364 29.19 50.38 23.46
C LEU A 364 29.56 51.76 22.94
N SER A 365 30.80 52.16 23.22
CA SER A 365 31.33 53.40 22.70
C SER A 365 31.73 53.23 21.24
N GLU A 366 31.94 54.36 20.56
CA GLU A 366 32.40 54.33 19.18
C GLU A 366 33.86 53.92 19.08
N GLU A 367 34.63 54.16 20.14
CA GLU A 367 36.03 53.78 20.13
C GLU A 367 36.23 52.29 20.38
N GLU A 368 35.20 51.60 20.88
CA GLU A 368 35.35 50.19 21.16
C GLU A 368 34.78 49.31 20.04
N THR A 369 33.79 49.80 19.30
CA THR A 369 33.22 49.01 18.22
C THR A 369 34.16 48.89 17.03
N GLU A 370 35.14 49.79 16.91
CA GLU A 370 36.21 49.57 15.94
C GLU A 370 37.19 48.54 16.46
N SER A 371 37.40 48.51 17.79
CA SER A 371 38.24 47.47 18.38
C SER A 371 37.57 46.11 18.29
N TRP A 372 36.25 46.07 18.44
CA TRP A 372 35.50 44.84 18.18
C TRP A 372 35.59 44.45 16.71
N ILE A 373 35.61 45.44 15.82
CA ILE A 373 35.84 45.16 14.41
C ILE A 373 37.29 44.74 14.18
N LYS A 374 38.22 45.31 14.96
CA LYS A 374 39.63 44.95 14.83
C LYS A 374 39.90 43.51 15.26
N TRP A 375 39.14 42.98 16.21
CA TRP A 375 39.31 41.59 16.59
C TRP A 375 38.83 40.65 15.49
N ILE A 376 37.64 40.90 14.97
CA ILE A 376 37.08 40.06 13.91
C ILE A 376 37.83 40.24 12.59
N LYS A 377 38.58 41.32 12.45
CA LYS A 377 39.56 41.40 11.36
C LYS A 377 40.63 40.32 11.52
N GLU A 378 41.19 40.18 12.73
CA GLU A 378 42.24 39.19 12.94
C GLU A 378 41.67 37.78 13.02
N VAL A 379 40.42 37.63 13.46
CA VAL A 379 39.80 36.31 13.51
C VAL A 379 39.53 35.79 12.11
N LEU A 380 39.04 36.64 11.22
CA LEU A 380 38.80 36.25 9.84
C LEU A 380 40.07 36.26 8.98
N GLU A 381 41.23 36.54 9.56
CA GLU A 381 42.47 36.55 8.78
C GLU A 381 42.90 35.14 8.43
N SER A 382 42.79 34.20 9.37
CA SER A 382 43.21 32.81 9.16
C SER A 382 42.00 31.91 9.28
N PRO A 383 41.30 31.64 8.18
CA PRO A 383 40.13 30.77 8.23
C PRO A 383 40.46 29.29 8.22
N HIS A 384 41.74 28.91 8.23
CA HIS A 384 42.10 27.51 8.37
C HIS A 384 42.15 27.06 9.82
N LEU A 385 41.79 27.93 10.76
CA LEU A 385 41.60 27.56 12.15
C LEU A 385 40.16 27.75 12.58
N LEU A 386 39.27 28.10 11.66
CA LEU A 386 37.86 28.33 11.95
C LEU A 386 37.03 27.30 11.19
N THR A 387 36.15 26.61 11.90
CA THR A 387 35.25 25.64 11.31
C THR A 387 33.84 25.94 11.80
N VAL A 388 32.86 25.81 10.91
CA VAL A 388 31.49 26.17 11.21
C VAL A 388 30.63 24.92 11.21
N ILE A 389 29.74 24.82 12.19
CA ILE A 389 28.70 23.80 12.21
C ILE A 389 27.40 24.50 11.80
N LYS A 390 27.04 24.39 10.54
CA LYS A 390 25.91 25.15 10.01
C LYS A 390 24.57 24.54 10.45
N ILE A 391 23.53 25.35 10.35
CA ILE A 391 22.19 24.91 10.71
C ILE A 391 21.67 23.90 9.70
N GLU A 392 21.99 24.10 8.42
CA GLU A 392 21.52 23.21 7.37
C GLU A 392 22.08 21.81 7.49
N GLU A 393 23.28 21.66 8.03
CA GLU A 393 23.83 20.34 8.30
C GLU A 393 23.36 19.90 9.69
N ALA A 394 22.08 19.59 9.76
CA ALA A 394 21.50 18.94 10.94
C ALA A 394 21.43 17.44 10.75
N GLY A 395 22.54 16.83 10.34
CA GLY A 395 22.61 15.41 10.12
C GLY A 395 23.10 14.67 11.34
N ASP A 396 23.67 13.50 11.11
CA ASP A 396 24.37 12.74 12.12
C ASP A 396 25.86 13.01 11.94
N GLU A 397 26.63 12.66 12.98
CA GLU A 397 28.10 12.84 13.08
C GLU A 397 28.57 14.24 12.66
N ILE A 398 27.74 15.25 12.95
CA ILE A 398 28.08 16.62 12.62
C ILE A 398 29.15 17.19 13.55
N VAL A 399 29.40 16.55 14.68
CA VAL A 399 30.46 17.01 15.56
C VAL A 399 31.80 16.42 15.12
N SER A 400 31.84 15.13 14.82
CA SER A 400 33.06 14.51 14.36
C SER A 400 33.44 14.94 12.95
N ASN A 401 32.48 15.39 12.15
CA ASN A 401 32.81 16.02 10.89
C ASN A 401 33.26 17.46 11.05
N ALA A 402 33.13 18.02 12.24
CA ALA A 402 33.61 19.35 12.54
C ALA A 402 34.87 19.35 13.38
N ILE A 403 35.01 18.38 14.28
CA ILE A 403 36.23 18.24 15.06
C ILE A 403 37.39 17.81 14.17
N SER A 404 37.18 16.74 13.39
CA SER A 404 38.25 16.20 12.57
C SER A 404 38.59 17.11 11.41
N PHE A 405 37.61 17.84 10.88
CA PHE A 405 37.91 18.83 9.85
C PHE A 405 38.75 19.96 10.42
N ALA A 406 38.46 20.38 11.66
CA ALA A 406 39.27 21.40 12.30
C ALA A 406 40.65 20.86 12.67
N LEU A 407 40.73 19.60 13.07
CA LEU A 407 42.03 19.01 13.37
C LEU A 407 42.85 18.72 12.14
N TYR A 408 42.20 18.54 10.98
CA TYR A 408 42.95 18.34 9.75
C TYR A 408 43.41 19.66 9.17
N LYS A 409 42.60 20.71 9.29
CA LYS A 409 42.96 22.01 8.74
C LYS A 409 44.11 22.65 9.50
N ALA A 410 44.29 22.30 10.77
CA ALA A 410 45.46 22.75 11.51
C ALA A 410 46.57 21.72 11.52
N PHE A 411 46.45 20.66 10.73
CA PHE A 411 47.52 19.69 10.56
C PHE A 411 48.16 19.77 9.19
N SER A 412 47.40 20.13 8.16
CA SER A 412 47.92 20.27 6.81
C SER A 412 48.61 21.61 6.57
N THR A 413 48.55 22.53 7.54
CA THR A 413 49.08 23.88 7.37
C THR A 413 50.24 24.16 8.30
N ASN A 414 50.90 23.13 8.82
CA ASN A 414 52.06 23.34 9.68
C ASN A 414 53.34 23.60 8.90
N GLU A 415 53.32 23.35 7.58
CA GLU A 415 54.41 23.54 6.62
C GLU A 415 55.63 22.66 6.88
N HIS A 416 55.54 21.73 7.82
CA HIS A 416 56.47 20.62 7.92
C HIS A 416 55.77 19.27 7.94
N ASP A 417 54.46 19.25 8.18
CA ASP A 417 53.66 18.04 8.12
C ASP A 417 52.82 17.96 6.85
N ARG A 418 52.87 18.99 6.00
CA ARG A 418 52.21 18.91 4.70
C ARG A 418 52.91 17.92 3.78
N ASP A 419 54.21 17.70 3.99
CA ASP A 419 54.91 16.61 3.32
C ASP A 419 54.53 15.26 3.92
N ASN A 420 54.09 15.24 5.17
CA ASN A 420 53.75 14.01 5.88
C ASN A 420 52.30 13.68 5.59
N TRP A 421 52.07 12.94 4.50
CA TRP A 421 50.73 12.45 4.21
C TRP A 421 50.37 11.24 5.04
N ASN A 422 51.36 10.55 5.63
CA ASN A 422 51.09 9.40 6.47
C ASN A 422 50.38 9.79 7.76
N GLY A 423 50.82 10.88 8.38
CA GLY A 423 50.18 11.33 9.60
C GLY A 423 48.79 11.86 9.36
N GLN A 424 48.57 12.51 8.21
CA GLN A 424 47.23 12.99 7.88
C GLN A 424 46.29 11.87 7.51
N LEU A 425 46.81 10.71 7.14
CA LEU A 425 45.94 9.58 6.87
C LEU A 425 45.55 8.85 8.15
N LYS A 426 46.51 8.66 9.05
CA LYS A 426 46.20 8.03 10.33
C LYS A 426 45.32 8.91 11.19
N LEU A 427 45.43 10.23 11.05
CA LEU A 427 44.52 11.14 11.73
C LEU A 427 43.11 11.01 11.18
N LEU A 428 42.98 10.94 9.86
CA LEU A 428 41.68 10.83 9.22
C LEU A 428 41.10 9.44 9.31
N LEU A 429 41.81 8.48 9.88
CA LEU A 429 41.34 7.12 10.03
C LEU A 429 40.69 6.86 11.39
N GLU A 430 41.14 7.55 12.44
CA GLU A 430 40.47 7.46 13.74
C GLU A 430 39.05 7.98 13.66
N TRP A 431 38.90 9.23 13.22
CA TRP A 431 37.60 9.73 12.86
C TRP A 431 37.17 9.10 11.55
N ASN A 432 35.85 9.08 11.30
CA ASN A 432 35.30 8.39 10.15
C ASN A 432 35.20 9.28 8.92
N GLN A 433 36.03 10.33 8.83
CA GLN A 433 35.90 11.27 7.73
C GLN A 433 36.51 10.65 6.48
N LEU A 434 35.65 10.03 5.68
CA LEU A 434 36.05 9.37 4.44
C LEU A 434 36.17 10.35 3.28
N ASP A 435 35.19 11.25 3.12
CA ASP A 435 35.19 12.20 2.02
C ASP A 435 36.32 13.22 2.13
N LEU A 436 36.85 13.43 3.34
CA LEU A 436 38.04 14.26 3.46
C LEU A 436 39.30 13.49 3.15
N ALA A 437 39.33 12.19 3.46
CA ALA A 437 40.52 11.40 3.19
C ALA A 437 40.66 11.11 1.70
N SER A 438 39.54 11.01 0.99
CA SER A 438 39.62 10.82 -0.45
C SER A 438 40.05 12.10 -1.14
N ASP A 439 39.37 13.21 -0.85
CA ASP A 439 39.56 14.44 -1.61
C ASP A 439 40.88 15.13 -1.30
N GLU A 440 41.37 15.06 -0.06
CA GLU A 440 42.53 15.84 0.31
C GLU A 440 43.83 15.05 0.30
N ILE A 441 43.77 13.73 0.33
CA ILE A 441 44.96 12.90 0.41
C ILE A 441 45.19 12.12 -0.88
N PHE A 442 44.13 11.52 -1.42
CA PHE A 442 44.26 10.68 -2.60
C PHE A 442 44.04 11.40 -3.93
N THR A 443 43.33 12.53 -3.94
CA THR A 443 43.12 13.24 -5.22
C THR A 443 44.19 14.30 -5.47
N ASN A 444 45.45 13.88 -5.50
CA ASN A 444 46.46 14.64 -6.23
C ASN A 444 47.43 13.76 -7.00
N ASP A 445 47.44 12.44 -6.73
CA ASP A 445 48.52 11.53 -7.11
C ASP A 445 49.88 12.10 -6.70
N ARG A 446 49.95 12.61 -5.48
CA ARG A 446 51.12 13.41 -5.09
C ARG A 446 52.29 12.54 -4.67
N ASN A 447 52.16 11.83 -3.54
CA ASN A 447 53.26 11.06 -2.96
C ASN A 447 52.67 9.88 -2.20
N TRP A 448 52.53 8.76 -2.88
CA TRP A 448 52.46 7.46 -2.23
C TRP A 448 52.84 6.38 -3.23
N GLU A 449 53.04 5.18 -2.71
CA GLU A 449 53.51 4.07 -3.50
C GLU A 449 52.57 2.88 -3.47
N SER A 450 51.49 2.94 -2.67
CA SER A 450 50.61 1.83 -2.33
C SER A 450 51.36 0.64 -1.76
N ALA A 451 52.49 0.89 -1.09
CA ALA A 451 53.24 -0.13 -0.38
C ALA A 451 53.36 0.19 1.10
N ASP A 452 53.33 1.46 1.49
CA ASP A 452 53.11 1.85 2.87
C ASP A 452 51.65 2.20 3.13
N LEU A 453 50.75 1.75 2.26
CA LEU A 453 49.32 1.77 2.52
C LEU A 453 48.87 0.53 3.27
N GLN A 454 49.80 -0.33 3.68
CA GLN A 454 49.48 -1.59 4.32
C GLN A 454 49.32 -1.47 5.82
N ASP A 455 50.14 -0.66 6.48
CA ASP A 455 50.01 -0.49 7.92
C ASP A 455 48.75 0.28 8.27
N VAL A 456 48.30 1.17 7.39
CA VAL A 456 47.03 1.85 7.60
C VAL A 456 45.87 0.96 7.19
N MET A 457 46.12 -0.09 6.39
CA MET A 457 45.06 -1.01 6.05
C MET A 457 44.76 -1.96 7.19
N PHE A 458 45.80 -2.45 7.87
CA PHE A 458 45.62 -3.39 8.96
C PHE A 458 44.89 -2.76 10.13
N THR A 459 45.15 -1.49 10.39
CA THR A 459 44.40 -0.77 11.40
C THR A 459 43.05 -0.30 10.90
N ALA A 460 42.78 -0.36 9.60
CA ALA A 460 41.45 -0.08 9.10
C ALA A 460 40.53 -1.30 9.20
N LEU A 461 41.11 -2.49 9.30
CA LEU A 461 40.29 -3.69 9.48
C LEU A 461 39.92 -3.87 10.94
N VAL A 462 40.92 -3.84 11.83
CA VAL A 462 40.72 -4.21 13.22
C VAL A 462 39.99 -3.14 14.01
N LYS A 463 39.93 -1.90 13.53
CA LYS A 463 39.20 -0.84 14.19
C LYS A 463 37.87 -0.56 13.52
N ASP A 464 37.42 -1.46 12.65
CA ASP A 464 36.12 -1.41 11.95
C ASP A 464 35.96 -0.12 11.16
N ARG A 465 36.80 0.02 10.16
CA ARG A 465 36.66 1.10 9.20
C ARG A 465 36.23 0.52 7.87
N PRO A 466 34.94 0.27 7.66
CA PRO A 466 34.52 -0.40 6.43
C PRO A 466 34.61 0.48 5.21
N LYS A 467 34.38 1.79 5.36
CA LYS A 467 34.50 2.68 4.21
C LYS A 467 35.94 3.02 3.89
N PHE A 468 36.86 2.78 4.82
CA PHE A 468 38.27 3.02 4.53
C PHE A 468 38.97 1.80 3.99
N VAL A 469 38.44 0.61 4.25
CA VAL A 469 38.88 -0.58 3.53
C VAL A 469 38.52 -0.45 2.06
N ARG A 470 37.32 0.05 1.78
CA ARG A 470 36.90 0.29 0.41
C ARG A 470 37.71 1.40 -0.24
N LEU A 471 38.15 2.38 0.55
CA LEU A 471 38.93 3.47 -0.02
C LEU A 471 40.36 3.04 -0.33
N PHE A 472 40.91 2.10 0.42
CA PHE A 472 42.26 1.64 0.13
C PHE A 472 42.28 0.69 -1.04
N LEU A 473 41.17 0.00 -1.30
CA LEU A 473 41.10 -0.90 -2.45
C LEU A 473 40.79 -0.15 -3.73
N GLU A 474 40.05 0.96 -3.64
CA GLU A 474 39.82 1.79 -4.81
C GLU A 474 41.10 2.45 -5.28
N ASN A 475 41.99 2.80 -4.36
CA ASN A 475 43.21 3.53 -4.69
C ASN A 475 44.40 2.60 -4.86
N GLY A 476 44.15 1.31 -5.01
CA GLY A 476 45.20 0.38 -5.36
C GLY A 476 45.79 -0.33 -4.18
N LEU A 477 45.38 -1.57 -3.95
CA LEU A 477 45.93 -2.38 -2.88
C LEU A 477 45.64 -3.83 -3.21
N ASN A 478 46.69 -4.61 -3.48
CA ASN A 478 46.53 -6.01 -3.81
C ASN A 478 46.17 -6.77 -2.55
N LEU A 479 44.90 -7.15 -2.42
CA LEU A 479 44.46 -7.85 -1.22
C LEU A 479 44.99 -9.27 -1.16
N ARG A 480 45.24 -9.88 -2.33
CA ARG A 480 45.86 -11.19 -2.33
C ARG A 480 47.35 -11.12 -2.01
N LYS A 481 47.96 -9.95 -2.14
CA LYS A 481 49.34 -9.76 -1.70
C LYS A 481 49.43 -9.23 -0.28
N PHE A 482 48.46 -8.41 0.13
CA PHE A 482 48.47 -7.89 1.50
C PHE A 482 48.18 -9.00 2.50
N LEU A 483 47.32 -9.94 2.14
CA LEU A 483 46.97 -11.04 3.04
C LEU A 483 48.03 -12.12 2.94
N THR A 484 49.14 -11.89 3.63
CA THR A 484 50.16 -12.90 3.74
C THR A 484 49.79 -13.89 4.84
N THR A 485 50.63 -14.91 5.02
CA THR A 485 50.41 -15.86 6.10
C THR A 485 50.65 -15.23 7.47
N GLU A 486 51.44 -14.17 7.54
CA GLU A 486 51.67 -13.51 8.81
C GLU A 486 50.51 -12.58 9.17
N VAL A 487 49.96 -11.87 8.17
CA VAL A 487 48.89 -10.91 8.44
C VAL A 487 47.62 -11.62 8.89
N LEU A 488 47.36 -12.80 8.34
CA LEU A 488 46.23 -13.59 8.81
C LEU A 488 46.51 -14.19 10.19
N ARG A 489 47.78 -14.45 10.50
CA ARG A 489 48.11 -14.92 11.84
C ARG A 489 47.92 -13.83 12.87
N GLU A 490 48.26 -12.59 12.54
CA GLU A 490 47.97 -11.47 13.43
C GLU A 490 46.50 -11.09 13.43
N LEU A 491 45.71 -11.62 12.50
CA LEU A 491 44.29 -11.35 12.45
C LEU A 491 43.46 -12.45 13.12
N TYR A 492 44.01 -13.66 13.22
CA TYR A 492 43.31 -14.77 13.84
C TYR A 492 43.69 -15.02 15.28
N THR A 493 44.84 -14.52 15.73
CA THR A 493 45.25 -14.70 17.11
C THR A 493 44.90 -13.54 18.01
N ASN A 494 45.04 -12.30 17.52
CA ASN A 494 44.91 -11.13 18.36
C ASN A 494 43.53 -10.48 18.22
N ASN A 495 43.17 -10.08 17.01
CA ASN A 495 41.95 -9.32 16.79
C ASN A 495 40.73 -10.21 16.55
N PHE A 496 40.93 -11.49 16.27
CA PHE A 496 39.84 -12.44 16.28
C PHE A 496 39.40 -12.65 17.72
N SER A 497 38.21 -12.14 18.05
CA SER A 497 37.76 -12.12 19.45
C SER A 497 37.46 -13.53 19.93
N SER A 498 37.96 -13.86 21.13
CA SER A 498 37.81 -15.20 21.67
C SER A 498 36.41 -15.49 22.16
N LEU A 499 35.56 -14.46 22.32
CA LEU A 499 34.14 -14.69 22.56
C LEU A 499 33.49 -15.37 21.37
N VAL A 500 33.95 -15.04 20.17
CA VAL A 500 33.53 -15.76 18.97
C VAL A 500 34.18 -17.14 18.94
N PHE A 501 35.46 -17.23 19.32
CA PHE A 501 36.17 -18.50 19.26
C PHE A 501 35.66 -19.50 20.28
N LYS A 502 35.19 -19.02 21.43
CA LYS A 502 34.53 -19.93 22.36
C LYS A 502 33.13 -20.27 21.89
N ASN A 503 32.51 -19.39 21.09
CA ASN A 503 31.22 -19.72 20.50
C ASN A 503 31.38 -20.72 19.37
N LEU A 504 32.56 -20.79 18.77
CA LEU A 504 32.86 -21.89 17.85
C LEU A 504 33.32 -23.13 18.59
N GLN A 505 33.80 -22.95 19.82
CA GLN A 505 34.07 -24.10 20.67
C GLN A 505 32.78 -24.77 21.12
N ILE A 506 31.69 -24.01 21.20
CA ILE A 506 30.38 -24.58 21.50
C ILE A 506 29.92 -25.48 20.37
N ALA A 507 30.15 -25.03 19.12
CA ALA A 507 29.72 -25.75 17.94
C ALA A 507 30.50 -27.03 17.69
N LYS A 508 31.58 -27.30 18.43
CA LYS A 508 32.35 -28.52 18.22
C LYS A 508 31.71 -29.74 18.85
N ASN A 509 30.63 -29.56 19.62
CA ASN A 509 29.86 -30.67 20.16
C ASN A 509 28.36 -30.50 19.90
N SER A 510 27.87 -29.26 19.83
CA SER A 510 26.44 -28.98 19.74
C SER A 510 25.87 -29.33 18.37
N TYR A 511 26.42 -28.74 17.31
CA TYR A 511 25.93 -28.95 15.94
C TYR A 511 27.14 -29.20 15.06
N ASN A 512 27.48 -30.47 14.87
CA ASN A 512 28.66 -30.84 14.09
C ASN A 512 28.30 -30.86 12.61
N ASP A 513 28.83 -29.90 11.85
CA ASP A 513 28.61 -29.78 10.43
C ASP A 513 29.88 -30.15 9.67
N ALA A 514 29.82 -29.99 8.34
CA ALA A 514 30.92 -30.34 7.44
C ALA A 514 31.76 -29.15 7.03
N LEU A 515 31.16 -27.96 6.94
CA LEU A 515 31.94 -26.77 6.61
C LEU A 515 32.54 -26.15 7.86
N LEU A 516 31.90 -26.33 9.01
CA LEU A 516 32.44 -25.84 10.27
C LEU A 516 33.72 -26.57 10.63
N THR A 517 33.82 -27.86 10.31
CA THR A 517 35.06 -28.57 10.55
C THR A 517 36.11 -28.25 9.49
N PHE A 518 35.70 -27.63 8.38
CA PHE A 518 36.69 -27.14 7.43
C PHE A 518 37.35 -25.86 7.93
N VAL A 519 36.58 -25.00 8.59
CA VAL A 519 37.17 -23.74 9.04
C VAL A 519 37.89 -23.90 10.37
N TRP A 520 37.59 -24.95 11.14
CA TRP A 520 38.24 -25.13 12.44
C TRP A 520 39.71 -25.49 12.27
N LYS A 521 40.06 -26.22 11.21
CA LYS A 521 41.47 -26.46 10.97
C LYS A 521 42.17 -25.19 10.49
N MET A 522 41.44 -24.31 9.81
CA MET A 522 42.05 -23.12 9.24
C MET A 522 42.21 -22.02 10.29
N VAL A 523 41.22 -21.85 11.17
CA VAL A 523 41.36 -20.82 12.21
C VAL A 523 42.38 -21.27 13.25
N GLU A 524 42.48 -22.58 13.50
CA GLU A 524 43.46 -23.07 14.45
C GLU A 524 44.82 -23.32 13.81
N ASP A 525 44.91 -23.21 12.47
CA ASP A 525 46.21 -23.23 11.82
C ASP A 525 47.06 -22.03 12.22
N PHE A 526 46.47 -20.84 12.10
CA PHE A 526 47.18 -19.62 12.49
C PHE A 526 47.19 -19.44 14.00
N ARG A 527 46.21 -20.02 14.71
CA ARG A 527 46.22 -19.98 16.16
C ARG A 527 47.27 -20.90 16.77
N ARG A 528 47.77 -21.88 16.01
CA ARG A 528 48.86 -22.75 16.46
C ARG A 528 50.23 -22.17 16.15
N GLY A 529 50.31 -20.94 15.66
CA GLY A 529 51.59 -20.34 15.34
C GLY A 529 52.38 -19.92 16.56
N ARG A 553 46.10 -20.74 -0.80
CA ARG A 553 45.06 -21.41 -0.03
C ARG A 553 43.75 -20.66 -0.10
N HIS A 554 43.63 -19.82 -1.14
CA HIS A 554 42.58 -18.83 -1.33
C HIS A 554 42.45 -17.94 -0.10
N PRO A 555 43.43 -17.05 0.15
CA PRO A 555 43.42 -16.31 1.41
C PRO A 555 42.46 -15.15 1.45
N LEU A 556 41.95 -14.69 0.31
CA LEU A 556 41.00 -13.59 0.32
C LEU A 556 39.66 -14.03 0.88
N GLN A 557 39.29 -15.28 0.64
CA GLN A 557 38.11 -15.83 1.30
C GLN A 557 38.34 -16.14 2.76
N ALA A 558 39.60 -16.25 3.19
CA ALA A 558 39.87 -16.41 4.62
C ALA A 558 39.62 -15.11 5.38
N LEU A 559 39.90 -13.97 4.75
CA LEU A 559 39.54 -12.69 5.34
C LEU A 559 38.04 -12.50 5.39
N PHE A 560 37.32 -13.03 4.40
CA PHE A 560 35.87 -12.93 4.41
C PHE A 560 35.26 -13.77 5.52
N ILE A 561 35.87 -14.90 5.85
CA ILE A 561 35.44 -15.69 7.00
C ILE A 561 35.67 -14.91 8.29
N TRP A 562 36.82 -14.22 8.39
CA TRP A 562 37.17 -13.46 9.58
C TRP A 562 36.17 -12.35 9.86
N SER A 563 35.69 -11.70 8.82
CA SER A 563 34.81 -10.56 9.01
C SER A 563 33.36 -10.94 9.17
N VAL A 564 32.95 -12.11 8.69
CA VAL A 564 31.55 -12.50 8.82
C VAL A 564 31.28 -13.19 10.15
N LEU A 565 32.30 -13.80 10.77
CA LEU A 565 32.11 -14.44 12.05
C LEU A 565 31.88 -13.42 13.16
N GLN A 566 32.58 -12.29 13.09
CA GLN A 566 32.46 -11.25 14.09
C GLN A 566 31.35 -10.26 13.78
N ASN A 567 30.41 -10.64 12.91
CA ASN A 567 29.18 -9.89 12.62
C ASN A 567 29.45 -8.50 12.06
N LYS A 568 30.62 -8.30 11.45
CA LYS A 568 30.98 -7.02 10.86
C LYS A 568 30.22 -6.91 9.56
N LYS A 569 29.07 -6.24 9.62
CA LYS A 569 28.13 -6.27 8.49
C LYS A 569 28.62 -5.43 7.33
N GLU A 570 29.05 -4.20 7.60
CA GLU A 570 29.47 -3.32 6.53
C GLU A 570 30.85 -3.66 6.00
N LEU A 571 31.71 -4.25 6.82
CA LEU A 571 33.04 -4.61 6.35
C LEU A 571 32.98 -5.85 5.46
N SER A 572 32.13 -6.82 5.82
CA SER A 572 32.04 -8.05 5.06
C SER A 572 31.45 -7.81 3.67
N LYS A 573 30.61 -6.78 3.52
CA LYS A 573 30.11 -6.45 2.19
C LYS A 573 31.21 -5.88 1.32
N VAL A 574 32.25 -5.30 1.90
CA VAL A 574 33.36 -4.79 1.13
C VAL A 574 34.26 -5.92 0.66
N ILE A 575 34.58 -6.85 1.57
CA ILE A 575 35.46 -7.95 1.24
C ILE A 575 34.78 -8.97 0.34
N TRP A 576 33.44 -9.01 0.35
CA TRP A 576 32.72 -9.91 -0.54
C TRP A 576 32.91 -9.53 -2.00
N GLU A 577 33.05 -8.23 -2.29
CA GLU A 577 33.18 -7.78 -3.67
C GLU A 577 34.56 -8.04 -4.26
N GLN A 578 35.50 -8.61 -3.51
CA GLN A 578 36.83 -8.88 -4.03
C GLN A 578 37.08 -10.35 -4.26
N THR A 579 36.11 -11.22 -4.00
CA THR A 579 36.29 -12.64 -4.18
C THR A 579 36.21 -13.03 -5.66
N ARG A 580 36.68 -14.24 -5.98
CA ARG A 580 36.59 -14.70 -7.35
C ARG A 580 35.31 -15.50 -7.59
N GLY A 581 34.83 -16.23 -6.59
CA GLY A 581 33.45 -16.66 -6.61
C GLY A 581 32.65 -15.85 -5.62
N CYS A 582 31.96 -14.81 -6.08
CA CYS A 582 31.02 -14.08 -5.24
C CYS A 582 29.63 -14.65 -5.35
N THR A 583 29.35 -15.40 -6.41
CA THR A 583 28.11 -16.15 -6.50
C THR A 583 28.07 -17.27 -5.46
N LEU A 584 29.23 -17.81 -5.10
CA LEU A 584 29.38 -18.90 -4.16
C LEU A 584 29.46 -18.42 -2.71
N ALA A 585 30.32 -17.44 -2.44
CA ALA A 585 30.62 -17.05 -1.06
C ALA A 585 29.48 -16.32 -0.39
N ALA A 586 28.49 -15.84 -1.14
CA ALA A 586 27.33 -15.24 -0.52
C ALA A 586 26.43 -16.29 0.13
N LEU A 587 26.60 -17.56 -0.22
CA LEU A 587 25.86 -18.63 0.41
C LEU A 587 26.63 -19.25 1.56
N GLY A 588 27.95 -19.39 1.42
CA GLY A 588 28.77 -19.90 2.49
C GLY A 588 28.85 -18.97 3.68
N ALA A 589 28.70 -17.66 3.44
CA ALA A 589 28.55 -16.74 4.54
C ALA A 589 27.18 -16.89 5.20
N SER A 590 26.16 -17.20 4.40
CA SER A 590 24.85 -17.47 4.98
C SER A 590 24.81 -18.80 5.71
N LYS A 591 25.73 -19.71 5.42
CA LYS A 591 25.80 -20.96 6.16
C LYS A 591 26.49 -20.77 7.50
N LEU A 592 27.60 -20.04 7.51
CA LEU A 592 28.31 -19.77 8.75
C LEU A 592 27.49 -18.90 9.68
N LEU A 593 26.75 -17.94 9.14
CA LEU A 593 25.95 -17.06 9.98
C LEU A 593 24.74 -17.76 10.56
N LYS A 594 24.15 -18.70 9.81
CA LYS A 594 23.00 -19.42 10.34
C LYS A 594 23.39 -20.45 11.38
N SER A 595 24.65 -20.86 11.40
CA SER A 595 25.14 -21.66 12.51
C SER A 595 25.23 -20.82 13.78
N MET A 596 25.78 -19.61 13.67
CA MET A 596 25.97 -18.76 14.84
C MET A 596 24.67 -18.15 15.35
N ALA A 597 23.71 -17.88 14.45
CA ALA A 597 22.41 -17.40 14.90
C ALA A 597 21.57 -18.52 15.52
N LYS A 598 21.93 -19.78 15.25
CA LYS A 598 21.25 -20.90 15.88
C LYS A 598 21.82 -21.19 17.27
N VAL A 599 23.13 -21.02 17.45
CA VAL A 599 23.71 -21.11 18.78
C VAL A 599 23.36 -19.83 19.52
N LYS A 600 22.29 -19.89 20.31
CA LYS A 600 21.67 -18.71 20.89
C LYS A 600 22.11 -18.56 22.33
N ASN A 601 23.06 -17.64 22.56
CA ASN A 601 23.33 -17.14 23.91
C ASN A 601 22.99 -15.66 24.05
N ASP A 602 22.86 -14.93 22.95
CA ASP A 602 22.46 -13.54 22.92
C ASP A 602 21.15 -13.41 22.16
N ILE A 603 20.61 -12.20 22.11
CA ILE A 603 19.32 -11.93 21.49
C ILE A 603 19.44 -10.91 20.35
N ASN A 604 20.02 -9.75 20.65
CA ASN A 604 20.24 -8.76 19.59
C ASN A 604 21.38 -9.18 18.67
N ALA A 605 22.39 -9.88 19.22
CA ALA A 605 23.43 -10.44 18.36
C ALA A 605 22.91 -11.62 17.56
N ALA A 606 21.95 -12.36 18.10
CA ALA A 606 21.33 -13.43 17.33
C ALA A 606 20.38 -12.86 16.28
N GLY A 607 19.63 -11.83 16.63
CA GLY A 607 18.66 -11.24 15.72
C GLY A 607 19.29 -10.41 14.61
N GLU A 608 20.56 -10.06 14.75
CA GLU A 608 21.29 -9.37 13.70
C GLU A 608 22.13 -10.31 12.85
N SER A 609 22.66 -11.39 13.44
CA SER A 609 23.39 -12.38 12.67
C SER A 609 22.46 -13.15 11.74
N GLU A 610 21.19 -13.31 12.13
CA GLU A 610 20.24 -13.91 11.21
C GLU A 610 19.84 -12.91 10.13
N GLU A 611 19.93 -11.62 10.43
CA GLU A 611 19.58 -10.61 9.44
C GLU A 611 20.63 -10.57 8.34
N LEU A 612 21.91 -10.56 8.70
CA LEU A 612 22.98 -10.56 7.72
C LEU A 612 23.02 -11.85 6.92
N ALA A 613 22.58 -12.96 7.52
CA ALA A 613 22.41 -14.19 6.78
C ALA A 613 21.29 -14.08 5.76
N ASN A 614 20.30 -13.24 6.02
CA ASN A 614 19.24 -12.98 5.06
C ASN A 614 19.55 -11.83 4.13
N GLU A 615 20.64 -11.11 4.36
CA GLU A 615 21.14 -10.18 3.35
C GLU A 615 21.94 -10.91 2.28
N TYR A 616 22.86 -11.77 2.70
CA TYR A 616 23.69 -12.51 1.75
C TYR A 616 22.91 -13.59 1.02
N GLU A 617 21.76 -13.99 1.54
CA GLU A 617 20.91 -14.90 0.78
C GLU A 617 20.20 -14.16 -0.33
N THR A 618 19.64 -12.99 -0.04
CA THR A 618 19.02 -12.19 -1.07
C THR A 618 20.05 -11.59 -2.01
N ARG A 619 21.30 -11.45 -1.56
CA ARG A 619 22.36 -11.02 -2.44
C ARG A 619 22.72 -12.11 -3.44
N ALA A 620 22.67 -13.37 -3.02
CA ALA A 620 22.90 -14.47 -3.93
C ALA A 620 21.71 -14.76 -4.82
N VAL A 621 20.51 -14.35 -4.42
CA VAL A 621 19.33 -14.57 -5.25
C VAL A 621 19.34 -13.63 -6.45
N GLU A 622 19.55 -12.34 -6.22
CA GLU A 622 19.61 -11.40 -7.32
C GLU A 622 20.85 -11.57 -8.17
N LEU A 623 21.90 -12.19 -7.64
CA LEU A 623 23.02 -12.56 -8.50
C LEU A 623 22.62 -13.65 -9.48
N PHE A 624 21.91 -14.66 -9.01
CA PHE A 624 21.60 -15.79 -9.88
C PHE A 624 20.50 -15.48 -10.88
N THR A 625 19.53 -14.64 -10.52
CA THR A 625 18.55 -14.23 -11.52
C THR A 625 19.18 -13.37 -12.60
N GLU A 626 20.21 -12.61 -12.25
CA GLU A 626 21.00 -11.94 -13.29
C GLU A 626 21.87 -12.94 -14.04
N CYS A 627 22.35 -13.97 -13.34
CA CYS A 627 23.09 -15.03 -14.03
C CYS A 627 22.17 -15.79 -14.99
N TYR A 628 20.93 -16.03 -14.58
CA TYR A 628 20.01 -16.86 -15.36
C TYR A 628 19.32 -16.11 -16.48
N SER A 629 19.19 -14.79 -16.37
CA SER A 629 18.59 -14.03 -17.46
C SER A 629 19.55 -13.84 -18.62
N ASN A 630 20.84 -14.09 -18.40
CA ASN A 630 21.81 -14.29 -19.46
C ASN A 630 21.81 -15.78 -19.83
N ASP A 631 22.86 -16.26 -20.49
CA ASP A 631 22.97 -17.65 -20.93
C ASP A 631 22.80 -18.64 -19.78
N GLU A 632 21.70 -19.37 -19.81
CA GLU A 632 21.29 -20.19 -18.67
C GLU A 632 22.13 -21.44 -18.54
N ASP A 633 22.60 -22.02 -19.65
CA ASP A 633 23.49 -23.16 -19.55
C ASP A 633 24.85 -22.75 -18.98
N LEU A 634 25.24 -21.49 -19.17
CA LEU A 634 26.38 -20.97 -18.42
C LEU A 634 26.02 -20.78 -16.96
N ALA A 635 24.80 -20.33 -16.68
CA ALA A 635 24.37 -20.10 -15.31
C ALA A 635 24.19 -21.42 -14.56
N GLU A 636 23.65 -22.43 -15.24
CA GLU A 636 23.47 -23.73 -14.61
C GLU A 636 24.78 -24.48 -14.44
N GLN A 637 25.83 -24.09 -15.16
CA GLN A 637 27.13 -24.69 -14.95
C GLN A 637 27.84 -24.15 -13.73
N LEU A 638 27.41 -22.99 -13.22
CA LEU A 638 28.02 -22.46 -12.00
C LEU A 638 27.62 -23.26 -10.77
N LEU A 639 26.42 -23.84 -10.79
CA LEU A 639 25.89 -24.58 -9.65
C LEU A 639 26.58 -25.92 -9.44
N THR A 640 27.47 -26.34 -10.34
CA THR A 640 28.12 -27.63 -10.25
C THR A 640 29.60 -27.52 -9.93
N TYR A 641 30.16 -26.32 -9.90
CA TYR A 641 31.58 -26.14 -9.69
C TYR A 641 31.92 -26.21 -8.20
N SER A 642 32.98 -26.94 -7.86
CA SER A 642 33.54 -26.86 -6.52
C SER A 642 34.28 -25.54 -6.29
N CYS A 643 34.66 -24.87 -7.37
CA CYS A 643 35.28 -23.53 -7.38
C CYS A 643 36.59 -23.53 -6.59
N GLU A 644 37.52 -24.37 -7.08
CA GLU A 644 38.89 -24.51 -6.54
C GLU A 644 38.89 -24.95 -5.08
N ALA A 645 37.81 -25.64 -4.67
CA ALA A 645 37.63 -26.22 -3.34
C ALA A 645 37.72 -25.18 -2.22
N TRP A 646 36.92 -24.11 -2.34
CA TRP A 646 36.78 -23.20 -1.21
C TRP A 646 35.98 -23.86 -0.10
N GLY A 647 34.73 -24.17 -0.38
CA GLY A 647 33.94 -24.95 0.53
C GLY A 647 34.09 -26.43 0.26
N GLY A 648 33.26 -27.22 0.94
CA GLY A 648 33.19 -28.63 0.62
C GLY A 648 32.47 -28.89 -0.68
N SER A 649 31.29 -28.31 -0.84
CA SER A 649 30.42 -28.66 -1.94
C SER A 649 30.24 -27.47 -2.89
N ASN A 650 29.38 -27.66 -3.89
CA ASN A 650 29.19 -26.66 -4.94
C ASN A 650 28.26 -25.55 -4.45
N CYS A 651 27.96 -24.61 -5.35
CA CYS A 651 27.06 -23.50 -5.02
C CYS A 651 25.63 -23.97 -4.81
N LEU A 652 25.24 -25.10 -5.39
CA LEU A 652 23.87 -25.56 -5.26
C LEU A 652 23.64 -26.25 -3.92
N GLU A 653 24.50 -27.18 -3.56
CA GLU A 653 24.36 -27.88 -2.28
C GLU A 653 24.65 -26.99 -1.10
N LEU A 654 25.43 -25.92 -1.27
CA LEU A 654 25.74 -25.05 -0.15
C LEU A 654 24.54 -24.24 0.30
N ALA A 655 23.58 -24.01 -0.59
CA ALA A 655 22.31 -23.43 -0.19
C ALA A 655 21.40 -24.46 0.46
N VAL A 656 21.68 -25.73 0.26
CA VAL A 656 20.83 -26.79 0.81
C VAL A 656 21.20 -27.07 2.25
N GLU A 657 22.50 -27.09 2.56
CA GLU A 657 22.94 -27.35 3.92
C GLU A 657 22.57 -26.20 4.85
N ALA A 658 22.51 -24.99 4.33
CA ALA A 658 22.10 -23.84 5.11
C ALA A 658 20.62 -23.53 4.96
N ARG A 659 19.88 -24.35 4.19
CA ARG A 659 18.44 -24.28 4.04
C ARG A 659 18.00 -22.92 3.47
N ASP A 660 18.72 -22.45 2.46
CA ASP A 660 18.39 -21.17 1.84
C ASP A 660 17.20 -21.40 0.92
N GLN A 661 16.01 -21.32 1.48
CA GLN A 661 14.82 -21.68 0.72
C GLN A 661 14.43 -20.63 -0.30
N GLN A 662 14.88 -19.39 -0.16
CA GLN A 662 14.62 -18.42 -1.21
C GLN A 662 15.49 -18.68 -2.43
N PHE A 663 16.68 -19.26 -2.21
CA PHE A 663 17.58 -19.51 -3.32
C PHE A 663 17.15 -20.71 -4.16
N ILE A 664 16.39 -21.64 -3.60
CA ILE A 664 15.94 -22.78 -4.37
C ILE A 664 14.49 -22.63 -4.83
N ALA A 665 13.71 -21.75 -4.21
CA ALA A 665 12.40 -21.45 -4.73
C ALA A 665 12.43 -20.50 -5.92
N GLN A 666 13.59 -19.96 -6.27
CA GLN A 666 13.66 -19.04 -7.39
C GLN A 666 13.54 -19.80 -8.70
N PRO A 667 13.02 -19.16 -9.76
CA PRO A 667 12.72 -19.91 -10.99
C PRO A 667 13.94 -20.39 -11.76
N GLY A 668 15.14 -19.94 -11.42
CA GLY A 668 16.32 -20.44 -12.10
C GLY A 668 16.65 -21.86 -11.67
N VAL A 669 16.62 -22.12 -10.37
CA VAL A 669 16.97 -23.45 -9.87
C VAL A 669 15.83 -24.42 -10.11
N GLN A 670 14.58 -23.95 -10.03
CA GLN A 670 13.43 -24.82 -10.25
C GLN A 670 13.36 -25.26 -11.70
N ASN A 671 13.74 -24.39 -12.63
CA ASN A 671 13.86 -24.81 -14.01
C ASN A 671 15.09 -25.68 -14.23
N PHE A 672 16.11 -25.55 -13.39
CA PHE A 672 17.27 -26.44 -13.51
C PHE A 672 16.94 -27.83 -13.02
N LEU A 673 16.25 -27.92 -11.87
CA LEU A 673 15.95 -29.22 -11.29
C LEU A 673 14.94 -30.00 -12.13
N SER A 674 14.02 -29.28 -12.79
CA SER A 674 13.10 -29.95 -13.70
C SER A 674 13.83 -30.52 -14.91
N LYS A 675 14.88 -29.83 -15.36
CA LYS A 675 15.70 -30.37 -16.44
C LYS A 675 16.52 -31.56 -15.98
N GLN A 676 17.01 -31.52 -14.74
CA GLN A 676 17.79 -32.64 -14.24
C GLN A 676 16.91 -33.81 -13.85
N TRP A 677 15.63 -33.57 -13.56
CA TRP A 677 14.74 -34.66 -13.22
C TRP A 677 14.15 -35.33 -14.45
N TYR A 678 13.85 -34.56 -15.49
CA TYR A 678 13.38 -35.15 -16.72
C TYR A 678 14.49 -35.83 -17.50
N GLY A 679 15.75 -35.52 -17.19
CA GLY A 679 16.87 -36.25 -17.75
C GLY A 679 17.06 -36.00 -19.23
N GLU A 680 17.40 -37.07 -19.95
CA GLU A 680 17.61 -36.99 -21.39
C GLU A 680 16.32 -36.83 -22.18
N ILE A 681 15.16 -36.98 -21.54
CA ILE A 681 13.89 -36.76 -22.21
C ILE A 681 13.77 -35.29 -22.58
N SER A 682 13.36 -35.05 -23.82
CA SER A 682 13.01 -33.70 -24.28
C SER A 682 11.89 -33.14 -23.41
N ARG A 683 12.20 -32.10 -22.66
CA ARG A 683 11.31 -31.57 -21.64
C ARG A 683 10.08 -30.96 -22.28
N ASP A 684 8.97 -31.02 -21.53
CA ASP A 684 7.65 -30.50 -21.92
C ASP A 684 7.14 -31.18 -23.20
N THR A 685 7.09 -32.50 -23.17
CA THR A 685 6.33 -33.21 -24.20
C THR A 685 4.86 -33.26 -23.80
N LYS A 686 4.56 -34.08 -22.77
CA LYS A 686 3.33 -34.13 -21.98
C LYS A 686 3.59 -35.16 -20.89
N ASN A 687 2.96 -35.01 -19.73
CA ASN A 687 3.14 -36.00 -18.68
C ASN A 687 2.39 -37.30 -18.97
N TRP A 688 1.36 -37.26 -19.82
CA TRP A 688 0.63 -38.47 -20.17
C TRP A 688 1.39 -39.36 -21.14
N LYS A 689 2.08 -38.76 -22.12
CA LYS A 689 2.69 -39.50 -23.21
C LYS A 689 3.87 -40.35 -22.76
N ILE A 690 4.53 -39.98 -21.65
CA ILE A 690 5.62 -40.81 -21.15
C ILE A 690 5.06 -42.10 -20.55
N ILE A 691 3.90 -42.00 -19.91
CA ILE A 691 3.26 -43.19 -19.34
C ILE A 691 2.72 -44.09 -20.45
N MET A 692 2.30 -43.49 -21.57
CA MET A 692 1.94 -44.28 -22.74
C MET A 692 3.14 -44.99 -23.35
N CYS A 693 4.35 -44.47 -23.12
CA CYS A 693 5.57 -45.16 -23.47
C CYS A 693 6.13 -46.00 -22.32
N LEU A 694 5.26 -46.49 -21.45
CA LEU A 694 5.68 -47.37 -20.36
C LEU A 694 4.82 -48.63 -20.29
N LEU A 720 20.61 -48.23 -29.21
CA LEU A 720 20.84 -47.84 -27.83
C LEU A 720 20.12 -46.54 -27.50
N TYR A 721 19.28 -46.09 -28.43
CA TYR A 721 18.41 -44.94 -28.18
C TYR A 721 17.20 -45.33 -27.34
N TYR A 722 16.75 -46.58 -27.43
CA TYR A 722 15.65 -47.07 -26.62
C TYR A 722 16.06 -47.24 -25.15
N VAL A 723 17.35 -47.47 -24.91
CA VAL A 723 17.84 -47.68 -23.55
C VAL A 723 18.11 -46.35 -22.86
N SER A 724 18.51 -45.32 -23.61
CA SER A 724 18.75 -43.99 -23.04
C SER A 724 17.47 -43.30 -22.59
N PHE A 725 16.31 -43.79 -23.02
CA PHE A 725 15.05 -43.39 -22.40
C PHE A 725 15.01 -43.83 -20.94
N PHE A 726 15.48 -45.03 -20.66
CA PHE A 726 15.51 -45.57 -19.29
C PHE A 726 16.79 -45.18 -18.56
N THR A 727 17.13 -43.90 -18.61
CA THR A 727 18.24 -43.34 -17.85
C THR A 727 17.85 -42.13 -17.03
N SER A 728 16.77 -41.45 -17.40
CA SER A 728 16.32 -40.27 -16.68
C SER A 728 15.79 -40.67 -15.32
N PRO A 729 15.98 -39.83 -14.29
CA PRO A 729 15.49 -40.18 -12.95
C PRO A 729 13.99 -40.10 -12.81
N PHE A 730 13.29 -39.48 -13.76
CA PHE A 730 11.83 -39.51 -13.73
C PHE A 730 11.30 -40.91 -13.98
N VAL A 731 11.96 -41.66 -14.87
CA VAL A 731 11.54 -43.02 -15.16
C VAL A 731 12.06 -43.97 -14.10
N VAL A 732 13.25 -43.72 -13.56
CA VAL A 732 13.77 -44.50 -12.45
C VAL A 732 12.91 -44.31 -11.20
N PHE A 733 12.31 -43.13 -11.05
CA PHE A 733 11.33 -42.96 -9.98
C PHE A 733 10.07 -43.76 -10.26
N SER A 734 9.58 -43.75 -11.51
CA SER A 734 8.33 -44.43 -11.84
C SER A 734 8.49 -45.94 -11.73
N TRP A 735 9.63 -46.47 -12.12
CA TRP A 735 9.85 -47.90 -11.97
C TRP A 735 10.32 -48.29 -10.58
N ASN A 736 10.40 -47.33 -9.65
CA ASN A 736 10.47 -47.64 -8.24
C ASN A 736 9.11 -47.50 -7.57
N VAL A 737 8.16 -46.83 -8.21
CA VAL A 737 6.80 -46.79 -7.71
C VAL A 737 6.06 -48.06 -8.13
N ILE A 738 6.21 -48.43 -9.40
CA ILE A 738 5.57 -49.64 -9.93
C ILE A 738 6.11 -50.88 -9.24
N PHE A 739 7.40 -50.88 -8.91
CA PHE A 739 7.95 -51.97 -8.11
C PHE A 739 7.40 -51.93 -6.69
N TYR A 740 7.17 -50.75 -6.14
CA TYR A 740 6.70 -50.66 -4.77
C TYR A 740 5.23 -51.00 -4.65
N ILE A 741 4.43 -50.61 -5.64
CA ILE A 741 3.01 -50.94 -5.64
C ILE A 741 2.84 -52.44 -5.81
N ALA A 742 3.58 -53.04 -6.74
CA ALA A 742 3.56 -54.49 -6.90
C ALA A 742 4.19 -55.20 -5.72
N PHE A 743 5.04 -54.52 -4.95
CA PHE A 743 5.46 -55.10 -3.68
C PHE A 743 4.31 -55.12 -2.69
N LEU A 744 3.50 -54.06 -2.68
CA LEU A 744 2.37 -54.02 -1.76
C LEU A 744 1.26 -54.94 -2.19
N LEU A 745 1.07 -55.11 -3.50
CA LEU A 745 0.06 -56.04 -3.99
C LEU A 745 0.44 -57.48 -3.70
N LEU A 746 1.74 -57.79 -3.73
CA LEU A 746 2.17 -59.11 -3.30
C LEU A 746 2.04 -59.25 -1.80
N PHE A 747 2.42 -58.21 -1.05
CA PHE A 747 2.25 -58.21 0.40
C PHE A 747 0.78 -58.24 0.78
N ALA A 748 -0.10 -57.73 -0.07
CA ALA A 748 -1.53 -57.91 0.15
C ALA A 748 -1.92 -59.37 -0.05
N TYR A 749 -1.60 -59.94 -1.22
CA TYR A 749 -2.04 -61.29 -1.56
C TYR A 749 -1.43 -62.34 -0.66
N VAL A 750 -0.21 -62.12 -0.18
CA VAL A 750 0.39 -63.04 0.79
C VAL A 750 -0.37 -62.99 2.10
N LEU A 751 -0.76 -61.79 2.53
CA LEU A 751 -1.35 -61.62 3.85
C LEU A 751 -2.77 -62.14 3.93
N LEU A 752 -3.51 -62.17 2.84
CA LEU A 752 -4.92 -62.55 2.87
C LEU A 752 -5.15 -63.98 2.41
N MET A 753 -4.78 -64.30 1.17
CA MET A 753 -5.08 -65.62 0.64
C MET A 753 -4.01 -66.65 0.95
N ASP A 754 -2.75 -66.24 0.88
CA ASP A 754 -1.61 -67.07 1.27
C ASP A 754 -1.42 -67.02 2.79
N PHE A 755 -0.16 -67.18 3.23
CA PHE A 755 0.27 -67.21 4.63
C PHE A 755 -0.29 -68.45 5.32
N GLN A 756 0.14 -69.61 4.85
CA GLN A 756 -0.18 -70.88 5.48
C GLN A 756 0.83 -71.14 6.61
N LYS A 757 0.86 -72.39 7.09
CA LYS A 757 1.70 -72.73 8.23
C LYS A 757 3.19 -72.65 7.89
N GLU A 758 3.58 -73.23 6.79
CA GLU A 758 4.95 -72.97 6.38
C GLU A 758 4.99 -71.85 5.35
N PRO A 759 6.08 -71.09 5.29
CA PRO A 759 6.18 -70.02 4.27
C PRO A 759 6.21 -70.58 2.86
N THR A 760 5.20 -70.20 2.09
CA THR A 760 4.93 -70.81 0.78
C THR A 760 5.86 -70.23 -0.28
N ALA A 761 5.56 -70.52 -1.54
CA ALA A 761 6.43 -70.11 -2.65
C ALA A 761 6.45 -68.60 -2.83
N LEU A 762 5.27 -67.99 -2.94
CA LEU A 762 5.20 -66.54 -3.13
C LEU A 762 5.63 -65.77 -1.90
N GLU A 763 5.56 -66.39 -0.72
CA GLU A 763 5.93 -65.70 0.51
C GLU A 763 7.44 -65.47 0.57
N ILE A 764 8.21 -66.32 -0.10
CA ILE A 764 9.66 -66.16 -0.14
C ILE A 764 10.06 -65.02 -1.06
N ILE A 765 9.32 -64.80 -2.15
CA ILE A 765 9.56 -63.66 -3.02
C ILE A 765 9.32 -62.35 -2.27
N LEU A 766 8.40 -62.37 -1.30
CA LEU A 766 8.23 -61.23 -0.42
C LEU A 766 9.44 -61.04 0.50
N TYR A 767 10.11 -62.13 0.86
CA TYR A 767 11.32 -62.02 1.68
C TYR A 767 12.48 -61.46 0.87
N VAL A 768 12.46 -61.66 -0.44
CA VAL A 768 13.46 -61.04 -1.29
C VAL A 768 13.19 -59.55 -1.43
N LEU A 769 11.92 -59.17 -1.60
CA LEU A 769 11.58 -57.78 -1.85
C LEU A 769 11.76 -56.90 -0.62
N VAL A 770 11.67 -57.48 0.58
CA VAL A 770 11.96 -56.68 1.75
C VAL A 770 13.47 -56.55 1.95
N PHE A 771 14.24 -57.53 1.46
CA PHE A 771 15.70 -57.43 1.49
C PHE A 771 16.17 -56.35 0.52
N VAL A 772 15.47 -56.16 -0.59
CA VAL A 772 15.78 -55.10 -1.53
C VAL A 772 15.54 -53.74 -0.88
N LEU A 773 14.41 -53.57 -0.20
CA LEU A 773 14.16 -52.34 0.54
C LEU A 773 15.06 -52.22 1.77
N LEU A 774 15.59 -53.33 2.27
CA LEU A 774 16.63 -53.24 3.29
C LEU A 774 17.95 -52.79 2.68
N CYS A 775 18.28 -53.33 1.49
CA CYS A 775 19.52 -52.93 0.82
C CYS A 775 19.45 -51.50 0.32
N ASP A 776 18.26 -51.02 -0.05
CA ASP A 776 18.12 -49.63 -0.48
C ASP A 776 18.20 -48.67 0.69
N GLU A 777 17.98 -49.15 1.92
CA GLU A 777 18.21 -48.32 3.09
C GLU A 777 19.62 -48.46 3.63
N VAL A 778 20.30 -49.55 3.28
CA VAL A 778 21.75 -49.63 3.50
C VAL A 778 22.46 -48.60 2.64
N ARG A 779 22.01 -48.44 1.39
CA ARG A 779 22.60 -47.47 0.49
C ARG A 779 22.36 -46.05 0.97
N GLN A 780 21.19 -45.78 1.57
CA GLN A 780 20.96 -44.48 2.18
C GLN A 780 21.71 -44.31 3.49
N TRP A 781 22.21 -45.39 4.06
CA TRP A 781 23.17 -45.33 5.16
C TRP A 781 24.60 -45.27 4.64
N TYR A 782 24.78 -45.32 3.32
CA TYR A 782 26.09 -45.25 2.68
C TYR A 782 26.28 -43.99 1.85
N MET A 783 25.20 -43.40 1.34
CA MET A 783 25.31 -42.09 0.70
C MET A 783 25.26 -40.97 1.73
N ASN A 784 24.96 -41.30 2.98
CA ASN A 784 25.02 -40.35 4.08
C ASN A 784 25.32 -41.10 5.37
N GLY A 785 25.92 -40.39 6.33
CA GLY A 785 26.24 -41.01 7.60
C GLY A 785 25.20 -40.83 8.68
N SER A 786 24.85 -39.59 9.00
CA SER A 786 23.93 -39.33 10.10
C SER A 786 22.85 -38.30 9.80
N LYS A 787 22.94 -37.57 8.69
CA LYS A 787 21.79 -36.78 8.25
C LYS A 787 20.69 -37.67 7.68
N TYR A 788 21.04 -38.90 7.32
CA TYR A 788 20.04 -39.90 6.96
C TYR A 788 19.13 -40.21 8.15
N PHE A 789 19.70 -40.29 9.35
CA PHE A 789 18.88 -40.48 10.53
C PHE A 789 18.20 -39.20 10.99
N SER A 790 18.70 -38.04 10.56
CA SER A 790 18.07 -36.78 10.93
C SER A 790 16.74 -36.59 10.21
N ASP A 791 16.58 -37.24 9.05
CA ASP A 791 15.29 -37.25 8.38
C ASP A 791 14.30 -38.08 9.17
N LEU A 792 13.07 -37.57 9.30
CA LEU A 792 12.05 -38.27 10.06
C LEU A 792 11.55 -39.50 9.32
N TRP A 793 11.25 -39.36 8.03
CA TRP A 793 10.69 -40.46 7.27
C TRP A 793 11.69 -41.56 6.96
N ASN A 794 12.98 -41.28 7.10
CA ASN A 794 13.98 -42.33 7.04
C ASN A 794 14.16 -43.06 8.36
N VAL A 795 13.30 -42.81 9.33
CA VAL A 795 13.25 -43.64 10.54
C VAL A 795 12.13 -44.65 10.42
N MET A 796 10.99 -44.22 9.89
CA MET A 796 9.78 -45.06 9.79
C MET A 796 10.00 -46.26 8.88
N ASP A 797 10.74 -46.08 7.78
CA ASP A 797 10.99 -47.19 6.89
C ASP A 797 12.04 -48.16 7.43
N THR A 798 12.79 -47.79 8.46
CA THR A 798 13.68 -48.76 9.12
C THR A 798 12.89 -49.67 10.05
N LEU A 799 11.99 -49.10 10.84
CA LEU A 799 11.12 -49.94 11.66
C LEU A 799 10.06 -50.64 10.82
N ALA A 800 9.84 -50.22 9.57
CA ALA A 800 9.10 -51.03 8.63
C ALA A 800 9.82 -52.34 8.36
N ILE A 801 11.13 -52.29 8.20
CA ILE A 801 11.89 -53.52 8.02
C ILE A 801 12.10 -54.22 9.34
N PHE A 802 12.27 -53.45 10.43
CA PHE A 802 12.51 -54.06 11.74
C PHE A 802 11.29 -54.80 12.26
N TYR A 803 10.09 -54.32 11.97
CA TYR A 803 8.92 -55.09 12.33
C TYR A 803 8.71 -56.26 11.37
N PHE A 804 9.18 -56.15 10.13
CA PHE A 804 9.08 -57.26 9.20
C PHE A 804 9.99 -58.40 9.61
N ILE A 805 11.24 -58.10 9.96
CA ILE A 805 12.15 -59.17 10.39
C ILE A 805 11.75 -59.69 11.76
N ALA A 806 11.05 -58.89 12.56
CA ALA A 806 10.42 -59.43 13.76
C ALA A 806 9.22 -60.29 13.41
N GLY A 807 8.60 -60.05 12.26
CA GLY A 807 7.48 -60.88 11.84
C GLY A 807 7.91 -62.27 11.42
N ILE A 808 9.09 -62.40 10.83
CA ILE A 808 9.59 -63.72 10.46
C ILE A 808 10.03 -64.48 11.70
N VAL A 809 10.45 -63.78 12.74
CA VAL A 809 10.84 -64.44 13.99
C VAL A 809 9.63 -65.02 14.70
N PHE A 810 8.55 -64.25 14.81
CA PHE A 810 7.33 -64.78 15.43
C PHE A 810 6.65 -65.82 14.56
N ARG A 811 6.86 -65.80 13.24
CA ARG A 811 6.22 -66.80 12.39
C ARG A 811 6.88 -68.16 12.55
N LEU A 812 8.19 -68.22 12.39
CA LEU A 812 8.91 -69.49 12.46
C LEU A 812 9.04 -69.95 13.90
N HIS A 813 7.92 -70.43 14.44
CA HIS A 813 7.89 -71.07 15.74
C HIS A 813 7.04 -72.34 15.73
N SER A 814 6.23 -72.57 14.69
CA SER A 814 5.33 -73.71 14.52
C SER A 814 4.34 -73.86 15.68
N ASP A 815 3.98 -72.75 16.31
CA ASP A 815 3.06 -72.74 17.45
C ASP A 815 2.00 -71.68 17.19
N GLU A 816 0.73 -72.10 17.17
CA GLU A 816 -0.37 -71.17 16.88
C GLU A 816 -0.54 -70.10 17.95
N SER A 817 -0.01 -70.31 19.15
CA SER A 817 0.10 -69.24 20.14
C SER A 817 1.06 -68.15 19.68
N SER A 818 2.01 -68.48 18.81
CA SER A 818 2.96 -67.52 18.28
C SER A 818 2.86 -67.33 16.78
N TRP A 819 2.39 -68.32 16.02
CA TRP A 819 2.29 -68.19 14.58
C TRP A 819 1.23 -67.20 14.17
N TYR A 820 0.13 -67.11 14.93
CA TYR A 820 -0.88 -66.12 14.63
C TYR A 820 -0.38 -64.71 14.95
N SER A 821 0.37 -64.56 16.04
CA SER A 821 0.95 -63.26 16.33
C SER A 821 2.06 -62.87 15.37
N GLY A 822 2.57 -63.81 14.57
CA GLY A 822 3.41 -63.43 13.46
C GLY A 822 2.61 -62.75 12.36
N ARG A 823 1.39 -63.22 12.12
CA ARG A 823 0.56 -62.61 11.09
C ARG A 823 0.06 -61.23 11.51
N VAL A 824 -0.12 -61.02 12.81
CA VAL A 824 -0.60 -59.73 13.29
C VAL A 824 0.48 -58.66 13.12
N ILE A 825 1.75 -59.02 13.34
CA ILE A 825 2.85 -58.10 13.12
C ILE A 825 3.00 -57.79 11.64
N PHE A 826 2.81 -58.79 10.78
CA PHE A 826 2.82 -58.54 9.34
C PHE A 826 1.62 -57.71 8.90
N CYS A 827 0.50 -57.83 9.61
CA CYS A 827 -0.66 -56.99 9.31
C CYS A 827 -0.40 -55.55 9.73
N LEU A 828 0.13 -55.35 10.94
CA LEU A 828 0.47 -54.02 11.40
C LEU A 828 1.63 -53.41 10.65
N ASP A 829 2.46 -54.24 10.02
CA ASP A 829 3.52 -53.71 9.18
C ASP A 829 2.99 -53.23 7.84
N TYR A 830 1.83 -53.73 7.40
CA TYR A 830 1.31 -53.32 6.11
C TYR A 830 0.87 -51.87 6.13
N ILE A 831 0.52 -51.34 7.30
CA ILE A 831 0.19 -49.93 7.40
C ILE A 831 1.43 -49.08 7.19
N VAL A 832 2.55 -49.49 7.77
CA VAL A 832 3.77 -48.68 7.71
C VAL A 832 4.36 -48.69 6.31
N PHE A 833 4.20 -49.79 5.59
CA PHE A 833 4.68 -49.83 4.21
C PHE A 833 3.75 -49.10 3.26
N THR A 834 2.45 -49.09 3.54
CA THR A 834 1.52 -48.38 2.67
C THR A 834 1.54 -46.89 2.93
N LEU A 835 1.82 -46.47 4.16
CA LEU A 835 1.99 -45.06 4.44
C LEU A 835 3.34 -44.52 4.00
N ARG A 836 4.19 -45.34 3.40
CA ARG A 836 5.33 -44.82 2.65
C ARG A 836 4.93 -44.36 1.26
N LEU A 837 3.78 -44.80 0.77
CA LEU A 837 3.31 -44.32 -0.53
C LEU A 837 2.83 -42.88 -0.45
N ILE A 838 2.58 -42.37 0.75
CA ILE A 838 2.34 -40.94 0.91
C ILE A 838 3.62 -40.16 0.67
N HIS A 839 4.71 -40.58 1.31
CA HIS A 839 5.96 -39.82 1.24
C HIS A 839 6.67 -39.98 -0.09
N ILE A 840 6.39 -41.05 -0.83
CA ILE A 840 6.97 -41.21 -2.15
C ILE A 840 6.38 -40.19 -3.12
N PHE A 841 5.10 -39.86 -2.95
CA PHE A 841 4.42 -38.97 -3.89
C PHE A 841 4.48 -37.51 -3.46
N THR A 842 5.56 -37.10 -2.80
CA THR A 842 5.82 -35.69 -2.56
C THR A 842 6.59 -35.04 -3.70
N VAL A 843 6.61 -35.67 -4.87
CA VAL A 843 7.27 -35.12 -6.04
C VAL A 843 6.29 -34.63 -7.09
N SER A 844 5.01 -34.85 -6.88
CA SER A 844 4.07 -34.93 -8.00
C SER A 844 3.59 -33.59 -8.51
N ARG A 845 3.98 -32.48 -7.86
CA ARG A 845 3.70 -31.09 -8.22
C ARG A 845 2.23 -30.72 -8.00
N ASN A 846 1.39 -31.71 -7.70
CA ASN A 846 0.00 -31.52 -7.34
C ASN A 846 -0.30 -32.05 -5.95
N LEU A 847 0.05 -33.31 -5.67
CA LEU A 847 -0.02 -33.81 -4.31
C LEU A 847 1.12 -33.27 -3.46
N GLY A 848 2.25 -33.01 -4.09
CA GLY A 848 3.48 -32.56 -3.45
C GLY A 848 3.40 -31.44 -2.44
N PRO A 849 2.84 -30.29 -2.80
CA PRO A 849 2.65 -29.23 -1.80
C PRO A 849 1.63 -29.59 -0.75
N LYS A 850 0.64 -30.41 -1.09
CA LYS A 850 -0.44 -30.70 -0.15
C LYS A 850 -0.02 -31.72 0.90
N ILE A 851 0.88 -32.64 0.55
CA ILE A 851 1.37 -33.60 1.54
C ILE A 851 2.28 -32.89 2.54
N ILE A 852 3.05 -31.91 2.11
CA ILE A 852 3.86 -31.15 3.06
C ILE A 852 2.98 -30.18 3.85
N MET A 853 1.87 -29.74 3.25
CA MET A 853 0.87 -28.98 3.99
C MET A 853 0.25 -29.81 5.10
N LEU A 854 0.12 -31.12 4.88
CA LEU A 854 -0.44 -32.04 5.86
C LEU A 854 0.43 -32.16 7.11
N GLN A 855 1.72 -31.88 7.02
CA GLN A 855 2.59 -31.91 8.18
C GLN A 855 2.57 -30.62 8.97
N ARG A 856 1.77 -29.64 8.57
CA ARG A 856 1.58 -28.43 9.36
C ARG A 856 0.31 -28.48 10.18
N MET A 857 -0.60 -29.40 9.87
CA MET A 857 -1.84 -29.54 10.61
C MET A 857 -1.68 -30.28 11.93
N MET A 858 -0.52 -30.86 12.18
CA MET A 858 -0.35 -31.72 13.35
C MET A 858 -0.33 -30.96 14.66
N ILE A 859 -0.22 -29.64 14.63
CA ILE A 859 -0.41 -28.87 15.85
C ILE A 859 -1.88 -28.45 16.00
N ASP A 860 -2.63 -28.39 14.90
CA ASP A 860 -4.07 -28.16 15.02
C ASP A 860 -4.79 -29.43 15.47
N VAL A 861 -4.27 -30.59 15.09
CA VAL A 861 -4.88 -31.85 15.47
C VAL A 861 -4.60 -32.16 16.94
N PHE A 862 -3.35 -31.97 17.38
CA PHE A 862 -2.98 -32.26 18.76
C PHE A 862 -3.63 -31.31 19.75
N PHE A 863 -4.03 -30.12 19.30
CA PHE A 863 -4.89 -29.29 20.14
C PHE A 863 -6.30 -29.85 20.19
N PHE A 864 -6.79 -30.34 19.05
CA PHE A 864 -8.14 -30.90 19.01
C PHE A 864 -8.23 -32.20 19.79
N LEU A 865 -7.20 -33.04 19.69
CA LEU A 865 -7.19 -34.27 20.46
C LEU A 865 -7.04 -34.01 21.95
N PHE A 866 -6.39 -32.91 22.32
CA PHE A 866 -6.30 -32.55 23.72
C PHE A 866 -7.66 -32.13 24.27
N LEU A 867 -8.37 -31.27 23.55
CA LEU A 867 -9.71 -30.87 23.97
C LEU A 867 -10.68 -32.03 23.95
N PHE A 868 -10.52 -32.94 23.01
CA PHE A 868 -11.45 -34.06 22.93
C PHE A 868 -11.21 -35.07 24.02
N ALA A 869 -9.95 -35.30 24.38
CA ALA A 869 -9.65 -36.30 25.40
C ALA A 869 -10.03 -35.83 26.79
N VAL A 870 -9.90 -34.53 27.07
CA VAL A 870 -10.33 -34.02 28.36
C VAL A 870 -11.84 -34.03 28.44
N TRP A 871 -12.52 -33.72 27.34
CA TRP A 871 -13.98 -33.78 27.32
C TRP A 871 -14.48 -35.21 27.37
N MET A 872 -13.72 -36.16 26.84
CA MET A 872 -14.12 -37.57 26.91
C MET A 872 -14.06 -38.09 28.34
N VAL A 873 -12.98 -37.77 29.05
CA VAL A 873 -12.81 -38.27 30.40
C VAL A 873 -13.76 -37.57 31.36
N ALA A 874 -14.00 -36.27 31.16
CA ALA A 874 -14.93 -35.53 32.00
C ALA A 874 -16.35 -36.03 31.82
N PHE A 875 -16.73 -36.38 30.60
CA PHE A 875 -18.06 -36.89 30.38
C PHE A 875 -18.14 -38.37 30.70
N GLY A 876 -17.12 -39.15 30.35
CA GLY A 876 -17.18 -40.59 30.50
C GLY A 876 -17.17 -41.04 31.94
N VAL A 877 -16.43 -40.34 32.80
CA VAL A 877 -16.43 -40.69 34.21
C VAL A 877 -17.73 -40.21 34.86
N ALA A 878 -18.20 -39.02 34.50
CA ALA A 878 -19.49 -38.55 34.99
C ALA A 878 -20.66 -39.29 34.37
N ARG A 879 -20.43 -40.07 33.32
CA ARG A 879 -21.45 -40.99 32.82
C ARG A 879 -21.68 -42.15 33.76
N GLN A 880 -20.75 -42.40 34.68
CA GLN A 880 -20.88 -43.45 35.67
C GLN A 880 -21.47 -42.96 36.98
N GLY A 881 -22.40 -42.01 36.90
CA GLY A 881 -23.43 -41.85 37.91
C GLY A 881 -24.65 -42.65 37.51
N ILE A 882 -24.41 -43.79 36.86
CA ILE A 882 -25.42 -44.73 36.41
C ILE A 882 -25.11 -46.10 36.99
N LEU A 883 -23.92 -46.61 36.68
CA LEU A 883 -23.49 -47.92 37.14
C LEU A 883 -22.73 -47.79 38.46
N ARG A 884 -22.60 -48.91 39.16
CA ARG A 884 -21.86 -48.95 40.42
C ARG A 884 -21.46 -50.38 40.73
N LYS A 885 -20.16 -50.65 40.73
CA LYS A 885 -19.61 -51.94 41.14
C LYS A 885 -18.16 -51.68 41.58
N ASN A 886 -17.45 -52.71 42.01
CA ASN A 886 -16.12 -52.57 42.58
C ASN A 886 -15.00 -53.17 41.74
N GLU A 887 -15.27 -54.20 40.94
CA GLU A 887 -14.19 -54.84 40.18
C GLU A 887 -14.05 -54.26 38.79
N HIS A 888 -15.10 -54.37 37.97
CA HIS A 888 -15.18 -53.84 36.60
C HIS A 888 -14.06 -54.34 35.69
N ARG A 889 -13.51 -55.53 35.96
CA ARG A 889 -12.49 -56.24 35.16
C ARG A 889 -11.13 -55.53 35.14
N TRP A 890 -11.04 -54.33 35.76
CA TRP A 890 -10.09 -53.23 35.56
C TRP A 890 -10.13 -52.65 34.15
N GLU A 891 -10.96 -53.20 33.25
CA GLU A 891 -10.97 -52.78 31.84
C GLU A 891 -12.36 -52.77 31.23
N TRP A 892 -13.42 -52.94 32.01
CA TRP A 892 -14.74 -52.54 31.54
C TRP A 892 -14.94 -51.04 31.63
N ILE A 893 -14.08 -50.38 32.40
CA ILE A 893 -14.09 -48.92 32.48
C ILE A 893 -13.78 -48.33 31.11
N PHE A 894 -12.66 -48.75 30.52
CA PHE A 894 -12.23 -48.20 29.24
C PHE A 894 -13.15 -48.59 28.09
N ARG A 895 -13.97 -49.62 28.25
CA ARG A 895 -15.00 -49.90 27.27
C ARG A 895 -16.18 -48.94 27.37
N SER A 896 -16.29 -48.20 28.47
CA SER A 896 -17.47 -47.37 28.68
C SER A 896 -17.11 -45.93 29.00
N VAL A 897 -15.95 -45.71 29.61
CA VAL A 897 -15.53 -44.35 29.93
C VAL A 897 -14.80 -43.70 28.76
N ILE A 898 -13.97 -44.47 28.05
CA ILE A 898 -13.20 -43.92 26.94
C ILE A 898 -13.79 -44.32 25.59
N TYR A 899 -14.09 -45.60 25.41
CA TYR A 899 -14.45 -46.09 24.08
C TYR A 899 -15.86 -45.66 23.68
N GLU A 900 -16.81 -45.73 24.59
CA GLU A 900 -18.17 -45.36 24.26
C GLU A 900 -18.38 -43.86 24.04
N PRO A 901 -17.72 -42.95 24.77
CA PRO A 901 -17.73 -41.56 24.31
C PRO A 901 -16.89 -41.31 23.08
N TYR A 902 -16.01 -42.22 22.70
CA TYR A 902 -15.24 -42.02 21.49
C TYR A 902 -16.10 -42.23 20.25
N LEU A 903 -16.99 -43.23 20.29
CA LEU A 903 -17.89 -43.45 19.17
C LEU A 903 -18.96 -42.39 19.06
N ALA A 904 -19.17 -41.62 20.13
CA ALA A 904 -20.15 -40.55 20.11
C ALA A 904 -19.70 -39.37 19.26
N MET A 905 -18.42 -39.28 18.94
CA MET A 905 -17.95 -38.21 18.06
C MET A 905 -18.33 -38.48 16.61
N PHE A 906 -18.37 -39.74 16.21
CA PHE A 906 -18.82 -40.11 14.87
C PHE A 906 -20.32 -40.40 14.84
N GLY A 907 -21.00 -40.24 15.95
CA GLY A 907 -22.43 -40.46 16.04
C GLY A 907 -22.75 -41.81 16.65
N GLN A 908 -22.99 -41.80 17.95
CA GLN A 908 -23.58 -42.95 18.63
C GLN A 908 -24.65 -42.56 19.64
N TYR A 909 -24.45 -41.42 20.31
CA TYR A 909 -25.42 -40.81 21.21
C TYR A 909 -26.10 -41.64 22.29
N PRO A 910 -25.33 -42.39 23.11
CA PRO A 910 -25.90 -43.23 24.17
C PRO A 910 -27.12 -44.04 23.72
N ASP A 911 -26.88 -44.99 22.82
CA ASP A 911 -27.97 -45.70 22.15
C ASP A 911 -29.03 -46.38 23.02
N ASP A 912 -28.70 -47.04 24.13
CA ASP A 912 -29.87 -47.57 24.84
C ASP A 912 -29.58 -47.72 26.32
N ILE A 913 -29.05 -46.66 26.93
CA ILE A 913 -28.70 -46.67 28.34
C ILE A 913 -29.33 -45.45 28.99
N ASP A 914 -29.80 -44.50 28.17
CA ASP A 914 -30.24 -43.20 28.66
C ASP A 914 -31.75 -43.11 28.85
N GLY A 915 -32.40 -44.19 29.26
CA GLY A 915 -33.79 -44.10 29.65
C GLY A 915 -34.74 -44.86 28.75
N THR A 916 -35.81 -45.42 29.37
CA THR A 916 -36.83 -46.24 28.70
C THR A 916 -36.24 -47.45 27.97
N THR A 917 -35.06 -47.90 28.40
CA THR A 917 -34.40 -49.11 27.90
C THR A 917 -34.04 -49.92 29.15
N TYR A 918 -34.82 -50.95 29.43
CA TYR A 918 -34.73 -51.64 30.70
C TYR A 918 -33.67 -52.74 30.62
N ASN A 919 -33.67 -53.64 31.61
CA ASN A 919 -32.63 -54.62 31.80
C ASN A 919 -32.85 -55.90 30.98
N PHE A 920 -33.52 -55.78 29.83
CA PHE A 920 -33.90 -56.93 29.03
C PHE A 920 -32.68 -57.67 28.48
N ASP A 921 -31.61 -56.96 28.19
CA ASP A 921 -30.41 -57.53 27.61
C ASP A 921 -29.26 -56.58 27.97
N ARG A 922 -28.12 -56.75 27.30
CA ARG A 922 -26.94 -55.89 27.26
C ARG A 922 -26.19 -55.81 28.60
N CYS A 923 -26.69 -56.43 29.66
CA CYS A 923 -26.13 -56.20 30.97
C CYS A 923 -26.24 -57.46 31.81
N THR A 924 -25.51 -57.48 32.92
CA THR A 924 -25.21 -58.73 33.61
C THR A 924 -25.76 -58.82 35.02
N PHE A 925 -25.63 -57.75 35.83
CA PHE A 925 -25.77 -57.64 37.29
C PHE A 925 -24.64 -58.35 38.06
N SER A 926 -23.77 -59.08 37.36
CA SER A 926 -22.83 -59.96 38.04
C SER A 926 -21.38 -59.62 37.75
N GLY A 927 -20.98 -59.56 36.48
CA GLY A 927 -19.58 -59.50 36.14
C GLY A 927 -19.22 -60.56 35.13
N ASN A 928 -20.23 -61.29 34.67
CA ASN A 928 -20.10 -62.24 33.57
C ASN A 928 -21.48 -62.37 32.93
N GLU A 929 -21.56 -62.31 31.60
CA GLU A 929 -20.43 -62.29 30.65
C GLU A 929 -19.92 -60.88 30.36
N SER A 930 -19.17 -60.74 29.27
CA SER A 930 -18.49 -59.51 28.86
C SER A 930 -19.39 -58.31 28.55
N LYS A 931 -20.72 -58.46 28.67
CA LYS A 931 -21.64 -57.35 28.56
C LYS A 931 -21.39 -56.33 29.68
N PRO A 932 -21.54 -55.04 29.39
CA PRO A 932 -21.33 -54.03 30.45
C PRO A 932 -22.45 -54.06 31.45
N LEU A 933 -22.09 -53.97 32.74
CA LEU A 933 -23.00 -54.31 33.83
C LEU A 933 -24.14 -53.30 33.95
N CYS A 934 -25.13 -53.69 34.75
CA CYS A 934 -26.43 -53.04 34.67
C CYS A 934 -26.44 -51.73 35.46
N VAL A 935 -27.49 -50.96 35.20
CA VAL A 935 -27.79 -49.77 35.97
C VAL A 935 -28.08 -50.18 37.42
N GLU A 936 -27.62 -49.34 38.35
CA GLU A 936 -27.97 -49.52 39.76
C GLU A 936 -29.48 -49.42 39.93
N LEU A 937 -30.04 -50.31 40.76
CA LEU A 937 -31.48 -50.45 40.87
C LEU A 937 -31.93 -50.18 42.30
N ASP A 938 -33.22 -50.44 42.56
CA ASP A 938 -33.83 -50.15 43.85
C ASP A 938 -34.66 -51.32 44.34
N ALA A 939 -35.43 -51.10 45.42
CA ALA A 939 -36.41 -52.08 45.84
C ALA A 939 -37.53 -52.24 44.82
N ASN A 940 -37.84 -51.17 44.09
CA ASN A 940 -38.80 -51.22 43.00
C ASN A 940 -38.22 -51.79 41.71
N ASN A 941 -36.92 -52.12 41.71
CA ASN A 941 -36.16 -52.53 40.52
C ASN A 941 -36.28 -51.49 39.41
N GLN A 942 -36.19 -50.25 39.78
CA GLN A 942 -36.22 -49.15 38.85
C GLN A 942 -34.81 -48.63 38.60
N PRO A 943 -34.55 -48.13 37.39
CA PRO A 943 -33.26 -47.48 37.12
C PRO A 943 -33.09 -46.23 37.99
N ARG A 944 -31.96 -46.19 38.70
CA ARG A 944 -31.77 -45.19 39.74
C ARG A 944 -31.34 -43.84 39.21
N PHE A 945 -30.74 -43.81 38.02
CA PHE A 945 -30.18 -42.55 37.50
C PHE A 945 -31.30 -41.57 37.20
N PRO A 946 -31.10 -40.29 37.50
CA PRO A 946 -32.25 -39.37 37.60
C PRO A 946 -32.91 -39.04 36.28
N GLU A 947 -32.16 -39.09 35.17
CA GLU A 947 -32.60 -38.95 33.78
C GLU A 947 -33.00 -37.51 33.42
N TRP A 948 -33.06 -36.61 34.40
CA TRP A 948 -33.05 -35.20 34.11
C TRP A 948 -31.63 -34.64 34.14
N ILE A 949 -30.66 -35.48 34.44
CA ILE A 949 -29.27 -35.09 34.51
C ILE A 949 -28.44 -35.78 33.43
N THR A 950 -28.62 -37.10 33.27
CA THR A 950 -27.84 -37.84 32.29
C THR A 950 -28.24 -37.49 30.86
N ILE A 951 -29.50 -37.16 30.63
CA ILE A 951 -29.95 -36.82 29.27
C ILE A 951 -29.41 -35.45 28.84
N PRO A 952 -29.48 -34.36 29.63
CA PRO A 952 -28.79 -33.14 29.16
C PRO A 952 -27.28 -33.21 29.29
N LEU A 953 -26.73 -34.18 30.01
CA LEU A 953 -25.28 -34.33 30.04
C LEU A 953 -24.77 -34.88 28.71
N VAL A 954 -25.45 -35.87 28.16
CA VAL A 954 -25.09 -36.41 26.85
C VAL A 954 -25.33 -35.37 25.77
N CYS A 955 -26.44 -34.64 25.86
CA CYS A 955 -26.77 -33.64 24.85
C CYS A 955 -25.84 -32.44 24.89
N ILE A 956 -25.21 -32.17 26.03
CA ILE A 956 -24.16 -31.17 26.07
C ILE A 956 -22.89 -31.73 25.45
N TYR A 957 -22.56 -32.97 25.77
CA TYR A 957 -21.37 -33.62 25.22
C TYR A 957 -21.50 -33.84 23.72
N MET A 958 -22.68 -34.27 23.26
CA MET A 958 -22.90 -34.44 21.83
C MET A 958 -22.93 -33.11 21.10
N LEU A 959 -23.27 -32.02 21.80
CA LEU A 959 -23.17 -30.72 21.18
C LEU A 959 -21.72 -30.28 21.05
N SER A 960 -20.93 -30.51 22.10
CA SER A 960 -19.58 -29.97 22.14
C SER A 960 -18.66 -30.73 21.20
N THR A 961 -18.49 -32.03 21.41
CA THR A 961 -17.49 -32.76 20.66
C THR A 961 -17.89 -33.10 19.24
N ASN A 962 -19.17 -33.05 18.90
CA ASN A 962 -19.56 -33.30 17.52
C ASN A 962 -19.74 -32.03 16.72
N ILE A 963 -19.99 -30.89 17.36
CA ILE A 963 -20.25 -29.66 16.63
C ILE A 963 -19.37 -28.52 17.12
N LEU A 964 -19.38 -28.23 18.42
CA LEU A 964 -18.61 -27.09 18.94
C LEU A 964 -17.11 -27.37 18.92
N LEU A 965 -16.76 -28.63 18.66
CA LEU A 965 -15.36 -29.06 18.54
C LEU A 965 -14.82 -29.40 17.12
N VAL A 966 -15.46 -30.31 16.37
CA VAL A 966 -14.97 -30.68 15.02
C VAL A 966 -14.98 -29.53 13.99
N ASN A 967 -16.10 -28.82 13.94
CA ASN A 967 -16.32 -27.61 13.16
C ASN A 967 -15.36 -26.50 13.59
N LEU A 968 -14.92 -26.51 14.85
CA LEU A 968 -13.84 -25.63 15.26
C LEU A 968 -12.53 -26.02 14.58
N LEU A 969 -12.30 -27.33 14.43
CA LEU A 969 -11.07 -27.83 13.83
C LEU A 969 -10.95 -27.42 12.36
N VAL A 970 -12.09 -27.27 11.67
CA VAL A 970 -12.06 -26.82 10.29
C VAL A 970 -11.60 -25.38 10.20
N ALA A 971 -12.04 -24.54 11.15
CA ALA A 971 -11.61 -23.15 11.16
C ALA A 971 -10.12 -23.04 11.46
N MET A 972 -9.62 -23.86 12.37
CA MET A 972 -8.19 -23.84 12.64
C MET A 972 -7.41 -24.53 11.53
N PHE A 973 -8.04 -25.44 10.79
CA PHE A 973 -7.45 -25.88 9.54
C PHE A 973 -7.53 -24.79 8.48
N GLY A 974 -8.64 -24.06 8.44
CA GLY A 974 -8.84 -23.06 7.40
C GLY A 974 -7.94 -21.85 7.55
N TYR A 975 -7.51 -21.55 8.77
CA TYR A 975 -6.53 -20.49 8.93
C TYR A 975 -5.14 -20.97 8.55
N THR A 976 -4.85 -22.25 8.70
CA THR A 976 -3.52 -22.74 8.40
C THR A 976 -3.24 -22.73 6.90
N VAL A 977 -4.22 -23.16 6.10
CA VAL A 977 -4.07 -23.09 4.65
C VAL A 977 -4.08 -21.64 4.16
N GLY A 978 -4.66 -20.73 4.94
CA GLY A 978 -4.58 -19.33 4.60
C GLY A 978 -3.23 -18.72 4.92
N SER A 979 -2.51 -19.27 5.89
CA SER A 979 -1.30 -18.64 6.38
C SER A 979 -0.02 -19.25 5.85
N VAL A 980 0.08 -20.57 5.75
CA VAL A 980 1.34 -21.20 5.41
C VAL A 980 1.39 -21.62 3.94
N GLN A 981 0.45 -21.15 3.12
CA GLN A 981 0.39 -21.61 1.74
C GLN A 981 1.52 -21.03 0.90
N GLU A 982 1.79 -19.74 1.05
CA GLU A 982 2.91 -19.13 0.32
C GLU A 982 4.26 -19.56 0.89
N ASN A 983 4.29 -20.06 2.12
CA ASN A 983 5.51 -20.63 2.66
C ASN A 983 5.68 -22.10 2.29
N ASN A 984 4.57 -22.81 2.06
CA ASN A 984 4.67 -24.23 1.72
C ASN A 984 5.23 -24.44 0.33
N ASP A 985 5.06 -23.47 -0.57
CA ASP A 985 5.63 -23.57 -1.90
C ASP A 985 7.15 -23.54 -1.83
N GLN A 986 7.71 -22.64 -1.02
CA GLN A 986 9.15 -22.61 -0.83
C GLN A 986 9.64 -23.86 -0.10
N VAL A 987 8.83 -24.40 0.81
CA VAL A 987 9.24 -25.61 1.52
C VAL A 987 9.22 -26.81 0.58
N TRP A 988 8.17 -26.92 -0.25
CA TRP A 988 8.09 -28.04 -1.17
C TRP A 988 9.16 -27.96 -2.25
N LYS A 989 9.42 -26.76 -2.77
CA LYS A 989 10.51 -26.58 -3.70
C LYS A 989 11.85 -26.84 -3.06
N PHE A 990 11.96 -26.65 -1.74
CA PHE A 990 13.21 -27.01 -1.06
C PHE A 990 13.38 -28.52 -0.98
N GLN A 991 12.36 -29.25 -0.51
CA GLN A 991 12.51 -30.70 -0.47
C GLN A 991 12.43 -31.36 -1.83
N ARG A 992 12.03 -30.62 -2.87
CA ARG A 992 12.12 -31.11 -4.23
C ARG A 992 13.55 -31.40 -4.66
N PHE A 993 14.54 -30.76 -4.03
CA PHE A 993 15.93 -31.01 -4.39
C PHE A 993 16.38 -32.40 -3.97
N PHE A 994 15.98 -32.85 -2.76
CA PHE A 994 16.44 -34.13 -2.25
C PHE A 994 15.87 -35.30 -3.04
N LEU A 995 14.66 -35.15 -3.55
CA LEU A 995 14.06 -36.19 -4.37
C LEU A 995 14.71 -36.29 -5.73
N VAL A 996 15.25 -35.19 -6.24
CA VAL A 996 16.04 -35.26 -7.46
C VAL A 996 17.46 -35.70 -7.18
N GLN A 997 17.96 -35.40 -5.97
CA GLN A 997 19.30 -35.79 -5.55
C GLN A 997 19.44 -37.30 -5.42
N GLU A 998 18.33 -38.01 -5.20
CA GLU A 998 18.36 -39.43 -4.87
C GLU A 998 18.82 -40.32 -6.03
N TYR A 999 18.95 -39.80 -7.24
CA TYR A 999 19.33 -40.60 -8.38
C TYR A 999 20.53 -40.03 -9.13
N PHE A 1007 15.95 -53.32 -11.72
CA PHE A 1007 16.11 -52.39 -10.61
C PHE A 1007 17.17 -52.81 -9.55
N PRO A 1008 17.32 -54.11 -9.19
CA PRO A 1008 18.53 -54.48 -8.42
C PRO A 1008 19.82 -54.34 -9.20
N PHE A 1009 19.76 -54.28 -10.53
CA PHE A 1009 20.94 -53.97 -11.32
C PHE A 1009 21.45 -52.56 -11.06
N VAL A 1010 20.55 -51.65 -10.69
CA VAL A 1010 20.95 -50.29 -10.32
C VAL A 1010 21.70 -50.30 -8.99
N ILE A 1011 21.20 -51.07 -8.02
CA ILE A 1011 21.82 -51.10 -6.70
C ILE A 1011 23.07 -51.99 -6.71
N PHE A 1012 22.96 -53.20 -7.23
CA PHE A 1012 24.11 -54.09 -7.37
C PHE A 1012 23.91 -55.09 -8.50
N ASN A 1044 37.32 -21.37 -17.66
CA ASN A 1044 37.93 -20.39 -18.55
C ASN A 1044 36.90 -19.41 -19.09
N GLU A 1045 36.18 -19.86 -20.12
CA GLU A 1045 35.17 -19.00 -20.75
C GLU A 1045 33.99 -18.77 -19.82
N ILE A 1046 33.66 -19.74 -18.98
CA ILE A 1046 32.56 -19.56 -18.04
C ILE A 1046 32.97 -18.57 -16.95
N LEU A 1047 34.21 -18.70 -16.46
CA LEU A 1047 34.73 -17.75 -15.48
C LEU A 1047 34.89 -16.35 -16.07
N ALA A 1048 35.27 -16.28 -17.35
CA ALA A 1048 35.33 -14.99 -18.01
C ALA A 1048 33.95 -14.41 -18.24
N TRP A 1049 32.94 -15.26 -18.43
CA TRP A 1049 31.59 -14.76 -18.62
C TRP A 1049 31.01 -14.20 -17.34
N GLU A 1050 31.34 -14.82 -16.20
CA GLU A 1050 30.87 -14.27 -14.93
C GLU A 1050 31.62 -13.01 -14.58
N ALA A 1051 32.90 -12.92 -14.95
CA ALA A 1051 33.73 -11.78 -14.57
C ALA A 1051 33.27 -10.49 -15.23
N VAL A 1052 32.71 -10.57 -16.43
CA VAL A 1052 32.09 -9.40 -17.03
C VAL A 1052 30.80 -9.05 -16.30
N MET A 1053 29.97 -10.06 -16.03
CA MET A 1053 28.64 -9.82 -15.50
C MET A 1053 28.69 -9.47 -14.02
N LYS A 1054 29.66 -10.01 -13.28
CA LYS A 1054 29.83 -9.59 -11.90
C LYS A 1054 30.34 -8.18 -11.82
N GLU A 1055 31.14 -7.76 -12.79
CA GLU A 1055 31.66 -6.40 -12.81
C GLU A 1055 30.55 -5.39 -13.05
N ASN A 1056 29.61 -5.72 -13.94
CA ASN A 1056 28.44 -4.87 -14.13
C ASN A 1056 27.52 -4.89 -12.93
N TYR A 1057 27.60 -5.91 -12.09
CA TYR A 1057 26.79 -5.94 -10.87
C TYR A 1057 27.38 -5.04 -9.81
N LEU A 1058 28.69 -5.14 -9.57
CA LEU A 1058 29.34 -4.31 -8.55
C LEU A 1058 29.35 -2.85 -8.94
N VAL A 1059 29.38 -2.56 -10.24
CA VAL A 1059 29.16 -1.20 -10.71
C VAL A 1059 27.76 -0.74 -10.37
N LYS A 1060 26.77 -1.61 -10.59
CA LYS A 1060 25.36 -1.23 -10.38
C LYS A 1060 25.05 -1.02 -8.90
N ILE A 1061 25.78 -1.69 -8.00
CA ILE A 1061 25.58 -1.49 -6.58
C ILE A 1061 26.10 -0.12 -6.16
N ASN A 1062 27.38 0.13 -6.40
CA ASN A 1062 28.06 1.29 -5.83
C ASN A 1062 27.75 2.59 -6.55
N THR A 1063 26.88 2.59 -7.55
CA THR A 1063 26.33 3.82 -8.10
C THR A 1063 24.85 4.01 -7.84
N LYS A 1064 24.11 2.95 -7.47
CA LYS A 1064 22.69 3.10 -7.18
C LYS A 1064 22.44 3.93 -5.93
N ALA A 1065 23.41 3.98 -5.01
CA ALA A 1065 23.35 4.96 -3.93
C ALA A 1065 23.43 6.38 -4.46
N ASN A 1066 24.15 6.58 -5.56
CA ASN A 1066 24.17 7.88 -6.22
C ASN A 1066 23.00 8.05 -7.18
N ASP A 1067 22.53 6.95 -7.79
CA ASP A 1067 21.35 7.02 -8.65
C ASP A 1067 20.03 7.04 -7.88
N SER A 1068 20.07 7.08 -6.54
CA SER A 1068 18.86 7.34 -5.78
C SER A 1068 18.37 8.74 -6.08
N SER A 1069 19.14 9.76 -5.66
CA SER A 1069 19.07 11.15 -6.15
C SER A 1069 17.69 11.78 -6.04
N GLU A 1070 16.89 11.35 -5.06
CA GLU A 1070 15.50 11.78 -4.97
C GLU A 1070 15.34 13.18 -4.40
N GLU A 1071 16.42 13.78 -3.93
CA GLU A 1071 16.38 15.14 -3.38
C GLU A 1071 17.28 16.04 -4.20
N MET A 1072 16.78 17.23 -4.53
CA MET A 1072 17.57 18.26 -5.19
C MET A 1072 18.35 19.12 -4.22
N VAL A 1073 18.50 18.68 -2.96
CA VAL A 1073 19.30 19.41 -1.99
C VAL A 1073 20.78 19.34 -2.34
N HIS A 1074 21.21 18.34 -3.11
CA HIS A 1074 22.53 18.38 -3.69
C HIS A 1074 22.58 19.37 -4.84
N ARG A 1075 21.51 19.43 -5.64
CA ARG A 1075 21.43 20.43 -6.70
C ARG A 1075 21.20 21.82 -6.14
N PHE A 1076 20.56 21.91 -4.96
CA PHE A 1076 20.47 23.18 -4.24
C PHE A 1076 21.85 23.68 -3.84
N ARG A 1077 22.76 22.76 -3.49
CA ARG A 1077 24.13 23.14 -3.22
C ARG A 1077 24.84 23.62 -4.49
N GLN A 1078 24.50 23.05 -5.64
CA GLN A 1078 25.12 23.47 -6.89
C GLN A 1078 24.59 24.81 -7.39
N LEU A 1079 23.38 25.22 -6.96
CA LEU A 1079 22.84 26.51 -7.36
C LEU A 1079 23.64 27.65 -6.73
N ASP A 1080 23.77 27.65 -5.41
CA ASP A 1080 24.39 28.75 -4.68
C ASP A 1080 25.90 28.81 -4.82
N ALA A 1081 26.52 27.87 -5.56
CA ALA A 1081 27.95 27.96 -5.82
C ALA A 1081 28.29 29.14 -6.72
N LYS A 1082 27.34 29.59 -7.54
CA LYS A 1082 27.59 30.73 -8.41
C LYS A 1082 27.10 32.04 -7.83
N LEU A 1083 26.17 32.00 -6.88
CA LEU A 1083 25.68 33.24 -6.28
C LEU A 1083 26.74 33.92 -5.43
N SER A 1084 27.68 33.16 -4.88
CA SER A 1084 28.86 33.77 -4.27
C SER A 1084 29.78 34.32 -5.34
N ASP A 1085 29.86 33.66 -6.50
CA ASP A 1085 30.69 34.15 -7.59
C ASP A 1085 30.07 35.37 -8.23
N LEU A 1086 28.74 35.49 -8.21
CA LEU A 1086 28.07 36.66 -8.77
C LEU A 1086 28.31 37.90 -7.91
N LYS A 1087 28.11 37.78 -6.59
CA LYS A 1087 28.30 38.92 -5.70
C LYS A 1087 29.77 39.29 -5.56
N GLY A 1088 30.66 38.31 -5.64
CA GLY A 1088 32.08 38.60 -5.57
C GLY A 1088 32.60 39.29 -6.81
N LEU A 1089 32.04 38.95 -7.98
CA LEU A 1089 32.45 39.62 -9.20
C LEU A 1089 31.94 41.06 -9.24
N LEU A 1090 30.80 41.33 -8.57
CA LEU A 1090 30.33 42.70 -8.44
C LEU A 1090 31.11 43.46 -7.38
N LYS A 1091 31.65 42.75 -6.38
CA LYS A 1091 32.56 43.39 -5.45
C LYS A 1091 33.87 43.76 -6.13
N GLU A 1092 34.32 42.94 -7.09
CA GLU A 1092 35.55 43.26 -7.81
C GLU A 1092 35.36 44.41 -8.78
N ILE A 1093 34.16 44.55 -9.36
CA ILE A 1093 33.90 45.69 -10.23
C ILE A 1093 33.64 46.96 -9.41
N SER A 1094 33.36 46.81 -8.12
CA SER A 1094 33.14 47.98 -7.27
C SER A 1094 34.44 48.71 -6.98
N SER A 1095 35.57 48.01 -7.03
CA SER A 1095 36.86 48.66 -6.86
C SER A 1095 37.37 49.34 -8.12
N LYS A 1096 36.81 48.97 -9.28
CA LYS A 1096 37.31 49.51 -10.54
C LYS A 1096 36.72 50.88 -10.85
N ILE A 1097 35.47 51.11 -10.46
CA ILE A 1097 34.87 52.43 -10.67
C ILE A 1097 35.45 53.43 -9.68
N LYS A 1098 35.77 52.99 -8.47
CA LYS A 1098 36.26 53.88 -7.43
C LYS A 1098 37.78 53.82 -7.33
N GLY B 99 -30.79 58.14 16.94
CA GLY B 99 -31.82 57.23 17.41
C GLY B 99 -31.49 55.77 17.15
N ASP B 100 -32.51 54.92 17.16
CA ASP B 100 -32.36 53.51 16.81
C ASP B 100 -32.79 53.29 15.37
N ILE B 101 -32.60 52.06 14.89
CA ILE B 101 -32.82 51.74 13.50
C ILE B 101 -33.37 50.33 13.38
N GLN B 102 -34.08 50.08 12.28
CA GLN B 102 -34.62 48.77 11.95
C GLN B 102 -34.52 48.58 10.45
N PHE B 103 -34.21 47.35 10.05
CA PHE B 103 -34.04 47.05 8.64
C PHE B 103 -35.16 46.14 8.12
N GLY B 110 -30.58 47.89 15.45
CA GLY B 110 -29.34 48.54 15.84
C GLY B 110 -29.51 50.00 16.16
N LYS B 111 -28.41 50.67 16.50
CA LYS B 111 -28.43 52.09 16.82
C LYS B 111 -27.58 52.86 15.83
N TYR B 112 -27.79 54.18 15.77
CA TYR B 112 -27.02 55.03 14.89
C TYR B 112 -26.94 56.43 15.50
N ILE B 113 -26.09 57.25 14.89
CA ILE B 113 -25.96 58.66 15.26
C ILE B 113 -25.38 59.40 14.05
N ARG B 114 -25.87 60.62 13.84
CA ARG B 114 -25.38 61.48 12.77
C ARG B 114 -24.39 62.46 13.39
N LEU B 115 -23.10 62.23 13.15
CA LEU B 115 -22.04 62.95 13.83
C LEU B 115 -21.69 64.21 13.05
N SER B 116 -20.58 64.84 13.41
CA SER B 116 -20.05 66.00 12.69
C SER B 116 -18.54 65.94 12.74
N CYS B 117 -17.91 66.46 11.69
CA CYS B 117 -16.45 66.46 11.63
C CYS B 117 -15.87 67.61 12.45
N GLU B 122 -13.03 62.02 20.96
CA GLU B 122 -12.98 61.87 22.40
C GLU B 122 -14.36 61.63 22.97
N THR B 123 -15.23 62.63 22.85
CA THR B 123 -16.59 62.53 23.35
C THR B 123 -17.43 61.53 22.57
N LEU B 124 -17.01 61.18 21.35
CA LEU B 124 -17.57 60.02 20.66
C LEU B 124 -17.35 58.75 21.45
N TYR B 125 -16.14 58.56 21.99
CA TYR B 125 -15.84 57.38 22.79
C TYR B 125 -16.58 57.42 24.12
N ASP B 126 -16.91 58.61 24.62
CA ASP B 126 -17.72 58.71 25.82
C ASP B 126 -19.15 58.24 25.57
N LEU B 127 -19.63 58.40 24.34
CA LEU B 127 -20.96 57.90 24.00
C LEU B 127 -20.97 56.39 23.90
N MET B 128 -19.97 55.81 23.23
CA MET B 128 -19.97 54.40 22.89
C MET B 128 -19.68 53.49 24.08
N THR B 129 -19.28 54.05 25.22
CA THR B 129 -18.90 53.23 26.37
C THR B 129 -19.81 53.44 27.56
N GLN B 130 -20.12 54.68 27.91
CA GLN B 130 -20.87 54.94 29.13
C GLN B 130 -22.36 54.69 28.95
N HIS B 131 -22.88 54.95 27.76
CA HIS B 131 -24.26 54.61 27.44
C HIS B 131 -24.38 53.27 26.74
N TRP B 132 -23.49 53.02 25.79
CA TRP B 132 -23.45 51.81 24.98
C TRP B 132 -22.50 50.79 25.61
N HIS B 133 -22.01 49.86 24.80
CA HIS B 133 -21.32 48.63 25.19
C HIS B 133 -19.96 48.79 25.87
N LEU B 134 -19.32 47.64 26.11
CA LEU B 134 -18.18 47.49 27.01
C LEU B 134 -16.88 47.98 26.37
N LYS B 135 -15.94 48.36 27.23
CA LYS B 135 -14.56 48.67 26.89
C LYS B 135 -13.86 47.44 26.30
N THR B 136 -12.81 47.69 25.53
CA THR B 136 -12.23 46.63 24.71
C THR B 136 -10.78 46.34 25.04
N PRO B 137 -10.37 45.08 24.99
CA PRO B 137 -8.95 44.73 25.01
C PRO B 137 -8.30 44.60 23.64
N ASN B 138 -9.00 44.93 22.56
CA ASN B 138 -8.47 44.83 21.21
C ASN B 138 -9.31 45.71 20.30
N LEU B 139 -8.74 46.07 19.15
CA LEU B 139 -9.45 46.90 18.19
C LEU B 139 -8.86 46.67 16.79
N VAL B 140 -9.63 46.01 15.93
CA VAL B 140 -9.21 45.73 14.56
C VAL B 140 -10.01 46.63 13.64
N ILE B 141 -9.35 47.22 12.65
CA ILE B 141 -9.96 48.22 11.77
C ILE B 141 -9.66 47.84 10.32
N SER B 142 -10.71 47.60 9.54
CA SER B 142 -10.58 47.24 8.14
C SER B 142 -10.87 48.48 7.30
N VAL B 143 -9.82 49.09 6.75
CA VAL B 143 -9.99 50.31 5.95
C VAL B 143 -10.43 49.92 4.55
N THR B 144 -11.71 50.18 4.27
CA THR B 144 -12.39 50.00 2.99
C THR B 144 -13.71 50.75 3.11
N GLY B 145 -14.59 50.55 2.13
CA GLY B 145 -15.90 51.18 2.21
C GLY B 145 -16.35 51.74 0.88
N GLY B 146 -15.39 52.23 0.08
CA GLY B 146 -15.71 52.56 -1.29
C GLY B 146 -15.92 51.34 -2.17
N ALA B 147 -15.50 50.17 -1.69
CA ALA B 147 -15.66 48.93 -2.43
C ALA B 147 -17.11 48.50 -2.36
N LYS B 148 -17.93 49.08 -3.25
CA LYS B 148 -19.24 48.51 -3.50
C LYS B 148 -19.10 47.17 -4.21
N ASN B 149 -18.06 47.03 -5.03
CA ASN B 149 -17.68 45.76 -5.63
C ASN B 149 -16.43 45.27 -4.91
N PHE B 150 -16.43 44.03 -4.45
CA PHE B 150 -15.26 43.48 -3.79
C PHE B 150 -15.13 42.00 -4.09
N ALA B 151 -13.97 41.61 -4.60
CA ALA B 151 -13.70 40.22 -4.95
C ALA B 151 -13.50 39.42 -3.67
N LEU B 152 -14.56 38.75 -3.22
CA LEU B 152 -14.50 37.95 -2.01
C LEU B 152 -13.90 36.58 -2.34
N LYS B 153 -12.59 36.60 -2.56
CA LYS B 153 -11.84 35.39 -2.85
C LYS B 153 -11.80 34.50 -1.61
N PRO B 154 -11.62 33.19 -1.78
CA PRO B 154 -11.56 32.30 -0.61
C PRO B 154 -10.40 32.56 0.33
N ARG B 155 -9.32 33.20 -0.14
CA ARG B 155 -8.27 33.59 0.79
C ARG B 155 -8.68 34.82 1.59
N MET B 156 -9.28 35.80 0.94
CA MET B 156 -9.81 36.97 1.65
C MET B 156 -11.02 36.61 2.50
N ARG B 157 -11.70 35.53 2.17
CA ARG B 157 -12.77 35.00 3.00
C ARG B 157 -12.20 34.24 4.19
N LYS B 158 -11.04 33.61 4.02
CA LYS B 158 -10.40 32.89 5.12
C LYS B 158 -9.86 33.84 6.17
N ILE B 159 -9.28 34.96 5.73
CA ILE B 159 -8.58 35.85 6.65
C ILE B 159 -9.59 36.57 7.54
N PHE B 160 -10.64 37.12 6.97
CA PHE B 160 -11.60 37.88 7.75
C PHE B 160 -12.61 37.02 8.47
N SER B 161 -12.60 35.70 8.28
CA SER B 161 -13.38 34.84 9.14
C SER B 161 -12.57 34.38 10.34
N ARG B 162 -11.27 34.13 10.14
CA ARG B 162 -10.38 33.85 11.26
C ARG B 162 -10.10 35.09 12.08
N LEU B 163 -10.28 36.28 11.49
CA LEU B 163 -10.03 37.51 12.23
C LEU B 163 -11.08 37.75 13.29
N ILE B 164 -12.35 37.53 12.96
CA ILE B 164 -13.41 37.77 13.92
C ILE B 164 -13.44 36.68 14.98
N TYR B 165 -12.99 35.47 14.62
CA TYR B 165 -12.80 34.45 15.65
C TYR B 165 -11.67 34.80 16.59
N ILE B 166 -10.62 35.44 16.07
CA ILE B 166 -9.56 35.96 16.92
C ILE B 166 -10.08 37.12 17.77
N ALA B 167 -10.88 37.99 17.17
CA ALA B 167 -11.44 39.13 17.88
C ALA B 167 -12.45 38.74 18.93
N GLN B 168 -13.07 37.57 18.80
CA GLN B 168 -14.01 37.12 19.82
C GLN B 168 -13.32 36.49 21.02
N SER B 169 -12.08 36.03 20.85
CA SER B 169 -11.34 35.55 22.00
C SER B 169 -10.90 36.69 22.90
N LYS B 170 -10.65 37.86 22.33
CA LYS B 170 -10.22 39.01 23.12
C LYS B 170 -11.33 40.03 23.36
N GLY B 171 -12.38 40.04 22.55
CA GLY B 171 -13.46 40.97 22.75
C GLY B 171 -13.23 42.34 22.16
N ALA B 172 -13.01 42.41 20.85
CA ALA B 172 -12.64 43.65 20.19
C ALA B 172 -13.85 44.43 19.71
N TRP B 173 -13.58 45.65 19.26
CA TRP B 173 -14.45 46.36 18.34
C TRP B 173 -13.89 46.18 16.94
N ILE B 174 -14.76 46.27 15.94
CA ILE B 174 -14.33 46.25 14.55
C ILE B 174 -14.91 47.45 13.85
N PHE B 175 -14.05 48.33 13.37
CA PHE B 175 -14.48 49.51 12.62
C PHE B 175 -14.42 49.18 11.13
N THR B 176 -15.56 49.26 10.46
CA THR B 176 -15.65 48.97 9.04
C THR B 176 -16.24 50.17 8.30
N GLY B 177 -16.52 49.97 7.02
CA GLY B 177 -17.14 51.02 6.23
C GLY B 177 -18.60 51.21 6.59
N GLY B 178 -19.31 50.14 6.88
CA GLY B 178 -20.65 50.24 7.41
C GLY B 178 -21.77 50.03 6.41
N THR B 179 -21.47 49.90 5.13
CA THR B 179 -22.51 49.77 4.13
C THR B 179 -22.67 48.30 3.74
N HIS B 180 -23.68 48.03 2.91
CA HIS B 180 -24.20 46.69 2.70
C HIS B 180 -23.48 45.92 1.60
N TYR B 181 -22.30 46.36 1.18
CA TYR B 181 -21.66 45.78 0.00
C TYR B 181 -20.27 45.27 0.32
N GLY B 182 -19.91 44.15 -0.31
CA GLY B 182 -18.51 43.75 -0.33
C GLY B 182 -18.07 43.13 0.98
N LEU B 183 -16.95 43.64 1.49
CA LEU B 183 -16.36 43.08 2.70
C LEU B 183 -17.15 43.44 3.94
N MET B 184 -17.74 44.65 3.99
CA MET B 184 -18.51 45.05 5.17
C MET B 184 -19.77 44.23 5.32
N LYS B 185 -20.34 43.77 4.22
CA LYS B 185 -21.43 42.81 4.28
C LYS B 185 -20.93 41.48 4.82
N TYR B 186 -19.72 41.08 4.41
CA TYR B 186 -19.19 39.81 4.88
C TYR B 186 -18.71 39.89 6.32
N ILE B 187 -18.20 41.05 6.74
CA ILE B 187 -17.77 41.22 8.12
C ILE B 187 -18.97 41.16 9.06
N GLY B 188 -20.07 41.84 8.69
CA GLY B 188 -21.26 41.80 9.51
C GLY B 188 -21.91 40.43 9.57
N GLU B 189 -21.80 39.65 8.50
CA GLU B 189 -22.37 38.31 8.50
C GLU B 189 -21.60 37.36 9.39
N VAL B 190 -20.29 37.56 9.53
CA VAL B 190 -19.50 36.68 10.38
C VAL B 190 -19.53 37.19 11.82
N VAL B 191 -19.68 38.50 12.02
CA VAL B 191 -19.89 39.02 13.36
C VAL B 191 -21.23 38.54 13.93
N ARG B 192 -22.29 38.58 13.12
CA ARG B 192 -23.62 38.21 13.60
C ARG B 192 -23.71 36.73 13.96
N ASP B 193 -23.11 35.87 13.14
CA ASP B 193 -23.15 34.44 13.43
C ASP B 193 -22.27 34.08 14.61
N ASN B 194 -21.21 34.86 14.88
CA ASN B 194 -20.35 34.57 16.02
C ASN B 194 -20.88 35.16 17.32
N THR B 195 -21.70 36.21 17.26
CA THR B 195 -22.26 36.77 18.48
C THR B 195 -23.39 35.92 19.03
N ILE B 196 -24.16 35.27 18.16
CA ILE B 196 -25.26 34.45 18.61
C ILE B 196 -24.75 33.13 19.17
N SER B 197 -23.95 32.41 18.40
CA SER B 197 -23.38 31.15 18.85
C SER B 197 -22.19 31.39 19.78
N GLU B 202 -16.46 36.86 25.95
CA GLU B 202 -16.19 38.16 25.33
C GLU B 202 -16.97 38.29 24.04
N ASN B 203 -17.08 39.52 23.52
CA ASN B 203 -18.01 39.81 22.46
C ASN B 203 -17.36 40.73 21.43
N VAL B 204 -17.74 40.55 20.17
CA VAL B 204 -17.31 41.42 19.07
C VAL B 204 -18.43 42.41 18.78
N VAL B 205 -18.10 43.69 18.76
CA VAL B 205 -19.02 44.71 18.29
C VAL B 205 -18.48 45.24 16.98
N ALA B 206 -19.33 45.35 15.97
CA ALA B 206 -18.91 45.75 14.63
C ALA B 206 -19.48 47.14 14.34
N ILE B 207 -18.73 48.17 14.72
CA ILE B 207 -19.15 49.53 14.49
C ILE B 207 -18.87 49.90 13.04
N GLY B 208 -19.87 50.41 12.34
CA GLY B 208 -19.70 50.92 10.99
C GLY B 208 -19.61 52.44 11.01
N ILE B 209 -18.75 52.99 10.16
CA ILE B 209 -18.56 54.44 10.07
C ILE B 209 -18.77 54.81 8.60
N ALA B 210 -19.97 55.27 8.27
CA ALA B 210 -20.32 55.71 6.93
C ALA B 210 -20.27 57.22 6.86
N ALA B 211 -20.69 57.78 5.72
CA ALA B 211 -20.44 59.18 5.42
C ALA B 211 -21.69 60.03 5.19
N TRP B 212 -22.89 59.45 5.27
CA TRP B 212 -24.19 60.14 5.36
C TRP B 212 -24.60 60.91 4.11
N GLY B 213 -23.67 61.17 3.20
CA GLY B 213 -24.03 61.71 1.91
C GLY B 213 -24.14 60.63 0.89
N MET B 214 -23.63 59.46 1.22
CA MET B 214 -23.66 58.30 0.36
C MET B 214 -24.73 57.30 0.75
N ILE B 215 -25.44 57.54 1.84
CA ILE B 215 -26.54 56.67 2.24
C ILE B 215 -27.74 56.97 1.34
N SER B 216 -28.52 55.93 1.04
CA SER B 216 -29.54 56.03 0.01
C SER B 216 -30.79 56.78 0.48
N ASN B 217 -31.40 56.31 1.56
CA ASN B 217 -32.79 56.63 1.87
C ASN B 217 -32.90 57.21 3.29
N ARG B 218 -32.16 58.30 3.52
CA ARG B 218 -32.05 58.97 4.82
C ARG B 218 -33.40 59.31 5.46
N GLU B 219 -33.59 58.83 6.69
CA GLU B 219 -34.69 59.26 7.54
C GLU B 219 -34.13 59.93 8.79
N THR B 220 -34.99 60.73 9.43
CA THR B 220 -34.61 61.52 10.58
C THR B 220 -35.66 61.47 11.69
N ASP B 228 -37.42 55.51 16.52
CA ASP B 228 -37.10 54.20 15.97
C ASP B 228 -37.39 54.16 14.47
N GLY B 229 -36.59 54.89 13.69
CA GLY B 229 -36.82 54.99 12.26
C GLY B 229 -36.37 53.75 11.53
N SER B 230 -37.22 53.26 10.63
CA SER B 230 -36.89 52.11 9.80
C SER B 230 -36.17 52.58 8.54
N PHE B 231 -35.35 51.70 7.99
CA PHE B 231 -34.52 52.01 6.84
C PHE B 231 -34.81 51.06 5.69
N LEU B 232 -34.90 51.59 4.48
CA LEU B 232 -35.01 50.78 3.28
C LEU B 232 -34.13 51.34 2.17
N LEU B 240 -35.25 53.84 -6.26
CA LEU B 240 -34.36 53.78 -7.41
C LEU B 240 -33.74 52.40 -7.50
N LYS B 241 -33.40 51.97 -8.72
CA LYS B 241 -32.91 50.63 -8.96
C LYS B 241 -31.44 50.57 -9.35
N ARG B 242 -30.85 51.70 -9.74
CA ARG B 242 -29.43 51.80 -10.09
C ARG B 242 -28.82 53.03 -9.43
N ASP B 243 -29.07 53.18 -8.13
CA ASP B 243 -28.59 54.35 -7.42
C ASP B 243 -27.08 54.24 -7.16
N PRO B 244 -26.35 55.36 -7.25
CA PRO B 244 -24.93 55.34 -6.88
C PRO B 244 -24.69 55.47 -5.37
N LEU B 245 -25.75 55.58 -4.58
CA LEU B 245 -25.62 55.69 -3.14
C LEU B 245 -25.45 54.30 -2.53
N TYR B 246 -25.49 54.21 -1.20
CA TYR B 246 -25.13 53.00 -0.49
C TYR B 246 -26.22 52.58 0.47
N CYS B 247 -26.52 51.28 0.49
CA CYS B 247 -27.42 50.73 1.49
C CYS B 247 -26.66 50.48 2.77
N LEU B 248 -27.32 50.71 3.90
CA LEU B 248 -26.68 50.46 5.19
C LEU B 248 -26.65 48.98 5.48
N ASP B 249 -25.57 48.55 6.13
CA ASP B 249 -25.41 47.13 6.43
C ASP B 249 -26.29 46.76 7.62
N ASN B 250 -26.93 45.59 7.52
CA ASN B 250 -27.92 45.19 8.51
C ASN B 250 -27.26 44.78 9.82
N ASN B 251 -26.08 44.17 9.74
CA ASN B 251 -25.48 43.49 10.87
C ASN B 251 -24.39 44.30 11.55
N HIS B 252 -24.33 45.60 11.30
CA HIS B 252 -23.53 46.50 12.12
C HIS B 252 -24.47 47.12 13.13
N THR B 253 -24.35 46.69 14.38
CA THR B 253 -25.32 47.06 15.40
C THR B 253 -25.18 48.51 15.84
N HIS B 254 -24.05 49.13 15.58
CA HIS B 254 -23.85 50.54 15.91
C HIS B 254 -23.22 51.23 14.72
N LEU B 255 -23.87 52.26 14.21
CA LEU B 255 -23.41 52.95 13.02
C LEU B 255 -23.08 54.40 13.35
N LEU B 256 -22.03 54.91 12.72
CA LEU B 256 -21.64 56.30 12.86
C LEU B 256 -21.73 56.96 11.49
N LEU B 257 -22.49 58.05 11.41
CA LEU B 257 -22.74 58.73 10.15
C LEU B 257 -22.11 60.12 10.22
N VAL B 258 -21.04 60.31 9.46
CA VAL B 258 -20.29 61.56 9.49
C VAL B 258 -20.93 62.56 8.55
N ASP B 259 -21.13 63.78 9.01
CA ASP B 259 -21.81 64.80 8.23
C ASP B 259 -20.80 65.70 7.54
N ASN B 260 -21.19 66.24 6.40
CA ASN B 260 -20.35 67.14 5.60
C ASN B 260 -21.27 68.12 4.89
N GLY B 261 -20.72 68.83 3.91
CA GLY B 261 -21.49 69.79 3.14
C GLY B 261 -21.54 69.48 1.66
N ALA B 270 -14.06 59.60 7.53
CA ALA B 270 -12.65 59.31 7.37
C ALA B 270 -11.80 60.10 8.36
N LYS B 271 -12.23 61.33 8.64
CA LYS B 271 -11.49 62.18 9.56
C LYS B 271 -11.72 61.76 11.00
N VAL B 272 -12.98 61.60 11.40
CA VAL B 272 -13.30 61.28 12.78
C VAL B 272 -13.03 59.82 13.11
N ARG B 273 -12.92 58.97 12.08
CA ARG B 273 -12.53 57.58 12.32
C ARG B 273 -11.07 57.49 12.75
N THR B 274 -10.18 58.16 12.01
CA THR B 274 -8.76 58.11 12.34
C THR B 274 -8.45 58.87 13.62
N GLN B 275 -9.27 59.86 13.96
CA GLN B 275 -9.13 60.51 15.26
C GLN B 275 -9.63 59.61 16.38
N LEU B 276 -10.59 58.74 16.07
CA LEU B 276 -11.02 57.76 17.07
C LEU B 276 -9.99 56.64 17.21
N GLU B 277 -9.18 56.41 16.17
CA GLU B 277 -8.03 55.53 16.32
C GLU B 277 -7.03 56.12 17.30
N LYS B 278 -6.74 57.41 17.18
CA LYS B 278 -5.68 58.01 17.97
C LYS B 278 -6.10 58.21 19.42
N TYR B 279 -7.40 58.33 19.68
CA TYR B 279 -7.82 58.52 21.07
C TYR B 279 -7.85 57.21 21.84
N ILE B 280 -8.28 56.13 21.19
CA ILE B 280 -8.35 54.84 21.88
C ILE B 280 -6.95 54.30 22.14
N SER B 281 -6.01 54.56 21.23
CA SER B 281 -4.63 54.13 21.44
C SER B 281 -3.97 54.91 22.57
N GLU B 282 -4.40 56.14 22.81
CA GLU B 282 -3.92 56.89 23.96
C GLU B 282 -4.76 56.68 25.21
N ARG B 283 -5.86 55.94 25.11
CA ARG B 283 -6.67 55.65 26.28
C ARG B 283 -5.94 54.63 27.15
N VAL B 284 -5.77 54.94 28.42
CA VAL B 284 -4.93 54.17 29.32
C VAL B 284 -5.81 53.17 30.07
N ILE B 285 -5.49 51.89 29.94
CA ILE B 285 -6.10 50.83 30.73
C ILE B 285 -5.03 50.31 31.70
N PRO B 286 -5.29 50.29 33.00
CA PRO B 286 -4.27 49.78 33.93
C PRO B 286 -4.15 48.26 33.92
N GLU B 287 -5.20 47.52 33.58
CA GLU B 287 -5.16 46.06 33.67
C GLU B 287 -4.71 45.40 32.37
N SER B 288 -3.58 45.85 31.82
CA SER B 288 -3.10 45.33 30.55
C SER B 288 -1.62 45.06 30.63
N ASN B 289 -1.16 44.22 29.70
CA ASN B 289 0.25 43.87 29.55
C ASN B 289 0.86 44.46 28.28
N TYR B 290 0.10 45.27 27.55
CA TYR B 290 0.61 46.05 26.43
C TYR B 290 1.18 47.40 26.87
N GLY B 291 1.37 47.59 28.17
CA GLY B 291 1.54 48.92 28.70
C GLY B 291 0.25 49.69 28.78
N GLY B 292 -0.87 48.99 28.78
CA GLY B 292 -2.15 49.65 28.60
C GLY B 292 -2.45 49.79 27.14
N LYS B 293 -2.87 51.00 26.76
CA LYS B 293 -2.84 51.52 25.40
C LYS B 293 -3.85 50.92 24.42
N ILE B 294 -4.56 49.85 24.81
CA ILE B 294 -5.66 49.23 24.06
C ILE B 294 -5.25 48.87 22.63
N PRO B 295 -4.57 47.73 22.41
CA PRO B 295 -3.90 47.44 21.13
C PRO B 295 -4.75 47.53 19.87
N ILE B 296 -4.41 48.48 19.01
CA ILE B 296 -5.17 48.81 17.81
C ILE B 296 -4.40 48.32 16.59
N VAL B 297 -5.08 47.55 15.75
CA VAL B 297 -4.51 47.07 14.49
C VAL B 297 -5.38 47.60 13.35
N CYS B 298 -4.75 48.04 12.28
CA CYS B 298 -5.43 48.50 11.08
C CYS B 298 -5.19 47.48 9.97
N PHE B 299 -6.27 47.00 9.36
CA PHE B 299 -6.17 46.03 8.28
C PHE B 299 -6.42 46.72 6.95
N ALA B 300 -5.39 46.79 6.12
CA ALA B 300 -5.47 47.41 4.80
C ALA B 300 -5.51 46.33 3.75
N GLN B 301 -6.55 46.32 2.93
CA GLN B 301 -6.59 45.36 1.85
C GLN B 301 -6.98 45.96 0.50
N GLY B 302 -7.74 47.03 0.46
CA GLY B 302 -8.28 47.55 -0.78
C GLY B 302 -7.34 48.47 -1.50
N GLY B 303 -7.89 49.54 -2.06
CA GLY B 303 -7.12 50.49 -2.84
C GLY B 303 -7.78 51.85 -2.82
N GLY B 304 -7.25 52.74 -3.64
CA GLY B 304 -7.84 54.05 -3.83
C GLY B 304 -7.18 55.11 -2.98
N LYS B 305 -7.57 56.35 -3.24
CA LYS B 305 -7.05 57.48 -2.47
C LYS B 305 -7.58 57.47 -1.04
N GLU B 306 -8.80 56.96 -0.84
CA GLU B 306 -9.45 57.03 0.45
C GLU B 306 -8.80 56.12 1.48
N THR B 307 -8.08 55.09 1.06
CA THR B 307 -7.32 54.26 1.98
C THR B 307 -5.86 54.64 2.02
N LEU B 308 -5.30 55.10 0.90
CA LEU B 308 -3.92 55.57 0.88
C LEU B 308 -3.74 56.79 1.75
N LYS B 309 -4.74 57.69 1.77
CA LYS B 309 -4.74 58.76 2.76
C LYS B 309 -4.90 58.19 4.17
N SER B 310 -5.72 57.16 4.33
CA SER B 310 -6.00 56.59 5.63
C SER B 310 -4.93 55.64 6.12
N ILE B 311 -3.85 55.45 5.37
CA ILE B 311 -2.68 54.77 5.90
C ILE B 311 -1.64 55.78 6.40
N ASN B 312 -1.53 56.92 5.71
CA ASN B 312 -0.63 58.00 6.14
C ASN B 312 -1.06 58.56 7.48
N VAL B 313 -2.33 58.97 7.58
CA VAL B 313 -2.83 59.58 8.82
C VAL B 313 -2.94 58.52 9.91
N ALA B 314 -3.00 57.23 9.52
CA ALA B 314 -2.77 56.18 10.48
C ALA B 314 -1.34 56.19 10.97
N ILE B 315 -0.38 56.15 10.04
CA ILE B 315 1.04 56.03 10.40
C ILE B 315 1.56 57.34 11.02
N LYS B 316 1.04 58.49 10.59
CA LYS B 316 1.37 59.75 11.25
C LYS B 316 0.90 59.77 12.70
N SER B 317 -0.24 59.15 12.96
CA SER B 317 -0.62 58.89 14.34
C SER B 317 0.26 57.79 14.92
N LYS B 318 0.54 57.88 16.19
CA LYS B 318 1.39 56.87 16.79
C LYS B 318 0.58 55.62 17.09
N ILE B 319 1.24 54.47 16.96
CA ILE B 319 0.68 53.12 17.07
C ILE B 319 -0.56 52.94 16.18
N PRO B 320 -0.43 52.86 14.84
CA PRO B 320 -1.54 52.33 14.07
C PRO B 320 -1.49 50.82 13.85
N CYS B 321 -0.27 50.27 13.76
CA CYS B 321 0.02 48.87 13.42
C CYS B 321 -0.74 48.42 12.17
N VAL B 322 -0.54 49.15 11.07
CA VAL B 322 -1.29 48.86 9.85
C VAL B 322 -0.80 47.55 9.25
N VAL B 323 -1.73 46.67 8.90
CA VAL B 323 -1.43 45.36 8.34
C VAL B 323 -1.96 45.33 6.91
N VAL B 324 -1.09 45.09 5.94
CA VAL B 324 -1.48 45.06 4.55
C VAL B 324 -1.50 43.61 4.08
N GLU B 325 -2.22 43.37 2.98
CA GLU B 325 -2.39 42.04 2.44
C GLU B 325 -1.95 42.01 0.98
N GLY B 326 -1.68 40.80 0.49
CA GLY B 326 -1.20 40.63 -0.87
C GLY B 326 -2.30 40.50 -1.90
N SER B 327 -3.44 41.18 -1.70
CA SER B 327 -4.51 41.15 -2.68
C SER B 327 -5.28 42.45 -2.59
N GLY B 328 -5.22 43.24 -3.66
CA GLY B 328 -5.85 44.55 -3.70
C GLY B 328 -5.12 45.49 -4.64
N ARG B 329 -5.46 46.77 -4.61
CA ARG B 329 -4.77 47.74 -5.47
C ARG B 329 -3.63 48.45 -4.73
N ILE B 330 -3.97 49.20 -3.68
CA ILE B 330 -2.94 49.91 -2.94
C ILE B 330 -2.20 48.96 -2.02
N ALA B 331 -2.92 48.00 -1.42
CA ALA B 331 -2.30 47.04 -0.53
C ALA B 331 -1.34 46.08 -1.25
N ASP B 332 -1.49 45.92 -2.56
CA ASP B 332 -0.47 45.20 -3.32
C ASP B 332 0.73 46.06 -3.66
N VAL B 333 0.56 47.38 -3.68
CA VAL B 333 1.69 48.27 -3.94
C VAL B 333 2.63 48.28 -2.74
N ILE B 334 2.09 48.55 -1.55
CA ILE B 334 2.89 48.61 -0.33
C ILE B 334 3.44 47.24 0.06
N ALA B 335 2.78 46.16 -0.36
CA ALA B 335 3.34 44.83 -0.16
C ALA B 335 4.56 44.60 -1.04
N SER B 336 4.58 45.18 -2.24
CA SER B 336 5.70 44.98 -3.14
C SER B 336 6.89 45.85 -2.77
N LEU B 337 6.66 47.00 -2.14
CA LEU B 337 7.74 47.93 -1.88
C LEU B 337 8.53 47.59 -0.61
N VAL B 338 8.04 46.69 0.22
CA VAL B 338 8.80 46.29 1.39
C VAL B 338 9.67 45.09 1.07
N ALA B 345 13.05 55.13 -4.01
CA ALA B 345 13.17 56.23 -4.95
C ALA B 345 11.80 56.72 -5.40
N SER B 346 11.74 57.93 -5.94
CA SER B 346 10.48 58.47 -6.43
C SER B 346 10.07 57.80 -7.73
N SER B 347 11.04 57.47 -8.58
CA SER B 347 10.72 56.79 -9.83
C SER B 347 10.50 55.30 -9.64
N CYS B 348 11.20 54.69 -8.67
CA CYS B 348 11.06 53.26 -8.42
C CYS B 348 9.68 52.94 -7.83
N VAL B 349 9.07 53.91 -7.14
CA VAL B 349 7.70 53.75 -6.68
C VAL B 349 6.74 53.69 -7.87
N LYS B 350 6.95 54.57 -8.86
CA LYS B 350 6.09 54.57 -10.05
C LYS B 350 6.42 53.43 -11.01
N GLU B 351 7.52 52.69 -10.78
CA GLU B 351 7.66 51.40 -11.46
C GLU B 351 6.62 50.41 -10.96
N SER B 352 6.30 50.47 -9.67
CA SER B 352 5.09 49.85 -9.15
C SER B 352 3.91 50.79 -9.36
N LEU B 353 2.74 50.41 -8.85
CA LEU B 353 1.47 51.16 -8.88
C LEU B 353 0.95 51.50 -10.28
N LEU B 354 1.67 51.09 -11.33
CA LEU B 354 1.15 51.06 -12.69
C LEU B 354 0.97 49.65 -13.18
N ARG B 355 1.69 48.70 -12.58
CA ARG B 355 1.36 47.28 -12.72
C ARG B 355 0.20 46.88 -11.83
N PHE B 356 -0.08 47.66 -10.79
CA PHE B 356 -1.16 47.36 -9.85
C PHE B 356 -2.35 48.30 -9.98
N LEU B 357 -2.12 49.57 -10.31
CA LEU B 357 -3.19 50.52 -10.57
C LEU B 357 -2.99 51.18 -11.92
N PRO B 358 -3.24 50.45 -13.01
CA PRO B 358 -2.99 51.03 -14.34
C PRO B 358 -4.05 51.98 -14.81
N ARG B 359 -5.28 51.87 -14.32
CA ARG B 359 -6.41 52.58 -14.92
C ARG B 359 -6.96 53.69 -14.06
N THR B 360 -6.25 54.13 -13.01
CA THR B 360 -6.65 55.31 -12.27
C THR B 360 -5.66 56.45 -12.39
N ILE B 361 -4.44 56.18 -12.87
CA ILE B 361 -3.45 57.24 -13.04
C ILE B 361 -3.67 57.94 -14.37
N SER B 362 -4.16 57.21 -15.38
CA SER B 362 -4.58 57.83 -16.63
C SER B 362 -5.78 58.76 -16.43
N ARG B 363 -6.57 58.53 -15.38
CA ARG B 363 -7.60 59.46 -14.96
C ARG B 363 -7.09 60.49 -13.96
N LEU B 364 -5.84 60.35 -13.51
CA LEU B 364 -5.24 61.28 -12.56
C LEU B 364 -4.39 62.31 -13.27
N SER B 365 -4.28 63.49 -12.65
CA SER B 365 -3.40 64.52 -13.14
C SER B 365 -1.95 64.21 -12.82
N GLU B 366 -1.04 64.93 -13.49
CA GLU B 366 0.38 64.77 -13.20
C GLU B 366 0.76 65.39 -11.86
N GLU B 367 0.01 66.39 -11.42
CA GLU B 367 0.29 67.02 -10.15
C GLU B 367 -0.19 66.20 -8.96
N GLU B 368 -1.04 65.21 -9.20
CA GLU B 368 -1.55 64.39 -8.10
C GLU B 368 -0.80 63.08 -7.98
N THR B 369 -0.26 62.55 -9.06
CA THR B 369 0.48 61.29 -8.98
C THR B 369 1.81 61.46 -8.27
N GLU B 370 2.35 62.67 -8.20
CA GLU B 370 3.50 62.89 -7.33
C GLU B 370 3.05 62.98 -5.87
N SER B 371 1.84 63.49 -5.64
CA SER B 371 1.29 63.51 -4.29
C SER B 371 0.94 62.10 -3.82
N TRP B 372 0.46 61.26 -4.75
CA TRP B 372 0.29 59.84 -4.45
C TRP B 372 1.63 59.18 -4.20
N ILE B 373 2.67 59.59 -4.91
CA ILE B 373 4.01 59.11 -4.63
C ILE B 373 4.51 59.67 -3.30
N LYS B 374 4.12 60.91 -2.98
CA LYS B 374 4.52 61.54 -1.72
C LYS B 374 3.91 60.84 -0.51
N TRP B 375 2.71 60.28 -0.65
CA TRP B 375 2.12 59.55 0.46
C TRP B 375 2.86 58.24 0.71
N ILE B 376 3.13 57.48 -0.35
CA ILE B 376 3.82 56.19 -0.23
C ILE B 376 5.28 56.39 0.12
N LYS B 377 5.83 57.59 -0.09
CA LYS B 377 7.11 57.94 0.50
C LYS B 377 7.04 57.93 2.02
N GLU B 378 6.00 58.57 2.58
CA GLU B 378 5.86 58.62 4.03
C GLU B 378 5.37 57.29 4.61
N VAL B 379 4.62 56.51 3.83
CA VAL B 379 4.16 55.22 4.30
C VAL B 379 5.32 54.25 4.41
N LEU B 380 6.21 54.24 3.41
CA LEU B 380 7.39 53.39 3.44
C LEU B 380 8.51 53.94 4.29
N GLU B 381 8.31 55.07 4.97
CA GLU B 381 9.37 55.63 5.82
C GLU B 381 9.54 54.81 7.09
N SER B 382 8.44 54.38 7.71
CA SER B 382 8.47 53.63 8.96
C SER B 382 7.89 52.25 8.72
N PRO B 383 8.71 51.27 8.33
CA PRO B 383 8.18 49.92 8.10
C PRO B 383 8.00 49.09 9.37
N HIS B 384 8.24 49.66 10.54
CA HIS B 384 7.93 48.96 11.78
C HIS B 384 6.47 49.14 12.20
N LEU B 385 5.67 49.81 11.38
CA LEU B 385 4.22 49.85 11.57
C LEU B 385 3.48 49.19 10.42
N LEU B 386 4.21 48.56 9.50
CA LEU B 386 3.62 47.91 8.35
C LEU B 386 3.94 46.43 8.41
N THR B 387 2.91 45.60 8.30
CA THR B 387 3.06 44.16 8.28
C THR B 387 2.29 43.61 7.08
N VAL B 388 2.86 42.61 6.43
CA VAL B 388 2.31 42.07 5.19
C VAL B 388 1.85 40.64 5.45
N ILE B 389 0.67 40.29 4.92
CA ILE B 389 0.20 38.93 4.88
C ILE B 389 0.40 38.45 3.44
N LYS B 390 1.48 37.74 3.19
CA LYS B 390 1.84 37.37 1.83
C LYS B 390 0.98 36.23 1.31
N ILE B 391 0.97 36.09 -0.02
CA ILE B 391 0.20 35.03 -0.66
C ILE B 391 0.83 33.67 -0.39
N GLU B 392 2.16 33.62 -0.36
CA GLU B 392 2.89 32.36 -0.15
C GLU B 392 2.63 31.79 1.24
N GLU B 393 2.40 32.63 2.24
CA GLU B 393 2.02 32.16 3.56
C GLU B 393 0.50 31.97 3.59
N ALA B 394 0.05 30.95 2.89
CA ALA B 394 -1.34 30.49 2.97
C ALA B 394 -1.46 29.35 3.96
N GLY B 395 -0.92 29.51 5.15
CA GLY B 395 -0.96 28.50 6.18
C GLY B 395 -2.14 28.68 7.11
N ASP B 396 -1.99 28.14 8.32
CA ASP B 396 -2.93 28.39 9.39
C ASP B 396 -2.33 29.48 10.27
N GLU B 397 -3.19 30.07 11.12
CA GLU B 397 -2.87 31.17 12.07
C GLU B 397 -2.10 32.32 11.41
N ILE B 398 -2.39 32.58 10.13
CA ILE B 398 -1.72 33.66 9.42
C ILE B 398 -2.21 35.02 9.83
N VAL B 399 -3.36 35.09 10.51
CA VAL B 399 -3.84 36.37 11.02
C VAL B 399 -3.20 36.70 12.36
N SER B 400 -3.15 35.71 13.26
CA SER B 400 -2.52 35.94 14.55
C SER B 400 -1.01 36.05 14.45
N ASN B 401 -0.41 35.49 13.41
CA ASN B 401 0.99 35.74 13.15
C ASN B 401 1.23 37.08 12.49
N ALA B 402 0.17 37.76 12.07
CA ALA B 402 0.27 39.10 11.51
C ALA B 402 -0.21 40.17 12.46
N ILE B 403 -1.22 39.87 13.28
CA ILE B 403 -1.67 40.81 14.30
C ILE B 403 -0.62 40.97 15.37
N SER B 404 -0.15 39.86 15.92
CA SER B 404 0.80 39.91 17.03
C SER B 404 2.17 40.40 16.59
N PHE B 405 2.56 40.11 15.36
CA PHE B 405 3.79 40.67 14.84
C PHE B 405 3.69 42.17 14.68
N ALA B 406 2.52 42.66 14.25
CA ALA B 406 2.32 44.11 14.17
C ALA B 406 2.20 44.74 15.54
N LEU B 407 1.61 44.04 16.50
CA LEU B 407 1.53 44.56 17.85
C LEU B 407 2.86 44.50 18.58
N TYR B 408 3.75 43.59 18.18
CA TYR B 408 5.07 43.55 18.80
C TYR B 408 6.00 44.59 18.19
N LYS B 409 5.87 44.84 16.88
CA LYS B 409 6.73 45.81 16.22
C LYS B 409 6.43 47.23 16.65
N ALA B 410 5.21 47.49 17.08
CA ALA B 410 4.87 48.80 17.65
C ALA B 410 4.95 48.80 19.17
N PHE B 411 5.46 47.74 19.76
CA PHE B 411 5.71 47.70 21.20
C PHE B 411 7.19 47.74 21.54
N SER B 412 8.04 47.18 20.69
CA SER B 412 9.48 47.19 20.90
C SER B 412 10.13 48.49 20.45
N THR B 413 9.37 49.39 19.82
CA THR B 413 9.94 50.63 19.27
C THR B 413 9.40 51.87 19.96
N ASN B 414 8.87 51.74 21.18
CA ASN B 414 8.38 52.90 21.91
C ASN B 414 9.49 53.66 22.61
N GLU B 415 10.69 53.06 22.71
CA GLU B 415 11.92 53.60 23.31
C GLU B 415 11.81 53.86 24.81
N HIS B 416 10.72 53.44 25.43
CA HIS B 416 10.64 53.30 26.88
C HIS B 416 10.18 51.92 27.31
N ASP B 417 9.63 51.13 26.39
CA ASP B 417 9.26 49.75 26.65
C ASP B 417 10.22 48.76 26.03
N ARG B 418 11.25 49.24 25.31
CA ARG B 418 12.30 48.36 24.82
C ARG B 418 13.16 47.83 25.97
N ASP B 419 13.24 48.58 27.07
CA ASP B 419 13.85 48.06 28.29
C ASP B 419 12.92 47.07 28.99
N ASN B 420 11.61 47.16 28.74
CA ASN B 420 10.62 46.30 29.38
C ASN B 420 10.47 45.04 28.54
N TRP B 421 11.30 44.04 28.83
CA TRP B 421 11.16 42.75 28.20
C TRP B 421 10.03 41.92 28.81
N ASN B 422 9.60 42.26 30.04
CA ASN B 422 8.51 41.55 30.68
C ASN B 422 7.19 41.77 29.96
N GLY B 423 6.91 43.01 29.56
CA GLY B 423 5.69 43.29 28.85
C GLY B 423 5.66 42.69 27.46
N GLN B 424 6.83 42.63 26.80
CA GLN B 424 6.89 42.01 25.49
C GLN B 424 6.79 40.50 25.56
N LEU B 425 7.06 39.91 26.72
CA LEU B 425 6.88 38.48 26.86
C LEU B 425 5.42 38.12 27.15
N LYS B 426 4.76 38.89 28.02
CA LYS B 426 3.36 38.65 28.30
C LYS B 426 2.49 38.96 27.09
N LEU B 427 2.91 39.91 26.26
CA LEU B 427 2.21 40.17 25.01
C LEU B 427 2.35 39.00 24.06
N LEU B 428 3.56 38.46 23.94
CA LEU B 428 3.81 37.34 23.04
C LEU B 428 3.32 36.01 23.59
N LEU B 429 2.77 35.99 24.80
CA LEU B 429 2.24 34.78 25.41
C LEU B 429 0.74 34.60 25.19
N GLU B 430 -0.01 35.71 25.08
CA GLU B 430 -1.42 35.62 24.74
C GLU B 430 -1.61 35.04 23.34
N TRP B 431 -1.00 35.67 22.36
CA TRP B 431 -0.87 35.07 21.04
C TRP B 431 0.13 33.94 21.11
N ASN B 432 0.04 33.01 20.16
CA ASN B 432 0.86 31.81 20.18
C ASN B 432 2.17 31.98 19.43
N GLN B 433 2.66 33.21 19.30
CA GLN B 433 3.86 33.45 18.50
C GLN B 433 5.07 33.02 19.30
N LEU B 434 5.51 31.78 19.06
CA LEU B 434 6.66 31.19 19.75
C LEU B 434 7.97 31.59 19.10
N ASP B 435 8.04 31.53 17.77
CA ASP B 435 9.27 31.86 17.05
C ASP B 435 9.65 33.33 17.16
N LEU B 436 8.68 34.19 17.46
CA LEU B 436 9.02 35.58 17.75
C LEU B 436 9.49 35.76 19.18
N ALA B 437 8.95 34.97 20.12
CA ALA B 437 9.35 35.10 21.50
C ALA B 437 10.74 34.52 21.73
N SER B 438 11.11 33.51 20.95
CA SER B 438 12.47 32.98 21.07
C SER B 438 13.47 33.94 20.46
N ASP B 439 13.24 34.36 19.22
CA ASP B 439 14.25 35.10 18.47
C ASP B 439 14.41 36.53 18.96
N GLU B 440 13.34 37.17 19.42
CA GLU B 440 13.44 38.59 19.74
C GLU B 440 13.63 38.88 21.22
N ILE B 441 13.32 37.93 22.10
CA ILE B 441 13.40 38.15 23.53
C ILE B 441 14.53 37.34 24.16
N PHE B 442 14.66 36.07 23.79
CA PHE B 442 15.65 35.21 24.40
C PHE B 442 16.98 35.16 23.67
N THR B 443 17.04 35.48 22.38
CA THR B 443 18.33 35.44 21.69
C THR B 443 19.05 36.78 21.70
N ASN B 444 19.30 37.30 22.90
CA ASN B 444 20.40 38.26 23.08
C ASN B 444 21.21 38.02 24.34
N ASP B 445 20.71 37.20 25.27
CA ASP B 445 21.16 37.15 26.67
C ASP B 445 21.22 38.54 27.26
N ARG B 446 20.17 39.33 27.04
CA ARG B 446 20.25 40.76 27.33
C ARG B 446 19.98 41.04 28.81
N ASN B 447 18.74 40.81 29.25
CA ASN B 447 18.32 41.18 30.60
C ASN B 447 17.22 40.21 31.03
N TRP B 448 17.62 39.11 31.68
CA TRP B 448 16.73 38.37 32.56
C TRP B 448 17.57 37.56 33.52
N GLU B 449 16.89 37.01 34.53
CA GLU B 449 17.56 36.29 35.60
C GLU B 449 17.06 34.87 35.75
N SER B 450 16.04 34.47 34.96
CA SER B 450 15.29 33.22 35.11
C SER B 450 14.70 33.05 36.51
N ALA B 451 14.40 34.16 37.18
CA ALA B 451 13.72 34.18 38.46
C ALA B 451 12.41 34.93 38.42
N ASP B 452 12.28 35.91 37.53
CA ASP B 452 10.98 36.47 37.17
C ASP B 452 10.44 35.85 35.89
N LEU B 453 10.95 34.69 35.51
CA LEU B 453 10.34 33.87 34.47
C LEU B 453 9.29 32.93 35.04
N GLN B 454 8.97 33.07 36.33
CA GLN B 454 8.04 32.18 37.00
C GLN B 454 6.59 32.64 36.88
N ASP B 455 6.33 33.95 36.94
CA ASP B 455 4.97 34.42 36.81
C ASP B 455 4.46 34.25 35.38
N VAL B 456 5.36 34.31 34.40
CA VAL B 456 4.97 34.02 33.03
C VAL B 456 4.90 32.53 32.78
N MET B 457 5.51 31.71 33.65
CA MET B 457 5.40 30.27 33.50
C MET B 457 4.05 29.77 34.00
N PHE B 458 3.58 30.31 35.12
CA PHE B 458 2.32 29.89 35.71
C PHE B 458 1.15 30.22 34.80
N THR B 459 1.21 31.36 34.12
CA THR B 459 0.20 31.69 33.14
C THR B 459 0.42 30.99 31.80
N ALA B 460 1.58 30.37 31.59
CA ALA B 460 1.77 29.55 30.41
C ALA B 460 1.20 28.14 30.59
N LEU B 461 1.03 27.71 31.84
CA LEU B 461 0.43 26.40 32.09
C LEU B 461 -1.09 26.49 32.03
N VAL B 462 -1.67 27.43 32.77
CA VAL B 462 -3.11 27.48 32.95
C VAL B 462 -3.85 28.00 31.72
N LYS B 463 -3.16 28.67 30.80
CA LYS B 463 -3.77 29.15 29.58
C LYS B 463 -3.41 28.28 28.38
N ASP B 464 -2.87 27.09 28.64
CA ASP B 464 -2.53 26.07 27.63
C ASP B 464 -1.57 26.62 26.59
N ARG B 465 -0.38 26.94 27.05
CA ARG B 465 0.70 27.31 26.15
C ARG B 465 1.74 26.21 26.18
N PRO B 466 1.57 25.14 25.40
CA PRO B 466 2.50 24.02 25.50
C PRO B 466 3.85 24.31 24.89
N LYS B 467 3.91 25.11 23.84
CA LYS B 467 5.19 25.45 23.25
C LYS B 467 5.92 26.53 24.02
N PHE B 468 5.23 27.24 24.91
CA PHE B 468 5.90 28.23 25.74
C PHE B 468 6.36 27.65 27.06
N VAL B 469 5.75 26.57 27.52
CA VAL B 469 6.32 25.80 28.62
C VAL B 469 7.64 25.20 28.20
N ARG B 470 7.70 24.68 26.97
CA ARG B 470 8.95 24.15 26.43
C ARG B 470 9.98 25.25 26.21
N LEU B 471 9.53 26.46 25.89
CA LEU B 471 10.47 27.55 25.67
C LEU B 471 11.05 28.08 26.98
N PHE B 472 10.29 28.00 28.07
CA PHE B 472 10.81 28.47 29.34
C PHE B 472 11.75 27.45 29.96
N LEU B 473 11.58 26.17 29.62
CA LEU B 473 12.48 25.15 30.14
C LEU B 473 13.76 25.07 29.33
N GLU B 474 13.70 25.39 28.03
CA GLU B 474 14.92 25.45 27.23
C GLU B 474 15.82 26.60 27.68
N ASN B 475 15.23 27.70 28.12
CA ASN B 475 15.99 28.89 28.48
C ASN B 475 16.27 28.96 29.97
N GLY B 476 16.10 27.85 30.68
CA GLY B 476 16.53 27.77 32.06
C GLY B 476 15.41 28.03 33.03
N LEU B 477 14.86 26.97 33.60
CA LEU B 477 13.82 27.09 34.62
C LEU B 477 13.78 25.79 35.40
N ASN B 478 14.16 25.85 36.67
CA ASN B 478 14.15 24.66 37.50
C ASN B 478 12.72 24.29 37.85
N LEU B 479 12.20 23.25 37.19
CA LEU B 479 10.83 22.85 37.42
C LEU B 479 10.64 22.22 38.78
N ARG B 480 11.68 21.60 39.34
CA ARG B 480 11.59 21.09 40.69
C ARG B 480 11.68 22.19 41.73
N LYS B 481 12.17 23.36 41.36
CA LYS B 481 12.15 24.52 42.23
C LYS B 481 10.93 25.40 42.01
N PHE B 482 10.44 25.46 40.77
CA PHE B 482 9.25 26.26 40.49
C PHE B 482 8.01 25.62 41.10
N LEU B 483 7.96 24.29 41.11
CA LEU B 483 6.81 23.57 41.65
C LEU B 483 6.96 23.49 43.17
N THR B 484 6.62 24.58 43.84
CA THR B 484 6.59 24.57 45.28
C THR B 484 5.25 23.98 45.75
N THR B 485 5.11 23.86 47.07
CA THR B 485 3.84 23.40 47.62
C THR B 485 2.72 24.41 47.44
N GLU B 486 3.07 25.68 47.27
CA GLU B 486 2.03 26.69 47.04
C GLU B 486 1.58 26.71 45.59
N VAL B 487 2.52 26.53 44.64
CA VAL B 487 2.19 26.60 43.22
C VAL B 487 1.31 25.42 42.82
N LEU B 488 1.54 24.26 43.42
CA LEU B 488 0.65 23.12 43.18
C LEU B 488 -0.69 23.31 43.86
N ARG B 489 -0.72 24.05 44.97
CA ARG B 489 -2.00 24.36 45.61
C ARG B 489 -2.83 25.32 44.76
N GLU B 490 -2.17 26.29 44.14
CA GLU B 490 -2.88 27.17 43.21
C GLU B 490 -3.18 26.49 41.89
N LEU B 491 -2.60 25.32 41.63
CA LEU B 491 -2.86 24.57 40.42
C LEU B 491 -3.91 23.48 40.62
N TYR B 492 -4.10 23.02 41.85
CA TYR B 492 -5.08 21.98 42.14
C TYR B 492 -6.40 22.52 42.67
N THR B 493 -6.44 23.74 43.17
CA THR B 493 -7.68 24.31 43.68
C THR B 493 -8.40 25.17 42.66
N ASN B 494 -7.66 25.98 41.89
CA ASN B 494 -8.26 26.97 41.01
C ASN B 494 -8.35 26.49 39.57
N ASN B 495 -7.22 26.16 38.97
CA ASN B 495 -7.17 25.83 37.56
C ASN B 495 -7.42 24.35 37.28
N PHE B 496 -7.35 23.50 38.29
CA PHE B 496 -7.82 22.13 38.16
C PHE B 496 -9.33 22.15 38.06
N SER B 497 -9.85 21.85 36.87
CA SER B 497 -11.28 22.00 36.60
C SER B 497 -12.09 20.98 37.39
N SER B 498 -13.16 21.45 38.03
CA SER B 498 -13.97 20.58 38.89
C SER B 498 -14.84 19.63 38.09
N LEU B 499 -15.01 19.85 36.78
CA LEU B 499 -15.65 18.85 35.93
C LEU B 499 -14.80 17.59 35.88
N VAL B 500 -13.48 17.74 35.91
CA VAL B 500 -12.59 16.59 36.04
C VAL B 500 -12.67 16.04 37.46
N PHE B 501 -12.72 16.92 38.46
CA PHE B 501 -12.72 16.47 39.85
C PHE B 501 -14.02 15.77 40.23
N LYS B 502 -15.14 16.16 39.63
CA LYS B 502 -16.36 15.39 39.83
C LYS B 502 -16.33 14.10 39.02
N ASN B 503 -15.56 14.07 37.93
CA ASN B 503 -15.38 12.82 37.19
C ASN B 503 -14.47 11.87 37.93
N LEU B 504 -13.61 12.40 38.82
CA LEU B 504 -12.87 11.53 39.73
C LEU B 504 -13.70 11.20 40.96
N GLN B 505 -14.71 12.02 41.25
CA GLN B 505 -15.67 11.66 42.28
C GLN B 505 -16.56 10.50 41.84
N ILE B 506 -16.76 10.34 40.53
CA ILE B 506 -17.48 9.20 40.00
C ILE B 506 -16.69 7.92 40.22
N ALA B 507 -15.37 8.00 40.02
CA ALA B 507 -14.48 6.84 40.15
C ALA B 507 -14.29 6.37 41.58
N LYS B 508 -14.78 7.11 42.58
CA LYS B 508 -14.63 6.70 43.97
C LYS B 508 -15.62 5.63 44.38
N ASN B 509 -16.59 5.30 43.53
CA ASN B 509 -17.51 4.20 43.76
C ASN B 509 -17.61 3.27 42.55
N SER B 510 -17.43 3.79 41.34
CA SER B 510 -17.65 3.04 40.11
C SER B 510 -16.56 2.00 39.87
N TYR B 511 -15.30 2.43 39.80
CA TYR B 511 -14.17 1.54 39.52
C TYR B 511 -13.07 1.88 40.53
N ASN B 512 -13.04 1.14 41.64
CA ASN B 512 -12.08 1.40 42.70
C ASN B 512 -10.77 0.70 42.37
N ASP B 513 -9.74 1.48 42.06
CA ASP B 513 -8.41 0.97 41.75
C ASP B 513 -7.44 1.29 42.88
N ALA B 514 -6.17 0.96 42.66
CA ALA B 514 -5.12 1.14 43.65
C ALA B 514 -4.29 2.39 43.41
N LEU B 515 -4.11 2.79 42.16
CA LEU B 515 -3.39 4.03 41.87
C LEU B 515 -4.29 5.24 41.95
N LEU B 516 -5.59 5.06 41.66
CA LEU B 516 -6.55 6.14 41.78
C LEU B 516 -6.70 6.58 43.22
N THR B 517 -6.62 5.64 44.16
CA THR B 517 -6.68 6.03 45.56
C THR B 517 -5.35 6.58 46.04
N PHE B 518 -4.28 6.41 45.27
CA PHE B 518 -3.03 7.09 45.59
C PHE B 518 -3.10 8.56 45.21
N VAL B 519 -3.76 8.88 44.10
CA VAL B 519 -3.80 10.27 43.68
C VAL B 519 -4.90 11.05 44.36
N TRP B 520 -5.91 10.36 44.92
CA TRP B 520 -7.01 11.06 45.58
C TRP B 520 -6.56 11.70 46.87
N LYS B 521 -5.59 11.10 47.57
CA LYS B 521 -5.06 11.76 48.76
C LYS B 521 -4.19 12.94 48.35
N MET B 522 -3.56 12.87 47.18
CA MET B 522 -2.64 13.92 46.76
C MET B 522 -3.38 15.11 46.18
N VAL B 523 -4.43 14.88 45.39
CA VAL B 523 -5.18 16.00 44.85
C VAL B 523 -6.00 16.67 45.94
N GLU B 524 -6.46 15.90 46.93
CA GLU B 524 -7.21 16.49 48.03
C GLU B 524 -6.30 16.99 49.14
N ASP B 525 -5.00 16.71 49.07
CA ASP B 525 -4.05 17.34 49.98
C ASP B 525 -4.00 18.85 49.77
N PHE B 526 -3.80 19.26 48.53
CA PHE B 526 -3.75 20.68 48.22
C PHE B 526 -5.15 21.28 48.18
N ARG B 527 -6.18 20.48 47.92
CA ARG B 527 -7.55 20.97 47.96
C ARG B 527 -8.04 21.19 49.38
N ARG B 528 -7.38 20.60 50.38
CA ARG B 528 -7.70 20.83 51.79
C ARG B 528 -6.95 22.02 52.37
N GLY B 529 -6.24 22.78 51.56
CA GLY B 529 -5.49 23.92 52.04
C GLY B 529 -6.37 25.11 52.39
N ARG B 553 8.37 15.06 47.53
CA ARG B 553 7.25 14.16 47.30
C ARG B 553 7.13 13.83 45.82
N HIS B 554 8.25 14.00 45.10
CA HIS B 554 8.35 13.95 43.65
C HIS B 554 7.33 14.87 43.01
N PRO B 555 7.50 16.20 43.10
CA PRO B 555 6.44 17.11 42.66
C PRO B 555 6.39 17.31 41.16
N LEU B 556 7.44 16.95 40.42
CA LEU B 556 7.39 17.11 38.98
C LEU B 556 6.44 16.10 38.34
N GLN B 557 6.33 14.91 38.92
CA GLN B 557 5.31 13.98 38.49
C GLN B 557 3.92 14.37 38.95
N ALA B 558 3.80 15.24 39.96
CA ALA B 558 2.50 15.75 40.32
C ALA B 558 1.96 16.73 39.30
N LEU B 559 2.85 17.51 38.67
CA LEU B 559 2.44 18.36 37.56
C LEU B 559 2.05 17.53 36.35
N PHE B 560 2.71 16.39 36.15
CA PHE B 560 2.36 15.52 35.03
C PHE B 560 0.99 14.89 35.22
N ILE B 561 0.61 14.61 36.47
CA ILE B 561 -0.74 14.13 36.76
C ILE B 561 -1.77 15.23 36.46
N TRP B 562 -1.43 16.47 36.81
CA TRP B 562 -2.33 17.61 36.61
C TRP B 562 -2.64 17.82 35.13
N SER B 563 -1.64 17.64 34.27
CA SER B 563 -1.81 17.92 32.86
C SER B 563 -2.41 16.78 32.08
N VAL B 564 -2.29 15.55 32.58
CA VAL B 564 -2.83 14.41 31.83
C VAL B 564 -4.29 14.16 32.19
N LEU B 565 -4.74 14.60 33.38
CA LEU B 565 -6.14 14.43 33.76
C LEU B 565 -7.04 15.34 32.94
N GLN B 566 -6.59 16.55 32.65
CA GLN B 566 -7.37 17.51 31.90
C GLN B 566 -7.17 17.39 30.40
N ASN B 567 -6.65 16.25 29.94
CA ASN B 567 -6.54 15.88 28.52
C ASN B 567 -5.66 16.85 27.73
N LYS B 568 -4.76 17.56 28.41
CA LYS B 568 -3.87 18.50 27.74
C LYS B 568 -2.79 17.68 27.06
N LYS B 569 -3.01 17.41 25.77
CA LYS B 569 -2.20 16.44 25.06
C LYS B 569 -0.80 16.99 24.78
N GLU B 570 -0.71 18.20 24.24
CA GLU B 570 0.59 18.75 23.88
C GLU B 570 1.37 19.24 25.08
N LEU B 571 0.68 19.64 26.15
CA LEU B 571 1.40 20.10 27.34
C LEU B 571 1.98 18.92 28.10
N SER B 572 1.24 17.81 28.19
CA SER B 572 1.72 16.65 28.93
C SER B 572 2.92 16.01 28.27
N LYS B 573 3.05 16.14 26.96
CA LYS B 573 4.25 15.63 26.29
C LYS B 573 5.47 16.47 26.63
N VAL B 574 5.28 17.73 27.02
CA VAL B 574 6.40 18.55 27.42
C VAL B 574 6.85 18.20 28.83
N ILE B 575 5.89 18.04 29.75
CA ILE B 575 6.21 17.75 31.13
C ILE B 575 6.70 16.31 31.29
N TRP B 576 6.35 15.42 30.36
CA TRP B 576 6.83 14.05 30.42
C TRP B 576 8.33 13.98 30.22
N GLU B 577 8.90 14.88 29.40
CA GLU B 577 10.32 14.86 29.12
C GLU B 577 11.19 15.38 30.27
N GLN B 578 10.60 15.82 31.37
CA GLN B 578 11.37 16.33 32.49
C GLN B 578 11.37 15.40 33.68
N THR B 579 10.72 14.24 33.59
CA THR B 579 10.66 13.31 34.69
C THR B 579 11.97 12.55 34.83
N ARG B 580 12.16 11.90 35.99
CA ARG B 580 13.35 11.08 36.17
C ARG B 580 13.10 9.63 35.78
N GLY B 581 11.88 9.12 36.00
CA GLY B 581 11.48 7.92 35.29
C GLY B 581 10.50 8.29 34.21
N CYS B 582 10.97 8.42 32.97
CA CYS B 582 10.07 8.57 31.84
C CYS B 582 9.71 7.24 31.21
N THR B 583 10.50 6.22 31.47
CA THR B 583 10.14 4.86 31.10
C THR B 583 8.93 4.38 31.90
N LEU B 584 8.77 4.87 33.12
CA LEU B 584 7.70 4.50 34.04
C LEU B 584 6.44 5.33 33.83
N ALA B 585 6.59 6.66 33.79
CA ALA B 585 5.44 7.55 33.82
C ALA B 585 4.64 7.54 32.52
N ALA B 586 5.21 6.99 31.44
CA ALA B 586 4.44 6.86 30.21
C ALA B 586 3.39 5.76 30.33
N LEU B 587 3.52 4.87 31.31
CA LEU B 587 2.53 3.84 31.55
C LEU B 587 1.51 4.27 32.59
N GLY B 588 1.96 4.97 33.63
CA GLY B 588 1.04 5.49 34.63
C GLY B 588 0.12 6.55 34.10
N ALA B 589 0.56 7.30 33.09
CA ALA B 589 -0.35 8.19 32.39
C ALA B 589 -1.33 7.39 31.54
N SER B 590 -0.91 6.28 30.98
CA SER B 590 -1.83 5.43 30.25
C SER B 590 -2.79 4.70 31.17
N LYS B 591 -2.46 4.57 32.46
CA LYS B 591 -3.39 3.97 33.40
C LYS B 591 -4.44 4.96 33.84
N LEU B 592 -4.03 6.20 34.13
CA LEU B 592 -4.98 7.23 34.52
C LEU B 592 -5.90 7.60 33.38
N LEU B 593 -5.39 7.61 32.15
CA LEU B 593 -6.22 7.98 31.02
C LEU B 593 -7.21 6.89 30.65
N LYS B 594 -6.83 5.62 30.84
CA LYS B 594 -7.75 4.54 30.54
C LYS B 594 -8.84 4.40 31.58
N SER B 595 -8.62 4.93 32.79
CA SER B 595 -9.71 5.05 33.74
C SER B 595 -10.73 6.08 33.28
N MET B 596 -10.25 7.24 32.83
CA MET B 596 -11.15 8.33 32.45
C MET B 596 -11.84 8.06 31.12
N ALA B 597 -11.18 7.36 30.20
CA ALA B 597 -11.85 6.99 28.95
C ALA B 597 -12.85 5.87 29.16
N LYS B 598 -12.76 5.14 30.27
CA LYS B 598 -13.74 4.12 30.59
C LYS B 598 -14.96 4.71 31.27
N VAL B 599 -14.77 5.74 32.09
CA VAL B 599 -15.91 6.46 32.66
C VAL B 599 -16.46 7.35 31.55
N LYS B 600 -17.48 6.86 30.86
CA LYS B 600 -17.96 7.47 29.62
C LYS B 600 -19.20 8.32 29.92
N ASN B 601 -19.00 9.63 29.98
CA ASN B 601 -20.10 10.58 29.90
C ASN B 601 -20.05 11.43 28.64
N ASP B 602 -18.89 11.50 27.98
CA ASP B 602 -18.70 12.22 26.73
C ASP B 602 -18.28 11.22 25.66
N ILE B 603 -18.14 11.71 24.42
CA ILE B 603 -17.81 10.87 23.28
C ILE B 603 -16.52 11.30 22.60
N ASN B 604 -16.43 12.58 22.23
CA ASN B 604 -15.18 13.08 21.66
C ASN B 604 -14.10 13.23 22.73
N ALA B 605 -14.50 13.57 23.96
CA ALA B 605 -13.53 13.58 25.05
C ALA B 605 -13.12 12.18 25.45
N ALA B 606 -14.02 11.20 25.30
CA ALA B 606 -13.65 9.82 25.55
C ALA B 606 -12.79 9.28 24.43
N GLY B 607 -13.12 9.62 23.18
CA GLY B 607 -12.37 9.12 22.03
C GLY B 607 -11.02 9.76 21.85
N GLU B 608 -10.76 10.87 22.53
CA GLU B 608 -9.45 11.50 22.53
C GLU B 608 -8.61 11.11 23.75
N SER B 609 -9.25 10.89 24.90
CA SER B 609 -8.52 10.43 26.07
C SER B 609 -8.03 8.99 25.88
N GLU B 610 -8.74 8.18 25.12
CA GLU B 610 -8.22 6.87 24.78
C GLU B 610 -7.10 6.97 23.75
N GLU B 611 -7.12 8.02 22.94
CA GLU B 611 -6.07 8.19 21.94
C GLU B 611 -4.75 8.55 22.61
N LEU B 612 -4.78 9.50 23.54
CA LEU B 612 -3.57 9.89 24.26
C LEU B 612 -3.07 8.76 25.16
N ALA B 613 -3.96 7.89 25.64
CA ALA B 613 -3.52 6.69 26.33
C ALA B 613 -2.81 5.73 25.38
N ASN B 614 -3.15 5.76 24.10
CA ASN B 614 -2.46 4.95 23.11
C ASN B 614 -1.27 5.66 22.49
N GLU B 615 -1.09 6.95 22.79
CA GLU B 615 0.17 7.60 22.45
C GLU B 615 1.25 7.28 23.47
N TYR B 616 0.93 7.40 24.75
CA TYR B 616 1.89 7.12 25.81
C TYR B 616 2.18 5.64 25.96
N GLU B 617 1.32 4.77 25.44
CA GLU B 617 1.66 3.36 25.43
C GLU B 617 2.68 3.06 24.34
N THR B 618 2.47 3.62 23.14
CA THR B 618 3.45 3.44 22.08
C THR B 618 4.72 4.24 22.38
N ARG B 619 4.63 5.28 23.19
CA ARG B 619 5.83 5.99 23.62
C ARG B 619 6.65 5.15 24.57
N ALA B 620 5.99 4.38 25.43
CA ALA B 620 6.70 3.47 26.32
C ALA B 620 7.20 2.23 25.61
N VAL B 621 6.59 1.86 24.47
CA VAL B 621 7.05 0.68 23.75
C VAL B 621 8.37 0.97 23.04
N GLU B 622 8.44 2.08 22.31
CA GLU B 622 9.68 2.43 21.64
C GLU B 622 10.78 2.84 22.61
N LEU B 623 10.42 3.25 23.82
CA LEU B 623 11.44 3.46 24.84
C LEU B 623 12.06 2.13 25.27
N PHE B 624 11.24 1.11 25.46
CA PHE B 624 11.77 -0.14 25.99
C PHE B 624 12.49 -0.95 24.93
N THR B 625 12.07 -0.87 23.66
CA THR B 625 12.85 -1.54 22.62
C THR B 625 14.21 -0.87 22.43
N GLU B 626 14.29 0.44 22.67
CA GLU B 626 15.59 1.08 22.71
C GLU B 626 16.33 0.72 23.99
N CYS B 627 15.60 0.52 25.09
CA CYS B 627 16.23 0.05 26.32
C CYS B 627 16.76 -1.38 26.14
N TYR B 628 16.01 -2.21 25.43
CA TYR B 628 16.36 -3.63 25.30
C TYR B 628 17.40 -3.90 24.23
N SER B 629 17.52 -3.03 23.22
CA SER B 629 18.54 -3.23 22.21
C SER B 629 19.93 -2.84 22.71
N ASN B 630 20.00 -2.12 23.81
CA ASN B 630 21.20 -1.96 24.62
C ASN B 630 21.27 -3.11 25.62
N ASP B 631 22.05 -2.96 26.67
CA ASP B 631 22.24 -3.99 27.69
C ASP B 631 20.92 -4.44 28.32
N GLU B 632 20.52 -5.68 28.02
CA GLU B 632 19.19 -6.16 28.35
C GLU B 632 19.03 -6.44 29.83
N ASP B 633 20.09 -6.88 30.51
CA ASP B 633 20.01 -7.07 31.95
C ASP B 633 19.88 -5.74 32.67
N LEU B 634 20.39 -4.67 32.07
CA LEU B 634 20.08 -3.34 32.58
C LEU B 634 18.64 -2.98 32.26
N ALA B 635 18.16 -3.37 31.08
CA ALA B 635 16.78 -3.05 30.69
C ALA B 635 15.79 -3.86 31.50
N GLU B 636 16.09 -5.12 31.78
CA GLU B 636 15.20 -5.95 32.58
C GLU B 636 15.23 -5.58 34.05
N GLN B 637 16.24 -4.83 34.49
CA GLN B 637 16.26 -4.36 35.86
C GLN B 637 15.38 -3.14 36.06
N LEU B 638 15.01 -2.44 34.98
CA LEU B 638 14.11 -1.31 35.11
C LEU B 638 12.70 -1.75 35.44
N LEU B 639 12.30 -2.93 34.97
CA LEU B 639 10.94 -3.43 35.17
C LEU B 639 10.66 -3.85 36.60
N THR B 640 11.65 -3.85 37.48
CA THR B 640 11.49 -4.31 38.84
C THR B 640 11.57 -3.17 39.86
N TYR B 641 11.92 -1.96 39.43
CA TYR B 641 12.11 -0.84 40.34
C TYR B 641 10.77 -0.23 40.72
N SER B 642 10.57 0.06 42.00
CA SER B 642 9.45 0.89 42.40
C SER B 642 9.68 2.36 42.05
N CYS B 643 10.93 2.75 41.81
CA CYS B 643 11.35 4.07 41.33
C CYS B 643 10.93 5.17 42.32
N GLU B 644 11.47 5.04 43.53
CA GLU B 644 11.27 5.98 44.64
C GLU B 644 9.80 6.13 45.03
N ALA B 645 9.01 5.09 44.74
CA ALA B 645 7.59 4.98 45.08
C ALA B 645 6.76 6.11 44.48
N TRP B 646 6.87 6.30 43.17
CA TRP B 646 5.94 7.20 42.50
C TRP B 646 4.56 6.57 42.42
N GLY B 647 4.46 5.46 41.72
CA GLY B 647 3.23 4.69 41.74
C GLY B 647 3.24 3.67 42.87
N GLY B 648 2.24 2.80 42.84
CA GLY B 648 2.25 1.67 43.75
C GLY B 648 3.26 0.62 43.35
N SER B 649 3.22 0.21 42.09
CA SER B 649 3.99 -0.93 41.63
C SER B 649 5.08 -0.51 40.64
N ASN B 650 5.77 -1.51 40.10
CA ASN B 650 6.91 -1.27 39.22
C ASN B 650 6.42 -0.95 37.81
N CYS B 651 7.37 -0.77 36.89
CA CYS B 651 7.06 -0.48 35.50
C CYS B 651 6.39 -1.66 34.80
N LEU B 652 6.63 -2.88 35.27
CA LEU B 652 6.08 -4.05 34.61
C LEU B 652 4.62 -4.26 34.97
N GLU B 653 4.31 -4.23 36.27
CA GLU B 653 2.94 -4.42 36.72
C GLU B 653 2.05 -3.23 36.37
N LEU B 654 2.62 -2.05 36.18
CA LEU B 654 1.79 -0.88 35.87
C LEU B 654 1.22 -0.96 34.47
N ALA B 655 1.88 -1.69 33.57
CA ALA B 655 1.28 -1.98 32.27
C ALA B 655 0.25 -3.08 32.36
N VAL B 656 0.27 -3.86 33.43
CA VAL B 656 -0.67 -4.97 33.58
C VAL B 656 -2.00 -4.48 34.12
N GLU B 657 -1.97 -3.55 35.09
CA GLU B 657 -3.21 -3.02 35.65
C GLU B 657 -3.96 -2.18 34.64
N ALA B 658 -3.25 -1.53 33.73
CA ALA B 658 -3.87 -0.75 32.67
C ALA B 658 -4.05 -1.54 31.39
N ARG B 659 -3.66 -2.82 31.39
CA ARG B 659 -3.86 -3.76 30.27
C ARG B 659 -3.17 -3.27 29.00
N ASP B 660 -1.94 -2.79 29.14
CA ASP B 660 -1.19 -2.31 27.99
C ASP B 660 -0.66 -3.52 27.25
N GLN B 661 -1.48 -4.06 26.36
CA GLN B 661 -1.13 -5.31 25.71
C GLN B 661 -0.06 -5.16 24.65
N GLN B 662 0.16 -3.95 24.12
CA GLN B 662 1.29 -3.78 23.21
C GLN B 662 2.61 -3.78 23.97
N PHE B 663 2.60 -3.34 25.22
CA PHE B 663 3.82 -3.28 26.00
C PHE B 663 4.28 -4.65 26.47
N ILE B 664 3.38 -5.62 26.60
CA ILE B 664 3.78 -6.95 27.02
C ILE B 664 3.88 -7.92 25.84
N ALA B 665 3.26 -7.62 24.71
CA ALA B 665 3.49 -8.43 23.52
C ALA B 665 4.81 -8.11 22.83
N GLN B 666 5.53 -7.10 23.28
CA GLN B 666 6.79 -6.76 22.64
C GLN B 666 7.86 -7.78 23.01
N PRO B 667 8.85 -8.00 22.13
CA PRO B 667 9.80 -9.09 22.37
C PRO B 667 10.74 -8.87 23.54
N GLY B 668 10.81 -7.68 24.12
CA GLY B 668 11.66 -7.49 25.28
C GLY B 668 11.06 -8.13 26.52
N VAL B 669 9.77 -7.92 26.74
CA VAL B 669 9.13 -8.48 27.93
C VAL B 669 8.88 -9.96 27.78
N GLN B 670 8.57 -10.40 26.55
CA GLN B 670 8.33 -11.82 26.32
C GLN B 670 9.61 -12.64 26.49
N ASN B 671 10.75 -12.07 26.11
CA ASN B 671 12.02 -12.71 26.43
C ASN B 671 12.36 -12.60 27.90
N PHE B 672 11.84 -11.59 28.59
CA PHE B 672 12.08 -11.50 30.02
C PHE B 672 11.25 -12.52 30.78
N LEU B 673 9.99 -12.68 30.41
CA LEU B 673 9.10 -13.59 31.12
C LEU B 673 9.50 -15.05 30.89
N SER B 674 10.03 -15.35 29.70
CA SER B 674 10.54 -16.70 29.45
C SER B 674 11.76 -16.99 30.30
N LYS B 675 12.58 -15.98 30.57
CA LYS B 675 13.72 -16.16 31.47
C LYS B 675 13.25 -16.32 32.90
N GLN B 676 12.21 -15.59 33.29
CA GLN B 676 11.71 -15.71 34.66
C GLN B 676 10.90 -16.98 34.85
N TRP B 677 10.35 -17.54 33.78
CA TRP B 677 9.59 -18.77 33.91
C TRP B 677 10.49 -20.00 33.88
N TYR B 678 11.54 -19.98 33.08
CA TYR B 678 12.48 -21.09 33.08
C TYR B 678 13.36 -21.08 34.31
N GLY B 679 13.45 -19.95 35.02
CA GLY B 679 14.12 -19.91 36.31
C GLY B 679 15.62 -20.08 36.20
N GLU B 680 16.18 -20.83 37.14
CA GLU B 680 17.62 -21.09 37.17
C GLU B 680 18.07 -22.06 36.09
N ILE B 681 17.14 -22.71 35.39
CA ILE B 681 17.50 -23.59 34.29
C ILE B 681 18.10 -22.75 33.17
N SER B 682 19.23 -23.23 32.63
CA SER B 682 19.83 -22.66 31.44
C SER B 682 18.84 -22.73 30.28
N ARG B 683 18.40 -21.56 29.83
CA ARG B 683 17.31 -21.46 28.87
C ARG B 683 17.72 -22.03 27.52
N ASP B 684 16.72 -22.55 26.80
CA ASP B 684 16.86 -23.17 25.47
C ASP B 684 17.81 -24.36 25.51
N THR B 685 17.52 -25.31 26.39
CA THR B 685 18.17 -26.62 26.28
C THR B 685 17.40 -27.47 25.28
N LYS B 686 16.21 -27.92 25.67
CA LYS B 686 15.14 -28.50 24.87
C LYS B 686 13.97 -28.71 25.82
N ASN B 687 12.74 -28.65 25.32
CA ASN B 687 11.60 -28.90 26.19
C ASN B 687 11.44 -30.37 26.53
N TRP B 688 11.99 -31.28 25.72
CA TRP B 688 11.90 -32.70 26.00
C TRP B 688 12.85 -33.14 27.12
N LYS B 689 14.06 -32.58 27.15
CA LYS B 689 15.11 -33.04 28.05
C LYS B 689 14.81 -32.73 29.51
N ILE B 690 14.01 -31.71 29.79
CA ILE B 690 13.64 -31.42 31.17
C ILE B 690 12.69 -32.48 31.68
N ILE B 691 11.80 -32.97 30.82
CA ILE B 691 10.87 -34.03 31.21
C ILE B 691 11.61 -35.36 31.38
N MET B 692 12.69 -35.56 30.61
CA MET B 692 13.56 -36.71 30.83
C MET B 692 14.30 -36.62 32.15
N CYS B 693 14.48 -35.41 32.68
CA CYS B 693 14.99 -35.21 34.02
C CYS B 693 13.89 -35.08 35.06
N LEU B 694 12.74 -35.71 34.83
CA LEU B 694 11.65 -35.70 35.79
C LEU B 694 11.12 -37.10 36.04
N LEU B 720 23.63 -29.43 46.71
CA LEU B 720 22.45 -28.57 46.67
C LEU B 720 22.21 -28.03 45.26
N TYR B 721 22.97 -28.55 44.30
CA TYR B 721 22.72 -28.23 42.90
C TYR B 721 21.55 -29.02 42.32
N TYR B 722 21.29 -30.21 42.86
CA TYR B 722 20.15 -31.01 42.45
C TYR B 722 18.83 -30.40 42.94
N VAL B 723 18.88 -29.65 44.03
CA VAL B 723 17.67 -29.07 44.61
C VAL B 723 17.34 -27.75 43.91
N SER B 724 18.35 -27.00 43.45
CA SER B 724 18.12 -25.74 42.75
C SER B 724 17.50 -25.95 41.37
N PHE B 725 17.53 -27.18 40.84
CA PHE B 725 16.70 -27.52 39.69
C PHE B 725 15.22 -27.39 40.03
N PHE B 726 14.84 -27.84 41.23
CA PHE B 726 13.46 -27.76 41.69
C PHE B 726 13.16 -26.44 42.38
N THR B 727 13.53 -25.34 41.73
CA THR B 727 13.19 -24.00 42.19
C THR B 727 12.56 -23.15 41.11
N SER B 728 12.77 -23.49 39.85
CA SER B 728 12.20 -22.74 38.75
C SER B 728 10.69 -22.93 38.71
N PRO B 729 9.93 -21.91 38.31
CA PRO B 729 8.47 -22.05 38.28
C PRO B 729 7.97 -22.92 37.15
N PHE B 730 8.81 -23.23 36.16
CA PHE B 730 8.41 -24.19 35.13
C PHE B 730 8.25 -25.58 35.71
N VAL B 731 9.11 -25.95 36.66
CA VAL B 731 9.03 -27.26 37.27
C VAL B 731 7.96 -27.27 38.36
N VAL B 732 7.80 -26.15 39.07
CA VAL B 732 6.73 -26.01 40.05
C VAL B 732 5.36 -26.05 39.36
N PHE B 733 5.29 -25.56 38.12
CA PHE B 733 4.07 -25.74 37.34
C PHE B 733 3.86 -27.20 36.97
N SER B 734 4.93 -27.89 36.55
CA SER B 734 4.79 -29.28 36.11
C SER B 734 4.44 -30.20 37.27
N TRP B 735 4.99 -29.95 38.45
CA TRP B 735 4.63 -30.76 39.60
C TRP B 735 3.36 -30.29 40.27
N ASN B 736 2.68 -29.29 39.71
CA ASN B 736 1.30 -29.02 40.05
C ASN B 736 0.35 -29.57 39.01
N VAL B 737 0.85 -29.93 37.83
CA VAL B 737 0.03 -30.63 36.84
C VAL B 737 0.00 -32.12 37.16
N ILE B 738 1.18 -32.68 37.47
CA ILE B 738 1.29 -34.09 37.82
C ILE B 738 0.53 -34.40 39.09
N PHE B 739 0.54 -33.47 40.04
CA PHE B 739 -0.29 -33.61 41.23
C PHE B 739 -1.77 -33.50 40.89
N TYR B 740 -2.11 -32.65 39.93
CA TYR B 740 -3.53 -32.46 39.61
C TYR B 740 -4.06 -33.62 38.78
N ILE B 741 -3.25 -34.16 37.88
CA ILE B 741 -3.67 -35.32 37.09
C ILE B 741 -3.84 -36.53 37.99
N ALA B 742 -2.89 -36.75 38.90
CA ALA B 742 -3.02 -37.82 39.87
C ALA B 742 -4.12 -37.56 40.88
N PHE B 743 -4.51 -36.29 41.06
CA PHE B 743 -5.73 -36.02 41.83
C PHE B 743 -6.95 -36.48 41.06
N LEU B 744 -6.96 -36.25 39.75
CA LEU B 744 -8.11 -36.66 38.95
C LEU B 744 -8.16 -38.16 38.76
N LEU B 745 -7.00 -38.81 38.69
CA LEU B 745 -6.96 -40.26 38.56
C LEU B 745 -7.41 -40.93 39.86
N LEU B 746 -7.12 -40.32 40.99
CA LEU B 746 -7.68 -40.82 42.25
C LEU B 746 -9.16 -40.54 42.34
N PHE B 747 -9.58 -39.33 41.92
CA PHE B 747 -10.98 -38.98 41.88
C PHE B 747 -11.73 -39.83 40.85
N ALA B 748 -11.04 -40.32 39.82
CA ALA B 748 -11.64 -41.30 38.93
C ALA B 748 -11.84 -42.63 39.64
N TYR B 749 -10.76 -43.19 40.21
CA TYR B 749 -10.80 -44.52 40.81
C TYR B 749 -11.71 -44.58 42.03
N VAL B 750 -11.81 -43.49 42.78
CA VAL B 750 -12.76 -43.44 43.88
C VAL B 750 -14.18 -43.48 43.37
N LEU B 751 -14.46 -42.76 42.28
CA LEU B 751 -15.82 -42.62 41.81
C LEU B 751 -16.37 -43.86 41.15
N LEU B 752 -15.51 -44.71 40.58
CA LEU B 752 -15.98 -45.87 39.83
C LEU B 752 -15.87 -47.16 40.62
N MET B 753 -14.66 -47.52 41.05
CA MET B 753 -14.48 -48.82 41.71
C MET B 753 -14.70 -48.73 43.21
N ASP B 754 -14.24 -47.66 43.85
CA ASP B 754 -14.50 -47.38 45.26
C ASP B 754 -15.87 -46.76 45.44
N PHE B 755 -16.00 -45.92 46.48
CA PHE B 755 -17.23 -45.23 46.88
C PHE B 755 -18.26 -46.23 47.36
N GLN B 756 -17.94 -46.91 48.45
CA GLN B 756 -18.86 -47.80 49.14
C GLN B 756 -19.72 -46.99 50.10
N LYS B 757 -20.41 -47.68 51.02
CA LYS B 757 -21.35 -47.01 51.92
C LYS B 757 -20.63 -46.11 52.91
N GLU B 758 -19.60 -46.59 53.53
CA GLU B 758 -18.82 -45.66 54.32
C GLU B 758 -17.61 -45.19 53.53
N PRO B 759 -17.14 -43.97 53.78
CA PRO B 759 -15.95 -43.48 53.07
C PRO B 759 -14.71 -44.29 53.40
N THR B 760 -14.15 -44.93 52.37
CA THR B 760 -13.10 -45.92 52.53
C THR B 760 -11.75 -45.24 52.75
N ALA B 761 -10.68 -46.03 52.66
CA ALA B 761 -9.34 -45.53 52.96
C ALA B 761 -8.88 -44.53 51.92
N LEU B 762 -8.94 -44.90 50.63
CA LEU B 762 -8.50 -44.00 49.57
C LEU B 762 -9.42 -42.80 49.41
N GLU B 763 -10.66 -42.90 49.85
CA GLU B 763 -11.61 -41.80 49.71
C GLU B 763 -11.24 -40.65 50.64
N ILE B 764 -10.58 -40.95 51.76
CA ILE B 764 -10.15 -39.91 52.69
C ILE B 764 -8.95 -39.14 52.13
N ILE B 765 -8.07 -39.81 51.39
CA ILE B 765 -6.95 -39.13 50.73
C ILE B 765 -7.48 -38.15 49.70
N LEU B 766 -8.63 -38.45 49.09
CA LEU B 766 -9.30 -37.49 48.24
C LEU B 766 -9.82 -36.29 49.02
N TYR B 767 -10.21 -36.50 50.28
CA TYR B 767 -10.65 -35.39 51.11
C TYR B 767 -9.49 -34.50 51.52
N VAL B 768 -8.29 -35.07 51.57
CA VAL B 768 -7.11 -34.25 51.82
C VAL B 768 -6.76 -33.44 50.59
N LEU B 769 -6.85 -34.04 49.41
CA LEU B 769 -6.42 -33.37 48.18
C LEU B 769 -7.39 -32.26 47.77
N VAL B 770 -8.65 -32.34 48.17
CA VAL B 770 -9.55 -31.23 47.89
C VAL B 770 -9.32 -30.11 48.89
N PHE B 771 -8.86 -30.45 50.09
CA PHE B 771 -8.49 -29.43 51.08
C PHE B 771 -7.25 -28.67 50.63
N VAL B 772 -6.34 -29.34 49.94
CA VAL B 772 -5.17 -28.68 49.38
C VAL B 772 -5.58 -27.68 48.30
N LEU B 773 -6.48 -28.09 47.41
CA LEU B 773 -7.01 -27.16 46.41
C LEU B 773 -7.91 -26.11 47.04
N LEU B 774 -8.48 -26.38 48.21
CA LEU B 774 -9.16 -25.34 48.95
C LEU B 774 -8.16 -24.37 49.57
N CYS B 775 -7.05 -24.89 50.11
CA CYS B 775 -6.04 -24.03 50.69
C CYS B 775 -5.30 -23.23 49.63
N ASP B 776 -5.16 -23.78 48.42
CA ASP B 776 -4.52 -23.04 47.35
C ASP B 776 -5.42 -21.95 46.79
N GLU B 777 -6.73 -22.05 47.03
CA GLU B 777 -7.63 -20.96 46.69
C GLU B 777 -7.81 -19.97 47.82
N VAL B 778 -7.52 -20.39 49.05
CA VAL B 778 -7.39 -19.45 50.16
C VAL B 778 -6.19 -18.54 49.93
N ARG B 779 -5.09 -19.12 49.42
CA ARG B 779 -3.89 -18.35 49.12
C ARG B 779 -4.14 -17.36 47.99
N GLN B 780 -4.96 -17.73 47.01
CA GLN B 780 -5.33 -16.78 45.97
C GLN B 780 -6.37 -15.77 46.46
N TRP B 781 -6.99 -16.03 47.59
CA TRP B 781 -7.78 -15.03 48.30
C TRP B 781 -6.91 -14.22 49.26
N TYR B 782 -5.62 -14.54 49.35
CA TYR B 782 -4.68 -13.86 50.21
C TYR B 782 -3.59 -13.12 49.45
N MET B 783 -3.27 -13.56 48.24
CA MET B 783 -2.39 -12.78 47.37
C MET B 783 -3.17 -11.70 46.62
N ASN B 784 -4.49 -11.74 46.69
CA ASN B 784 -5.33 -10.69 46.13
C ASN B 784 -6.62 -10.62 46.94
N GLY B 785 -7.24 -9.44 46.93
CA GLY B 785 -8.49 -9.27 47.66
C GLY B 785 -9.75 -9.48 46.84
N SER B 786 -9.90 -8.73 45.74
CA SER B 786 -11.12 -8.82 44.95
C SER B 786 -10.91 -8.88 43.45
N LYS B 787 -9.69 -8.66 42.95
CA LYS B 787 -9.41 -8.99 41.56
C LYS B 787 -9.32 -10.49 41.35
N TYR B 788 -9.12 -11.25 42.43
CA TYR B 788 -9.23 -12.69 42.38
C TYR B 788 -10.65 -13.13 41.99
N PHE B 789 -11.66 -12.44 42.53
CA PHE B 789 -13.03 -12.73 42.13
C PHE B 789 -13.38 -12.14 40.77
N SER B 790 -12.62 -11.13 40.32
CA SER B 790 -12.88 -10.56 39.00
C SER B 790 -12.51 -11.50 37.88
N ASP B 791 -11.58 -12.42 38.15
CA ASP B 791 -11.26 -13.47 37.20
C ASP B 791 -12.41 -14.45 37.09
N LEU B 792 -12.74 -14.85 35.86
CA LEU B 792 -13.87 -15.75 35.66
C LEU B 792 -13.52 -17.16 36.11
N TRP B 793 -12.35 -17.66 35.73
CA TRP B 793 -11.97 -19.04 36.04
C TRP B 793 -11.64 -19.24 37.51
N ASN B 794 -11.39 -18.17 38.26
CA ASN B 794 -11.29 -18.28 39.70
C ASN B 794 -12.64 -18.25 40.40
N VAL B 795 -13.74 -18.33 39.65
CA VAL B 795 -15.04 -18.57 40.26
C VAL B 795 -15.41 -20.04 40.14
N MET B 796 -15.11 -20.64 38.99
CA MET B 796 -15.48 -22.03 38.70
C MET B 796 -14.80 -23.01 39.64
N ASP B 797 -13.53 -22.75 39.99
CA ASP B 797 -12.83 -23.64 40.90
C ASP B 797 -13.27 -23.47 42.35
N THR B 798 -13.99 -22.40 42.69
CA THR B 798 -14.57 -22.30 44.02
C THR B 798 -15.83 -23.16 44.14
N LEU B 799 -16.71 -23.09 43.13
CA LEU B 799 -17.85 -23.99 43.13
C LEU B 799 -17.46 -25.42 42.80
N ALA B 800 -16.25 -25.65 42.29
CA ALA B 800 -15.70 -26.99 42.27
C ALA B 800 -15.51 -27.53 43.68
N ILE B 801 -15.01 -26.69 44.58
CA ILE B 801 -14.89 -27.11 45.97
C ILE B 801 -16.24 -27.06 46.67
N PHE B 802 -17.08 -26.08 46.32
CA PHE B 802 -18.37 -25.93 46.98
C PHE B 802 -19.31 -27.08 46.65
N TYR B 803 -19.25 -27.60 45.43
CA TYR B 803 -20.03 -28.80 45.13
C TYR B 803 -19.40 -30.03 45.75
N PHE B 804 -18.09 -30.04 45.95
CA PHE B 804 -17.44 -31.17 46.59
C PHE B 804 -17.82 -31.25 48.06
N ILE B 805 -17.78 -30.12 48.77
CA ILE B 805 -18.16 -30.15 50.18
C ILE B 805 -19.67 -30.34 50.33
N ALA B 806 -20.44 -29.99 49.31
CA ALA B 806 -21.85 -30.39 49.29
C ALA B 806 -21.98 -31.87 49.01
N GLY B 807 -21.00 -32.47 48.33
CA GLY B 807 -21.05 -33.90 48.07
C GLY B 807 -20.80 -34.73 49.32
N ILE B 808 -19.97 -34.24 50.24
CA ILE B 808 -19.75 -34.94 51.48
C ILE B 808 -20.96 -34.82 52.39
N VAL B 809 -21.71 -33.73 52.27
CA VAL B 809 -22.92 -33.54 53.07
C VAL B 809 -24.01 -34.51 52.63
N PHE B 810 -24.24 -34.63 51.32
CA PHE B 810 -25.23 -35.59 50.84
C PHE B 810 -24.78 -37.04 51.03
N ARG B 811 -23.47 -37.30 51.10
CA ARG B 811 -23.01 -38.67 51.28
C ARG B 811 -23.27 -39.14 52.70
N LEU B 812 -22.79 -38.38 53.69
CA LEU B 812 -22.92 -38.77 55.10
C LEU B 812 -24.34 -38.57 55.58
N HIS B 813 -25.23 -39.46 55.13
CA HIS B 813 -26.59 -39.53 55.61
C HIS B 813 -27.05 -40.96 55.87
N SER B 814 -26.30 -41.96 55.40
CA SER B 814 -26.59 -43.40 55.52
C SER B 814 -27.97 -43.77 54.98
N ASP B 815 -28.45 -43.04 53.98
CA ASP B 815 -29.75 -43.27 53.37
C ASP B 815 -29.57 -43.30 51.86
N GLU B 816 -29.94 -44.41 51.23
CA GLU B 816 -29.77 -44.57 49.78
C GLU B 816 -30.63 -43.60 48.98
N SER B 817 -31.67 -43.02 49.58
CA SER B 817 -32.37 -41.91 48.96
C SER B 817 -31.49 -40.67 48.87
N SER B 818 -30.49 -40.55 49.74
CA SER B 818 -29.57 -39.44 49.73
C SER B 818 -28.13 -39.84 49.45
N TRP B 819 -27.73 -41.07 49.77
CA TRP B 819 -26.35 -41.49 49.53
C TRP B 819 -26.04 -41.61 48.05
N TYR B 820 -27.02 -42.02 47.24
CA TYR B 820 -26.80 -42.08 45.80
C TYR B 820 -26.70 -40.68 45.21
N SER B 821 -27.51 -39.75 45.71
CA SER B 821 -27.40 -38.38 45.23
C SER B 821 -26.14 -37.68 45.72
N GLY B 822 -25.43 -38.26 46.70
CA GLY B 822 -24.09 -37.80 46.99
C GLY B 822 -23.12 -38.18 45.88
N ARG B 823 -23.28 -39.38 45.32
CA ARG B 823 -22.40 -39.82 44.25
C ARG B 823 -22.65 -39.04 42.95
N VAL B 824 -23.90 -38.61 42.74
CA VAL B 824 -24.23 -37.86 41.53
C VAL B 824 -23.59 -36.48 41.56
N ILE B 825 -23.56 -35.84 42.73
CA ILE B 825 -22.89 -34.55 42.88
C ILE B 825 -21.38 -34.70 42.69
N PHE B 826 -20.81 -35.79 43.21
CA PHE B 826 -19.39 -36.06 42.97
C PHE B 826 -19.12 -36.40 41.51
N CYS B 827 -20.10 -36.98 40.82
CA CYS B 827 -19.94 -37.23 39.39
C CYS B 827 -20.00 -35.94 38.60
N LEU B 828 -20.98 -35.08 38.90
CA LEU B 828 -21.08 -33.78 38.25
C LEU B 828 -19.95 -32.85 38.63
N ASP B 829 -19.31 -33.08 39.77
CA ASP B 829 -18.14 -32.29 40.13
C ASP B 829 -16.91 -32.72 39.35
N TYR B 830 -16.88 -33.95 38.84
CA TYR B 830 -15.71 -34.41 38.11
C TYR B 830 -15.56 -33.67 36.79
N ILE B 831 -16.65 -33.17 36.23
CA ILE B 831 -16.56 -32.37 35.02
C ILE B 831 -15.89 -31.04 35.32
N VAL B 832 -16.24 -30.41 36.44
CA VAL B 832 -15.72 -29.08 36.75
C VAL B 832 -14.24 -29.15 37.12
N PHE B 833 -13.81 -30.24 37.73
CA PHE B 833 -12.39 -30.39 38.03
C PHE B 833 -11.58 -30.78 36.80
N THR B 834 -12.18 -31.52 35.87
CA THR B 834 -11.44 -31.91 34.67
C THR B 834 -11.40 -30.77 33.67
N LEU B 835 -12.41 -29.91 33.65
CA LEU B 835 -12.37 -28.73 32.80
C LEU B 835 -11.51 -27.62 33.38
N ARG B 836 -10.88 -27.83 34.53
CA ARG B 836 -9.78 -26.97 34.96
C ARG B 836 -8.48 -27.34 34.28
N LEU B 837 -8.38 -28.54 33.73
CA LEU B 837 -7.18 -28.91 32.99
C LEU B 837 -7.10 -28.20 31.65
N ILE B 838 -8.20 -27.63 31.18
CA ILE B 838 -8.14 -26.74 30.03
C ILE B 838 -7.44 -25.44 30.41
N HIS B 839 -7.85 -24.82 31.51
CA HIS B 839 -7.33 -23.52 31.88
C HIS B 839 -5.92 -23.59 32.44
N ILE B 840 -5.49 -24.74 32.93
CA ILE B 840 -4.12 -24.89 33.40
C ILE B 840 -3.16 -24.87 32.22
N PHE B 841 -3.57 -25.41 31.08
CA PHE B 841 -2.69 -25.52 29.93
C PHE B 841 -2.80 -24.33 28.98
N THR B 842 -3.07 -23.14 29.50
CA THR B 842 -2.97 -21.91 28.74
C THR B 842 -1.57 -21.32 28.78
N VAL B 843 -0.57 -22.11 29.17
CA VAL B 843 0.81 -21.67 29.21
C VAL B 843 1.65 -22.28 28.11
N SER B 844 1.10 -23.21 27.34
CA SER B 844 1.90 -24.21 26.67
C SER B 844 2.52 -23.74 25.37
N ARG B 845 2.22 -22.52 24.92
CA ARG B 845 2.76 -21.85 23.73
C ARG B 845 2.24 -22.47 22.43
N ASN B 846 1.56 -23.60 22.53
CA ASN B 846 0.90 -24.26 21.41
C ASN B 846 -0.59 -24.38 21.63
N LEU B 847 -1.00 -24.95 22.77
CA LEU B 847 -2.41 -24.92 23.13
C LEU B 847 -2.82 -23.55 23.61
N GLY B 848 -1.90 -22.82 24.23
CA GLY B 848 -2.11 -21.52 24.84
C GLY B 848 -2.87 -20.47 24.06
N PRO B 849 -2.44 -20.15 22.84
CA PRO B 849 -3.24 -19.22 22.02
C PRO B 849 -4.57 -19.81 21.59
N LYS B 850 -4.65 -21.13 21.42
CA LYS B 850 -5.87 -21.72 20.90
C LYS B 850 -6.95 -21.84 21.96
N ILE B 851 -6.58 -22.01 23.22
CA ILE B 851 -7.57 -22.04 24.29
C ILE B 851 -8.16 -20.66 24.51
N ILE B 852 -7.36 -19.61 24.36
CA ILE B 852 -7.92 -18.27 24.46
C ILE B 852 -8.70 -17.91 23.20
N MET B 853 -8.33 -18.50 22.07
CA MET B 853 -9.13 -18.40 20.86
C MET B 853 -10.51 -19.03 21.05
N LEU B 854 -10.58 -20.09 21.85
CA LEU B 854 -11.82 -20.78 22.12
C LEU B 854 -12.81 -19.92 22.90
N GLN B 855 -12.35 -18.92 23.63
CA GLN B 855 -13.24 -18.02 24.34
C GLN B 855 -13.75 -16.87 23.48
N ARG B 856 -13.37 -16.83 22.21
CA ARG B 856 -13.94 -15.88 21.27
C ARG B 856 -15.05 -16.47 20.42
N MET B 857 -15.17 -17.79 20.40
CA MET B 857 -16.20 -18.46 19.63
C MET B 857 -17.55 -18.47 20.33
N MET B 858 -17.62 -18.04 21.59
CA MET B 858 -18.84 -18.17 22.35
C MET B 858 -19.94 -17.21 21.92
N ILE B 859 -19.63 -16.23 21.08
CA ILE B 859 -20.68 -15.44 20.46
C ILE B 859 -21.12 -16.05 19.13
N ASP B 860 -20.25 -16.84 18.48
CA ASP B 860 -20.69 -17.57 17.31
C ASP B 860 -21.53 -18.77 17.68
N VAL B 861 -21.26 -19.37 18.84
CA VAL B 861 -22.02 -20.51 19.30
C VAL B 861 -23.41 -20.09 19.78
N PHE B 862 -23.46 -19.02 20.57
CA PHE B 862 -24.74 -18.55 21.10
C PHE B 862 -25.66 -18.00 20.03
N PHE B 863 -25.11 -17.57 18.90
CA PHE B 863 -25.96 -17.28 17.76
C PHE B 863 -26.47 -18.56 17.12
N PHE B 864 -25.61 -19.59 17.05
CA PHE B 864 -26.01 -20.85 16.46
C PHE B 864 -27.02 -21.58 17.34
N LEU B 865 -26.84 -21.52 18.66
CA LEU B 865 -27.81 -22.15 19.55
C LEU B 865 -29.12 -21.39 19.56
N PHE B 866 -29.09 -20.09 19.28
CA PHE B 866 -30.34 -19.35 19.17
C PHE B 866 -31.12 -19.76 17.92
N LEU B 867 -30.45 -19.85 16.78
CA LEU B 867 -31.11 -20.30 15.56
C LEU B 867 -31.56 -21.74 15.67
N PHE B 868 -30.79 -22.58 16.36
CA PHE B 868 -31.16 -23.98 16.46
C PHE B 868 -32.35 -24.18 17.38
N ALA B 869 -32.42 -23.41 18.48
CA ALA B 869 -33.49 -23.60 19.44
C ALA B 869 -34.82 -23.08 18.91
N VAL B 870 -34.80 -22.01 18.13
CA VAL B 870 -36.03 -21.52 17.51
C VAL B 870 -36.50 -22.49 16.44
N TRP B 871 -35.56 -23.05 15.68
CA TRP B 871 -35.92 -24.04 14.67
C TRP B 871 -36.37 -25.35 15.30
N MET B 872 -35.86 -25.68 16.49
CA MET B 872 -36.29 -26.89 17.16
C MET B 872 -37.73 -26.77 17.64
N VAL B 873 -38.07 -25.64 18.24
CA VAL B 873 -39.41 -25.45 18.77
C VAL B 873 -40.43 -25.29 17.64
N ALA B 874 -40.04 -24.59 16.57
CA ALA B 874 -40.94 -24.41 15.43
C ALA B 874 -41.22 -25.73 14.75
N PHE B 875 -40.21 -26.60 14.65
CA PHE B 875 -40.44 -27.90 14.03
C PHE B 875 -41.06 -28.88 15.01
N GLY B 876 -40.61 -28.86 16.27
CA GLY B 876 -41.05 -29.86 17.23
C GLY B 876 -42.50 -29.72 17.63
N VAL B 877 -42.98 -28.48 17.72
CA VAL B 877 -44.40 -28.29 18.02
C VAL B 877 -45.25 -28.59 16.80
N ALA B 878 -44.79 -28.18 15.62
CA ALA B 878 -45.49 -28.53 14.39
C ALA B 878 -45.35 -29.99 14.03
N ARG B 879 -44.45 -30.72 14.67
CA ARG B 879 -44.39 -32.17 14.54
C ARG B 879 -45.58 -32.83 15.24
N GLN B 880 -46.26 -32.13 16.12
CA GLN B 880 -47.44 -32.63 16.81
C GLN B 880 -48.73 -32.26 16.11
N GLY B 881 -48.71 -32.23 14.78
CA GLY B 881 -49.89 -32.46 13.98
C GLY B 881 -49.98 -33.93 13.63
N ILE B 882 -49.52 -34.77 14.55
CA ILE B 882 -49.53 -36.22 14.45
C ILE B 882 -50.26 -36.78 15.65
N LEU B 883 -49.77 -36.48 16.84
CA LEU B 883 -50.35 -36.97 18.08
C LEU B 883 -51.38 -35.98 18.61
N ARG B 884 -52.23 -36.46 19.51
CA ARG B 884 -53.25 -35.61 20.13
C ARG B 884 -53.71 -36.25 21.43
N LYS B 885 -53.44 -35.60 22.56
CA LYS B 885 -53.93 -36.01 23.87
C LYS B 885 -53.93 -34.77 24.75
N ASN B 886 -54.37 -34.89 26.01
CA ASN B 886 -54.53 -33.75 26.90
C ASN B 886 -53.58 -33.71 28.07
N GLU B 887 -53.08 -34.86 28.54
CA GLU B 887 -52.22 -34.83 29.73
C GLU B 887 -50.75 -34.77 29.36
N HIS B 888 -50.25 -35.79 28.64
CA HIS B 888 -48.87 -35.90 28.14
C HIS B 888 -47.82 -35.80 29.25
N ARG B 889 -48.18 -36.20 30.49
CA ARG B 889 -47.31 -36.28 31.66
C ARG B 889 -46.80 -34.91 32.15
N TRP B 890 -47.14 -33.84 31.42
CA TRP B 890 -46.49 -32.51 31.33
C TRP B 890 -45.05 -32.57 30.83
N GLU B 891 -44.51 -33.77 30.56
CA GLU B 891 -43.11 -33.93 30.21
C GLU B 891 -42.86 -35.01 29.16
N TRP B 892 -43.90 -35.58 28.55
CA TRP B 892 -43.72 -36.29 27.29
C TRP B 892 -43.56 -35.34 26.13
N ILE B 893 -43.96 -34.08 26.33
CA ILE B 893 -43.75 -33.05 25.32
C ILE B 893 -42.26 -32.87 25.06
N PHE B 894 -41.50 -32.62 26.12
CA PHE B 894 -40.06 -32.36 25.99
C PHE B 894 -39.29 -33.58 25.54
N ARG B 895 -39.84 -34.78 25.66
CA ARG B 895 -39.22 -35.95 25.06
C ARG B 895 -39.43 -36.00 23.56
N SER B 896 -40.36 -35.22 23.02
CA SER B 896 -40.70 -35.34 21.61
C SER B 896 -40.64 -34.00 20.89
N VAL B 897 -40.88 -32.91 21.60
CA VAL B 897 -40.81 -31.58 20.99
C VAL B 897 -39.39 -31.04 21.01
N ILE B 898 -38.66 -31.25 22.09
CA ILE B 898 -37.31 -30.72 22.22
C ILE B 898 -36.26 -31.80 22.00
N TYR B 899 -36.41 -32.95 22.66
CA TYR B 899 -35.34 -33.94 22.67
C TYR B 899 -35.22 -34.67 21.35
N GLU B 900 -36.34 -35.04 20.75
CA GLU B 900 -36.29 -35.78 19.49
C GLU B 900 -35.85 -34.92 18.30
N PRO B 901 -36.20 -33.63 18.17
CA PRO B 901 -35.50 -32.81 17.18
C PRO B 901 -34.07 -32.48 17.55
N TYR B 902 -33.67 -32.67 18.80
CA TYR B 902 -32.28 -32.42 19.15
C TYR B 902 -31.37 -33.51 18.61
N LEU B 903 -31.81 -34.76 18.66
CA LEU B 903 -31.03 -35.86 18.12
C LEU B 903 -30.99 -35.82 16.60
N ALA B 904 -31.92 -35.10 15.97
CA ALA B 904 -31.93 -35.00 14.52
C ALA B 904 -30.78 -34.15 13.99
N MET B 905 -30.14 -33.35 14.85
CA MET B 905 -28.99 -32.58 14.39
C MET B 905 -27.76 -33.46 14.22
N PHE B 906 -27.62 -34.49 15.06
CA PHE B 906 -26.55 -35.46 14.90
C PHE B 906 -26.94 -36.64 14.04
N GLY B 907 -28.14 -36.62 13.48
CA GLY B 907 -28.62 -37.68 12.61
C GLY B 907 -29.54 -38.63 13.34
N GLN B 908 -30.84 -38.38 13.23
CA GLN B 908 -31.86 -39.33 13.63
C GLN B 908 -33.00 -39.44 12.64
N TYR B 909 -33.36 -38.31 12.04
CA TYR B 909 -34.34 -38.23 10.96
C TYR B 909 -35.70 -38.92 11.10
N PRO B 910 -36.43 -38.69 12.22
CA PRO B 910 -37.74 -39.31 12.45
C PRO B 910 -37.77 -40.80 12.09
N ASP B 911 -37.04 -41.60 12.88
CA ASP B 911 -36.82 -43.00 12.56
C ASP B 911 -38.05 -43.87 12.30
N ASP B 912 -39.15 -43.78 13.04
CA ASP B 912 -40.20 -44.68 12.60
C ASP B 912 -41.57 -44.13 13.01
N ILE B 913 -41.81 -42.87 12.69
CA ILE B 913 -43.06 -42.21 13.02
C ILE B 913 -43.61 -41.56 11.74
N ASP B 914 -42.76 -41.45 10.72
CA ASP B 914 -43.08 -40.69 9.52
C ASP B 914 -43.64 -41.54 8.38
N GLY B 915 -44.39 -42.58 8.69
CA GLY B 915 -45.10 -43.30 7.63
C GLY B 915 -44.63 -44.72 7.43
N THR B 916 -45.58 -45.60 7.07
CA THR B 916 -45.37 -47.05 6.87
C THR B 916 -44.76 -47.75 8.10
N THR B 917 -44.96 -47.16 9.28
CA THR B 917 -44.55 -47.73 10.56
C THR B 917 -45.80 -47.66 11.44
N TYR B 918 -46.45 -48.80 11.61
CA TYR B 918 -47.78 -48.84 12.22
C TYR B 918 -47.64 -48.94 13.74
N ASN B 919 -48.75 -49.25 14.41
CA ASN B 919 -48.86 -49.21 15.86
C ASN B 919 -48.40 -50.49 16.53
N PHE B 920 -47.43 -51.20 15.91
CA PHE B 920 -47.00 -52.51 16.40
C PHE B 920 -46.31 -52.41 17.75
N ASP B 921 -45.64 -51.29 18.02
CA ASP B 921 -44.88 -51.10 19.25
C ASP B 921 -44.75 -49.60 19.43
N ARG B 922 -43.86 -49.19 20.34
CA ARG B 922 -43.37 -47.83 20.61
C ARG B 922 -44.43 -46.89 21.16
N CYS B 923 -45.69 -47.31 21.27
CA CYS B 923 -46.75 -46.37 21.59
C CYS B 923 -47.81 -47.07 22.42
N THR B 924 -48.68 -46.25 23.01
CA THR B 924 -49.51 -46.71 24.13
C THR B 924 -51.01 -46.69 23.88
N PHE B 925 -51.52 -45.61 23.27
CA PHE B 925 -52.92 -45.16 23.17
C PHE B 925 -53.49 -44.69 24.50
N SER B 926 -52.77 -44.85 25.60
CA SER B 926 -53.34 -44.65 26.93
C SER B 926 -52.64 -43.56 27.72
N GLY B 927 -51.32 -43.67 27.90
CA GLY B 927 -50.63 -42.82 28.85
C GLY B 927 -49.79 -43.65 29.81
N ASN B 928 -49.74 -44.95 29.54
CA ASN B 928 -48.85 -45.88 30.23
C ASN B 928 -48.62 -47.06 29.31
N GLU B 929 -47.36 -47.47 29.14
CA GLU B 929 -46.19 -47.03 29.89
C GLU B 929 -45.50 -45.82 29.26
N SER B 930 -44.24 -45.58 29.65
CA SER B 930 -43.46 -44.41 29.26
C SER B 930 -43.16 -44.25 27.77
N LYS B 931 -43.63 -45.17 26.94
CA LYS B 931 -43.54 -45.02 25.49
C LYS B 931 -44.34 -43.81 25.03
N PRO B 932 -43.88 -43.09 24.01
CA PRO B 932 -44.62 -41.93 23.52
C PRO B 932 -45.87 -42.36 22.78
N LEU B 933 -46.97 -41.66 23.04
CA LEU B 933 -48.30 -42.14 22.68
C LEU B 933 -48.51 -42.13 21.17
N CYS B 934 -49.58 -42.80 20.76
CA CYS B 934 -49.73 -43.19 19.38
C CYS B 934 -50.22 -42.06 18.50
N VAL B 935 -50.09 -42.28 17.20
CA VAL B 935 -50.67 -41.40 16.21
C VAL B 935 -52.19 -41.41 16.35
N GLU B 936 -52.81 -40.25 16.15
CA GLU B 936 -54.26 -40.17 16.09
C GLU B 936 -54.79 -41.01 14.94
N LEU B 937 -55.88 -41.73 15.19
CA LEU B 937 -56.39 -42.73 14.26
C LEU B 937 -57.80 -42.38 13.82
N ASP B 938 -58.41 -43.32 13.09
CA ASP B 938 -59.73 -43.11 12.51
C ASP B 938 -60.64 -44.31 12.75
N ALA B 939 -61.81 -44.31 12.09
CA ALA B 939 -62.65 -45.49 12.09
C ALA B 939 -61.99 -46.65 11.34
N ASN B 940 -61.17 -46.33 10.34
CA ASN B 940 -60.38 -47.33 9.63
C ASN B 940 -59.13 -47.74 10.37
N ASN B 941 -58.86 -47.14 11.54
CA ASN B 941 -57.62 -47.31 12.31
C ASN B 941 -56.39 -47.01 11.46
N GLN B 942 -56.49 -45.98 10.67
CA GLN B 942 -55.40 -45.51 9.84
C GLN B 942 -54.70 -44.32 10.49
N PRO B 943 -53.40 -44.18 10.27
CA PRO B 943 -52.70 -42.98 10.73
C PRO B 943 -53.23 -41.73 10.04
N ARG B 944 -53.62 -40.75 10.86
CA ARG B 944 -54.37 -39.61 10.37
C ARG B 944 -53.49 -38.55 9.71
N PHE B 945 -52.20 -38.50 10.06
CA PHE B 945 -51.34 -37.44 9.57
C PHE B 945 -51.14 -37.57 8.07
N PRO B 946 -51.13 -36.45 7.34
CA PRO B 946 -51.34 -36.52 5.88
C PRO B 946 -50.18 -37.14 5.11
N GLU B 947 -48.96 -37.03 5.63
CA GLU B 947 -47.71 -37.65 5.14
C GLU B 947 -47.20 -37.02 3.85
N TRP B 948 -47.98 -36.12 3.24
CA TRP B 948 -47.44 -35.22 2.24
C TRP B 948 -47.00 -33.91 2.88
N ILE B 949 -47.19 -33.78 4.18
CA ILE B 949 -46.83 -32.58 4.92
C ILE B 949 -45.73 -32.87 5.93
N THR B 950 -45.88 -33.95 6.71
CA THR B 950 -44.90 -34.27 7.73
C THR B 950 -43.58 -34.72 7.14
N ILE B 951 -43.61 -35.39 5.98
CA ILE B 951 -42.38 -35.86 5.35
C ILE B 951 -41.57 -34.69 4.78
N PRO B 952 -42.11 -33.73 4.00
CA PRO B 952 -41.27 -32.58 3.64
C PRO B 952 -41.02 -31.61 4.79
N LEU B 953 -41.75 -31.71 5.89
CA LEU B 953 -41.43 -30.87 7.04
C LEU B 953 -40.15 -31.33 7.72
N VAL B 954 -40.00 -32.65 7.89
CA VAL B 954 -38.77 -33.20 8.45
C VAL B 954 -37.61 -32.96 7.50
N CYS B 955 -37.83 -33.14 6.21
CA CYS B 955 -36.77 -32.98 5.22
C CYS B 955 -36.34 -31.52 5.08
N ILE B 956 -37.22 -30.58 5.39
CA ILE B 956 -36.80 -29.18 5.46
C ILE B 956 -35.98 -28.94 6.73
N TYR B 957 -36.45 -29.51 7.85
CA TYR B 957 -35.75 -29.36 9.12
C TYR B 957 -34.41 -30.06 9.09
N MET B 958 -34.35 -31.27 8.53
CA MET B 958 -33.08 -31.98 8.41
C MET B 958 -32.15 -31.29 7.43
N LEU B 959 -32.68 -30.54 6.48
CA LEU B 959 -31.82 -29.75 5.60
C LEU B 959 -31.24 -28.56 6.35
N SER B 960 -32.08 -27.87 7.12
CA SER B 960 -31.68 -26.62 7.73
C SER B 960 -30.70 -26.84 8.87
N THR B 961 -31.11 -27.57 9.90
CA THR B 961 -30.29 -27.68 11.09
C THR B 961 -29.11 -28.61 10.96
N ASN B 962 -29.10 -29.52 9.99
CA ASN B 962 -27.93 -30.36 9.82
C ASN B 962 -26.98 -29.86 8.76
N ILE B 963 -27.43 -29.03 7.84
CA ILE B 963 -26.57 -28.56 6.75
C ILE B 963 -26.59 -27.04 6.61
N LEU B 964 -27.78 -26.44 6.49
CA LEU B 964 -27.84 -25.00 6.28
C LEU B 964 -27.51 -24.22 7.55
N LEU B 965 -27.41 -24.96 8.66
CA LEU B 965 -27.03 -24.38 9.96
C LEU B 965 -25.60 -24.71 10.51
N VAL B 966 -25.24 -26.00 10.64
CA VAL B 966 -23.91 -26.35 11.18
C VAL B 966 -22.71 -25.89 10.33
N ASN B 967 -22.82 -26.13 9.03
CA ASN B 967 -21.89 -25.66 8.00
C ASN B 967 -21.84 -24.15 7.94
N LEU B 968 -22.93 -23.48 8.33
CA LEU B 968 -22.88 -22.04 8.52
C LEU B 968 -21.99 -21.68 9.70
N LEU B 969 -22.03 -22.48 10.76
CA LEU B 969 -21.24 -22.22 11.96
C LEU B 969 -19.75 -22.32 11.68
N VAL B 970 -19.35 -23.17 10.74
CA VAL B 970 -17.94 -23.27 10.37
C VAL B 970 -17.47 -21.98 9.70
N ALA B 971 -18.32 -21.40 8.85
CA ALA B 971 -17.96 -20.15 8.20
C ALA B 971 -17.84 -19.01 9.21
N MET B 972 -18.74 -18.97 10.19
CA MET B 972 -18.63 -17.97 11.22
C MET B 972 -17.51 -18.27 12.21
N PHE B 973 -17.14 -19.55 12.35
CA PHE B 973 -15.89 -19.88 13.01
C PHE B 973 -14.69 -19.51 12.14
N GLY B 974 -14.80 -19.71 10.83
CA GLY B 974 -13.68 -19.47 9.95
C GLY B 974 -13.36 -18.00 9.78
N TYR B 975 -14.36 -17.13 9.94
CA TYR B 975 -14.06 -15.71 9.91
C TYR B 975 -13.42 -15.26 11.22
N THR B 976 -13.75 -15.93 12.33
CA THR B 976 -13.23 -15.49 13.62
C THR B 976 -11.73 -15.79 13.73
N VAL B 977 -11.29 -16.96 13.29
CA VAL B 977 -9.86 -17.26 13.27
C VAL B 977 -9.14 -16.42 12.23
N GLY B 978 -9.84 -15.91 11.23
CA GLY B 978 -9.23 -14.99 10.30
C GLY B 978 -9.06 -13.60 10.86
N SER B 979 -9.92 -13.22 11.81
CA SER B 979 -9.96 -11.84 12.27
C SER B 979 -9.25 -11.60 13.59
N VAL B 980 -9.40 -12.49 14.58
CA VAL B 980 -8.86 -12.21 15.90
C VAL B 980 -7.54 -12.94 16.15
N GLN B 981 -6.91 -13.47 15.10
CA GLN B 981 -5.70 -14.27 15.30
C GLN B 981 -4.52 -13.40 15.69
N GLU B 982 -4.34 -12.27 14.99
CA GLU B 982 -3.25 -11.35 15.34
C GLU B 982 -3.53 -10.61 16.63
N ASN B 983 -4.79 -10.55 17.07
CA ASN B 983 -5.10 -9.99 18.37
C ASN B 983 -4.98 -11.02 19.48
N ASN B 984 -5.18 -12.30 19.17
CA ASN B 984 -5.11 -13.33 20.21
C ASN B 984 -3.69 -13.57 20.68
N ASP B 985 -2.70 -13.28 19.83
CA ASP B 985 -1.31 -13.38 20.25
C ASP B 985 -0.98 -12.36 21.34
N GLN B 986 -1.44 -11.11 21.16
CA GLN B 986 -1.26 -10.11 22.19
C GLN B 986 -2.06 -10.43 23.44
N VAL B 987 -3.23 -11.05 23.28
CA VAL B 987 -4.04 -11.41 24.44
C VAL B 987 -3.39 -12.54 25.20
N TRP B 988 -2.89 -13.56 24.48
CA TRP B 988 -2.24 -14.69 25.15
C TRP B 988 -0.94 -14.28 25.81
N LYS B 989 -0.16 -13.44 25.14
CA LYS B 989 1.05 -12.90 25.75
C LYS B 989 0.73 -12.01 26.95
N PHE B 990 -0.46 -11.40 26.96
CA PHE B 990 -0.86 -10.64 28.13
C PHE B 990 -1.18 -11.55 29.31
N GLN B 991 -2.02 -12.57 29.10
CA GLN B 991 -2.31 -13.46 30.21
C GLN B 991 -1.16 -14.40 30.55
N ARG B 992 -0.14 -14.47 29.69
CA ARG B 992 1.08 -15.18 30.02
C ARG B 992 1.80 -14.59 31.23
N PHE B 993 1.58 -13.31 31.54
CA PHE B 993 2.21 -12.70 32.70
C PHE B 993 1.66 -13.25 34.00
N PHE B 994 0.34 -13.44 34.08
CA PHE B 994 -0.29 -13.88 35.33
C PHE B 994 0.09 -15.30 35.68
N LEU B 995 0.30 -16.14 34.68
CA LEU B 995 0.73 -17.51 34.93
C LEU B 995 2.17 -17.59 35.39
N VAL B 996 3.00 -16.63 35.00
CA VAL B 996 4.34 -16.55 35.54
C VAL B 996 4.34 -15.84 36.90
N GLN B 997 3.38 -14.94 37.11
CA GLN B 997 3.25 -14.22 38.37
C GLN B 997 2.87 -15.13 39.52
N GLU B 998 2.24 -16.28 39.22
CA GLU B 998 1.67 -17.14 40.24
C GLU B 998 2.71 -17.84 41.13
N TYR B 999 3.98 -17.76 40.80
CA TYR B 999 5.02 -18.43 41.57
C TYR B 999 6.14 -17.49 42.00
N PHE B 1007 4.90 -30.52 47.74
CA PHE B 1007 4.05 -29.42 47.28
C PHE B 1007 3.23 -28.70 48.39
N PRO B 1008 2.69 -29.39 49.41
CA PRO B 1008 2.18 -28.63 50.58
C PRO B 1008 3.27 -27.95 51.38
N PHE B 1009 4.54 -28.36 51.22
CA PHE B 1009 5.65 -27.62 51.82
C PHE B 1009 5.80 -26.23 51.22
N VAL B 1010 5.39 -26.07 49.96
CA VAL B 1010 5.41 -24.74 49.34
C VAL B 1010 4.33 -23.85 49.95
N ILE B 1011 3.13 -24.41 50.18
CA ILE B 1011 2.03 -23.62 50.71
C ILE B 1011 2.18 -23.42 52.21
N PHE B 1012 2.42 -24.52 52.95
CA PHE B 1012 2.65 -24.43 54.39
C PHE B 1012 3.49 -25.61 54.87
N ASN B 1044 22.04 3.68 40.78
CA ASN B 1044 23.22 4.49 40.49
C ASN B 1044 23.67 4.33 39.05
N GLU B 1045 24.37 3.24 38.78
CA GLU B 1045 24.87 2.99 37.43
C GLU B 1045 23.75 2.68 36.46
N ILE B 1046 22.67 2.04 36.94
CA ILE B 1046 21.54 1.76 36.07
C ILE B 1046 20.80 3.05 35.75
N LEU B 1047 20.62 3.92 36.75
CA LEU B 1047 20.01 5.22 36.51
C LEU B 1047 20.88 6.11 35.65
N ALA B 1048 22.19 6.01 35.80
CA ALA B 1048 23.08 6.74 34.92
C ALA B 1048 23.07 6.18 33.51
N TRP B 1049 22.83 4.88 33.35
CA TRP B 1049 22.78 4.29 32.02
C TRP B 1049 21.52 4.72 31.29
N GLU B 1050 20.40 4.84 32.00
CA GLU B 1050 19.19 5.32 31.37
C GLU B 1050 19.28 6.80 31.04
N ALA B 1051 19.97 7.56 31.88
CA ALA B 1051 20.03 9.02 31.72
C ALA B 1051 20.80 9.41 30.47
N VAL B 1052 21.79 8.62 30.06
CA VAL B 1052 22.42 8.85 28.76
C VAL B 1052 21.47 8.49 27.63
N MET B 1053 20.82 7.33 27.75
CA MET B 1053 20.02 6.82 26.65
C MET B 1053 18.69 7.54 26.51
N LYS B 1054 18.13 8.02 27.61
CA LYS B 1054 16.95 8.86 27.54
C LYS B 1054 17.27 10.21 26.93
N GLU B 1055 18.48 10.70 27.18
CA GLU B 1055 18.88 11.98 26.61
C GLU B 1055 19.03 11.89 25.10
N ASN B 1056 19.57 10.77 24.60
CA ASN B 1056 19.62 10.56 23.16
C ASN B 1056 18.24 10.32 22.56
N TYR B 1057 17.27 9.93 23.37
CA TYR B 1057 15.91 9.76 22.88
C TYR B 1057 15.22 11.11 22.73
N LEU B 1058 15.30 11.96 23.76
CA LEU B 1058 14.65 13.27 23.70
C LEU B 1058 15.31 14.18 22.68
N VAL B 1059 16.61 13.99 22.43
CA VAL B 1059 17.27 14.64 21.31
C VAL B 1059 16.67 14.16 19.99
N LYS B 1060 16.46 12.85 19.87
CA LYS B 1060 15.99 12.28 18.61
C LYS B 1060 14.55 12.68 18.31
N ILE B 1061 13.76 12.96 19.35
CA ILE B 1061 12.38 13.42 19.13
C ILE B 1061 12.38 14.84 18.59
N ASN B 1062 12.98 15.77 19.33
CA ASN B 1062 12.83 17.20 19.05
C ASN B 1062 13.68 17.67 17.89
N THR B 1063 14.42 16.80 17.21
CA THR B 1063 15.04 17.13 15.94
C THR B 1063 14.45 16.40 14.75
N LYS B 1064 13.72 15.29 14.96
CA LYS B 1064 13.11 14.57 13.85
C LYS B 1064 12.02 15.37 13.16
N ALA B 1065 11.40 16.32 13.87
CA ALA B 1065 10.55 17.31 13.22
C ALA B 1065 11.35 18.18 12.25
N ASN B 1066 12.61 18.44 12.58
CA ASN B 1066 13.49 19.15 11.66
C ASN B 1066 14.14 18.21 10.66
N ASP B 1067 14.39 16.95 11.05
CA ASP B 1067 14.92 15.98 10.10
C ASP B 1067 13.86 15.38 9.19
N SER B 1068 12.61 15.85 9.25
CA SER B 1068 11.63 15.50 8.24
C SER B 1068 12.07 16.05 6.89
N SER B 1069 12.06 17.38 6.77
CA SER B 1069 12.77 18.16 5.74
C SER B 1069 12.44 17.73 4.31
N GLU B 1070 11.23 17.22 4.08
CA GLU B 1070 10.87 16.65 2.79
C GLU B 1070 10.56 17.71 1.74
N GLU B 1071 10.50 18.98 2.11
CA GLU B 1071 10.24 20.07 1.18
C GLU B 1071 11.41 21.02 1.17
N MET B 1072 11.82 21.42 -0.03
CA MET B 1072 12.84 22.44 -0.21
C MET B 1072 12.28 23.86 -0.20
N VAL B 1073 11.04 24.02 0.29
CA VAL B 1073 10.46 25.35 0.41
C VAL B 1073 11.15 26.16 1.51
N HIS B 1074 11.80 25.49 2.46
CA HIS B 1074 12.70 26.20 3.36
C HIS B 1074 13.99 26.56 2.65
N ARG B 1075 14.49 25.66 1.79
CA ARG B 1075 15.66 25.98 0.99
C ARG B 1075 15.34 26.98 -0.10
N PHE B 1076 14.08 26.99 -0.57
CA PHE B 1076 13.61 28.04 -1.47
C PHE B 1076 13.68 29.40 -0.80
N ARG B 1077 13.40 29.46 0.51
CA ARG B 1077 13.57 30.70 1.25
C ARG B 1077 15.03 31.10 1.36
N GLN B 1078 15.94 30.12 1.46
CA GLN B 1078 17.36 30.42 1.54
C GLN B 1078 17.95 30.86 0.21
N LEU B 1079 17.33 30.50 -0.92
CA LEU B 1079 17.81 30.93 -2.22
C LEU B 1079 17.65 32.43 -2.40
N ASP B 1080 16.42 32.93 -2.24
CA ASP B 1080 16.08 34.31 -2.51
C ASP B 1080 16.60 35.29 -1.47
N ALA B 1081 17.29 34.81 -0.43
CA ALA B 1081 17.91 35.71 0.54
C ALA B 1081 19.08 36.47 -0.08
N LYS B 1082 19.71 35.92 -1.11
CA LYS B 1082 20.82 36.59 -1.76
C LYS B 1082 20.40 37.38 -3.00
N LEU B 1083 19.25 37.05 -3.59
CA LEU B 1083 18.79 37.78 -4.77
C LEU B 1083 18.39 39.21 -4.43
N SER B 1084 17.95 39.45 -3.19
CA SER B 1084 17.78 40.82 -2.74
C SER B 1084 19.14 41.48 -2.51
N ASP B 1085 20.13 40.70 -2.05
CA ASP B 1085 21.48 41.24 -1.85
C ASP B 1085 22.16 41.50 -3.18
N LEU B 1086 21.83 40.72 -4.22
CA LEU B 1086 22.41 40.94 -5.53
C LEU B 1086 21.89 42.21 -6.17
N LYS B 1087 20.57 42.41 -6.16
CA LYS B 1087 19.99 43.61 -6.78
C LYS B 1087 20.30 44.86 -5.97
N GLY B 1088 20.42 44.73 -4.65
CA GLY B 1088 20.76 45.88 -3.82
C GLY B 1088 22.20 46.31 -3.99
N LEU B 1089 23.10 45.35 -4.22
CA LEU B 1089 24.50 45.69 -4.46
C LEU B 1089 24.68 46.35 -5.81
N LEU B 1090 23.82 46.02 -6.78
CA LEU B 1090 23.83 46.70 -8.07
C LEU B 1090 23.17 48.07 -7.97
N LYS B 1091 22.22 48.24 -7.04
CA LYS B 1091 21.68 49.55 -6.77
C LYS B 1091 22.73 50.45 -6.13
N GLU B 1092 23.60 49.87 -5.29
CA GLU B 1092 24.65 50.66 -4.66
C GLU B 1092 25.75 51.04 -5.64
N ILE B 1093 26.03 50.18 -6.63
CA ILE B 1093 27.00 50.54 -7.65
C ILE B 1093 26.40 51.50 -8.66
N SER B 1094 25.07 51.63 -8.70
CA SER B 1094 24.44 52.56 -9.62
C SER B 1094 24.63 54.00 -9.18
N SER B 1095 24.84 54.23 -7.89
CA SER B 1095 25.11 55.57 -7.39
C SER B 1095 26.57 55.96 -7.57
N LYS B 1096 27.46 55.00 -7.76
CA LYS B 1096 28.89 55.31 -7.84
C LYS B 1096 29.31 55.77 -9.23
N ILE B 1097 28.66 55.25 -10.28
CA ILE B 1097 28.96 55.72 -11.63
C ILE B 1097 28.36 57.10 -11.86
N LYS B 1098 27.20 57.37 -11.25
CA LYS B 1098 26.50 58.64 -11.46
C LYS B 1098 26.79 59.61 -10.31
N GLY C 99 -12.65 25.94 -61.49
CA GLY C 99 -13.53 24.79 -61.59
C GLY C 99 -13.48 23.90 -60.36
N ASP C 100 -13.91 22.65 -60.50
CA ASP C 100 -13.81 21.66 -59.44
C ASP C 100 -12.59 20.78 -59.67
N ILE C 101 -12.33 19.89 -58.70
CA ILE C 101 -11.12 19.09 -58.73
C ILE C 101 -11.42 17.71 -58.15
N GLN C 102 -10.60 16.74 -58.54
CA GLN C 102 -10.68 15.38 -58.06
C GLN C 102 -9.27 14.84 -57.92
N PHE C 103 -9.05 14.06 -56.87
CA PHE C 103 -7.72 13.51 -56.61
C PHE C 103 -7.69 12.00 -56.81
N GLY C 110 -13.15 18.47 -54.34
CA GLY C 110 -13.09 19.84 -53.88
C GLY C 110 -13.14 20.85 -55.00
N LYS C 111 -13.07 22.13 -54.65
CA LYS C 111 -13.11 23.21 -55.63
C LYS C 111 -11.80 23.99 -55.59
N TYR C 112 -11.55 24.75 -56.66
CA TYR C 112 -10.36 25.57 -56.74
C TYR C 112 -10.64 26.78 -57.61
N ILE C 113 -9.69 27.71 -57.60
CA ILE C 113 -9.74 28.89 -58.46
C ILE C 113 -8.31 29.40 -58.62
N ARG C 114 -7.99 29.87 -59.82
CA ARG C 114 -6.69 30.46 -60.12
C ARG C 114 -6.84 31.97 -60.05
N LEU C 115 -6.33 32.57 -58.97
CA LEU C 115 -6.57 33.96 -58.67
C LEU C 115 -5.50 34.83 -59.33
N SER C 116 -5.45 36.10 -58.95
CA SER C 116 -4.41 37.02 -59.40
C SER C 116 -4.08 37.97 -58.26
N CYS C 117 -2.83 38.41 -58.22
CA CYS C 117 -2.40 39.34 -57.18
C CYS C 117 -2.82 40.77 -57.52
N GLU C 122 -11.25 41.36 -51.17
CA GLU C 122 -12.63 41.74 -50.94
C GLU C 122 -13.57 40.86 -51.75
N THR C 123 -13.47 40.96 -53.08
CA THR C 123 -14.31 40.17 -53.96
C THR C 123 -13.98 38.69 -53.92
N LEU C 124 -12.78 38.33 -53.43
CA LEU C 124 -12.49 36.95 -53.08
C LEU C 124 -13.43 36.45 -51.99
N TYR C 125 -13.67 37.27 -50.97
CA TYR C 125 -14.59 36.89 -49.89
C TYR C 125 -16.02 36.85 -50.39
N ASP C 126 -16.35 37.63 -51.42
CA ASP C 126 -17.68 37.55 -52.01
C ASP C 126 -17.89 36.22 -52.73
N LEU C 127 -16.81 35.64 -53.26
CA LEU C 127 -16.92 34.32 -53.88
C LEU C 127 -17.10 33.22 -52.86
N MET C 128 -16.34 33.26 -51.77
CA MET C 128 -16.29 32.18 -50.81
C MET C 128 -17.52 32.10 -49.91
N THR C 129 -18.39 33.10 -49.94
CA THR C 129 -19.54 33.14 -49.05
C THR C 129 -20.87 33.07 -49.79
N GLN C 130 -21.04 33.85 -50.85
CA GLN C 130 -22.34 33.92 -51.51
C GLN C 130 -22.58 32.73 -52.42
N HIS C 131 -21.53 32.20 -53.04
CA HIS C 131 -21.64 30.97 -53.81
C HIS C 131 -21.26 29.74 -53.00
N TRP C 132 -20.19 29.85 -52.24
CA TRP C 132 -19.65 28.78 -51.42
C TRP C 132 -20.20 28.88 -50.00
N HIS C 133 -19.49 28.29 -49.04
CA HIS C 133 -19.92 28.00 -47.67
C HIS C 133 -20.19 29.20 -46.77
N LEU C 134 -20.48 28.89 -45.51
CA LEU C 134 -21.07 29.80 -44.53
C LEU C 134 -20.04 30.78 -43.96
N LYS C 135 -20.56 31.92 -43.50
CA LYS C 135 -19.82 32.92 -42.75
C LYS C 135 -19.32 32.33 -41.42
N THR C 136 -18.28 32.95 -40.87
CA THR C 136 -17.56 32.32 -39.76
C THR C 136 -17.57 33.16 -38.50
N PRO C 137 -17.66 32.53 -37.34
CA PRO C 137 -17.39 33.21 -36.07
C PRO C 137 -15.95 33.12 -35.59
N ASN C 138 -15.03 32.55 -36.38
CA ASN C 138 -13.64 32.41 -35.99
C ASN C 138 -12.81 32.19 -37.25
N LEU C 139 -11.51 32.44 -37.14
CA LEU C 139 -10.62 32.28 -38.29
C LEU C 139 -9.20 32.05 -37.77
N VAL C 140 -8.70 30.83 -37.91
CA VAL C 140 -7.35 30.47 -37.49
C VAL C 140 -6.50 30.29 -38.73
N ILE C 141 -5.29 30.83 -38.71
CA ILE C 141 -4.41 30.86 -39.89
C ILE C 141 -3.03 30.33 -39.49
N SER C 142 -2.61 29.24 -40.11
CA SER C 142 -1.31 28.64 -39.86
C SER C 142 -0.35 29.06 -40.95
N VAL C 143 0.56 29.98 -40.66
CA VAL C 143 1.51 30.48 -41.65
C VAL C 143 2.65 29.48 -41.78
N THR C 144 2.64 28.75 -42.89
CA THR C 144 3.65 27.79 -43.32
C THR C 144 3.35 27.49 -44.79
N GLY C 145 4.01 26.48 -45.34
CA GLY C 145 3.73 26.10 -46.71
C GLY C 145 4.99 25.78 -47.49
N GLY C 146 6.09 26.49 -47.17
CA GLY C 146 7.37 26.09 -47.71
C GLY C 146 7.91 24.84 -47.06
N ALA C 147 7.34 24.43 -45.92
CA ALA C 147 7.77 23.23 -45.23
C ALA C 147 7.25 22.02 -45.97
N LYS C 148 8.00 21.62 -47.00
CA LYS C 148 7.80 20.30 -47.56
C LYS C 148 8.25 19.23 -46.57
N ASN C 149 9.26 19.55 -45.77
CA ASN C 149 9.68 18.72 -44.65
C ASN C 149 9.22 19.42 -43.37
N PHE C 150 8.54 18.69 -42.49
CA PHE C 150 8.10 19.27 -41.24
C PHE C 150 8.14 18.23 -40.15
N ALA C 151 8.85 18.54 -39.06
CA ALA C 151 8.97 17.65 -37.92
C ALA C 151 7.66 17.61 -37.17
N LEU C 152 6.84 16.61 -37.44
CA LEU C 152 5.54 16.46 -36.77
C LEU C 152 5.75 15.80 -35.42
N LYS C 153 6.29 16.58 -34.50
CA LYS C 153 6.52 16.13 -33.13
C LYS C 153 5.18 15.93 -32.43
N PRO C 154 5.14 15.07 -31.40
CA PRO C 154 3.87 14.86 -30.68
C PRO C 154 3.33 16.08 -29.97
N ARG C 155 4.16 17.08 -29.66
CA ARG C 155 3.62 18.32 -29.13
C ARG C 155 2.99 19.16 -30.23
N MET C 156 3.65 19.26 -31.38
CA MET C 156 3.07 19.95 -32.53
C MET C 156 1.89 19.19 -33.11
N ARG C 157 1.83 17.88 -32.87
CA ARG C 157 0.66 17.09 -33.23
C ARG C 157 -0.47 17.30 -32.24
N LYS C 158 -0.14 17.56 -30.97
CA LYS C 158 -1.16 17.81 -29.95
C LYS C 158 -1.83 19.15 -30.17
N ILE C 159 -1.05 20.17 -30.54
CA ILE C 159 -1.58 21.53 -30.62
C ILE C 159 -2.54 21.66 -31.79
N PHE C 160 -2.16 21.18 -32.96
CA PHE C 160 -2.99 21.34 -34.14
C PHE C 160 -4.10 20.31 -34.24
N SER C 161 -4.16 19.34 -33.32
CA SER C 161 -5.35 18.50 -33.24
C SER C 161 -6.36 19.08 -32.28
N ARG C 162 -5.90 19.68 -31.19
CA ARG C 162 -6.79 20.41 -30.29
C ARG C 162 -7.26 21.71 -30.90
N LEU C 163 -6.52 22.24 -31.89
CA LEU C 163 -6.92 23.49 -32.51
C LEU C 163 -8.14 23.31 -33.38
N ILE C 164 -8.19 22.24 -34.16
CA ILE C 164 -9.33 22.02 -35.05
C ILE C 164 -10.54 21.57 -34.26
N TYR C 165 -10.33 20.91 -33.12
CA TYR C 165 -11.45 20.63 -32.23
C TYR C 165 -11.99 21.91 -31.60
N ILE C 166 -11.11 22.87 -31.31
CA ILE C 166 -11.55 24.18 -30.87
C ILE C 166 -12.26 24.91 -32.00
N ALA C 167 -11.72 24.82 -33.21
CA ALA C 167 -12.32 25.48 -34.36
C ALA C 167 -13.65 24.87 -34.77
N GLN C 168 -13.91 23.62 -34.41
CA GLN C 168 -15.19 23.02 -34.73
C GLN C 168 -16.28 23.40 -33.73
N SER C 169 -15.90 23.83 -32.53
CA SER C 169 -16.89 24.33 -31.60
C SER C 169 -17.42 25.69 -32.03
N LYS C 170 -16.59 26.49 -32.69
CA LYS C 170 -17.01 27.81 -33.14
C LYS C 170 -17.32 27.88 -34.62
N GLY C 171 -16.80 26.96 -35.43
CA GLY C 171 -17.10 26.97 -36.84
C GLY C 171 -16.22 27.90 -37.65
N ALA C 172 -14.91 27.67 -37.61
CA ALA C 172 -13.95 28.57 -38.23
C ALA C 172 -13.65 28.18 -39.67
N TRP C 173 -12.92 29.07 -40.34
CA TRP C 173 -12.12 28.72 -41.50
C TRP C 173 -10.69 28.51 -41.05
N ILE C 174 -9.95 27.70 -41.80
CA ILE C 174 -8.52 27.53 -41.53
C ILE C 174 -7.78 27.77 -42.82
N PHE C 175 -6.94 28.80 -42.83
CA PHE C 175 -6.10 29.10 -43.99
C PHE C 175 -4.74 28.45 -43.80
N THR C 176 -4.37 27.56 -44.71
CA THR C 176 -3.11 26.85 -44.66
C THR C 176 -2.32 27.07 -45.94
N GLY C 177 -1.21 26.36 -46.07
CA GLY C 177 -0.42 26.44 -47.29
C GLY C 177 -1.08 25.74 -48.45
N GLY C 178 -1.76 24.63 -48.21
CA GLY C 178 -2.57 24.00 -49.22
C GLY C 178 -1.95 22.82 -49.94
N THR C 179 -0.68 22.53 -49.69
CA THR C 179 -0.02 21.45 -50.40
C THR C 179 0.02 20.20 -49.52
N HIS C 180 0.51 19.10 -50.10
CA HIS C 180 0.32 17.77 -49.57
C HIS C 180 1.40 17.36 -48.57
N TYR C 181 2.18 18.28 -48.06
CA TYR C 181 3.34 17.93 -47.24
C TYR C 181 3.29 18.57 -45.87
N GLY C 182 3.76 17.82 -44.88
CA GLY C 182 4.06 18.44 -43.59
C GLY C 182 2.81 18.70 -42.78
N LEU C 183 2.70 19.94 -42.29
CA LEU C 183 1.60 20.31 -41.42
C LEU C 183 0.29 20.44 -42.18
N MET C 184 0.32 20.92 -43.43
CA MET C 184 -0.91 21.07 -44.20
C MET C 184 -1.53 19.73 -44.54
N LYS C 185 -0.71 18.69 -44.68
CA LYS C 185 -1.23 17.34 -44.81
C LYS C 185 -1.87 16.91 -43.51
N TYR C 186 -1.26 17.28 -42.38
CA TYR C 186 -1.81 16.88 -41.09
C TYR C 186 -3.05 17.70 -40.73
N ILE C 187 -3.09 18.97 -41.13
CA ILE C 187 -4.26 19.80 -40.87
C ILE C 187 -5.45 19.27 -41.64
N GLY C 188 -5.26 18.92 -42.92
CA GLY C 188 -6.35 18.38 -43.72
C GLY C 188 -6.83 17.03 -43.24
N GLU C 189 -5.93 16.22 -42.68
CA GLU C 189 -6.33 14.91 -42.17
C GLU C 189 -7.17 15.04 -40.90
N VAL C 190 -6.93 16.06 -40.09
CA VAL C 190 -7.71 16.22 -38.87
C VAL C 190 -8.98 17.01 -39.16
N VAL C 191 -8.96 17.88 -40.17
CA VAL C 191 -10.18 18.53 -40.62
C VAL C 191 -11.15 17.51 -41.22
N ARG C 192 -10.65 16.60 -42.05
CA ARG C 192 -11.50 15.63 -42.73
C ARG C 192 -12.15 14.66 -41.75
N ASP C 193 -11.39 14.18 -40.77
CA ASP C 193 -11.95 13.26 -39.80
C ASP C 193 -12.92 13.95 -38.85
N ASN C 194 -12.75 15.25 -38.62
CA ASN C 194 -13.68 15.96 -37.74
C ASN C 194 -14.92 16.43 -38.45
N THR C 195 -14.88 16.62 -39.77
CA THR C 195 -16.07 17.03 -40.51
C THR C 195 -17.04 15.88 -40.70
N ILE C 196 -16.53 14.66 -40.85
CA ILE C 196 -17.39 13.52 -41.06
C ILE C 196 -18.05 13.10 -39.75
N SER C 197 -17.25 12.87 -38.71
CA SER C 197 -17.78 12.51 -37.41
C SER C 197 -18.32 13.73 -36.68
N GLU C 202 -21.68 23.17 -36.00
CA GLU C 202 -20.77 24.06 -36.73
C GLU C 202 -19.72 23.24 -37.45
N ASN C 203 -19.02 23.87 -38.41
CA ASN C 203 -18.19 23.14 -39.33
C ASN C 203 -16.87 23.88 -39.55
N VAL C 204 -15.80 23.11 -39.77
CA VAL C 204 -14.49 23.65 -40.12
C VAL C 204 -14.31 23.53 -41.62
N VAL C 205 -13.96 24.63 -42.27
CA VAL C 205 -13.55 24.60 -43.66
C VAL C 205 -12.06 24.91 -43.71
N ALA C 206 -11.30 24.12 -44.45
CA ALA C 206 -9.85 24.25 -44.49
C ALA C 206 -9.45 24.76 -45.87
N ILE C 207 -9.42 26.08 -46.02
CA ILE C 207 -9.04 26.68 -47.30
C ILE C 207 -7.53 26.67 -47.41
N GLY C 208 -7.02 26.16 -48.53
CA GLY C 208 -5.60 26.21 -48.82
C GLY C 208 -5.31 27.34 -49.80
N ILE C 209 -4.18 28.01 -49.60
CA ILE C 209 -3.76 29.10 -50.48
C ILE C 209 -2.35 28.77 -50.96
N ALA C 210 -2.25 28.22 -52.16
CA ALA C 210 -0.99 27.87 -52.78
C ALA C 210 -0.62 28.94 -53.80
N ALA C 211 0.47 28.70 -54.55
CA ALA C 211 1.08 29.74 -55.35
C ALA C 211 1.15 29.46 -56.84
N TRP C 212 0.66 28.31 -57.31
CA TRP C 212 0.38 27.98 -58.72
C TRP C 212 1.61 27.86 -59.61
N GLY C 213 2.75 28.36 -59.17
CA GLY C 213 3.99 28.10 -59.86
C GLY C 213 4.73 26.95 -59.26
N MET C 214 4.32 26.57 -58.05
CA MET C 214 4.91 25.47 -57.32
C MET C 214 4.07 24.21 -57.38
N ILE C 215 2.91 24.26 -58.01
CA ILE C 215 2.08 23.07 -58.17
C ILE C 215 2.69 22.22 -59.29
N SER C 216 2.58 20.90 -59.16
CA SER C 216 3.32 19.99 -60.01
C SER C 216 2.71 19.85 -61.40
N ASN C 217 1.44 19.47 -61.47
CA ASN C 217 0.85 18.89 -62.67
C ASN C 217 -0.41 19.66 -63.08
N ARG C 218 -0.24 20.98 -63.29
CA ARG C 218 -1.31 21.92 -63.61
C ARG C 218 -2.19 21.48 -64.78
N GLU C 219 -3.50 21.41 -64.53
CA GLU C 219 -4.50 21.27 -65.57
C GLU C 219 -5.41 22.48 -65.58
N THR C 220 -6.08 22.68 -66.71
CA THR C 220 -6.93 23.84 -66.91
C THR C 220 -8.25 23.48 -67.57
N ASP C 228 -14.43 19.69 -64.49
CA ASP C 228 -14.07 18.82 -63.38
C ASP C 228 -12.73 18.14 -63.64
N GLY C 229 -11.65 18.92 -63.61
CA GLY C 229 -10.34 18.39 -63.92
C GLY C 229 -9.77 17.59 -62.77
N SER C 230 -9.22 16.41 -63.09
CA SER C 230 -8.57 15.57 -62.10
C SER C 230 -7.10 15.97 -61.97
N PHE C 231 -6.53 15.71 -60.79
CA PHE C 231 -5.18 16.11 -60.47
C PHE C 231 -4.35 14.89 -60.08
N LEU C 232 -3.12 14.84 -60.58
CA LEU C 232 -2.16 13.82 -60.16
C LEU C 232 -0.79 14.43 -59.97
N LEU C 240 7.41 12.81 -62.94
CA LEU C 240 8.71 12.99 -62.32
C LEU C 240 8.69 12.40 -60.91
N LYS C 241 9.85 11.94 -60.44
CA LYS C 241 9.94 11.25 -59.17
C LYS C 241 10.67 12.04 -58.09
N ARG C 242 11.41 13.08 -58.46
CA ARG C 242 12.11 13.96 -57.53
C ARG C 242 11.87 15.41 -57.90
N ASP C 243 10.61 15.77 -58.12
CA ASP C 243 10.29 17.11 -58.55
C ASP C 243 10.40 18.09 -57.37
N PRO C 244 10.88 19.31 -57.62
CA PRO C 244 10.88 20.33 -56.56
C PRO C 244 9.55 21.04 -56.40
N LEU C 245 8.55 20.68 -57.19
CA LEU C 245 7.23 21.30 -57.10
C LEU C 245 6.42 20.63 -55.99
N TYR C 246 5.14 20.95 -55.89
CA TYR C 246 4.32 20.57 -54.76
C TYR C 246 3.06 19.87 -55.21
N CYS C 247 2.71 18.78 -54.53
CA CYS C 247 1.43 18.12 -54.75
C CYS C 247 0.36 18.84 -53.96
N LEU C 248 -0.83 18.93 -54.53
CA LEU C 248 -1.94 19.57 -53.85
C LEU C 248 -2.49 18.65 -52.77
N ASP C 249 -2.93 19.25 -51.66
CA ASP C 249 -3.44 18.45 -50.55
C ASP C 249 -4.86 18.00 -50.88
N ASN C 250 -5.15 16.74 -50.52
CA ASN C 250 -6.42 16.13 -50.92
C ASN C 250 -7.57 16.68 -50.09
N ASN C 251 -7.31 16.99 -48.82
CA ASN C 251 -8.36 17.26 -47.85
C ASN C 251 -8.58 18.74 -47.60
N HIS C 252 -8.08 19.61 -48.47
CA HIS C 252 -8.48 21.01 -48.47
C HIS C 252 -9.56 21.14 -49.52
N THR C 253 -10.80 21.31 -49.07
CA THR C 253 -11.94 21.26 -49.98
C THR C 253 -12.05 22.50 -50.86
N HIS C 254 -11.39 23.59 -50.49
CA HIS C 254 -11.39 24.80 -51.29
C HIS C 254 -9.97 25.31 -51.38
N LEU C 255 -9.45 25.46 -52.58
CA LEU C 255 -8.08 25.86 -52.80
C LEU C 255 -8.03 27.19 -53.53
N LEU C 256 -7.06 28.03 -53.17
CA LEU C 256 -6.83 29.29 -53.84
C LEU C 256 -5.43 29.27 -54.43
N LEU C 257 -5.34 29.50 -55.73
CA LEU C 257 -4.07 29.43 -56.45
C LEU C 257 -3.71 30.82 -56.95
N VAL C 258 -2.68 31.41 -56.35
CA VAL C 258 -2.28 32.77 -56.66
C VAL C 258 -1.35 32.76 -57.88
N ASP C 259 -1.62 33.63 -58.84
CA ASP C 259 -0.84 33.65 -60.07
C ASP C 259 0.23 34.73 -60.00
N ASN C 260 1.32 34.49 -60.71
CA ASN C 260 2.47 35.41 -60.76
C ASN C 260 3.09 35.28 -62.15
N GLY C 261 4.30 35.82 -62.29
CA GLY C 261 5.02 35.75 -63.55
C GLY C 261 6.35 35.04 -63.45
N ALA C 270 0.77 34.82 -50.93
CA ALA C 270 1.22 35.48 -49.72
C ALA C 270 0.65 36.88 -49.61
N LYS C 271 0.51 37.55 -50.75
CA LYS C 271 -0.02 38.91 -50.75
C LYS C 271 -1.52 38.92 -50.55
N VAL C 272 -2.25 38.12 -51.33
CA VAL C 272 -3.70 38.12 -51.27
C VAL C 272 -4.23 37.38 -50.05
N ARG C 273 -3.38 36.53 -49.43
CA ARG C 273 -3.77 35.89 -48.19
C ARG C 273 -3.83 36.90 -47.05
N THR C 274 -2.79 37.71 -46.91
CA THR C 274 -2.75 38.70 -45.83
C THR C 274 -3.74 39.83 -46.06
N GLN C 275 -4.08 40.10 -47.32
CA GLN C 275 -5.15 41.05 -47.60
C GLN C 275 -6.51 40.44 -47.29
N LEU C 276 -6.63 39.12 -47.39
CA LEU C 276 -7.88 38.48 -46.97
C LEU C 276 -7.96 38.40 -45.45
N GLU C 277 -6.82 38.44 -44.76
CA GLU C 277 -6.83 38.62 -43.31
C GLU C 277 -7.40 39.98 -42.95
N LYS C 278 -6.96 41.02 -43.65
CA LYS C 278 -7.33 42.38 -43.26
C LYS C 278 -8.77 42.70 -43.62
N TYR C 279 -9.33 42.03 -44.62
CA TYR C 279 -10.71 42.33 -44.98
C TYR C 279 -11.71 41.63 -44.07
N ILE C 280 -11.41 40.40 -43.65
CA ILE C 280 -12.33 39.66 -42.79
C ILE C 280 -12.32 40.27 -41.39
N SER C 281 -11.17 40.78 -40.93
CA SER C 281 -11.11 41.43 -39.63
C SER C 281 -11.86 42.76 -39.63
N GLU C 282 -11.96 43.41 -40.79
CA GLU C 282 -12.78 44.61 -40.90
C GLU C 282 -14.22 44.31 -41.29
N ARG C 283 -14.55 43.05 -41.58
CA ARG C 283 -15.92 42.69 -41.90
C ARG C 283 -16.75 42.72 -40.62
N VAL C 284 -17.86 43.45 -40.65
CA VAL C 284 -18.65 43.73 -39.47
C VAL C 284 -19.78 42.71 -39.38
N ILE C 285 -19.81 41.97 -38.28
CA ILE C 285 -20.92 41.09 -37.94
C ILE C 285 -21.67 41.72 -36.76
N PRO C 286 -22.98 41.95 -36.86
CA PRO C 286 -23.70 42.53 -35.72
C PRO C 286 -23.95 41.55 -34.59
N GLU C 287 -24.03 40.25 -34.86
CA GLU C 287 -24.39 39.29 -33.82
C GLU C 287 -23.17 38.71 -33.10
N SER C 288 -22.28 39.59 -32.62
CA SER C 288 -21.06 39.14 -31.98
C SER C 288 -20.80 39.92 -30.71
N ASN C 289 -19.97 39.35 -29.85
CA ASN C 289 -19.54 39.97 -28.60
C ASN C 289 -18.07 40.37 -28.64
N TYR C 290 -17.41 40.23 -29.78
CA TYR C 290 -16.07 40.74 -30.03
C TYR C 290 -16.09 42.19 -30.51
N GLY C 291 -17.24 42.85 -30.44
CA GLY C 291 -17.44 44.06 -31.21
C GLY C 291 -17.68 43.78 -32.67
N GLY C 292 -18.11 42.58 -32.99
CA GLY C 292 -18.14 42.15 -34.38
C GLY C 292 -16.80 41.59 -34.77
N LYS C 293 -16.31 42.05 -35.93
CA LYS C 293 -14.91 42.01 -36.33
C LYS C 293 -14.35 40.63 -36.70
N ILE C 294 -15.11 39.55 -36.45
CA ILE C 294 -14.80 38.17 -36.85
C ILE C 294 -13.41 37.74 -36.39
N PRO C 295 -13.24 37.32 -35.11
CA PRO C 295 -11.91 37.15 -34.50
C PRO C 295 -10.91 36.27 -35.24
N ILE C 296 -9.83 36.88 -35.69
CA ILE C 296 -8.82 36.25 -36.53
C ILE C 296 -7.57 36.02 -35.70
N VAL C 297 -7.07 34.78 -35.70
CA VAL C 297 -5.84 34.42 -35.03
C VAL C 297 -4.88 33.87 -36.08
N CYS C 298 -3.62 34.25 -35.98
CA CYS C 298 -2.57 33.76 -36.85
C CYS C 298 -1.65 32.85 -36.03
N PHE C 299 -1.43 31.64 -36.51
CA PHE C 299 -0.57 30.68 -35.82
C PHE C 299 0.77 30.59 -36.55
N ALA C 300 1.82 31.05 -35.89
CA ALA C 300 3.17 31.02 -36.45
C ALA C 300 3.95 29.91 -35.78
N GLN C 301 4.47 28.98 -36.57
CA GLN C 301 5.30 27.93 -36.00
C GLN C 301 6.60 27.68 -36.76
N GLY C 302 6.65 27.93 -38.05
CA GLY C 302 7.79 27.56 -38.86
C GLY C 302 8.90 28.57 -38.85
N GLY C 303 9.48 28.80 -40.02
CA GLY C 303 10.60 29.71 -40.16
C GLY C 303 10.67 30.24 -41.58
N GLY C 304 11.76 30.94 -41.85
CA GLY C 304 12.04 31.42 -43.19
C GLY C 304 11.60 32.85 -43.40
N LYS C 305 11.99 33.38 -44.55
CA LYS C 305 11.61 34.74 -44.93
C LYS C 305 10.12 34.84 -45.22
N GLU C 306 9.53 33.76 -45.74
CA GLU C 306 8.15 33.79 -46.19
C GLU C 306 7.16 33.90 -45.04
N THR C 307 7.55 33.51 -43.83
CA THR C 307 6.70 33.72 -42.67
C THR C 307 7.10 34.94 -41.87
N LEU C 308 8.39 35.26 -41.84
CA LEU C 308 8.85 36.47 -41.17
C LEU C 308 8.31 37.72 -41.84
N LYS C 309 8.21 37.70 -43.18
CA LYS C 309 7.47 38.76 -43.86
C LYS C 309 5.99 38.70 -43.52
N SER C 310 5.44 37.50 -43.39
CA SER C 310 4.02 37.32 -43.13
C SER C 310 3.64 37.51 -41.68
N ILE C 311 4.58 37.84 -40.80
CA ILE C 311 4.25 38.29 -39.46
C ILE C 311 4.23 39.81 -39.40
N ASN C 312 5.14 40.47 -40.13
CA ASN C 312 5.16 41.93 -40.21
C ASN C 312 3.88 42.47 -40.84
N VAL C 313 3.55 41.96 -42.03
CA VAL C 313 2.37 42.45 -42.74
C VAL C 313 1.10 41.98 -42.04
N ALA C 314 1.21 40.93 -41.21
CA ALA C 314 0.15 40.64 -40.27
C ALA C 314 0.05 41.72 -39.22
N ILE C 315 1.16 42.03 -38.55
CA ILE C 315 1.16 42.97 -37.43
C ILE C 315 0.95 44.41 -37.92
N LYS C 316 1.45 44.74 -39.11
CA LYS C 316 1.15 46.05 -39.71
C LYS C 316 -0.34 46.21 -39.99
N SER C 317 -1.00 45.12 -40.37
CA SER C 317 -2.45 45.12 -40.39
C SER C 317 -2.98 45.10 -38.96
N LYS C 318 -4.11 45.75 -38.76
CA LYS C 318 -4.65 45.78 -37.42
C LYS C 318 -5.38 44.48 -37.13
N ILE C 319 -5.30 44.06 -35.86
CA ILE C 319 -5.81 42.80 -35.33
C ILE C 319 -5.32 41.59 -36.14
N PRO C 320 -4.03 41.20 -36.06
CA PRO C 320 -3.68 39.87 -36.54
C PRO C 320 -3.75 38.79 -35.47
N CYS C 321 -3.47 39.16 -34.21
CA CYS C 321 -3.34 38.27 -33.06
C CYS C 321 -2.43 37.07 -33.36
N VAL C 322 -1.20 37.37 -33.78
CA VAL C 322 -0.29 36.30 -34.18
C VAL C 322 0.16 35.52 -32.95
N VAL C 323 0.08 34.20 -33.03
CA VAL C 323 0.44 33.30 -31.93
C VAL C 323 1.66 32.49 -32.37
N VAL C 324 2.75 32.58 -31.63
CA VAL C 324 3.96 31.87 -31.96
C VAL C 324 4.13 30.70 -31.01
N GLU C 325 4.95 29.73 -31.42
CA GLU C 325 5.16 28.52 -30.64
C GLU C 325 6.65 28.33 -30.37
N GLY C 326 6.95 27.51 -29.37
CA GLY C 326 8.32 27.27 -28.98
C GLY C 326 9.01 26.15 -29.74
N SER C 327 8.66 25.95 -31.01
CA SER C 327 9.31 24.93 -31.83
C SER C 327 9.28 25.37 -33.27
N GLY C 328 10.47 25.62 -33.82
CA GLY C 328 10.61 26.12 -35.18
C GLY C 328 11.85 26.95 -35.36
N ARG C 329 11.98 27.63 -36.48
CA ARG C 329 13.15 28.49 -36.70
C ARG C 329 12.89 29.94 -36.34
N ILE C 330 11.94 30.58 -37.04
CA ILE C 330 11.63 31.97 -36.75
C ILE C 330 10.76 32.08 -35.51
N ALA C 331 9.83 31.13 -35.34
CA ALA C 331 8.96 31.14 -34.18
C ALA C 331 9.70 30.86 -32.88
N ASP C 332 10.88 30.25 -32.92
CA ASP C 332 11.71 30.16 -31.74
C ASP C 332 12.51 31.43 -31.49
N VAL C 333 12.74 32.23 -32.52
CA VAL C 333 13.43 33.51 -32.33
C VAL C 333 12.53 34.50 -31.60
N ILE C 334 11.32 34.70 -32.11
CA ILE C 334 10.38 35.65 -31.51
C ILE C 334 9.89 35.16 -30.16
N ALA C 335 9.91 33.85 -29.90
CA ALA C 335 9.60 33.36 -28.57
C ALA C 335 10.70 33.71 -27.58
N SER C 336 11.95 33.75 -28.02
CA SER C 336 13.05 34.05 -27.12
C SER C 336 13.17 35.54 -26.84
N LEU C 337 12.73 36.39 -27.78
CA LEU C 337 12.93 37.82 -27.63
C LEU C 337 11.87 38.48 -26.76
N VAL C 338 10.79 37.80 -26.44
CA VAL C 338 9.78 38.38 -25.56
C VAL C 338 10.08 38.00 -24.12
N ALA C 345 17.67 45.60 -28.88
CA ALA C 345 18.81 46.14 -29.61
C ALA C 345 18.98 45.46 -30.95
N SER C 346 19.71 46.11 -31.86
CA SER C 346 19.97 45.51 -33.17
C SER C 346 20.97 44.37 -33.07
N SER C 347 21.96 44.50 -32.19
CA SER C 347 22.94 43.43 -32.01
C SER C 347 22.41 42.31 -31.12
N CYS C 348 21.55 42.64 -30.15
CA CYS C 348 21.00 41.63 -29.26
C CYS C 348 20.03 40.71 -30.00
N VAL C 349 19.41 41.20 -31.07
CA VAL C 349 18.60 40.35 -31.93
C VAL C 349 19.48 39.32 -32.63
N LYS C 350 20.63 39.75 -33.15
CA LYS C 350 21.54 38.83 -33.82
C LYS C 350 22.32 37.95 -32.85
N GLU C 351 22.23 38.21 -31.53
CA GLU C 351 22.67 37.19 -30.58
C GLU C 351 21.75 35.99 -30.62
N SER C 352 20.45 36.22 -30.82
CA SER C 352 19.54 35.17 -31.24
C SER C 352 19.62 35.01 -32.75
N LEU C 353 18.77 34.14 -33.31
CA LEU C 353 18.62 33.83 -34.74
C LEU C 353 19.88 33.30 -35.42
N LEU C 354 20.98 33.15 -34.68
CA LEU C 354 22.13 32.37 -35.10
C LEU C 354 22.28 31.11 -34.28
N ARG C 355 21.71 31.10 -33.07
CA ARG C 355 21.49 29.86 -32.34
C ARG C 355 20.28 29.11 -32.86
N PHE C 356 19.37 29.80 -33.53
CA PHE C 356 18.15 29.18 -34.06
C PHE C 356 18.16 29.03 -35.57
N LEU C 357 18.77 29.96 -36.31
CA LEU C 357 18.92 29.85 -37.75
C LEU C 357 20.40 30.01 -38.13
N PRO C 358 21.23 29.00 -37.87
CA PRO C 358 22.66 29.16 -38.14
C PRO C 358 23.02 28.99 -39.59
N ARG C 359 22.22 28.27 -40.38
CA ARG C 359 22.64 27.85 -41.71
C ARG C 359 21.90 28.54 -42.84
N THR C 360 21.17 29.62 -42.57
CA THR C 360 20.59 30.42 -43.64
C THR C 360 21.17 31.83 -43.71
N ILE C 361 21.89 32.27 -42.67
CA ILE C 361 22.50 33.59 -42.70
C ILE C 361 23.84 33.53 -43.42
N SER C 362 24.53 32.39 -43.32
CA SER C 362 25.73 32.16 -44.11
C SER C 362 25.41 32.10 -45.60
N ARG C 363 24.18 31.74 -45.97
CA ARG C 363 23.70 31.87 -47.33
C ARG C 363 23.08 33.23 -47.62
N LEU C 364 22.94 34.08 -46.60
CA LEU C 364 22.37 35.41 -46.76
C LEU C 364 23.46 36.46 -46.90
N SER C 365 23.11 37.54 -47.60
CA SER C 365 24.00 38.67 -47.70
C SER C 365 24.00 39.49 -46.42
N GLU C 366 25.00 40.37 -46.30
CA GLU C 366 25.06 41.26 -45.14
C GLU C 366 24.00 42.36 -45.23
N GLU C 367 23.59 42.71 -46.45
CA GLU C 367 22.57 43.73 -46.61
C GLU C 367 21.17 43.22 -46.32
N GLU C 368 20.99 41.90 -46.28
CA GLU C 368 19.67 41.35 -46.02
C GLU C 368 19.48 40.96 -44.57
N THR C 369 20.55 40.60 -43.86
CA THR C 369 20.41 40.22 -42.46
C THR C 369 20.11 41.42 -41.57
N GLU C 370 20.41 42.63 -42.02
CA GLU C 370 19.91 43.81 -41.30
C GLU C 370 18.44 44.03 -41.60
N SER C 371 18.00 43.69 -42.83
CA SER C 371 16.59 43.76 -43.16
C SER C 371 15.79 42.70 -42.42
N TRP C 372 16.39 41.51 -42.23
CA TRP C 372 15.79 40.50 -41.36
C TRP C 372 15.76 40.99 -39.92
N ILE C 373 16.78 41.72 -39.50
CA ILE C 373 16.75 42.35 -38.18
C ILE C 373 15.73 43.47 -38.15
N LYS C 374 15.56 44.18 -39.27
CA LYS C 374 14.60 45.27 -39.34
C LYS C 374 13.15 44.77 -39.23
N TRP C 375 12.88 43.56 -39.72
CA TRP C 375 11.53 43.02 -39.59
C TRP C 375 11.23 42.67 -38.14
N ILE C 376 12.16 41.96 -37.48
CA ILE C 376 11.98 41.56 -36.08
C ILE C 376 12.05 42.75 -35.14
N LYS C 377 12.62 43.87 -35.59
CA LYS C 377 12.44 45.13 -34.87
C LYS C 377 10.98 45.55 -34.84
N GLU C 378 10.31 45.50 -36.00
CA GLU C 378 8.91 45.90 -36.07
C GLU C 378 7.99 44.84 -35.47
N VAL C 379 8.38 43.57 -35.52
CA VAL C 379 7.58 42.52 -34.92
C VAL C 379 7.59 42.62 -33.41
N LEU C 380 8.75 42.87 -32.83
CA LEU C 380 8.86 43.05 -31.38
C LEU C 380 8.43 44.43 -30.91
N GLU C 381 7.96 45.30 -31.80
CA GLU C 381 7.52 46.64 -31.38
C GLU C 381 6.20 46.57 -30.62
N SER C 382 5.26 45.75 -31.08
CA SER C 382 3.93 45.65 -30.48
C SER C 382 3.75 44.23 -29.96
N PRO C 383 4.13 43.96 -28.71
CA PRO C 383 3.96 42.61 -28.17
C PRO C 383 2.56 42.30 -27.67
N HIS C 384 1.61 43.22 -27.82
CA HIS C 384 0.22 42.92 -27.50
C HIS C 384 -0.51 42.23 -28.65
N LEU C 385 0.19 41.93 -29.74
CA LEU C 385 -0.34 41.08 -30.80
C LEU C 385 0.44 39.79 -30.94
N LEU C 386 1.38 39.54 -30.03
CA LEU C 386 2.20 38.33 -30.05
C LEU C 386 1.93 37.53 -28.80
N THR C 387 1.63 36.25 -28.98
CA THR C 387 1.39 35.34 -27.88
C THR C 387 2.23 34.09 -28.11
N VAL C 388 2.81 33.55 -27.04
CA VAL C 388 3.74 32.43 -27.13
C VAL C 388 3.11 31.22 -26.46
N ILE C 389 3.24 30.06 -27.10
CA ILE C 389 2.90 28.78 -26.50
C ILE C 389 4.22 28.13 -26.10
N LYS C 390 4.59 28.25 -24.84
CA LYS C 390 5.91 27.81 -24.40
C LYS C 390 5.96 26.29 -24.25
N ILE C 391 7.19 25.78 -24.23
CA ILE C 391 7.40 24.34 -24.09
C ILE C 391 7.05 23.88 -22.68
N GLU C 392 7.34 24.71 -21.68
CA GLU C 392 7.08 24.38 -20.28
C GLU C 392 5.60 24.25 -20.00
N GLU C 393 4.75 25.00 -20.70
CA GLU C 393 3.31 24.83 -20.57
C GLU C 393 2.86 23.73 -21.54
N ALA C 394 3.22 22.51 -21.20
CA ALA C 394 2.70 21.32 -21.88
C ALA C 394 1.51 20.74 -21.12
N GLY C 395 0.55 21.59 -20.78
CA GLY C 395 -0.62 21.17 -20.06
C GLY C 395 -1.77 20.83 -20.99
N ASP C 396 -2.98 20.93 -20.45
CA ASP C 396 -4.19 20.83 -21.24
C ASP C 396 -4.67 22.25 -21.52
N GLU C 397 -5.58 22.38 -22.50
CA GLU C 397 -6.18 23.65 -22.98
C GLU C 397 -5.14 24.73 -23.25
N ILE C 398 -3.96 24.33 -23.71
CA ILE C 398 -2.90 25.29 -24.01
C ILE C 398 -3.15 26.05 -25.29
N VAL C 399 -4.07 25.58 -26.12
CA VAL C 399 -4.43 26.31 -27.33
C VAL C 399 -5.48 27.37 -27.02
N SER C 400 -6.51 27.00 -26.26
CA SER C 400 -7.54 27.97 -25.90
C SER C 400 -7.04 28.99 -24.89
N ASN C 401 -6.01 28.66 -24.12
CA ASN C 401 -5.36 29.66 -23.30
C ASN C 401 -4.42 30.54 -24.09
N ALA C 402 -4.16 30.20 -25.34
CA ALA C 402 -3.34 31.02 -26.22
C ALA C 402 -4.16 31.75 -27.26
N ILE C 403 -5.25 31.15 -27.74
CA ILE C 403 -6.14 31.83 -28.66
C ILE C 403 -6.87 32.96 -27.96
N SER C 404 -7.48 32.66 -26.82
CA SER C 404 -8.29 33.66 -26.12
C SER C 404 -7.44 34.74 -25.49
N PHE C 405 -6.22 34.41 -25.08
CA PHE C 405 -5.31 35.43 -24.60
C PHE C 405 -4.89 36.36 -25.72
N ALA C 406 -4.69 35.82 -26.92
CA ALA C 406 -4.38 36.66 -28.07
C ALA C 406 -5.60 37.46 -28.52
N LEU C 407 -6.79 36.89 -28.41
CA LEU C 407 -7.99 37.62 -28.77
C LEU C 407 -8.36 38.67 -27.73
N TYR C 408 -7.93 38.48 -26.47
CA TYR C 408 -8.19 39.50 -25.47
C TYR C 408 -7.18 40.63 -25.55
N LYS C 409 -5.93 40.32 -25.87
CA LYS C 409 -4.89 41.34 -25.95
C LYS C 409 -5.10 42.27 -27.13
N ALA C 410 -5.77 41.80 -28.18
CA ALA C 410 -6.14 42.67 -29.29
C ALA C 410 -7.56 43.20 -29.16
N PHE C 411 -8.21 42.97 -28.03
CA PHE C 411 -9.51 43.56 -27.75
C PHE C 411 -9.45 44.64 -26.69
N SER C 412 -8.54 44.54 -25.73
CA SER C 412 -8.38 45.54 -24.69
C SER C 412 -7.54 46.72 -25.14
N THR C 413 -6.96 46.67 -26.34
CA THR C 413 -6.06 47.72 -26.82
C THR C 413 -6.61 48.45 -28.03
N ASN C 414 -7.92 48.40 -28.26
CA ASN C 414 -8.51 49.12 -29.37
C ASN C 414 -8.76 50.59 -29.06
N GLU C 415 -8.66 50.98 -27.78
CA GLU C 415 -8.82 52.33 -27.23
C GLU C 415 -10.22 52.91 -27.41
N HIS C 416 -11.17 52.11 -27.88
CA HIS C 416 -12.59 52.41 -27.77
C HIS C 416 -13.37 51.29 -27.12
N ASP C 417 -12.79 50.10 -27.02
CA ASP C 417 -13.39 48.97 -26.32
C ASP C 417 -12.76 48.71 -24.97
N ARG C 418 -11.72 49.48 -24.61
CA ARG C 418 -11.17 49.40 -23.26
C ARG C 418 -12.13 49.94 -22.22
N ASP C 419 -13.01 50.86 -22.62
CA ASP C 419 -14.12 51.27 -21.76
C ASP C 419 -15.21 50.20 -21.71
N ASN C 420 -15.28 49.34 -22.73
CA ASN C 420 -16.30 48.30 -22.82
C ASN C 420 -15.79 47.06 -22.10
N TRP C 421 -16.05 47.00 -20.79
CA TRP C 421 -15.72 45.80 -20.04
C TRP C 421 -16.75 44.70 -20.25
N ASN C 422 -17.96 45.04 -20.73
CA ASN C 422 -18.98 44.04 -20.99
C ASN C 422 -18.59 43.11 -22.13
N GLY C 423 -18.04 43.67 -23.21
CA GLY C 423 -17.62 42.85 -24.33
C GLY C 423 -16.42 41.98 -23.99
N GLN C 424 -15.52 42.49 -23.16
CA GLN C 424 -14.37 41.69 -22.74
C GLN C 424 -14.76 40.59 -21.77
N LEU C 425 -15.91 40.72 -21.11
CA LEU C 425 -16.36 39.65 -20.24
C LEU C 425 -17.07 38.55 -21.03
N LYS C 426 -17.92 38.93 -21.99
CA LYS C 426 -18.58 37.94 -22.82
C LYS C 426 -17.59 37.22 -23.72
N LEU C 427 -16.52 37.90 -24.12
CA LEU C 427 -15.45 37.23 -24.87
C LEU C 427 -14.74 36.21 -24.01
N LEU C 428 -14.43 36.58 -22.77
CA LEU C 428 -13.73 35.68 -21.86
C LEU C 428 -14.63 34.61 -21.28
N LEU C 429 -15.91 34.62 -21.59
CA LEU C 429 -16.86 33.62 -21.11
C LEU C 429 -17.06 32.46 -22.07
N GLU C 430 -16.93 32.71 -23.38
CA GLU C 430 -16.98 31.63 -24.36
C GLU C 430 -15.82 30.67 -24.16
N TRP C 431 -14.61 31.20 -24.21
CA TRP C 431 -13.45 30.45 -23.78
C TRP C 431 -13.47 30.33 -22.26
N ASN C 432 -12.78 29.32 -21.74
CA ASN C 432 -12.82 29.03 -20.32
C ASN C 432 -11.74 29.76 -19.53
N GLN C 433 -11.26 30.89 -20.03
CA GLN C 433 -10.15 31.58 -19.37
C GLN C 433 -10.69 32.31 -18.16
N LEU C 434 -10.59 31.66 -17.00
CA LEU C 434 -11.07 32.20 -15.73
C LEU C 434 -10.04 33.13 -15.10
N ASP C 435 -8.77 32.72 -15.07
CA ASP C 435 -7.72 33.52 -14.44
C ASP C 435 -7.45 34.81 -15.19
N LEU C 436 -7.81 34.89 -16.47
CA LEU C 436 -7.73 36.16 -17.16
C LEU C 436 -8.94 37.04 -16.88
N ALA C 437 -10.11 36.43 -16.67
CA ALA C 437 -11.30 37.22 -16.40
C ALA C 437 -11.28 37.78 -15.00
N SER C 438 -10.64 37.08 -14.06
CA SER C 438 -10.51 37.62 -12.71
C SER C 438 -9.50 38.74 -12.68
N ASP C 439 -8.30 38.50 -13.20
CA ASP C 439 -7.19 39.43 -13.03
C ASP C 439 -7.34 40.69 -13.87
N GLU C 440 -7.93 40.59 -15.06
CA GLU C 440 -7.93 41.74 -15.95
C GLU C 440 -9.23 42.52 -15.94
N ILE C 441 -10.32 41.94 -15.46
CA ILE C 441 -11.62 42.58 -15.48
C ILE C 441 -12.10 42.95 -14.08
N PHE C 442 -11.95 42.03 -13.13
CA PHE C 442 -12.45 42.26 -11.78
C PHE C 442 -11.43 42.86 -10.83
N THR C 443 -10.13 42.72 -11.07
CA THR C 443 -9.15 43.30 -10.15
C THR C 443 -8.73 44.71 -10.56
N ASN C 444 -9.70 45.61 -10.67
CA ASN C 444 -9.41 47.04 -10.53
C ASN C 444 -10.45 47.79 -9.72
N ASP C 445 -11.62 47.18 -9.46
CA ASP C 445 -12.83 47.88 -9.03
C ASP C 445 -13.12 49.08 -9.92
N ARG C 446 -13.01 48.87 -11.24
CA ARG C 446 -13.00 50.02 -12.15
C ARG C 446 -14.42 50.50 -12.46
N ASN C 447 -15.19 49.68 -13.18
CA ASN C 447 -16.51 50.09 -13.66
C ASN C 447 -17.38 48.84 -13.76
N TRP C 448 -18.11 48.53 -12.68
CA TRP C 448 -19.30 47.71 -12.76
C TRP C 448 -20.16 47.99 -11.55
N GLU C 449 -21.39 47.49 -11.61
CA GLU C 449 -22.38 47.74 -10.58
C GLU C 449 -22.91 46.47 -9.94
N SER C 450 -22.51 45.30 -10.45
CA SER C 450 -23.07 43.99 -10.12
C SER C 450 -24.58 43.93 -10.35
N ALA C 451 -25.08 44.72 -11.30
CA ALA C 451 -26.47 44.68 -11.74
C ALA C 451 -26.61 44.35 -13.20
N ASP C 452 -25.61 44.68 -14.02
CA ASP C 452 -25.49 44.12 -15.36
C ASP C 452 -24.53 42.94 -15.39
N LEU C 453 -24.27 42.33 -14.25
CA LEU C 453 -23.59 41.05 -14.17
C LEU C 453 -24.58 39.90 -14.25
N GLN C 454 -25.85 40.19 -14.51
CA GLN C 454 -26.89 39.18 -14.53
C GLN C 454 -27.05 38.52 -15.90
N ASP C 455 -26.93 39.29 -16.99
CA ASP C 455 -27.05 38.69 -18.30
C ASP C 455 -25.86 37.80 -18.63
N VAL C 456 -24.69 38.12 -18.07
CA VAL C 456 -23.54 37.24 -18.22
C VAL C 456 -23.62 36.07 -17.25
N MET C 457 -24.44 36.17 -16.20
CA MET C 457 -24.61 35.04 -15.29
C MET C 457 -25.51 33.99 -15.90
N PHE C 458 -26.59 34.41 -16.55
CA PHE C 458 -27.55 33.48 -17.14
C PHE C 458 -26.92 32.67 -18.26
N THR C 459 -26.04 33.30 -19.03
CA THR C 459 -25.30 32.56 -20.05
C THR C 459 -24.11 31.80 -19.47
N ALA C 460 -23.74 32.05 -18.22
CA ALA C 460 -22.73 31.24 -17.57
C ALA C 460 -23.31 29.95 -17.00
N LEU C 461 -24.62 29.92 -16.76
CA LEU C 461 -25.26 28.70 -16.28
C LEU C 461 -25.56 27.77 -17.44
N VAL C 462 -26.23 28.27 -18.47
CA VAL C 462 -26.76 27.44 -19.53
C VAL C 462 -25.68 26.94 -20.48
N LYS C 463 -24.50 27.57 -20.50
CA LYS C 463 -23.40 27.12 -21.33
C LYS C 463 -22.35 26.37 -20.54
N ASP C 464 -22.69 25.97 -19.31
CA ASP C 464 -21.84 25.17 -18.41
C ASP C 464 -20.50 25.84 -18.16
N ARG C 465 -20.58 26.98 -17.49
CA ARG C 465 -19.38 27.65 -17.02
C ARG C 465 -19.36 27.57 -15.51
N PRO C 466 -18.87 26.46 -14.93
CA PRO C 466 -18.95 26.32 -13.48
C PRO C 466 -17.98 27.20 -12.73
N LYS C 467 -16.80 27.47 -13.31
CA LYS C 467 -15.85 28.35 -12.64
C LYS C 467 -16.21 29.82 -12.82
N PHE C 468 -17.08 30.14 -13.77
CA PHE C 468 -17.51 31.52 -13.92
C PHE C 468 -18.76 31.83 -13.13
N VAL C 469 -19.56 30.82 -12.79
CA VAL C 469 -20.60 31.00 -11.80
C VAL C 469 -19.98 31.31 -10.45
N ARG C 470 -18.90 30.59 -10.11
CA ARG C 470 -18.18 30.86 -8.88
C ARG C 470 -17.50 32.23 -8.90
N LEU C 471 -17.08 32.68 -10.08
CA LEU C 471 -16.43 33.98 -10.16
C LEU C 471 -17.42 35.13 -10.04
N PHE C 472 -18.66 34.92 -10.48
CA PHE C 472 -19.65 35.98 -10.36
C PHE C 472 -20.19 36.08 -8.95
N LEU C 473 -20.16 34.97 -8.20
CA LEU C 473 -20.62 35.00 -6.83
C LEU C 473 -19.54 35.51 -5.88
N GLU C 474 -18.27 35.29 -6.21
CA GLU C 474 -17.18 35.88 -5.43
C GLU C 474 -17.16 37.39 -5.54
N ASN C 475 -17.52 37.92 -6.71
CA ASN C 475 -17.45 39.35 -6.96
C ASN C 475 -18.77 40.05 -6.73
N GLY C 476 -19.70 39.39 -6.05
CA GLY C 476 -20.92 40.03 -5.62
C GLY C 476 -22.07 39.80 -6.55
N LEU C 477 -22.96 38.89 -6.19
CA LEU C 477 -24.16 38.62 -6.97
C LEU C 477 -25.16 37.93 -6.06
N ASN C 478 -26.26 38.61 -5.76
CA ASN C 478 -27.28 38.03 -4.90
C ASN C 478 -28.04 36.97 -5.66
N LEU C 479 -27.74 35.70 -5.35
CA LEU C 479 -28.37 34.61 -6.05
C LEU C 479 -29.84 34.46 -5.69
N ARG C 480 -30.23 34.88 -4.47
CA ARG C 480 -31.63 34.89 -4.12
C ARG C 480 -32.38 36.03 -4.76
N LYS C 481 -31.68 37.06 -5.23
CA LYS C 481 -32.29 38.12 -6.01
C LYS C 481 -32.22 37.88 -7.51
N PHE C 482 -31.15 37.22 -7.97
CA PHE C 482 -31.04 36.92 -9.39
C PHE C 482 -32.05 35.87 -9.81
N LEU C 483 -32.32 34.90 -8.93
CA LEU C 483 -33.27 33.83 -9.23
C LEU C 483 -34.68 34.34 -8.99
N THR C 484 -35.19 35.09 -9.95
CA THR C 484 -36.58 35.52 -9.90
C THR C 484 -37.46 34.39 -10.42
N THR C 485 -38.78 34.63 -10.38
CA THR C 485 -39.71 33.66 -10.94
C THR C 485 -39.62 33.59 -12.46
N GLU C 486 -39.13 34.64 -13.10
CA GLU C 486 -38.98 34.61 -14.56
C GLU C 486 -37.71 33.87 -14.96
N VAL C 487 -36.62 34.06 -14.22
CA VAL C 487 -35.34 33.45 -14.58
C VAL C 487 -35.41 31.94 -14.42
N LEU C 488 -36.14 31.47 -13.41
CA LEU C 488 -36.35 30.03 -13.28
C LEU C 488 -37.30 29.50 -14.35
N ARG C 489 -38.22 30.34 -14.84
CA ARG C 489 -39.09 29.93 -15.92
C ARG C 489 -38.31 29.80 -17.23
N GLU C 490 -37.37 30.71 -17.46
CA GLU C 490 -36.49 30.57 -18.63
C GLU C 490 -35.44 29.49 -18.43
N LEU C 491 -35.28 28.97 -17.23
CA LEU C 491 -34.34 27.90 -16.96
C LEU C 491 -35.01 26.53 -16.95
N TYR C 492 -36.31 26.47 -16.71
CA TYR C 492 -37.03 25.21 -16.68
C TYR C 492 -37.76 24.88 -17.98
N THR C 493 -38.01 25.87 -18.82
CA THR C 493 -38.69 25.62 -20.09
C THR C 493 -37.74 25.46 -21.26
N ASN C 494 -36.67 26.25 -21.32
CA ASN C 494 -35.80 26.27 -22.48
C ASN C 494 -34.55 25.43 -22.29
N ASN C 495 -33.75 25.74 -21.27
CA ASN C 495 -32.47 25.10 -21.08
C ASN C 495 -32.56 23.82 -20.26
N PHE C 496 -33.66 23.59 -19.57
CA PHE C 496 -33.91 22.30 -18.96
C PHE C 496 -34.20 21.30 -20.07
N SER C 497 -33.25 20.39 -20.30
CA SER C 497 -33.33 19.49 -21.45
C SER C 497 -34.48 18.49 -21.28
N SER C 498 -35.27 18.33 -22.35
CA SER C 498 -36.45 17.48 -22.29
C SER C 498 -36.10 15.99 -22.30
N LEU C 499 -34.86 15.63 -22.65
CA LEU C 499 -34.40 14.26 -22.45
C LEU C 499 -34.37 13.90 -20.97
N VAL C 500 -34.05 14.87 -20.13
CA VAL C 500 -34.17 14.69 -18.69
C VAL C 500 -35.64 14.70 -18.29
N PHE C 501 -36.43 15.59 -18.88
CA PHE C 501 -37.84 15.71 -18.50
C PHE C 501 -38.66 14.51 -18.93
N LYS C 502 -38.30 13.87 -20.05
CA LYS C 502 -38.94 12.60 -20.38
C LYS C 502 -38.41 11.47 -19.51
N ASN C 503 -37.19 11.61 -18.98
CA ASN C 503 -36.68 10.62 -18.03
C ASN C 503 -37.34 10.78 -16.68
N LEU C 504 -37.86 11.98 -16.38
CA LEU C 504 -38.71 12.14 -15.21
C LEU C 504 -40.15 11.76 -15.51
N GLN C 505 -40.52 11.76 -16.79
CA GLN C 505 -41.81 11.21 -17.18
C GLN C 505 -41.84 9.70 -17.04
N ILE C 506 -40.67 9.05 -17.15
CA ILE C 506 -40.57 7.62 -16.91
C ILE C 506 -40.83 7.31 -15.44
N ALA C 507 -40.29 8.15 -14.54
CA ALA C 507 -40.41 7.96 -13.10
C ALA C 507 -41.82 8.20 -12.57
N LYS C 508 -42.74 8.72 -13.38
CA LYS C 508 -44.10 8.97 -12.92
C LYS C 508 -44.95 7.70 -12.87
N ASN C 509 -44.45 6.58 -13.39
CA ASN C 509 -45.11 5.29 -13.28
C ASN C 509 -44.17 4.20 -12.77
N SER C 510 -42.87 4.30 -13.06
CA SER C 510 -41.90 3.26 -12.76
C SER C 510 -41.60 3.16 -11.27
N TYR C 511 -41.14 4.25 -10.66
CA TYR C 511 -40.76 4.27 -9.25
C TYR C 511 -41.37 5.53 -8.64
N ASN C 512 -42.56 5.38 -8.05
CA ASN C 512 -43.27 6.51 -7.49
C ASN C 512 -42.77 6.77 -6.07
N ASP C 513 -42.06 7.88 -5.88
CA ASP C 513 -41.53 8.28 -4.58
C ASP C 513 -42.30 9.49 -4.05
N ALA C 514 -41.83 10.01 -2.91
CA ALA C 514 -42.47 11.13 -2.24
C ALA C 514 -41.80 12.45 -2.51
N LEU C 515 -40.49 12.46 -2.73
CA LEU C 515 -39.80 13.70 -3.07
C LEU C 515 -39.86 13.98 -4.56
N LEU C 516 -39.95 12.93 -5.38
CA LEU C 516 -40.10 13.10 -6.82
C LEU C 516 -41.42 13.76 -7.16
N THR C 517 -42.47 13.45 -6.40
CA THR C 517 -43.74 14.12 -6.64
C THR C 517 -43.76 15.52 -6.03
N PHE C 518 -42.79 15.84 -5.19
CA PHE C 518 -42.64 17.22 -4.74
C PHE C 518 -42.02 18.09 -5.83
N VAL C 519 -41.07 17.54 -6.57
CA VAL C 519 -40.41 18.35 -7.59
C VAL C 519 -41.19 18.39 -8.88
N TRP C 520 -42.10 17.44 -9.11
CA TRP C 520 -42.87 17.42 -10.35
C TRP C 520 -43.86 18.56 -10.40
N LYS C 521 -44.40 18.98 -9.25
CA LYS C 521 -45.27 20.16 -9.26
C LYS C 521 -44.43 21.42 -9.47
N MET C 522 -43.17 21.40 -9.03
CA MET C 522 -42.35 22.60 -9.11
C MET C 522 -41.75 22.78 -10.50
N VAL C 523 -41.31 21.69 -11.14
CA VAL C 523 -40.77 21.81 -12.49
C VAL C 523 -41.88 22.09 -13.48
N GLU C 524 -43.09 21.57 -13.23
CA GLU C 524 -44.21 21.84 -14.13
C GLU C 524 -44.93 23.12 -13.76
N ASP C 525 -44.59 23.75 -12.62
CA ASP C 525 -45.10 25.08 -12.33
C ASP C 525 -44.60 26.10 -13.34
N PHE C 526 -43.30 26.13 -13.55
CA PHE C 526 -42.71 27.05 -14.52
C PHE C 526 -42.91 26.56 -15.94
N ARG C 527 -43.07 25.25 -16.14
CA ARG C 527 -43.37 24.72 -17.46
C ARG C 527 -44.80 25.00 -17.90
N ARG C 528 -45.69 25.33 -16.96
CA ARG C 528 -47.06 25.73 -17.28
C ARG C 528 -47.20 27.22 -17.53
N GLY C 529 -46.10 27.95 -17.59
CA GLY C 529 -46.15 29.38 -17.81
C GLY C 529 -46.47 29.75 -19.24
N ARG C 553 -40.09 30.74 -1.92
CA ARG C 553 -40.32 29.32 -2.12
C ARG C 553 -39.02 28.55 -2.05
N HIS C 554 -38.02 29.17 -1.41
CA HIS C 554 -36.62 28.75 -1.37
C HIS C 554 -36.09 28.53 -2.78
N PRO C 555 -35.89 29.59 -3.56
CA PRO C 555 -35.56 29.40 -4.97
C PRO C 555 -34.11 29.04 -5.23
N LEU C 556 -33.21 29.24 -4.27
CA LEU C 556 -31.83 28.87 -4.48
C LEU C 556 -31.65 27.35 -4.51
N GLN C 557 -32.46 26.65 -3.74
CA GLN C 557 -32.48 25.19 -3.85
C GLN C 557 -33.20 24.71 -5.10
N ALA C 558 -34.02 25.56 -5.73
CA ALA C 558 -34.59 25.18 -7.01
C ALA C 558 -33.57 25.20 -8.13
N LEU C 559 -32.60 26.12 -8.06
CA LEU C 559 -31.49 26.10 -8.99
C LEU C 559 -30.59 24.89 -8.76
N PHE C 560 -30.46 24.46 -7.51
CA PHE C 560 -29.65 23.28 -7.23
C PHE C 560 -30.30 22.01 -7.76
N ILE C 561 -31.63 21.96 -7.78
CA ILE C 561 -32.34 20.85 -8.41
C ILE C 561 -32.11 20.86 -9.92
N TRP C 562 -32.11 22.05 -10.52
CA TRP C 562 -31.93 22.20 -11.96
C TRP C 562 -30.57 21.69 -12.41
N SER C 563 -29.53 21.94 -11.60
CA SER C 563 -28.18 21.58 -12.00
C SER C 563 -27.82 20.16 -11.68
N VAL C 564 -28.50 19.53 -10.72
CA VAL C 564 -28.14 18.16 -10.36
C VAL C 564 -28.89 17.15 -11.23
N LEU C 565 -30.05 17.54 -11.78
CA LEU C 565 -30.80 16.64 -12.66
C LEU C 565 -30.07 16.43 -13.98
N GLN C 566 -29.45 17.48 -14.51
CA GLN C 566 -28.75 17.41 -15.77
C GLN C 566 -27.30 16.99 -15.62
N ASN C 567 -26.95 16.38 -14.48
CA ASN C 567 -25.65 15.76 -14.22
C ASN C 567 -24.49 16.75 -14.30
N LYS C 568 -24.77 18.04 -14.10
CA LYS C 568 -23.74 19.06 -14.14
C LYS C 568 -22.98 18.97 -12.84
N LYS C 569 -21.86 18.24 -12.87
CA LYS C 569 -21.17 17.87 -11.65
C LYS C 569 -20.44 19.06 -11.04
N GLU C 570 -19.68 19.80 -11.84
CA GLU C 570 -18.90 20.90 -11.30
C GLU C 570 -19.75 22.13 -11.01
N LEU C 571 -20.86 22.30 -11.73
CA LEU C 571 -21.72 23.45 -11.47
C LEU C 571 -22.52 23.24 -10.20
N SER C 572 -23.00 22.02 -9.96
CA SER C 572 -23.81 21.75 -8.77
C SER C 572 -23.01 21.87 -7.50
N LYS C 573 -21.70 21.64 -7.56
CA LYS C 573 -20.87 21.85 -6.39
C LYS C 573 -20.72 23.33 -6.06
N VAL C 574 -20.90 24.20 -7.05
CA VAL C 574 -20.84 25.63 -6.79
C VAL C 574 -22.13 26.11 -6.15
N ILE C 575 -23.27 25.67 -6.69
CA ILE C 575 -24.56 26.11 -6.17
C ILE C 575 -24.86 25.46 -4.82
N TRP C 576 -24.24 24.33 -4.51
CA TRP C 576 -24.44 23.71 -3.22
C TRP C 576 -23.88 24.56 -2.10
N GLU C 577 -22.79 25.30 -2.35
CA GLU C 577 -22.17 26.12 -1.32
C GLU C 577 -22.94 27.40 -1.00
N GLN C 578 -24.05 27.67 -1.68
CA GLN C 578 -24.82 28.87 -1.41
C GLN C 578 -26.13 28.59 -0.70
N THR C 579 -26.43 27.34 -0.38
CA THR C 579 -27.67 26.99 0.28
C THR C 579 -27.61 27.35 1.76
N ARG C 580 -28.79 27.38 2.40
CA ARG C 580 -28.83 27.63 3.83
C ARG C 580 -28.80 26.34 4.63
N GLY C 581 -29.41 25.27 4.12
CA GLY C 581 -29.07 23.95 4.62
C GLY C 581 -28.21 23.24 3.60
N CYS C 582 -26.90 23.24 3.79
CA CYS C 582 -26.02 22.42 2.98
C CYS C 582 -25.77 21.06 3.60
N THR C 583 -26.02 20.94 4.90
CA THR C 583 -26.02 19.65 5.55
C THR C 583 -27.17 18.77 5.04
N LEU C 584 -28.28 19.40 4.67
CA LEU C 584 -29.49 18.74 4.20
C LEU C 584 -29.44 18.44 2.70
N ALA C 585 -29.12 19.45 1.89
CA ALA C 585 -29.26 19.33 0.45
C ALA C 585 -28.23 18.41 -0.19
N ALA C 586 -27.17 18.06 0.54
CA ALA C 586 -26.23 17.08 0.02
C ALA C 586 -26.81 15.67 0.03
N LEU C 587 -27.87 15.44 0.79
CA LEU C 587 -28.55 14.16 0.80
C LEU C 587 -29.71 14.13 -0.18
N GLY C 588 -30.45 15.24 -0.29
CA GLY C 588 -31.53 15.31 -1.25
C GLY C 588 -31.05 15.29 -2.68
N ALA C 589 -29.84 15.78 -2.94
CA ALA C 589 -29.24 15.59 -4.24
C ALA C 589 -28.84 14.14 -4.45
N SER C 590 -28.41 13.46 -3.40
CA SER C 590 -28.10 12.04 -3.51
C SER C 590 -29.37 11.20 -3.66
N LYS C 591 -30.53 11.73 -3.26
CA LYS C 591 -31.77 11.01 -3.46
C LYS C 591 -32.26 11.16 -4.89
N LEU C 592 -32.20 12.38 -5.43
CA LEU C 592 -32.61 12.61 -6.81
C LEU C 592 -31.69 11.91 -7.79
N LEU C 593 -30.39 11.87 -7.50
CA LEU C 593 -29.45 11.23 -8.41
C LEU C 593 -29.57 9.72 -8.38
N LYS C 594 -29.89 9.14 -7.22
CA LYS C 594 -30.04 7.70 -7.15
C LYS C 594 -31.34 7.23 -7.79
N SER C 595 -32.32 8.12 -7.94
CA SER C 595 -33.48 7.79 -8.76
C SER C 595 -33.10 7.71 -10.23
N MET C 596 -32.33 8.69 -10.71
CA MET C 596 -31.98 8.74 -12.13
C MET C 596 -30.95 7.69 -12.50
N ALA C 597 -30.04 7.35 -11.60
CA ALA C 597 -29.10 6.27 -11.89
C ALA C 597 -29.76 4.90 -11.82
N LYS C 598 -30.94 4.81 -11.20
CA LYS C 598 -31.68 3.55 -11.18
C LYS C 598 -32.52 3.39 -12.43
N VAL C 599 -33.06 4.49 -12.97
CA VAL C 599 -33.74 4.44 -14.26
C VAL C 599 -32.66 4.35 -15.32
N LYS C 600 -32.36 3.14 -15.76
CA LYS C 600 -31.18 2.86 -16.59
C LYS C 600 -31.60 2.75 -18.04
N ASN C 601 -31.37 3.81 -18.81
CA ASN C 601 -31.38 3.73 -20.27
C ASN C 601 -30.01 3.97 -20.88
N ASP C 602 -29.09 4.56 -20.13
CA ASP C 602 -27.71 4.79 -20.55
C ASP C 602 -26.78 4.04 -19.61
N ILE C 603 -25.48 4.08 -19.91
CA ILE C 603 -24.47 3.35 -19.16
C ILE C 603 -23.43 4.27 -18.56
N ASN C 604 -22.80 5.11 -19.39
CA ASN C 604 -21.85 6.08 -18.86
C ASN C 604 -22.56 7.21 -18.15
N ALA C 605 -23.77 7.58 -18.60
CA ALA C 605 -24.55 8.55 -17.85
C ALA C 605 -25.11 7.97 -16.56
N ALA C 606 -25.38 6.66 -16.55
CA ALA C 606 -25.79 6.01 -15.31
C ALA C 606 -24.60 5.84 -14.37
N GLY C 607 -23.44 5.47 -14.91
CA GLY C 607 -22.26 5.25 -14.09
C GLY C 607 -21.62 6.52 -13.56
N GLU C 608 -21.99 7.67 -14.11
CA GLU C 608 -21.54 8.95 -13.59
C GLU C 608 -22.56 9.60 -12.67
N SER C 609 -23.86 9.39 -12.91
CA SER C 609 -24.87 9.91 -12.00
C SER C 609 -24.85 9.17 -10.67
N GLU C 610 -24.45 7.90 -10.66
CA GLU C 610 -24.26 7.22 -9.39
C GLU C 610 -22.98 7.69 -8.71
N GLU C 611 -22.01 8.16 -9.49
CA GLU C 611 -20.76 8.65 -8.91
C GLU C 611 -20.99 9.96 -8.17
N LEU C 612 -21.71 10.89 -8.80
CA LEU C 612 -22.01 12.16 -8.16
C LEU C 612 -22.95 11.98 -6.97
N ALA C 613 -23.80 10.95 -6.99
CA ALA C 613 -24.57 10.61 -5.81
C ALA C 613 -23.68 10.11 -4.68
N ASN C 614 -22.54 9.50 -5.01
CA ASN C 614 -21.59 9.08 -4.00
C ASN C 614 -20.56 10.15 -3.67
N GLU C 615 -20.56 11.26 -4.41
CA GLU C 615 -19.80 12.42 -3.97
C GLU C 615 -20.55 13.21 -2.92
N TYR C 616 -21.82 13.49 -3.17
CA TYR C 616 -22.64 14.24 -2.23
C TYR C 616 -23.00 13.44 -0.99
N GLU C 617 -22.88 12.12 -1.04
CA GLU C 617 -23.06 11.35 0.19
C GLU C 617 -21.83 11.47 1.07
N THR C 618 -20.63 11.34 0.47
CA THR C 618 -19.41 11.52 1.25
C THR C 618 -19.22 12.99 1.63
N ARG C 619 -19.82 13.91 0.88
CA ARG C 619 -19.78 15.31 1.28
C ARG C 619 -20.65 15.55 2.50
N ALA C 620 -21.78 14.86 2.60
CA ALA C 620 -22.61 14.97 3.79
C ALA C 620 -22.05 14.19 4.97
N VAL C 621 -21.20 13.20 4.73
CA VAL C 621 -20.62 12.44 5.83
C VAL C 621 -19.56 13.27 6.55
N GLU C 622 -18.64 13.87 5.79
CA GLU C 622 -17.62 14.70 6.41
C GLU C 622 -18.19 16.00 6.97
N LEU C 623 -19.35 16.43 6.49
CA LEU C 623 -20.02 17.55 7.14
C LEU C 623 -20.52 17.16 8.52
N PHE C 624 -21.11 15.98 8.65
CA PHE C 624 -21.72 15.61 9.93
C PHE C 624 -20.69 15.19 10.95
N THR C 625 -19.57 14.57 10.53
CA THR C 625 -18.52 14.29 11.49
C THR C 625 -17.87 15.57 12.00
N GLU C 626 -17.82 16.61 11.17
CA GLU C 626 -17.41 17.91 11.66
C GLU C 626 -18.51 18.54 12.51
N CYS C 627 -19.77 18.27 12.18
CA CYS C 627 -20.87 18.73 13.03
C CYS C 627 -20.84 18.02 14.38
N TYR C 628 -20.51 16.74 14.38
CA TYR C 628 -20.58 15.94 15.61
C TYR C 628 -19.35 16.08 16.49
N SER C 629 -18.20 16.45 15.92
CA SER C 629 -17.02 16.65 16.74
C SER C 629 -17.07 17.97 17.51
N ASN C 630 -17.96 18.87 17.11
CA ASN C 630 -18.39 20.01 17.91
C ASN C 630 -19.55 19.56 18.80
N ASP C 631 -20.32 20.51 19.33
CA ASP C 631 -21.44 20.22 20.22
C ASP C 631 -22.45 19.25 19.61
N GLU C 632 -22.50 18.04 20.16
CA GLU C 632 -23.24 16.95 19.55
C GLU C 632 -24.74 17.11 19.71
N ASP C 633 -25.21 17.70 20.81
CA ASP C 633 -26.63 17.97 20.96
C ASP C 633 -27.09 19.04 19.99
N LEU C 634 -26.19 19.93 19.58
CA LEU C 634 -26.49 20.81 18.47
C LEU C 634 -26.48 20.03 17.16
N ALA C 635 -25.56 19.08 17.02
CA ALA C 635 -25.47 18.29 15.79
C ALA C 635 -26.65 17.34 15.67
N GLU C 636 -27.08 16.74 16.78
CA GLU C 636 -28.22 15.84 16.75
C GLU C 636 -29.54 16.58 16.59
N GLN C 637 -29.56 17.89 16.83
CA GLN C 637 -30.77 18.65 16.58
C GLN C 637 -30.94 19.00 15.12
N LEU C 638 -29.87 18.91 14.31
CA LEU C 638 -30.01 19.16 12.89
C LEU C 638 -30.75 18.04 12.19
N LEU C 639 -30.64 16.81 12.69
CA LEU C 639 -31.27 15.66 12.07
C LEU C 639 -32.78 15.63 12.23
N THR C 640 -33.36 16.54 12.99
CA THR C 640 -34.78 16.54 13.25
C THR C 640 -35.50 17.71 12.58
N TYR C 641 -34.78 18.64 11.98
CA TYR C 641 -35.39 19.83 11.39
C TYR C 641 -35.95 19.51 10.02
N SER C 642 -37.16 19.99 9.74
CA SER C 642 -37.67 19.97 8.38
C SER C 642 -37.00 21.03 7.51
N CYS C 643 -36.38 22.03 8.14
CA CYS C 643 -35.56 23.07 7.50
C CYS C 643 -36.40 23.87 6.49
N GLU C 644 -37.44 24.51 7.03
CA GLU C 644 -38.36 25.38 6.29
C GLU C 644 -39.07 24.66 5.15
N ALA C 645 -39.20 23.34 5.29
CA ALA C 645 -39.90 22.45 4.35
C ALA C 645 -39.32 22.51 2.94
N TRP C 646 -38.01 22.31 2.82
CA TRP C 646 -37.44 22.12 1.50
C TRP C 646 -37.83 20.77 0.94
N GLY C 647 -37.41 19.71 1.59
CA GLY C 647 -37.88 18.39 1.24
C GLY C 647 -39.14 18.04 2.01
N GLY C 648 -39.53 16.78 1.88
CA GLY C 648 -40.62 16.28 2.72
C GLY C 648 -40.18 16.07 4.15
N SER C 649 -39.07 15.37 4.34
CA SER C 649 -38.66 14.92 5.66
C SER C 649 -37.37 15.61 6.11
N ASN C 650 -36.87 15.20 7.27
CA ASN C 650 -35.71 15.82 7.88
C ASN C 650 -34.43 15.29 7.23
N CYS C 651 -33.29 15.74 7.74
CA CYS C 651 -31.99 15.31 7.25
C CYS C 651 -31.72 13.84 7.55
N LEU C 652 -32.34 13.29 8.59
CA LEU C 652 -32.07 11.91 8.96
C LEU C 652 -32.83 10.94 8.07
N GLU C 653 -34.14 11.16 7.90
CA GLU C 653 -34.94 10.29 7.06
C GLU C 653 -34.60 10.43 5.58
N LEU C 654 -34.06 11.57 5.17
CA LEU C 654 -33.74 11.75 3.76
C LEU C 654 -32.57 10.89 3.32
N ALA C 655 -31.69 10.52 4.25
CA ALA C 655 -30.67 9.52 3.96
C ALA C 655 -31.23 8.11 3.96
N VAL C 656 -32.39 7.92 4.58
CA VAL C 656 -32.98 6.59 4.68
C VAL C 656 -33.73 6.24 3.40
N GLU C 657 -34.46 7.21 2.84
CA GLU C 657 -35.20 6.95 1.61
C GLU C 657 -34.27 6.74 0.43
N ALA C 658 -33.10 7.36 0.45
CA ALA C 658 -32.10 7.18 -0.59
C ALA C 658 -31.08 6.12 -0.24
N ARG C 659 -31.23 5.47 0.93
CA ARG C 659 -30.41 4.34 1.37
C ARG C 659 -28.94 4.73 1.47
N ASP C 660 -28.66 5.90 2.03
CA ASP C 660 -27.29 6.37 2.18
C ASP C 660 -26.69 5.63 3.36
N GLN C 661 -26.15 4.45 3.10
CA GLN C 661 -25.69 3.60 4.18
C GLN C 661 -24.39 4.06 4.79
N GLN C 662 -23.60 4.88 4.09
CA GLN C 662 -22.42 5.45 4.73
C GLN C 662 -22.80 6.54 5.73
N PHE C 663 -23.91 7.22 5.48
CA PHE C 663 -24.33 8.30 6.36
C PHE C 663 -24.92 7.79 7.66
N ILE C 664 -25.46 6.57 7.69
CA ILE C 664 -26.01 6.03 8.92
C ILE C 664 -25.05 5.05 9.60
N ALA C 665 -24.08 4.51 8.89
CA ALA C 665 -23.05 3.72 9.55
C ALA C 665 -22.00 4.58 10.25
N GLN C 666 -22.05 5.89 10.09
CA GLN C 666 -21.06 6.74 10.73
C GLN C 666 -21.34 6.84 12.23
N PRO C 667 -20.30 7.05 13.05
CA PRO C 667 -20.50 6.98 14.51
C PRO C 667 -21.33 8.10 15.09
N GLY C 668 -21.63 9.16 14.35
CA GLY C 668 -22.48 10.20 14.88
C GLY C 668 -23.93 9.76 14.96
N VAL C 669 -24.43 9.14 13.89
CA VAL C 669 -25.82 8.71 13.88
C VAL C 669 -26.02 7.46 14.71
N GLN C 670 -25.03 6.57 14.73
CA GLN C 670 -25.14 5.36 15.53
C GLN C 670 -25.14 5.67 17.02
N ASN C 671 -24.38 6.68 17.44
CA ASN C 671 -24.48 7.15 18.81
C ASN C 671 -25.78 7.91 19.06
N PHE C 672 -26.37 8.50 18.02
CA PHE C 672 -27.65 9.16 18.20
C PHE C 672 -28.77 8.15 18.35
N LEU C 673 -28.77 7.11 17.53
CA LEU C 673 -29.84 6.12 17.56
C LEU C 673 -29.80 5.29 18.84
N SER C 674 -28.60 5.05 19.36
CA SER C 674 -28.49 4.37 20.65
C SER C 674 -29.05 5.21 21.78
N LYS C 675 -28.90 6.53 21.69
CA LYS C 675 -29.50 7.42 22.68
C LYS C 675 -31.01 7.46 22.52
N GLN C 676 -31.50 7.41 21.29
CA GLN C 676 -32.94 7.43 21.08
C GLN C 676 -33.58 6.09 21.38
N TRP C 677 -32.80 5.01 21.32
CA TRP C 677 -33.35 3.70 21.63
C TRP C 677 -33.34 3.41 23.12
N TYR C 678 -32.31 3.86 23.83
CA TYR C 678 -32.29 3.69 25.27
C TYR C 678 -33.23 4.65 25.97
N GLY C 679 -33.67 5.72 25.28
CA GLY C 679 -34.71 6.57 25.81
C GLY C 679 -34.26 7.39 26.99
N GLU C 680 -35.16 7.52 27.97
CA GLU C 680 -34.87 8.28 29.19
C GLU C 680 -33.93 7.56 30.13
N ILE C 681 -33.62 6.29 29.87
CA ILE C 681 -32.65 5.56 30.68
C ILE C 681 -31.28 6.18 30.48
N SER C 682 -30.57 6.41 31.60
CA SER C 682 -29.18 6.82 31.57
C SER C 682 -28.35 5.77 30.85
N ARG C 683 -27.81 6.16 29.70
CA ARG C 683 -27.15 5.23 28.79
C ARG C 683 -25.87 4.68 29.41
N ASP C 684 -25.55 3.45 29.02
CA ASP C 684 -24.37 2.69 29.48
C ASP C 684 -24.39 2.48 30.99
N THR C 685 -25.49 1.91 31.49
CA THR C 685 -25.47 1.39 32.84
C THR C 685 -24.87 -0.02 32.83
N LYS C 686 -25.63 -0.98 32.29
CA LYS C 686 -25.25 -2.32 31.89
C LYS C 686 -26.49 -2.93 31.24
N ASN C 687 -26.31 -3.84 30.28
CA ASN C 687 -27.47 -4.48 29.68
C ASN C 687 -28.12 -5.50 30.60
N TRP C 688 -27.38 -6.03 31.58
CA TRP C 688 -27.95 -6.99 32.52
C TRP C 688 -28.85 -6.34 33.55
N LYS C 689 -28.47 -5.15 34.05
CA LYS C 689 -29.15 -4.52 35.16
C LYS C 689 -30.55 -4.04 34.81
N ILE C 690 -30.83 -3.75 33.54
CA ILE C 690 -32.17 -3.36 33.15
C ILE C 690 -33.10 -4.56 33.22
N ILE C 691 -32.60 -5.74 32.88
CA ILE C 691 -33.41 -6.96 32.96
C ILE C 691 -33.63 -7.35 34.42
N MET C 692 -32.67 -7.03 35.29
CA MET C 692 -32.88 -7.21 36.72
C MET C 692 -33.93 -6.25 37.27
N CYS C 693 -34.16 -5.13 36.59
CA CYS C 693 -35.26 -4.24 36.88
C CYS C 693 -36.50 -4.53 36.05
N LEU C 694 -36.69 -5.79 35.65
CA LEU C 694 -37.87 -6.19 34.90
C LEU C 694 -38.51 -7.42 35.52
N LEU C 720 -44.01 9.33 39.77
CA LEU C 720 -44.11 9.16 38.33
C LEU C 720 -42.73 8.94 37.71
N TYR C 721 -41.72 8.76 38.56
CA TYR C 721 -40.39 8.39 38.10
C TYR C 721 -40.29 6.90 37.77
N TYR C 722 -41.10 6.07 38.43
CA TYR C 722 -41.15 4.65 38.14
C TYR C 722 -41.83 4.38 36.79
N VAL C 723 -42.71 5.27 36.36
CA VAL C 723 -43.45 5.08 35.12
C VAL C 723 -42.62 5.56 33.94
N SER C 724 -41.79 6.60 34.13
CA SER C 724 -40.94 7.10 33.05
C SER C 724 -39.82 6.13 32.68
N PHE C 725 -39.55 5.12 33.52
CA PHE C 725 -38.73 3.99 33.09
C PHE C 725 -39.40 3.24 31.96
N PHE C 726 -40.73 3.05 32.05
CA PHE C 726 -41.49 2.36 31.03
C PHE C 726 -41.96 3.30 29.94
N THR C 727 -41.04 4.10 29.41
CA THR C 727 -41.31 4.96 28.27
C THR C 727 -40.28 4.81 27.17
N SER C 728 -39.09 4.32 27.49
CA SER C 728 -38.05 4.13 26.50
C SER C 728 -38.43 3.01 25.54
N PRO C 729 -38.05 3.10 24.27
CA PRO C 729 -38.41 2.05 23.31
C PRO C 729 -37.63 0.77 23.49
N PHE C 730 -36.55 0.78 24.26
CA PHE C 730 -35.85 -0.46 24.58
C PHE C 730 -36.71 -1.35 25.46
N VAL C 731 -37.46 -0.76 26.38
CA VAL C 731 -38.32 -1.53 27.26
C VAL C 731 -39.62 -1.88 26.56
N VAL C 732 -40.12 -0.99 25.70
CA VAL C 732 -41.29 -1.27 24.88
C VAL C 732 -40.99 -2.40 23.89
N PHE C 733 -39.73 -2.50 23.43
CA PHE C 733 -39.34 -3.65 22.64
C PHE C 733 -39.33 -4.92 23.48
N SER C 734 -38.79 -4.84 24.70
CA SER C 734 -38.67 -6.04 25.54
C SER C 734 -40.03 -6.55 25.98
N TRP C 735 -40.96 -5.65 26.27
CA TRP C 735 -42.30 -6.09 26.63
C TRP C 735 -43.17 -6.37 25.42
N ASN C 736 -42.62 -6.28 24.21
CA ASN C 736 -43.24 -6.88 23.05
C ASN C 736 -42.59 -8.21 22.69
N VAL C 737 -41.41 -8.50 23.24
CA VAL C 737 -40.82 -9.82 23.08
C VAL C 737 -41.42 -10.78 24.10
N ILE C 738 -41.52 -10.32 25.36
CA ILE C 738 -42.09 -11.12 26.43
C ILE C 738 -43.56 -11.43 26.16
N PHE C 739 -44.28 -10.47 25.57
CA PHE C 739 -45.64 -10.74 25.14
C PHE C 739 -45.67 -11.72 23.97
N TYR C 740 -44.67 -11.65 23.09
CA TYR C 740 -44.69 -12.53 21.92
C TYR C 740 -44.26 -13.95 22.29
N ILE C 741 -43.31 -14.08 23.20
CA ILE C 741 -42.89 -15.41 23.66
C ILE C 741 -44.02 -16.08 24.42
N ALA C 742 -44.68 -15.33 25.31
CA ALA C 742 -45.84 -15.86 26.00
C ALA C 742 -47.03 -16.07 25.08
N PHE C 743 -47.05 -15.38 23.93
CA PHE C 743 -48.04 -15.74 22.91
C PHE C 743 -47.70 -17.08 22.30
N LEU C 744 -46.42 -17.35 22.07
CA LEU C 744 -46.03 -18.62 21.48
C LEU C 744 -46.15 -19.76 22.48
N LEU C 745 -45.91 -19.48 23.76
CA LEU C 745 -46.06 -20.51 24.78
C LEU C 745 -47.53 -20.87 24.98
N LEU C 746 -48.42 -19.90 24.83
CA LEU C 746 -49.85 -20.21 24.84
C LEU C 746 -50.25 -20.95 23.58
N PHE C 747 -49.73 -20.50 22.43
CA PHE C 747 -49.97 -21.18 21.16
C PHE C 747 -49.35 -22.58 21.16
N ALA C 748 -48.29 -22.79 21.94
CA ALA C 748 -47.79 -24.14 22.14
C ALA C 748 -48.77 -24.97 22.95
N TYR C 749 -49.14 -24.49 24.15
CA TYR C 749 -49.98 -25.26 25.07
C TYR C 749 -51.37 -25.50 24.52
N VAL C 750 -51.91 -24.57 23.73
CA VAL C 750 -53.18 -24.81 23.07
C VAL C 750 -53.05 -25.92 22.04
N LEU C 751 -51.96 -25.93 21.29
CA LEU C 751 -51.83 -26.86 20.18
C LEU C 751 -51.57 -28.28 20.62
N LEU C 752 -50.98 -28.50 21.79
CA LEU C 752 -50.61 -29.84 22.21
C LEU C 752 -51.58 -30.42 23.22
N MET C 753 -51.75 -29.77 24.37
CA MET C 753 -52.59 -30.35 25.43
C MET C 753 -54.05 -29.96 25.29
N ASP C 754 -54.33 -28.72 24.91
CA ASP C 754 -55.68 -28.25 24.61
C ASP C 754 -56.08 -28.64 23.20
N PHE C 755 -56.93 -27.82 22.57
CA PHE C 755 -57.49 -28.00 21.23
C PHE C 755 -58.40 -29.22 21.21
N GLN C 756 -59.48 -29.14 21.96
CA GLN C 756 -60.54 -30.14 21.95
C GLN C 756 -61.51 -29.83 20.81
N LYS C 757 -62.69 -30.47 20.85
CA LYS C 757 -63.65 -30.33 19.76
C LYS C 757 -64.23 -28.93 19.70
N GLU C 758 -64.66 -28.41 20.81
CA GLU C 758 -65.03 -27.01 20.77
C GLU C 758 -63.88 -26.15 21.27
N PRO C 759 -63.77 -24.91 20.78
CA PRO C 759 -62.70 -24.02 21.27
C PRO C 759 -62.85 -23.69 22.74
N THR C 760 -61.86 -24.09 23.52
CA THR C 760 -61.95 -24.06 24.98
C THR C 760 -61.68 -22.65 25.49
N ALA C 761 -61.48 -22.53 26.81
CA ALA C 761 -61.33 -21.23 27.45
C ALA C 761 -60.03 -20.55 27.03
N LEU C 762 -58.90 -21.25 27.18
CA LEU C 762 -57.61 -20.68 26.82
C LEU C 762 -57.46 -20.48 25.32
N GLU C 763 -58.21 -21.22 24.51
CA GLU C 763 -58.10 -21.10 23.06
C GLU C 763 -58.67 -19.77 22.58
N ILE C 764 -59.62 -19.21 23.32
CA ILE C 764 -60.20 -17.92 22.96
C ILE C 764 -59.22 -16.78 23.27
N ILE C 765 -58.43 -16.91 24.33
CA ILE C 765 -57.39 -15.92 24.63
C ILE C 765 -56.35 -15.90 23.52
N LEU C 766 -56.12 -17.04 22.87
CA LEU C 766 -55.30 -17.06 21.68
C LEU C 766 -55.94 -16.32 20.51
N TYR C 767 -57.28 -16.33 20.44
CA TYR C 767 -57.95 -15.58 19.40
C TYR C 767 -57.88 -14.09 19.64
N VAL C 768 -57.74 -13.69 20.90
CA VAL C 768 -57.52 -12.28 21.20
C VAL C 768 -56.11 -11.87 20.83
N LEU C 769 -55.12 -12.72 21.12
CA LEU C 769 -53.73 -12.36 20.90
C LEU C 769 -53.37 -12.33 19.42
N VAL C 770 -54.08 -13.08 18.59
CA VAL C 770 -53.82 -12.97 17.16
C VAL C 770 -54.51 -11.73 16.60
N PHE C 771 -55.59 -11.29 17.22
CA PHE C 771 -56.24 -10.04 16.83
C PHE C 771 -55.35 -8.85 17.18
N VAL C 772 -54.60 -8.95 18.27
CA VAL C 772 -53.64 -7.90 18.63
C VAL C 772 -52.53 -7.81 17.59
N LEU C 773 -51.99 -8.95 17.18
CA LEU C 773 -51.00 -8.97 16.10
C LEU C 773 -51.62 -8.61 14.75
N LEU C 774 -52.93 -8.80 14.60
CA LEU C 774 -53.61 -8.29 13.42
C LEU C 774 -53.75 -6.77 13.50
N CYS C 775 -54.09 -6.25 14.69
CA CYS C 775 -54.22 -4.82 14.86
C CYS C 775 -52.88 -4.11 14.78
N ASP C 776 -51.79 -4.78 15.20
CA ASP C 776 -50.47 -4.19 15.10
C ASP C 776 -49.97 -4.19 13.66
N GLU C 777 -50.54 -5.03 12.80
CA GLU C 777 -50.23 -4.95 11.38
C GLU C 777 -51.17 -4.03 10.62
N VAL C 778 -52.34 -3.75 11.19
CA VAL C 778 -53.17 -2.66 10.69
C VAL C 778 -52.48 -1.33 10.92
N ARG C 779 -51.84 -1.17 12.07
CA ARG C 779 -51.11 0.04 12.39
C ARG C 779 -49.90 0.23 11.47
N GLN C 780 -49.25 -0.88 11.09
CA GLN C 780 -48.17 -0.78 10.11
C GLN C 780 -48.70 -0.60 8.69
N TRP C 781 -49.98 -0.82 8.48
CA TRP C 781 -50.66 -0.41 7.26
C TRP C 781 -51.20 1.01 7.37
N TYR C 782 -51.02 1.65 8.53
CA TYR C 782 -51.47 3.01 8.78
C TYR C 782 -50.33 3.98 9.02
N MET C 783 -49.18 3.50 9.49
CA MET C 783 -47.99 4.35 9.54
C MET C 783 -47.27 4.36 8.20
N ASN C 784 -47.67 3.50 7.27
CA ASN C 784 -47.15 3.52 5.91
C ASN C 784 -48.23 2.99 4.98
N GLY C 785 -48.15 3.40 3.71
CA GLY C 785 -49.12 2.95 2.73
C GLY C 785 -48.70 1.73 1.93
N SER C 786 -47.55 1.81 1.25
CA SER C 786 -47.13 0.72 0.39
C SER C 786 -45.66 0.34 0.50
N LYS C 787 -44.84 1.12 1.20
CA LYS C 787 -43.52 0.64 1.57
C LYS C 787 -43.58 -0.41 2.66
N TYR C 788 -44.70 -0.48 3.38
CA TYR C 788 -44.96 -1.57 4.29
C TYR C 788 -45.03 -2.91 3.55
N PHE C 789 -45.66 -2.92 2.38
CA PHE C 789 -45.68 -4.13 1.57
C PHE C 789 -44.37 -4.36 0.84
N SER C 790 -43.56 -3.31 0.67
CA SER C 790 -42.27 -3.49 0.01
C SER C 790 -41.29 -4.26 0.88
N ASP C 791 -41.49 -4.22 2.19
CA ASP C 791 -40.70 -5.04 3.10
C ASP C 791 -41.08 -6.50 2.94
N LEU C 792 -40.07 -7.37 2.91
CA LEU C 792 -40.33 -8.79 2.71
C LEU C 792 -40.95 -9.41 3.96
N TRP C 793 -40.39 -9.12 5.14
CA TRP C 793 -40.85 -9.74 6.37
C TRP C 793 -42.20 -9.21 6.83
N ASN C 794 -42.64 -8.07 6.31
CA ASN C 794 -44.01 -7.63 6.53
C ASN C 794 -45.00 -8.25 5.58
N VAL C 795 -44.59 -9.26 4.80
CA VAL C 795 -45.54 -10.08 4.05
C VAL C 795 -45.80 -11.37 4.80
N MET C 796 -44.75 -11.96 5.37
CA MET C 796 -44.83 -13.26 6.05
C MET C 796 -45.74 -13.21 7.27
N ASP C 797 -45.70 -12.10 8.02
CA ASP C 797 -46.56 -11.99 9.18
C ASP C 797 -48.02 -11.70 8.82
N THR C 798 -48.31 -11.31 7.59
CA THR C 798 -49.70 -11.20 7.16
C THR C 798 -50.30 -12.57 6.86
N LEU C 799 -49.55 -13.41 6.12
CA LEU C 799 -50.00 -14.77 5.91
C LEU C 799 -49.88 -15.62 7.17
N ALA C 800 -49.13 -15.16 8.18
CA ALA C 800 -49.23 -15.75 9.50
C ALA C 800 -50.63 -15.56 10.08
N ILE C 801 -51.19 -14.37 9.90
CA ILE C 801 -52.56 -14.15 10.35
C ILE C 801 -53.55 -14.77 9.38
N PHE C 802 -53.24 -14.73 8.08
CA PHE C 802 -54.17 -15.26 7.08
C PHE C 802 -54.31 -16.77 7.18
N TYR C 803 -53.24 -17.47 7.53
CA TYR C 803 -53.37 -18.91 7.77
C TYR C 803 -54.04 -19.17 9.11
N PHE C 804 -53.90 -18.26 10.07
CA PHE C 804 -54.57 -18.44 11.35
C PHE C 804 -56.07 -18.28 11.21
N ILE C 805 -56.52 -17.25 10.49
CA ILE C 805 -57.96 -17.07 10.31
C ILE C 805 -58.51 -18.13 9.37
N ALA C 806 -57.67 -18.70 8.51
CA ALA C 806 -58.09 -19.89 7.78
C ALA C 806 -58.14 -21.10 8.69
N GLY C 807 -57.36 -21.09 9.78
CA GLY C 807 -57.41 -22.20 10.72
C GLY C 807 -58.68 -22.23 11.53
N ILE C 808 -59.25 -21.06 11.84
CA ILE C 808 -60.51 -21.02 12.55
C ILE C 808 -61.66 -21.43 11.63
N VAL C 809 -61.51 -21.19 10.33
CA VAL C 809 -62.54 -21.59 9.37
C VAL C 809 -62.59 -23.12 9.24
N PHE C 810 -61.43 -23.76 9.08
CA PHE C 810 -61.41 -25.21 9.01
C PHE C 810 -61.75 -25.87 10.34
N ARG C 811 -61.54 -25.19 11.47
CA ARG C 811 -61.86 -25.79 12.76
C ARG C 811 -63.36 -25.84 12.98
N LEU C 812 -64.04 -24.70 12.83
CA LEU C 812 -65.47 -24.61 13.09
C LEU C 812 -66.26 -25.23 11.94
N HIS C 813 -66.22 -26.57 11.90
CA HIS C 813 -67.03 -27.35 10.99
C HIS C 813 -67.67 -28.56 11.66
N SER C 814 -67.22 -28.93 12.87
CA SER C 814 -67.69 -30.07 13.66
C SER C 814 -67.60 -31.39 12.90
N ASP C 815 -66.63 -31.50 11.99
CA ASP C 815 -66.42 -32.70 11.18
C ASP C 815 -64.95 -33.07 11.26
N GLU C 816 -64.66 -34.28 11.73
CA GLU C 816 -63.27 -34.73 11.89
C GLU C 816 -62.54 -34.86 10.55
N SER C 817 -63.26 -34.95 9.43
CA SER C 817 -62.63 -34.82 8.13
C SER C 817 -62.09 -33.41 7.90
N SER C 818 -62.64 -32.41 8.59
CA SER C 818 -62.18 -31.04 8.48
C SER C 818 -61.63 -30.48 9.78
N TRP C 819 -62.07 -30.98 10.94
CA TRP C 819 -61.58 -30.46 12.21
C TRP C 819 -60.12 -30.81 12.44
N TYR C 820 -59.68 -31.98 11.98
CA TYR C 820 -58.27 -32.32 12.10
C TYR C 820 -57.42 -31.47 11.17
N SER C 821 -57.91 -31.19 9.98
CA SER C 821 -57.16 -30.31 9.08
C SER C 821 -57.18 -28.86 9.54
N GLY C 822 -58.05 -28.50 10.49
CA GLY C 822 -57.89 -27.23 11.16
C GLY C 822 -56.67 -27.21 12.07
N ARG C 823 -56.41 -28.32 12.75
CA ARG C 823 -55.24 -28.39 13.62
C ARG C 823 -53.94 -28.42 12.85
N VAL C 824 -53.96 -28.99 11.63
CA VAL C 824 -52.76 -29.06 10.82
C VAL C 824 -52.36 -27.67 10.33
N ILE C 825 -53.35 -26.84 9.97
CA ILE C 825 -53.07 -25.46 9.57
C ILE C 825 -52.54 -24.66 10.75
N PHE C 826 -53.10 -24.88 11.95
CA PHE C 826 -52.56 -24.24 13.14
C PHE C 826 -51.18 -24.75 13.49
N CYS C 827 -50.88 -26.00 13.15
CA CYS C 827 -49.53 -26.52 13.37
C CYS C 827 -48.55 -25.90 12.39
N LEU C 828 -48.92 -25.84 11.11
CA LEU C 828 -48.08 -25.20 10.11
C LEU C 828 -47.97 -23.71 10.30
N ASP C 829 -48.94 -23.10 10.98
CA ASP C 829 -48.83 -21.68 11.30
C ASP C 829 -47.86 -21.43 12.44
N TYR C 830 -47.61 -22.43 13.28
CA TYR C 830 -46.71 -22.22 14.41
C TYR C 830 -45.28 -22.02 13.94
N ILE C 831 -44.92 -22.55 12.77
CA ILE C 831 -43.60 -22.31 12.22
C ILE C 831 -43.46 -20.86 11.80
N VAL C 832 -44.49 -20.30 11.18
CA VAL C 832 -44.40 -18.94 10.65
C VAL C 832 -44.39 -17.92 11.78
N PHE C 833 -45.07 -18.21 12.88
CA PHE C 833 -45.03 -17.30 14.02
C PHE C 833 -43.73 -17.43 14.80
N THR C 834 -43.14 -18.63 14.84
CA THR C 834 -41.89 -18.80 15.58
C THR C 834 -40.71 -18.29 14.77
N LEU C 835 -40.78 -18.35 13.45
CA LEU C 835 -39.74 -17.77 12.62
C LEU C 835 -39.86 -16.25 12.50
N ARG C 836 -40.84 -15.63 13.16
CA ARG C 836 -40.80 -14.19 13.38
C ARG C 836 -39.90 -13.82 14.54
N LEU C 837 -39.58 -14.77 15.41
CA LEU C 837 -38.65 -14.48 16.50
C LEU C 837 -37.22 -14.35 15.99
N ILE C 838 -36.95 -14.81 14.78
CA ILE C 838 -35.67 -14.52 14.15
C ILE C 838 -35.60 -13.04 13.78
N HIS C 839 -36.63 -12.53 13.10
CA HIS C 839 -36.60 -11.17 12.60
C HIS C 839 -36.79 -10.13 13.70
N ILE C 840 -37.37 -10.50 14.83
CA ILE C 840 -37.49 -9.58 15.95
C ILE C 840 -36.13 -9.31 16.56
N PHE C 841 -35.25 -10.31 16.58
CA PHE C 841 -33.96 -10.17 17.23
C PHE C 841 -32.86 -9.72 16.28
N THR C 842 -33.20 -8.90 15.29
CA THR C 842 -32.21 -8.21 14.48
C THR C 842 -31.79 -6.88 15.08
N VAL C 843 -32.05 -6.67 16.36
CA VAL C 843 -31.66 -5.46 17.06
C VAL C 843 -30.53 -5.69 18.03
N SER C 844 -30.11 -6.93 18.24
CA SER C 844 -29.47 -7.32 19.47
C SER C 844 -27.99 -7.00 19.53
N ARG C 845 -27.40 -6.48 18.45
CA ARG C 845 -26.01 -6.04 18.30
C ARG C 845 -25.03 -7.21 18.30
N ASN C 846 -25.51 -8.41 18.59
CA ASN C 846 -24.74 -9.64 18.51
C ASN C 846 -25.35 -10.62 17.53
N LEU C 847 -26.64 -10.93 17.69
CA LEU C 847 -27.33 -11.70 16.67
C LEU C 847 -27.63 -10.86 15.45
N GLY C 848 -27.84 -9.56 15.65
CA GLY C 848 -28.23 -8.60 14.63
C GLY C 848 -27.47 -8.62 13.30
N PRO C 849 -26.15 -8.49 13.34
CA PRO C 849 -25.39 -8.62 12.08
C PRO C 849 -25.43 -10.02 11.51
N LYS C 850 -25.54 -11.04 12.35
CA LYS C 850 -25.47 -12.40 11.85
C LYS C 850 -26.77 -12.85 11.20
N ILE C 851 -27.91 -12.33 11.66
CA ILE C 851 -29.18 -12.66 11.02
C ILE C 851 -29.27 -12.01 9.65
N ILE C 852 -28.73 -10.81 9.49
CA ILE C 852 -28.70 -10.20 8.17
C ILE C 852 -27.64 -10.85 7.30
N MET C 853 -26.58 -11.38 7.92
CA MET C 853 -25.61 -12.20 7.20
C MET C 853 -26.26 -13.47 6.65
N LEU C 854 -27.25 -14.00 7.37
CA LEU C 854 -27.95 -15.21 6.97
C LEU C 854 -28.77 -15.00 5.70
N GLN C 855 -29.16 -13.78 5.38
CA GLN C 855 -29.88 -13.51 4.15
C GLN C 855 -28.97 -13.30 2.96
N ARG C 856 -27.66 -13.43 3.13
CA ARG C 856 -26.73 -13.42 2.01
C ARG C 856 -26.32 -14.82 1.58
N MET C 857 -26.58 -15.82 2.41
CA MET C 857 -26.24 -17.19 2.08
C MET C 857 -27.24 -17.85 1.15
N MET C 858 -28.37 -17.20 0.87
CA MET C 858 -29.43 -17.85 0.12
C MET C 858 -29.11 -18.02 -1.36
N ILE C 859 -28.05 -17.40 -1.86
CA ILE C 859 -27.58 -17.72 -3.19
C ILE C 859 -26.54 -18.84 -3.16
N ASP C 860 -25.86 -19.04 -2.02
CA ASP C 860 -24.99 -20.19 -1.89
C ASP C 860 -25.79 -21.46 -1.64
N VAL C 861 -26.94 -21.34 -0.98
CA VAL C 861 -27.78 -22.49 -0.72
C VAL C 861 -28.51 -22.93 -1.98
N PHE C 862 -29.07 -21.97 -2.72
CA PHE C 862 -29.80 -22.30 -3.94
C PHE C 862 -28.91 -22.85 -5.04
N PHE C 863 -27.61 -22.55 -4.99
CA PHE C 863 -26.69 -23.26 -5.87
C PHE C 863 -26.47 -24.68 -5.38
N PHE C 864 -26.38 -24.86 -4.06
CA PHE C 864 -26.16 -26.19 -3.51
C PHE C 864 -27.39 -27.07 -3.69
N LEU C 865 -28.58 -26.50 -3.52
CA LEU C 865 -29.79 -27.28 -3.75
C LEU C 865 -29.98 -27.60 -5.22
N PHE C 866 -29.47 -26.76 -6.11
CA PHE C 866 -29.53 -27.08 -7.52
C PHE C 866 -28.63 -28.26 -7.87
N LEU C 867 -27.39 -28.25 -7.38
CA LEU C 867 -26.48 -29.37 -7.61
C LEU C 867 -26.98 -30.64 -6.93
N PHE C 868 -27.61 -30.50 -5.76
CA PHE C 868 -28.05 -31.69 -5.06
C PHE C 868 -29.27 -32.31 -5.72
N ALA C 869 -30.18 -31.47 -6.25
CA ALA C 869 -31.39 -32.00 -6.85
C ALA C 869 -31.12 -32.66 -8.19
N VAL C 870 -30.17 -32.14 -8.95
CA VAL C 870 -29.81 -32.79 -10.21
C VAL C 870 -29.10 -34.10 -9.94
N TRP C 871 -28.25 -34.12 -8.91
CA TRP C 871 -27.57 -35.37 -8.54
C TRP C 871 -28.53 -36.37 -7.92
N MET C 872 -29.59 -35.90 -7.27
CA MET C 872 -30.58 -36.81 -6.71
C MET C 872 -31.36 -37.51 -7.80
N VAL C 873 -31.80 -36.75 -8.80
CA VAL C 873 -32.60 -37.31 -9.87
C VAL C 873 -31.76 -38.21 -10.78
N ALA C 874 -30.51 -37.81 -11.03
CA ALA C 874 -29.63 -38.62 -11.85
C ALA C 874 -29.30 -39.93 -11.19
N PHE C 875 -29.12 -39.92 -9.87
CA PHE C 875 -28.84 -41.17 -9.17
C PHE C 875 -30.11 -41.95 -8.89
N GLY C 876 -31.19 -41.25 -8.51
CA GLY C 876 -32.40 -41.93 -8.08
C GLY C 876 -33.12 -42.64 -9.20
N VAL C 877 -33.09 -42.07 -10.41
CA VAL C 877 -33.70 -42.75 -11.55
C VAL C 877 -32.81 -43.89 -12.01
N ALA C 878 -31.49 -43.67 -12.03
CA ALA C 878 -30.57 -44.76 -12.35
C ALA C 878 -30.47 -45.80 -11.26
N ARG C 879 -31.00 -45.52 -10.07
CA ARG C 879 -31.14 -46.53 -9.04
C ARG C 879 -32.22 -47.55 -9.40
N GLN C 880 -33.10 -47.22 -10.34
CA GLN C 880 -34.15 -48.11 -10.80
C GLN C 880 -33.74 -48.91 -12.02
N GLY C 881 -32.46 -49.29 -12.10
CA GLY C 881 -32.05 -50.47 -12.83
C GLY C 881 -32.02 -51.65 -11.90
N ILE C 882 -32.94 -51.66 -10.94
CA ILE C 882 -33.12 -52.70 -9.95
C ILE C 882 -34.55 -53.20 -10.03
N LEU C 883 -35.50 -52.29 -9.82
CA LEU C 883 -36.92 -52.62 -9.83
C LEU C 883 -37.48 -52.43 -11.23
N ARG C 884 -38.65 -53.03 -11.47
CA ARG C 884 -39.33 -52.90 -12.76
C ARG C 884 -40.81 -53.24 -12.58
N LYS C 885 -41.68 -52.26 -12.78
CA LYS C 885 -43.13 -52.45 -12.78
C LYS C 885 -43.72 -51.31 -13.60
N ASN C 886 -45.05 -51.29 -13.76
CA ASN C 886 -45.72 -50.32 -14.63
C ASN C 886 -46.58 -49.32 -13.90
N GLU C 887 -47.12 -49.64 -12.72
CA GLU C 887 -48.03 -48.70 -12.06
C GLU C 887 -47.29 -47.82 -11.07
N HIS C 888 -46.68 -48.44 -10.04
CA HIS C 888 -45.88 -47.78 -8.99
C HIS C 888 -46.65 -46.69 -8.24
N ARG C 889 -47.99 -46.81 -8.17
CA ARG C 889 -48.90 -45.94 -7.42
C ARG C 889 -48.97 -44.50 -7.97
N TRP C 890 -48.16 -44.20 -9.00
CA TRP C 890 -47.66 -42.89 -9.45
C TRP C 890 -46.83 -42.15 -8.40
N GLU C 891 -46.67 -42.72 -7.19
CA GLU C 891 -46.02 -42.04 -6.09
C GLU C 891 -45.17 -42.96 -5.22
N TRP C 892 -44.96 -44.22 -5.61
CA TRP C 892 -43.86 -44.99 -5.05
C TRP C 892 -42.53 -44.59 -5.65
N ILE C 893 -42.57 -43.90 -6.80
CA ILE C 893 -41.37 -43.37 -7.41
C ILE C 893 -40.71 -42.36 -6.48
N PHE C 894 -41.48 -41.36 -6.05
CA PHE C 894 -40.95 -40.30 -5.20
C PHE C 894 -40.56 -40.79 -3.82
N ARG C 895 -41.05 -41.94 -3.39
CA ARG C 895 -40.54 -42.55 -2.16
C ARG C 895 -39.18 -43.19 -2.35
N SER C 896 -38.75 -43.41 -3.59
CA SER C 896 -37.53 -44.15 -3.83
C SER C 896 -36.57 -43.41 -4.74
N VAL C 897 -37.09 -42.58 -5.63
CA VAL C 897 -36.25 -41.80 -6.53
C VAL C 897 -35.80 -40.50 -5.88
N ILE C 898 -36.68 -39.83 -5.15
CA ILE C 898 -36.36 -38.55 -4.54
C ILE C 898 -36.09 -38.70 -3.04
N TYR C 899 -36.98 -39.39 -2.33
CA TYR C 899 -36.91 -39.39 -0.87
C TYR C 899 -35.77 -40.23 -0.35
N GLU C 900 -35.55 -41.40 -0.93
CA GLU C 900 -34.49 -42.28 -0.45
C GLU C 900 -33.08 -41.77 -0.78
N PRO C 901 -32.80 -41.14 -1.93
CA PRO C 901 -31.53 -40.42 -2.05
C PRO C 901 -31.45 -39.15 -1.23
N TYR C 902 -32.58 -38.63 -0.74
CA TYR C 902 -32.51 -37.45 0.11
C TYR C 902 -31.98 -37.79 1.48
N LEU C 903 -32.38 -38.93 2.03
CA LEU C 903 -31.88 -39.36 3.33
C LEU C 903 -30.42 -39.79 3.26
N ALA C 904 -29.92 -40.08 2.06
CA ALA C 904 -28.53 -40.47 1.90
C ALA C 904 -27.57 -39.30 2.11
N MET C 905 -28.07 -38.06 2.07
CA MET C 905 -27.20 -36.93 2.35
C MET C 905 -26.90 -36.80 3.83
N PHE C 906 -27.86 -37.17 4.69
CA PHE C 906 -27.62 -37.20 6.12
C PHE C 906 -27.13 -38.54 6.61
N GLY C 907 -26.91 -39.49 5.70
CA GLY C 907 -26.40 -40.79 6.04
C GLY C 907 -27.50 -41.82 6.07
N GLN C 908 -27.67 -42.53 4.95
CA GLN C 908 -28.50 -43.72 4.90
C GLN C 908 -27.87 -44.85 4.10
N TYR C 909 -27.17 -44.48 3.03
CA TYR C 909 -26.38 -45.40 2.22
C TYR C 909 -26.99 -46.71 1.72
N PRO C 910 -28.19 -46.67 1.09
CA PRO C 910 -28.85 -47.88 0.59
C PRO C 910 -28.81 -49.05 1.57
N ASP C 911 -29.52 -48.88 2.69
CA ASP C 911 -29.44 -49.82 3.80
C ASP C 911 -29.67 -51.30 3.51
N ASP C 912 -30.63 -51.72 2.69
CA ASP C 912 -30.65 -53.16 2.53
C ASP C 912 -31.27 -53.53 1.18
N ILE C 913 -30.79 -52.91 0.12
CA ILE C 913 -31.29 -53.15 -1.22
C ILE C 913 -30.09 -53.45 -2.13
N ASP C 914 -28.89 -53.15 -1.65
CA ASP C 914 -27.68 -53.20 -2.47
C ASP C 914 -26.90 -54.50 -2.34
N GLY C 915 -27.59 -55.62 -2.15
CA GLY C 915 -26.90 -56.90 -2.22
C GLY C 915 -26.86 -57.66 -0.90
N THR C 916 -26.93 -59.00 -1.00
CA THR C 916 -26.97 -59.94 0.15
C THR C 916 -28.11 -59.64 1.13
N THR C 917 -29.17 -58.99 0.64
CA THR C 917 -30.39 -58.72 1.39
C THR C 917 -31.53 -59.21 0.49
N TYR C 918 -32.07 -60.37 0.82
CA TYR C 918 -32.99 -61.06 -0.08
C TYR C 918 -34.41 -60.57 0.16
N ASN C 919 -35.39 -61.29 -0.38
CA ASN C 919 -36.79 -60.88 -0.42
C ASN C 919 -37.55 -61.27 0.83
N PHE C 920 -36.85 -61.34 1.98
CA PHE C 920 -37.46 -61.81 3.23
C PHE C 920 -38.55 -60.88 3.73
N ASP C 921 -38.42 -59.58 3.45
CA ASP C 921 -39.37 -58.57 3.93
C ASP C 921 -39.22 -57.38 3.00
N ARG C 922 -39.78 -56.24 3.40
CA ARG C 922 -39.64 -54.90 2.83
C ARG C 922 -40.25 -54.75 1.44
N CYS C 923 -40.76 -55.82 0.84
CA CYS C 923 -41.14 -55.76 -0.57
C CYS C 923 -42.34 -56.66 -0.81
N THR C 924 -42.96 -56.47 -1.97
CA THR C 924 -44.32 -56.97 -2.19
C THR C 924 -44.45 -58.01 -3.30
N PHE C 925 -43.79 -57.78 -4.45
CA PHE C 925 -43.97 -58.40 -5.77
C PHE C 925 -45.28 -58.03 -6.44
N SER C 926 -46.18 -57.33 -5.75
CA SER C 926 -47.53 -57.15 -6.24
C SER C 926 -47.91 -55.68 -6.43
N GLY C 927 -47.76 -54.85 -5.40
CA GLY C 927 -48.33 -53.52 -5.44
C GLY C 927 -49.18 -53.26 -4.21
N ASN C 928 -49.17 -54.21 -3.29
CA ASN C 928 -49.78 -54.07 -1.98
C ASN C 928 -49.07 -55.03 -1.04
N GLU C 929 -48.67 -54.56 0.14
CA GLU C 929 -49.00 -53.26 0.72
C GLU C 929 -48.00 -52.16 0.35
N SER C 930 -48.01 -51.07 1.11
CA SER C 930 -47.22 -49.87 0.84
C SER C 930 -45.70 -50.03 0.88
N LYS C 931 -45.21 -51.24 1.13
CA LYS C 931 -43.78 -51.53 1.02
C LYS C 931 -43.31 -51.34 -0.42
N PRO C 932 -42.09 -50.86 -0.63
CA PRO C 932 -41.59 -50.68 -2.00
C PRO C 932 -41.28 -52.02 -2.64
N LEU C 933 -41.68 -52.16 -3.90
CA LEU C 933 -41.76 -53.46 -4.55
C LEU C 933 -40.38 -54.07 -4.78
N CYS C 934 -40.39 -55.35 -5.12
CA CYS C 934 -39.18 -56.15 -5.02
C CYS C 934 -38.26 -55.95 -6.20
N VAL C 935 -37.03 -56.43 -6.03
CA VAL C 935 -36.07 -56.50 -7.10
C VAL C 935 -36.59 -57.44 -8.18
N GLU C 936 -36.34 -57.10 -9.45
CA GLU C 936 -36.63 -57.99 -10.55
C GLU C 936 -35.83 -59.29 -10.41
N LEU C 937 -36.48 -60.41 -10.68
CA LEU C 937 -35.92 -61.72 -10.41
C LEU C 937 -35.79 -62.53 -11.69
N ASP C 938 -35.43 -63.81 -11.52
CA ASP C 938 -35.17 -64.70 -12.65
C ASP C 938 -35.86 -66.04 -12.46
N ALA C 939 -35.53 -67.00 -13.33
CA ALA C 939 -35.96 -68.38 -13.13
C ALA C 939 -35.31 -68.98 -11.89
N ASN C 940 -34.09 -68.55 -11.57
CA ASN C 940 -33.41 -68.96 -10.35
C ASN C 940 -33.88 -68.20 -9.12
N ASN C 941 -34.81 -67.25 -9.28
CA ASN C 941 -35.26 -66.32 -8.23
C ASN C 941 -34.08 -65.59 -7.60
N GLN C 942 -33.16 -65.18 -8.42
CA GLN C 942 -32.01 -64.41 -8.00
C GLN C 942 -32.22 -62.93 -8.29
N PRO C 943 -31.66 -62.05 -7.45
CA PRO C 943 -31.69 -60.62 -7.76
C PRO C 943 -30.93 -60.31 -9.04
N ARG C 944 -31.61 -59.62 -9.95
CA ARG C 944 -31.12 -59.46 -11.31
C ARG C 944 -30.07 -58.36 -11.44
N PHE C 945 -30.07 -57.39 -10.52
CA PHE C 945 -29.18 -56.24 -10.66
C PHE C 945 -27.74 -56.68 -10.51
N PRO C 946 -26.82 -56.12 -11.32
CA PRO C 946 -25.50 -56.76 -11.49
C PRO C 946 -24.61 -56.68 -10.27
N GLU C 947 -24.77 -55.65 -9.43
CA GLU C 947 -24.11 -55.43 -8.13
C GLU C 947 -22.63 -55.07 -8.26
N TRP C 948 -22.08 -55.13 -9.47
CA TRP C 948 -20.82 -54.47 -9.76
C TRP C 948 -21.07 -53.08 -10.32
N ILE C 949 -22.32 -52.70 -10.48
CA ILE C 949 -22.71 -51.40 -11.01
C ILE C 949 -23.45 -50.58 -9.96
N THR C 950 -24.43 -51.18 -9.28
CA THR C 950 -25.21 -50.46 -8.30
C THR C 950 -24.40 -50.11 -7.07
N ILE C 951 -23.44 -50.95 -6.68
CA ILE C 951 -22.62 -50.68 -5.51
C ILE C 951 -21.66 -49.52 -5.77
N PRO C 952 -20.87 -49.44 -6.86
CA PRO C 952 -20.09 -48.21 -7.06
C PRO C 952 -20.93 -47.01 -7.49
N LEU C 953 -22.18 -47.21 -7.90
CA LEU C 953 -23.03 -46.06 -8.19
C LEU C 953 -23.44 -45.35 -6.91
N VAL C 954 -23.81 -46.11 -5.88
CA VAL C 954 -24.15 -45.52 -4.59
C VAL C 954 -22.90 -44.90 -3.96
N CYS C 955 -21.76 -45.58 -4.07
CA CYS C 955 -20.53 -45.09 -3.46
C CYS C 955 -20.01 -43.85 -4.17
N ILE C 956 -20.35 -43.65 -5.44
CA ILE C 956 -20.04 -42.39 -6.09
C ILE C 956 -20.99 -41.30 -5.61
N TYR C 957 -22.28 -41.64 -5.49
CA TYR C 957 -23.28 -40.69 -5.03
C TYR C 957 -23.05 -40.32 -3.57
N MET C 958 -22.74 -41.30 -2.73
CA MET C 958 -22.44 -41.02 -1.33
C MET C 958 -21.15 -40.24 -1.18
N LEU C 959 -20.23 -40.36 -2.13
CA LEU C 959 -19.03 -39.52 -2.10
C LEU C 959 -19.37 -38.09 -2.47
N SER C 960 -20.18 -37.91 -3.51
CA SER C 960 -20.41 -36.59 -4.05
C SER C 960 -21.29 -35.75 -3.13
N THR C 961 -22.51 -36.21 -2.88
CA THR C 961 -23.46 -35.38 -2.15
C THR C 961 -23.21 -35.30 -0.66
N ASN C 962 -22.47 -36.24 -0.07
CA ASN C 962 -22.17 -36.13 1.34
C ASN C 962 -20.83 -35.49 1.62
N ILE C 963 -19.90 -35.49 0.67
CA ILE C 963 -18.57 -34.95 0.92
C ILE C 963 -18.15 -33.94 -0.15
N LEU C 964 -18.22 -34.33 -1.43
CA LEU C 964 -17.76 -33.43 -2.48
C LEU C 964 -18.73 -32.28 -2.72
N LEU C 965 -19.90 -32.38 -2.08
CA LEU C 965 -20.93 -31.33 -2.14
C LEU C 965 -21.15 -30.47 -0.85
N VAL C 966 -21.43 -31.09 0.31
CA VAL C 966 -21.68 -30.31 1.55
C VAL C 966 -20.48 -29.48 2.04
N ASN C 967 -19.32 -30.12 2.06
CA ASN C 967 -18.02 -29.52 2.36
C ASN C 967 -17.66 -28.45 1.34
N LEU C 968 -18.17 -28.56 0.12
CA LEU C 968 -18.07 -27.47 -0.84
C LEU C 968 -18.89 -26.28 -0.38
N LEU C 969 -20.06 -26.53 0.20
CA LEU C 969 -20.95 -25.47 0.65
C LEU C 969 -20.34 -24.66 1.78
N VAL C 970 -19.51 -25.29 2.61
CA VAL C 970 -18.81 -24.56 3.67
C VAL C 970 -17.82 -23.57 3.09
N ALA C 971 -17.11 -23.97 2.03
CA ALA C 971 -16.16 -23.08 1.39
C ALA C 971 -16.87 -21.89 0.74
N MET C 972 -18.02 -22.14 0.12
CA MET C 972 -18.78 -21.04 -0.44
C MET C 972 -19.49 -20.23 0.63
N PHE C 973 -19.78 -20.83 1.78
CA PHE C 973 -20.15 -20.05 2.95
C PHE C 973 -18.96 -19.29 3.51
N GLY C 974 -17.78 -19.92 3.50
CA GLY C 974 -16.62 -19.29 4.10
C GLY C 974 -16.09 -18.12 3.31
N TYR C 975 -16.33 -18.11 2.00
CA TYR C 975 -15.96 -16.93 1.23
C TYR C 975 -16.95 -15.80 1.44
N THR C 976 -18.21 -16.12 1.73
CA THR C 976 -19.22 -15.08 1.87
C THR C 976 -19.01 -14.29 3.16
N VAL C 977 -18.70 -14.96 4.27
CA VAL C 977 -18.39 -14.25 5.50
C VAL C 977 -17.06 -13.52 5.39
N GLY C 978 -16.18 -13.94 4.47
CA GLY C 978 -14.97 -13.19 4.23
C GLY C 978 -15.20 -11.94 3.42
N SER C 979 -16.23 -11.93 2.59
CA SER C 979 -16.42 -10.86 1.63
C SER C 979 -17.45 -9.81 2.04
N VAL C 980 -18.59 -10.22 2.61
CA VAL C 980 -19.66 -9.27 2.87
C VAL C 980 -19.70 -8.84 4.34
N GLN C 981 -18.65 -9.13 5.10
CA GLN C 981 -18.68 -8.85 6.54
C GLN C 981 -18.59 -7.36 6.81
N GLU C 982 -17.67 -6.67 6.12
CA GLU C 982 -17.55 -5.22 6.29
C GLU C 982 -18.70 -4.48 5.64
N ASN C 983 -19.42 -5.11 4.72
CA ASN C 983 -20.63 -4.52 4.17
C ASN C 983 -21.85 -4.82 5.02
N ASN C 984 -21.85 -5.93 5.75
CA ASN C 984 -23.02 -6.28 6.57
C ASN C 984 -23.15 -5.38 7.77
N ASP C 985 -22.04 -4.80 8.25
CA ASP C 985 -22.10 -3.85 9.34
C ASP C 985 -22.86 -2.59 8.93
N GLN C 986 -22.56 -2.07 7.73
CA GLN C 986 -23.31 -0.93 7.22
C GLN C 986 -24.76 -1.28 6.93
N VAL C 987 -25.02 -2.52 6.50
CA VAL C 987 -26.39 -2.92 6.23
C VAL C 987 -27.17 -3.06 7.52
N TRP C 988 -26.55 -3.67 8.54
CA TRP C 988 -27.24 -3.83 9.82
C TRP C 988 -27.46 -2.50 10.52
N LYS C 989 -26.47 -1.62 10.46
CA LYS C 989 -26.64 -0.27 11.00
C LYS C 989 -27.68 0.51 10.20
N PHE C 990 -27.88 0.18 8.93
CA PHE C 990 -28.94 0.82 8.18
C PHE C 990 -30.32 0.34 8.63
N GLN C 991 -30.53 -0.98 8.72
CA GLN C 991 -31.82 -1.44 9.19
C GLN C 991 -32.03 -1.24 10.69
N ARG C 992 -30.98 -0.90 11.43
CA ARG C 992 -31.12 -0.50 12.82
C ARG C 992 -31.98 0.75 12.98
N PHE C 993 -32.08 1.59 11.95
CA PHE C 993 -32.89 2.78 12.05
C PHE C 993 -34.38 2.46 12.10
N PHE C 994 -34.82 1.49 11.28
CA PHE C 994 -36.25 1.18 11.20
C PHE C 994 -36.76 0.54 12.47
N LEU C 995 -35.92 -0.23 13.16
CA LEU C 995 -36.31 -0.82 14.42
C LEU C 995 -36.40 0.19 15.53
N VAL C 996 -35.64 1.27 15.46
CA VAL C 996 -35.80 2.37 16.40
C VAL C 996 -36.95 3.28 15.97
N GLN C 997 -37.22 3.36 14.67
CA GLN C 997 -38.31 4.18 14.14
C GLN C 997 -39.67 3.64 14.56
N GLU C 998 -39.77 2.35 14.88
CA GLU C 998 -41.04 1.70 15.12
C GLU C 998 -41.76 2.16 16.39
N TYR C 999 -41.11 2.93 17.24
CA TYR C 999 -41.71 3.37 18.49
C TYR C 999 -41.65 4.89 18.67
N PHE C 1007 -49.91 -3.20 27.07
CA PHE C 1007 -49.48 -3.12 25.67
C PHE C 1007 -50.60 -2.80 24.64
N PRO C 1008 -51.84 -3.32 24.78
CA PRO C 1008 -52.93 -2.75 23.95
C PRO C 1008 -53.28 -1.32 24.31
N PHE C 1009 -52.89 -0.84 25.50
CA PHE C 1009 -53.04 0.58 25.82
C PHE C 1009 -52.16 1.45 24.94
N VAL C 1010 -51.04 0.91 24.47
CA VAL C 1010 -50.19 1.66 23.53
C VAL C 1010 -50.87 1.77 22.17
N ILE C 1011 -51.50 0.68 21.70
CA ILE C 1011 -52.13 0.69 20.39
C ILE C 1011 -53.47 1.39 20.44
N PHE C 1012 -54.32 1.01 21.40
CA PHE C 1012 -55.62 1.67 21.59
C PHE C 1012 -56.09 1.54 23.03
N ASN C 1044 -32.43 29.54 15.44
CA ASN C 1044 -31.71 30.76 15.72
C ASN C 1044 -30.26 30.49 16.09
N GLU C 1045 -30.03 30.10 17.33
CA GLU C 1045 -28.68 29.83 17.80
C GLU C 1045 -28.10 28.58 17.15
N ILE C 1046 -28.94 27.60 16.84
CA ILE C 1046 -28.46 26.39 16.17
C ILE C 1046 -28.09 26.71 14.73
N LEU C 1047 -28.91 27.52 14.06
CA LEU C 1047 -28.59 27.95 12.70
C LEU C 1047 -27.39 28.87 12.67
N ALA C 1048 -27.22 29.69 13.70
CA ALA C 1048 -26.01 30.51 13.79
C ALA C 1048 -24.79 29.66 14.09
N TRP C 1049 -24.96 28.55 14.81
CA TRP C 1049 -23.82 27.69 15.11
C TRP C 1049 -23.36 26.95 13.86
N GLU C 1050 -24.29 26.54 13.01
CA GLU C 1050 -23.90 25.89 11.77
C GLU C 1050 -23.29 26.88 10.80
N ALA C 1051 -23.77 28.12 10.81
CA ALA C 1051 -23.32 29.12 9.85
C ALA C 1051 -21.86 29.50 10.06
N VAL C 1052 -21.37 29.46 11.29
CA VAL C 1052 -19.93 29.63 11.53
C VAL C 1052 -19.18 28.40 11.04
N MET C 1053 -19.68 27.22 11.37
CA MET C 1053 -18.93 26.00 11.10
C MET C 1053 -18.99 25.60 9.64
N LYS C 1054 -20.09 25.92 8.95
CA LYS C 1054 -20.16 25.71 7.52
C LYS C 1054 -19.24 26.67 6.78
N GLU C 1055 -19.07 27.87 7.33
CA GLU C 1055 -18.18 28.85 6.71
C GLU C 1055 -16.73 28.41 6.80
N ASN C 1056 -16.34 27.82 7.93
CA ASN C 1056 -15.01 27.26 8.05
C ASN C 1056 -14.82 26.01 7.19
N TYR C 1057 -15.92 25.37 6.80
CA TYR C 1057 -15.82 24.22 5.91
C TYR C 1057 -15.60 24.66 4.47
N LEU C 1058 -16.39 25.63 4.00
CA LEU C 1058 -16.25 26.11 2.62
C LEU C 1058 -14.94 26.84 2.41
N VAL C 1059 -14.41 27.48 3.47
CA VAL C 1059 -13.06 28.00 3.42
C VAL C 1059 -12.05 26.87 3.26
N LYS C 1060 -12.23 25.79 4.01
CA LYS C 1060 -11.28 24.69 4.01
C LYS C 1060 -11.27 23.95 2.68
N ILE C 1061 -12.40 23.96 1.96
CA ILE C 1061 -12.46 23.32 0.64
C ILE C 1061 -11.67 24.14 -0.37
N ASN C 1062 -12.04 25.40 -0.54
CA ASN C 1062 -11.53 26.21 -1.64
C ASN C 1062 -10.13 26.74 -1.42
N THR C 1063 -9.47 26.39 -0.32
CA THR C 1063 -8.05 26.63 -0.17
C THR C 1063 -7.21 25.36 -0.15
N LYS C 1064 -7.80 24.18 0.11
CA LYS C 1064 -7.04 22.94 0.10
C LYS C 1064 -6.51 22.58 -1.27
N ALA C 1065 -7.15 23.07 -2.34
CA ALA C 1065 -6.56 23.00 -3.67
C ALA C 1065 -5.27 23.82 -3.74
N ASN C 1066 -5.22 24.92 -3.00
CA ASN C 1066 -3.99 25.70 -2.90
C ASN C 1066 -3.05 25.15 -1.83
N ASP C 1067 -3.60 24.55 -0.77
CA ASP C 1067 -2.76 23.92 0.24
C ASP C 1067 -2.27 22.54 -0.16
N SER C 1068 -2.56 22.08 -1.38
CA SER C 1068 -1.91 20.88 -1.90
C SER C 1068 -0.42 21.13 -2.03
N SER C 1069 -0.05 22.01 -2.96
CA SER C 1069 1.26 22.69 -3.04
C SER C 1069 2.45 21.73 -3.06
N GLU C 1070 2.26 20.53 -3.59
CA GLU C 1070 3.29 19.49 -3.52
C GLU C 1070 4.41 19.71 -4.53
N GLU C 1071 4.28 20.66 -5.43
CA GLU C 1071 5.31 20.97 -6.42
C GLU C 1071 5.80 22.39 -6.23
N MET C 1072 7.12 22.55 -6.28
CA MET C 1072 7.74 23.86 -6.25
C MET C 1072 7.86 24.49 -7.63
N VAL C 1073 7.12 23.96 -8.63
CA VAL C 1073 7.12 24.55 -9.95
C VAL C 1073 6.40 25.90 -9.96
N HIS C 1074 5.53 26.15 -8.98
CA HIS C 1074 5.04 27.51 -8.77
C HIS C 1074 6.11 28.37 -8.12
N ARG C 1075 6.87 27.80 -7.19
CA ARG C 1075 7.99 28.53 -6.60
C ARG C 1075 9.14 28.67 -7.58
N PHE C 1076 9.27 27.72 -8.52
CA PHE C 1076 10.21 27.87 -9.63
C PHE C 1076 9.85 29.07 -10.50
N ARG C 1077 8.55 29.34 -10.66
CA ARG C 1077 8.13 30.54 -11.36
C ARG C 1077 8.46 31.80 -10.57
N GLN C 1078 8.41 31.74 -9.24
CA GLN C 1078 8.75 32.89 -8.42
C GLN C 1078 10.24 33.16 -8.36
N LEU C 1079 11.08 32.15 -8.62
CA LEU C 1079 12.53 32.36 -8.63
C LEU C 1079 12.95 33.24 -9.80
N ASP C 1080 12.58 32.85 -11.02
CA ASP C 1080 13.02 33.51 -12.24
C ASP C 1080 12.35 34.85 -12.48
N ALA C 1081 11.44 35.29 -11.60
CA ALA C 1081 10.86 36.61 -11.72
C ALA C 1081 11.88 37.71 -11.44
N LYS C 1082 12.91 37.41 -10.66
CA LYS C 1082 13.94 38.39 -10.36
C LYS C 1082 15.16 38.29 -11.27
N LEU C 1083 15.37 37.13 -11.90
CA LEU C 1083 16.51 36.97 -12.79
C LEU C 1083 16.36 37.81 -14.04
N SER C 1084 15.12 38.08 -14.47
CA SER C 1084 14.91 39.08 -15.52
C SER C 1084 15.16 40.49 -14.98
N ASP C 1085 14.83 40.72 -13.71
CA ASP C 1085 15.08 42.03 -13.10
C ASP C 1085 16.56 42.24 -12.85
N LEU C 1086 17.31 41.16 -12.61
CA LEU C 1086 18.75 41.27 -12.40
C LEU C 1086 19.47 41.62 -13.70
N LYS C 1087 19.17 40.91 -14.79
CA LYS C 1087 19.84 41.18 -16.06
C LYS C 1087 19.39 42.51 -16.66
N GLY C 1088 18.14 42.91 -16.42
CA GLY C 1088 17.66 44.18 -16.92
C GLY C 1088 18.26 45.36 -16.19
N LEU C 1089 18.52 45.20 -14.88
CA LEU C 1089 19.17 46.26 -14.12
C LEU C 1089 20.63 46.42 -14.52
N LEU C 1090 21.26 45.33 -14.96
CA LEU C 1090 22.62 45.41 -15.49
C LEU C 1090 22.62 45.97 -16.91
N LYS C 1091 21.54 45.76 -17.66
CA LYS C 1091 21.40 46.42 -18.95
C LYS C 1091 21.22 47.92 -18.78
N GLU C 1092 20.53 48.34 -17.71
CA GLU C 1092 20.35 49.77 -17.46
C GLU C 1092 21.63 50.43 -16.98
N ILE C 1093 22.48 49.70 -16.24
CA ILE C 1093 23.76 50.27 -15.84
C ILE C 1093 24.75 50.23 -16.99
N SER C 1094 24.48 49.45 -18.03
CA SER C 1094 25.37 49.40 -19.19
C SER C 1094 25.28 50.67 -20.02
N SER C 1095 24.15 51.37 -19.96
CA SER C 1095 24.00 52.63 -20.66
C SER C 1095 24.61 53.79 -19.89
N LYS C 1096 24.84 53.64 -18.59
CA LYS C 1096 25.33 54.75 -17.78
C LYS C 1096 26.84 54.90 -17.88
N ILE C 1097 27.58 53.80 -18.03
CA ILE C 1097 29.02 53.90 -18.21
C ILE C 1097 29.35 54.40 -19.61
N LYS C 1098 28.54 54.03 -20.60
CA LYS C 1098 28.80 54.41 -21.98
C LYS C 1098 27.97 55.62 -22.39
N GLY D 99 60.13 -9.29 -30.20
CA GLY D 99 59.78 -10.69 -30.05
C GLY D 99 58.45 -10.90 -29.33
N ASP D 100 58.24 -12.08 -28.78
CA ASP D 100 57.07 -12.38 -27.98
C ASP D 100 57.43 -12.28 -26.51
N ILE D 101 56.40 -12.43 -25.65
CA ILE D 101 56.58 -12.22 -24.23
C ILE D 101 55.68 -13.20 -23.46
N GLN D 102 56.08 -13.46 -22.22
CA GLN D 102 55.34 -14.31 -21.31
C GLN D 102 55.46 -13.73 -19.91
N PHE D 103 54.37 -13.80 -19.16
CA PHE D 103 54.35 -13.24 -17.81
C PHE D 103 54.26 -14.34 -16.76
N GLY D 110 51.79 -12.59 -25.03
CA GLY D 110 51.62 -11.45 -25.91
C GLY D 110 52.87 -11.13 -26.70
N LYS D 111 52.80 -10.08 -27.52
CA LYS D 111 53.93 -9.66 -28.34
C LYS D 111 54.37 -8.26 -27.94
N TYR D 112 55.59 -7.90 -28.33
CA TYR D 112 56.13 -6.59 -28.05
C TYR D 112 57.12 -6.20 -29.13
N ILE D 113 57.52 -4.93 -29.09
CA ILE D 113 58.55 -4.40 -29.99
C ILE D 113 59.16 -3.17 -29.32
N ARG D 114 60.47 -3.02 -29.48
CA ARG D 114 61.20 -1.87 -28.95
C ARG D 114 61.38 -0.89 -30.10
N LEU D 115 60.60 0.19 -30.10
CA LEU D 115 60.53 1.11 -31.22
C LEU D 115 61.59 2.20 -31.08
N SER D 116 61.48 3.24 -31.90
CA SER D 116 62.35 4.40 -31.81
C SER D 116 61.53 5.63 -32.17
N CYS D 117 61.90 6.76 -31.57
CA CYS D 117 61.19 8.01 -31.85
C CYS D 117 61.68 8.63 -33.15
N GLU D 122 53.66 5.60 -39.32
CA GLU D 122 53.16 5.03 -40.56
C GLU D 122 53.52 3.56 -40.68
N THR D 123 54.83 3.27 -40.74
CA THR D 123 55.30 1.91 -40.85
C THR D 123 55.06 1.10 -39.58
N LEU D 124 54.83 1.78 -38.44
CA LEU D 124 54.30 1.11 -37.26
C LEU D 124 52.94 0.50 -37.54
N TYR D 125 52.07 1.23 -38.22
CA TYR D 125 50.75 0.71 -38.57
C TYR D 125 50.84 -0.39 -39.60
N ASP D 126 51.90 -0.39 -40.42
CA ASP D 126 52.10 -1.48 -41.36
C ASP D 126 52.47 -2.77 -40.63
N LEU D 127 53.13 -2.65 -39.48
CA LEU D 127 53.45 -3.83 -38.68
C LEU D 127 52.22 -4.40 -38.01
N MET D 128 51.38 -3.53 -37.42
CA MET D 128 50.28 -3.96 -36.59
C MET D 128 49.10 -4.52 -37.37
N THR D 129 49.11 -4.40 -38.70
CA THR D 129 47.97 -4.84 -39.50
C THR D 129 48.33 -5.97 -40.45
N GLN D 130 49.44 -5.87 -41.17
CA GLN D 130 49.75 -6.86 -42.19
C GLN D 130 50.33 -8.13 -41.59
N HIS D 131 51.08 -8.02 -40.50
CA HIS D 131 51.55 -9.19 -39.77
C HIS D 131 50.64 -9.55 -38.61
N TRP D 132 50.21 -8.55 -37.87
CA TRP D 132 49.36 -8.68 -36.69
C TRP D 132 47.89 -8.53 -37.10
N HIS D 133 47.05 -8.18 -36.12
CA HIS D 133 45.59 -8.23 -36.15
C HIS D 133 44.89 -7.29 -37.13
N LEU D 134 43.56 -7.30 -37.06
CA LEU D 134 42.66 -6.74 -38.07
C LEU D 134 42.57 -5.21 -37.98
N LYS D 135 42.23 -4.61 -39.11
CA LYS D 135 41.88 -3.20 -39.23
C LYS D 135 40.64 -2.87 -38.40
N THR D 136 40.50 -1.60 -38.04
CA THR D 136 39.51 -1.22 -37.03
C THR D 136 38.47 -0.25 -37.56
N PRO D 137 37.22 -0.39 -37.12
CA PRO D 137 36.22 0.66 -37.33
C PRO D 137 36.10 1.68 -36.20
N ASN D 138 36.98 1.62 -35.20
CA ASN D 138 36.93 2.54 -34.08
C ASN D 138 38.29 2.53 -33.39
N LEU D 139 38.57 3.58 -32.62
CA LEU D 139 39.85 3.69 -31.92
C LEU D 139 39.67 4.61 -30.72
N VAL D 140 39.70 4.03 -29.52
CA VAL D 140 39.57 4.78 -28.27
C VAL D 140 40.92 4.82 -27.61
N ILE D 141 41.31 5.99 -27.09
CA ILE D 141 42.65 6.20 -26.55
C ILE D 141 42.52 6.85 -25.17
N SER D 142 43.01 6.17 -24.14
CA SER D 142 42.98 6.67 -22.78
C SER D 142 44.35 7.24 -22.43
N VAL D 143 44.47 8.56 -22.40
CA VAL D 143 45.74 9.21 -22.11
C VAL D 143 45.96 9.21 -20.60
N THR D 144 46.87 8.35 -20.17
CA THR D 144 47.35 8.19 -18.79
C THR D 144 48.61 7.33 -18.88
N GLY D 145 49.10 6.89 -17.73
CA GLY D 145 50.26 6.01 -17.74
C GLY D 145 51.25 6.36 -16.66
N GLY D 146 51.37 7.66 -16.33
CA GLY D 146 52.12 8.04 -15.16
C GLY D 146 51.41 7.72 -13.87
N ALA D 147 50.11 7.42 -13.94
CA ALA D 147 49.32 7.08 -12.77
C ALA D 147 49.66 5.67 -12.34
N LYS D 148 50.75 5.56 -11.59
CA LYS D 148 50.98 4.33 -10.84
C LYS D 148 49.95 4.18 -9.73
N ASN D 149 49.50 5.31 -9.18
CA ASN D 149 48.39 5.36 -8.25
C ASN D 149 47.20 5.94 -8.99
N PHE D 150 46.05 5.27 -8.93
CA PHE D 150 44.86 5.78 -9.59
C PHE D 150 43.63 5.42 -8.78
N ALA D 151 42.84 6.43 -8.44
CA ALA D 151 41.62 6.25 -7.67
C ALA D 151 40.57 5.61 -8.55
N LEU D 152 40.42 4.30 -8.46
CA LEU D 152 39.44 3.57 -9.26
C LEU D 152 38.08 3.66 -8.59
N LYS D 153 37.49 4.85 -8.69
CA LYS D 153 36.17 5.11 -8.14
C LYS D 153 35.12 4.32 -8.93
N PRO D 154 33.97 4.02 -8.32
CA PRO D 154 32.94 3.27 -9.06
C PRO D 154 32.36 4.00 -10.25
N ARG D 155 32.46 5.33 -10.32
CA ARG D 155 32.07 6.01 -11.54
C ARG D 155 33.11 5.85 -12.63
N MET D 156 34.38 5.98 -12.28
CA MET D 156 35.46 5.73 -13.24
C MET D 156 35.57 4.25 -13.59
N ARG D 157 35.08 3.38 -12.72
CA ARG D 157 34.97 1.96 -13.03
C ARG D 157 33.78 1.68 -13.95
N LYS D 158 32.72 2.48 -13.82
CA LYS D 158 31.55 2.31 -14.67
C LYS D 158 31.84 2.74 -16.10
N ILE D 159 32.58 3.84 -16.26
CA ILE D 159 32.79 4.42 -17.58
C ILE D 159 33.67 3.53 -18.43
N PHE D 160 34.79 3.08 -17.88
CA PHE D 160 35.73 2.28 -18.65
C PHE D 160 35.35 0.82 -18.75
N SER D 161 34.28 0.38 -18.07
CA SER D 161 33.74 -0.94 -18.35
C SER D 161 32.69 -0.90 -19.43
N ARG D 162 31.88 0.17 -19.45
CA ARG D 162 30.95 0.38 -20.55
C ARG D 162 31.66 0.80 -21.82
N LEU D 163 32.88 1.33 -21.70
CA LEU D 163 33.61 1.75 -22.88
C LEU D 163 34.09 0.56 -23.69
N ILE D 164 34.62 -0.46 -23.02
CA ILE D 164 35.13 -1.62 -23.74
C ILE D 164 33.99 -2.48 -24.26
N TYR D 165 32.83 -2.44 -23.59
CA TYR D 165 31.66 -3.07 -24.17
C TYR D 165 31.17 -2.34 -25.40
N ILE D 166 31.30 -1.01 -25.42
CA ILE D 166 31.02 -0.24 -26.62
C ILE D 166 32.05 -0.54 -27.70
N ALA D 167 33.32 -0.64 -27.31
CA ALA D 167 34.39 -0.93 -28.25
C ALA D 167 34.33 -2.34 -28.81
N GLN D 168 33.68 -3.26 -28.12
CA GLN D 168 33.54 -4.61 -28.65
C GLN D 168 32.40 -4.73 -29.64
N SER D 169 31.44 -3.82 -29.59
CA SER D 169 30.40 -3.82 -30.61
C SER D 169 30.94 -3.34 -31.96
N LYS D 170 31.92 -2.46 -31.94
CA LYS D 170 32.50 -1.94 -33.18
C LYS D 170 33.84 -2.56 -33.53
N GLY D 171 34.56 -3.12 -32.56
CA GLY D 171 35.83 -3.75 -32.86
C GLY D 171 37.00 -2.78 -32.90
N ALA D 172 37.24 -2.08 -31.80
CA ALA D 172 38.24 -1.03 -31.76
C ALA D 172 39.61 -1.56 -31.35
N TRP D 173 40.60 -0.68 -31.47
CA TRP D 173 41.84 -0.78 -30.72
C TRP D 173 41.73 0.14 -29.51
N ILE D 174 42.46 -0.17 -28.46
CA ILE D 174 42.54 0.71 -27.30
C ILE D 174 44.00 0.96 -27.00
N PHE D 175 44.43 2.21 -27.09
CA PHE D 175 45.79 2.61 -26.77
C PHE D 175 45.82 3.09 -25.32
N THR D 176 46.61 2.42 -24.49
CA THR D 176 46.74 2.76 -23.08
C THR D 176 48.20 3.02 -22.74
N GLY D 177 48.46 3.20 -21.45
CA GLY D 177 49.83 3.39 -21.00
C GLY D 177 50.63 2.11 -21.05
N GLY D 178 50.02 0.98 -20.76
CA GLY D 178 50.65 -0.31 -20.96
C GLY D 178 51.26 -0.95 -19.74
N THR D 179 51.30 -0.26 -18.61
CA THR D 179 51.92 -0.80 -17.42
C THR D 179 50.86 -1.37 -16.48
N HIS D 180 51.33 -2.01 -15.41
CA HIS D 180 50.52 -2.89 -14.59
C HIS D 180 49.76 -2.17 -13.47
N TYR D 181 49.65 -0.86 -13.53
CA TYR D 181 49.10 -0.11 -12.40
C TYR D 181 47.91 0.74 -12.81
N GLY D 182 46.94 0.84 -11.91
CA GLY D 182 45.91 1.86 -12.05
C GLY D 182 44.88 1.49 -13.09
N LEU D 183 44.63 2.43 -13.99
CA LEU D 183 43.60 2.25 -15.01
C LEU D 183 44.01 1.26 -16.08
N MET D 184 45.30 1.22 -16.45
CA MET D 184 45.75 0.29 -17.48
C MET D 184 45.65 -1.15 -17.02
N LYS D 185 45.80 -1.38 -15.72
CA LYS D 185 45.53 -2.70 -15.17
C LYS D 185 44.05 -3.01 -15.26
N TYR D 186 43.20 -2.00 -15.02
CA TYR D 186 41.76 -2.23 -15.08
C TYR D 186 41.27 -2.35 -16.52
N ILE D 187 41.88 -1.62 -17.44
CA ILE D 187 41.51 -1.71 -18.85
C ILE D 187 41.84 -3.10 -19.39
N GLY D 188 43.03 -3.61 -19.07
CA GLY D 188 43.41 -4.94 -19.52
C GLY D 188 42.57 -6.04 -18.91
N GLU D 189 42.11 -5.85 -17.67
CA GLU D 189 41.27 -6.87 -17.03
C GLU D 189 39.89 -6.92 -17.66
N VAL D 190 39.38 -5.79 -18.15
CA VAL D 190 38.05 -5.81 -18.76
C VAL D 190 38.16 -6.17 -20.24
N VAL D 191 39.29 -5.86 -20.87
CA VAL D 191 39.53 -6.35 -22.23
C VAL D 191 39.66 -7.87 -22.26
N ARG D 192 40.39 -8.43 -21.30
CA ARG D 192 40.64 -9.87 -21.29
C ARG D 192 39.37 -10.66 -21.03
N ASP D 193 38.53 -10.20 -20.11
CA ASP D 193 37.29 -10.90 -19.82
C ASP D 193 36.28 -10.75 -20.95
N ASN D 194 36.35 -9.66 -21.72
CA ASN D 194 35.42 -9.49 -22.83
C ASN D 194 35.88 -10.19 -24.09
N THR D 195 37.18 -10.44 -24.25
CA THR D 195 37.65 -11.15 -25.43
C THR D 195 37.37 -12.64 -25.35
N ILE D 196 37.42 -13.20 -24.15
CA ILE D 196 37.17 -14.63 -24.00
C ILE D 196 35.68 -14.94 -24.11
N SER D 197 34.86 -14.25 -23.32
CA SER D 197 33.41 -14.45 -23.39
C SER D 197 32.82 -13.71 -24.58
N GLU D 202 33.15 -9.09 -33.49
CA GLU D 202 34.23 -8.11 -33.49
C GLU D 202 35.03 -8.23 -32.20
N ASN D 203 36.23 -7.64 -32.18
CA ASN D 203 37.18 -7.90 -31.12
C ASN D 203 37.86 -6.60 -30.69
N VAL D 204 38.19 -6.52 -29.40
CA VAL D 204 38.95 -5.40 -28.85
C VAL D 204 40.40 -5.83 -28.71
N VAL D 205 41.31 -5.04 -29.25
CA VAL D 205 42.73 -5.23 -29.01
C VAL D 205 43.21 -4.08 -28.15
N ALA D 206 43.96 -4.37 -27.09
CA ALA D 206 44.38 -3.35 -26.14
C ALA D 206 45.89 -3.17 -26.28
N ILE D 207 46.29 -2.28 -27.18
CA ILE D 207 47.72 -2.01 -27.39
C ILE D 207 48.20 -1.08 -26.29
N GLY D 208 49.29 -1.45 -25.63
CA GLY D 208 49.93 -0.59 -24.66
C GLY D 208 51.16 0.07 -25.27
N ILE D 209 51.38 1.33 -24.92
CA ILE D 209 52.52 2.09 -25.41
C ILE D 209 53.27 2.62 -24.19
N ALA D 210 54.33 1.92 -23.80
CA ALA D 210 55.18 2.30 -22.68
C ALA D 210 56.44 2.97 -23.20
N ALA D 211 57.37 3.27 -22.29
CA ALA D 211 58.49 4.14 -22.61
C ALA D 211 59.87 3.53 -22.45
N TRP D 212 59.97 2.26 -22.02
CA TRP D 212 61.17 1.41 -22.07
C TRP D 212 62.30 1.84 -21.15
N GLY D 213 62.27 3.06 -20.64
CA GLY D 213 63.19 3.47 -19.61
C GLY D 213 62.58 3.33 -18.25
N MET D 214 61.26 3.18 -18.22
CA MET D 214 60.50 3.02 -17.00
C MET D 214 60.10 1.58 -16.74
N ILE D 215 60.42 0.67 -17.64
CA ILE D 215 60.14 -0.75 -17.42
C ILE D 215 61.19 -1.29 -16.46
N SER D 216 60.78 -2.25 -15.62
CA SER D 216 61.61 -2.67 -14.50
C SER D 216 62.74 -3.59 -14.92
N ASN D 217 62.41 -4.70 -15.57
CA ASN D 217 63.29 -5.86 -15.65
C ASN D 217 63.51 -6.26 -17.12
N ARG D 218 64.00 -5.30 -17.91
CA ARG D 218 64.22 -5.43 -19.36
C ARG D 218 65.02 -6.67 -19.75
N GLU D 219 64.44 -7.49 -20.63
CA GLU D 219 65.15 -8.56 -21.30
C GLU D 219 65.16 -8.30 -22.80
N THR D 220 66.10 -8.95 -23.48
CA THR D 220 66.31 -8.75 -24.91
C THR D 220 66.53 -10.06 -25.64
N ASP D 228 61.33 -15.73 -27.32
CA ASP D 228 60.19 -15.76 -26.40
C ASP D 228 60.64 -15.45 -24.98
N GLY D 229 61.04 -14.20 -24.74
CA GLY D 229 61.57 -13.82 -23.44
C GLY D 229 60.46 -13.65 -22.42
N SER D 230 60.68 -14.22 -21.23
CA SER D 230 59.75 -14.07 -20.12
C SER D 230 60.07 -12.81 -19.34
N PHE D 231 59.04 -12.25 -18.69
CA PHE D 231 59.16 -11.00 -17.97
C PHE D 231 58.76 -11.19 -16.52
N LEU D 232 59.53 -10.60 -15.61
CA LEU D 232 59.17 -10.55 -14.20
C LEU D 232 59.46 -9.18 -13.62
N LEU D 240 64.03 -5.94 -6.74
CA LEU D 240 63.80 -4.79 -5.89
C LEU D 240 62.35 -4.77 -5.43
N LYS D 241 62.11 -4.20 -4.25
CA LYS D 241 60.79 -4.22 -3.64
C LYS D 241 60.10 -2.86 -3.60
N ARG D 242 60.84 -1.77 -3.81
CA ARG D 242 60.30 -0.42 -3.86
C ARG D 242 60.87 0.33 -5.06
N ASP D 243 60.83 -0.31 -6.22
CA ASP D 243 61.41 0.28 -7.41
C ASP D 243 60.51 1.40 -7.94
N PRO D 244 61.10 2.49 -8.46
CA PRO D 244 60.30 3.53 -9.11
C PRO D 244 59.95 3.21 -10.55
N LEU D 245 60.38 2.07 -11.07
CA LEU D 245 60.08 1.67 -12.44
C LEU D 245 58.69 1.04 -12.49
N TYR D 246 58.34 0.47 -13.64
CA TYR D 246 56.98 0.02 -13.91
C TYR D 246 56.96 -1.42 -14.36
N CYS D 247 56.02 -2.19 -13.82
CA CYS D 247 55.77 -3.54 -14.30
C CYS D 247 54.89 -3.49 -15.53
N LEU D 248 55.16 -4.37 -16.48
CA LEU D 248 54.35 -4.43 -17.68
C LEU D 248 53.01 -5.10 -17.40
N ASP D 249 51.97 -4.61 -18.06
CA ASP D 249 50.63 -5.15 -17.83
C ASP D 249 50.50 -6.48 -18.55
N ASN D 250 49.85 -7.43 -17.87
CA ASN D 250 49.79 -8.80 -18.39
C ASN D 250 48.81 -8.91 -19.55
N ASN D 251 47.73 -8.13 -19.52
CA ASN D 251 46.60 -8.31 -20.41
C ASN D 251 46.59 -7.34 -21.58
N HIS D 252 47.71 -6.69 -21.86
CA HIS D 252 47.88 -5.97 -23.12
C HIS D 252 48.63 -6.90 -24.05
N THR D 253 47.93 -7.44 -25.04
CA THR D 253 48.49 -8.50 -25.86
C THR D 253 49.53 -7.98 -26.85
N HIS D 254 49.55 -6.68 -27.10
CA HIS D 254 50.56 -6.09 -27.98
C HIS D 254 51.09 -4.84 -27.31
N LEU D 255 52.40 -4.78 -27.10
CA LEU D 255 53.03 -3.68 -26.40
C LEU D 255 53.99 -2.95 -27.32
N LEU D 256 54.04 -1.63 -27.18
CA LEU D 256 54.98 -0.80 -27.93
C LEU D 256 55.89 -0.10 -26.93
N LEU D 257 57.19 -0.29 -27.09
CA LEU D 257 58.18 0.25 -26.17
C LEU D 257 59.01 1.30 -26.89
N VAL D 258 58.81 2.56 -26.53
CA VAL D 258 59.47 3.67 -27.19
C VAL D 258 60.86 3.88 -26.58
N ASP D 259 61.87 4.02 -27.42
CA ASP D 259 63.23 4.15 -26.95
C ASP D 259 63.64 5.62 -26.90
N ASN D 260 64.55 5.93 -25.99
CA ASN D 260 65.06 7.29 -25.81
C ASN D 260 66.51 7.17 -25.33
N GLY D 261 67.05 8.29 -24.84
CA GLY D 261 68.41 8.31 -24.35
C GLY D 261 68.52 8.70 -22.89
N ALA D 270 55.19 8.86 -26.11
CA ALA D 270 54.28 9.99 -26.19
C ALA D 270 54.30 10.63 -27.56
N LYS D 271 55.48 10.65 -28.18
CA LYS D 271 55.61 11.26 -29.50
C LYS D 271 55.04 10.36 -30.58
N VAL D 272 55.45 9.08 -30.60
CA VAL D 272 55.02 8.17 -31.64
C VAL D 272 53.59 7.69 -31.44
N ARG D 273 53.06 7.84 -30.22
CA ARG D 273 51.65 7.53 -29.99
C ARG D 273 50.75 8.55 -30.68
N THR D 274 51.04 9.84 -30.47
CA THR D 274 50.22 10.89 -31.07
C THR D 274 50.40 10.96 -32.58
N GLN D 275 51.57 10.54 -33.07
CA GLN D 275 51.74 10.42 -34.52
C GLN D 275 50.99 9.22 -35.06
N LEU D 276 50.80 8.19 -34.25
CA LEU D 276 49.96 7.07 -34.67
C LEU D 276 48.49 7.43 -34.60
N GLU D 277 48.13 8.41 -33.77
CA GLU D 277 46.79 8.97 -33.84
C GLU D 277 46.56 9.67 -35.17
N LYS D 278 47.53 10.47 -35.60
CA LYS D 278 47.33 11.30 -36.79
C LYS D 278 47.37 10.47 -38.06
N TYR D 279 48.05 9.33 -38.05
CA TYR D 279 48.11 8.54 -39.28
C TYR D 279 46.85 7.70 -39.47
N ILE D 280 46.30 7.16 -38.38
CA ILE D 280 45.10 6.33 -38.49
C ILE D 280 43.89 7.19 -38.83
N SER D 281 43.85 8.43 -38.33
CA SER D 281 42.76 9.33 -38.67
C SER D 281 42.83 9.76 -40.13
N GLU D 282 44.02 9.80 -40.71
CA GLU D 282 44.15 10.07 -42.14
C GLU D 282 44.10 8.81 -42.99
N ARG D 283 44.05 7.63 -42.37
CA ARG D 283 43.94 6.39 -43.12
C ARG D 283 42.53 6.27 -43.68
N VAL D 284 42.42 6.06 -44.98
CA VAL D 284 41.15 6.11 -45.70
C VAL D 284 40.58 4.70 -45.79
N ILE D 285 39.39 4.51 -45.25
CA ILE D 285 38.62 3.29 -45.42
C ILE D 285 37.43 3.61 -46.34
N PRO D 286 37.24 2.89 -47.44
CA PRO D 286 36.09 3.19 -48.31
C PRO D 286 34.77 2.70 -47.75
N GLU D 287 34.75 1.66 -46.93
CA GLU D 287 33.49 1.08 -46.47
C GLU D 287 33.00 1.69 -45.15
N SER D 288 32.94 3.02 -45.09
CA SER D 288 32.56 3.70 -43.86
C SER D 288 31.57 4.81 -44.16
N ASN D 289 30.85 5.21 -43.11
CA ASN D 289 29.90 6.32 -43.18
C ASN D 289 30.38 7.53 -42.40
N TYR D 290 31.60 7.50 -41.88
CA TYR D 290 32.27 8.65 -41.28
C TYR D 290 33.00 9.49 -42.32
N GLY D 291 32.77 9.23 -43.60
CA GLY D 291 33.68 9.71 -44.61
C GLY D 291 34.95 8.89 -44.67
N GLY D 292 34.92 7.68 -44.17
CA GLY D 292 36.14 6.93 -43.96
C GLY D 292 36.75 7.29 -42.63
N LYS D 293 38.05 7.56 -42.66
CA LYS D 293 38.78 8.31 -41.64
C LYS D 293 39.00 7.59 -40.31
N ILE D 294 38.37 6.43 -40.09
CA ILE D 294 38.57 5.54 -38.93
C ILE D 294 38.39 6.29 -37.61
N PRO D 295 37.14 6.50 -37.14
CA PRO D 295 36.87 7.43 -36.03
C PRO D 295 37.65 7.23 -34.74
N ILE D 296 38.47 8.22 -34.40
CA ILE D 296 39.40 8.16 -33.28
C ILE D 296 38.88 9.07 -32.18
N VAL D 297 38.76 8.53 -30.96
CA VAL D 297 38.37 9.29 -29.79
C VAL D 297 39.50 9.19 -28.77
N CYS D 298 39.80 10.30 -28.12
CA CYS D 298 40.80 10.36 -27.07
C CYS D 298 40.08 10.58 -25.74
N PHE D 299 40.35 9.73 -24.76
CA PHE D 299 39.73 9.83 -23.44
C PHE D 299 40.74 10.40 -22.46
N ALA D 300 40.47 11.61 -21.98
CA ALA D 300 41.33 12.28 -21.01
C ALA D 300 40.68 12.22 -19.65
N GLN D 301 41.38 11.66 -18.68
CA GLN D 301 40.84 11.65 -17.32
C GLN D 301 41.84 12.07 -16.25
N GLY D 302 43.13 11.88 -16.45
CA GLY D 302 44.12 12.09 -15.42
C GLY D 302 44.58 13.52 -15.33
N GLY D 303 45.88 13.69 -15.11
CA GLY D 303 46.47 15.00 -14.95
C GLY D 303 47.93 14.98 -15.33
N GLY D 304 48.60 16.09 -15.05
CA GLY D 304 50.04 16.18 -15.24
C GLY D 304 50.39 16.83 -16.56
N LYS D 305 51.69 17.09 -16.70
CA LYS D 305 52.21 17.68 -17.93
C LYS D 305 52.13 16.69 -19.09
N GLU D 306 52.27 15.40 -18.80
CA GLU D 306 52.36 14.39 -19.84
C GLU D 306 51.04 14.18 -20.57
N THR D 307 49.91 14.54 -19.96
CA THR D 307 48.63 14.50 -20.65
C THR D 307 48.21 15.86 -21.17
N LEU D 308 48.57 16.93 -20.46
CA LEU D 308 48.28 18.27 -20.93
C LEU D 308 49.03 18.58 -22.22
N LYS D 309 50.26 18.09 -22.35
CA LYS D 309 50.93 18.14 -23.64
C LYS D 309 50.22 17.25 -24.65
N SER D 310 49.73 16.09 -24.22
CA SER D 310 49.09 15.14 -25.10
C SER D 310 47.65 15.48 -25.43
N ILE D 311 47.13 16.59 -24.93
CA ILE D 311 45.86 17.10 -25.42
C ILE D 311 46.09 18.18 -26.48
N ASN D 312 47.13 18.99 -26.31
CA ASN D 312 47.50 20.00 -27.31
C ASN D 312 47.87 19.35 -28.64
N VAL D 313 48.82 18.41 -28.59
CA VAL D 313 49.29 17.77 -29.82
C VAL D 313 48.23 16.84 -30.36
N ALA D 314 47.26 16.44 -29.52
CA ALA D 314 46.04 15.85 -30.03
C ALA D 314 45.23 16.87 -30.80
N ILE D 315 44.93 18.01 -30.18
CA ILE D 315 44.05 19.02 -30.78
C ILE D 315 44.74 19.72 -31.95
N LYS D 316 46.06 19.91 -31.87
CA LYS D 316 46.80 20.43 -33.02
C LYS D 316 46.72 19.50 -34.22
N SER D 317 46.71 18.20 -33.97
CA SER D 317 46.37 17.25 -35.02
C SER D 317 44.87 17.34 -35.32
N LYS D 318 44.52 17.13 -36.56
CA LYS D 318 43.12 17.22 -36.90
C LYS D 318 42.41 15.93 -36.52
N ILE D 319 41.15 16.08 -36.11
CA ILE D 319 40.27 15.04 -35.57
C ILE D 319 40.94 14.27 -34.43
N PRO D 320 41.11 14.85 -33.23
CA PRO D 320 41.40 14.00 -32.07
C PRO D 320 40.15 13.54 -31.32
N CYS D 321 39.10 14.37 -31.31
CA CYS D 321 37.88 14.19 -30.54
C CYS D 321 38.15 13.85 -29.08
N VAL D 322 38.92 14.72 -28.41
CA VAL D 322 39.32 14.44 -27.04
C VAL D 322 38.12 14.57 -26.11
N VAL D 323 37.92 13.57 -25.26
CA VAL D 323 36.80 13.52 -24.33
C VAL D 323 37.36 13.60 -22.91
N VAL D 324 36.95 14.61 -22.15
CA VAL D 324 37.44 14.79 -20.80
C VAL D 324 36.35 14.38 -19.82
N GLU D 325 36.76 14.10 -18.58
CA GLU D 325 35.84 13.64 -17.55
C GLU D 325 35.93 14.55 -16.33
N GLY D 326 34.89 14.49 -15.50
CA GLY D 326 34.82 15.33 -14.33
C GLY D 326 35.50 14.75 -13.10
N SER D 327 36.58 13.99 -13.28
CA SER D 327 37.32 13.45 -12.14
C SER D 327 38.77 13.29 -12.54
N GLY D 328 39.65 14.05 -11.89
CA GLY D 328 41.06 14.06 -12.20
C GLY D 328 41.70 15.39 -11.89
N ARG D 329 42.93 15.60 -12.32
CA ARG D 329 43.59 16.88 -12.08
C ARG D 329 43.47 17.84 -13.26
N ILE D 330 44.02 17.46 -14.42
CA ILE D 330 43.93 18.32 -15.59
C ILE D 330 42.56 18.22 -16.22
N ALA D 331 41.97 17.01 -16.23
CA ALA D 331 40.66 16.81 -16.81
C ALA D 331 39.55 17.50 -16.02
N ASP D 332 39.78 17.82 -14.74
CA ASP D 332 38.85 18.67 -14.02
C ASP D 332 39.05 20.15 -14.31
N VAL D 333 40.24 20.53 -14.76
CA VAL D 333 40.48 21.93 -15.12
C VAL D 333 39.75 22.27 -16.42
N ILE D 334 39.97 21.47 -17.46
CA ILE D 334 39.35 21.70 -18.76
C ILE D 334 37.85 21.47 -18.71
N ALA D 335 37.36 20.65 -17.78
CA ALA D 335 35.93 20.52 -17.59
C ALA D 335 35.32 21.79 -16.99
N SER D 336 36.07 22.48 -16.13
CA SER D 336 35.55 23.69 -15.50
C SER D 336 35.61 24.88 -16.43
N LEU D 337 36.54 24.90 -17.38
CA LEU D 337 36.73 26.08 -18.22
C LEU D 337 35.77 26.13 -19.40
N VAL D 338 35.06 25.05 -19.69
CA VAL D 338 34.08 25.08 -20.77
C VAL D 338 32.72 25.46 -20.22
N ALA D 345 40.60 34.17 -20.24
CA ALA D 345 41.68 35.06 -19.84
C ALA D 345 42.87 34.27 -19.31
N SER D 346 44.03 34.91 -19.27
CA SER D 346 45.23 34.25 -18.74
C SER D 346 45.17 34.14 -17.23
N SER D 347 44.60 35.14 -16.56
CA SER D 347 44.48 35.08 -15.11
C SER D 347 43.29 34.24 -14.67
N CYS D 348 42.22 34.22 -15.47
CA CYS D 348 41.04 33.43 -15.12
C CYS D 348 41.31 31.93 -15.22
N VAL D 349 42.27 31.54 -16.05
CA VAL D 349 42.72 30.15 -16.10
C VAL D 349 43.41 29.78 -14.79
N LYS D 350 44.27 30.67 -14.29
CA LYS D 350 44.96 30.41 -13.03
C LYS D 350 44.06 30.60 -11.81
N GLU D 351 42.85 31.14 -11.98
CA GLU D 351 41.85 31.00 -10.92
C GLU D 351 41.43 29.56 -10.75
N SER D 352 41.33 28.82 -11.86
CA SER D 352 41.30 27.37 -11.81
C SER D 352 42.73 26.84 -11.72
N LEU D 353 42.87 25.51 -11.76
CA LEU D 353 44.13 24.75 -11.73
C LEU D 353 45.00 24.98 -10.49
N LEU D 354 44.54 25.82 -9.55
CA LEU D 354 45.08 25.89 -8.20
C LEU D 354 44.10 25.36 -7.19
N ARG D 355 42.81 25.36 -7.53
CA ARG D 355 41.82 24.59 -6.79
C ARG D 355 41.86 23.12 -7.17
N PHE D 356 42.41 22.79 -8.34
CA PHE D 356 42.49 21.42 -8.82
C PHE D 356 43.89 20.85 -8.79
N LEU D 357 44.92 21.66 -9.03
CA LEU D 357 46.30 21.23 -8.91
C LEU D 357 47.07 22.17 -7.99
N PRO D 358 46.83 22.09 -6.67
CA PRO D 358 47.48 23.04 -5.76
C PRO D 358 48.92 22.69 -5.46
N ARG D 359 49.33 21.44 -5.58
CA ARG D 359 50.61 21.00 -5.06
C ARG D 359 51.63 20.65 -6.13
N THR D 360 51.40 21.02 -7.39
CA THR D 360 52.42 20.87 -8.41
C THR D 360 52.91 22.20 -8.96
N ILE D 361 52.19 23.29 -8.71
CA ILE D 361 52.62 24.60 -9.18
C ILE D 361 53.63 25.19 -8.20
N SER D 362 53.48 24.88 -6.91
CA SER D 362 54.49 25.24 -5.93
C SER D 362 55.82 24.53 -6.19
N ARG D 363 55.79 23.38 -6.85
CA ARG D 363 56.99 22.72 -7.35
C ARG D 363 57.36 23.18 -8.76
N LEU D 364 56.53 24.00 -9.39
CA LEU D 364 56.79 24.51 -10.73
C LEU D 364 57.39 25.90 -10.68
N SER D 365 58.17 26.22 -11.71
CA SER D 365 58.73 27.55 -11.85
C SER D 365 57.66 28.52 -12.36
N GLU D 366 57.96 29.82 -12.24
CA GLU D 366 57.06 30.83 -12.76
C GLU D 366 57.08 30.89 -14.28
N GLU D 367 58.20 30.49 -14.88
CA GLU D 367 58.29 30.50 -16.33
C GLU D 367 57.58 29.32 -16.97
N GLU D 368 57.23 28.30 -16.18
CA GLU D 368 56.54 27.15 -16.75
C GLU D 368 55.04 27.21 -16.54
N THR D 369 54.57 27.86 -15.47
CA THR D 369 53.14 27.95 -15.25
C THR D 369 52.45 28.87 -16.24
N GLU D 370 53.18 29.77 -16.90
CA GLU D 370 52.60 30.48 -18.03
C GLU D 370 52.56 29.59 -19.27
N SER D 371 53.54 28.70 -19.40
CA SER D 371 53.52 27.73 -20.49
C SER D 371 52.42 26.70 -20.29
N TRP D 372 52.15 26.32 -19.03
CA TRP D 372 50.98 25.51 -18.72
C TRP D 372 49.71 26.27 -19.00
N ILE D 373 49.70 27.57 -18.75
CA ILE D 373 48.56 28.40 -19.14
C ILE D 373 48.50 28.54 -20.65
N LYS D 374 49.66 28.57 -21.31
CA LYS D 374 49.68 28.69 -22.77
C LYS D 374 49.13 27.44 -23.46
N TRP D 375 49.29 26.27 -22.85
CA TRP D 375 48.71 25.06 -23.43
C TRP D 375 47.20 25.08 -23.34
N ILE D 376 46.67 25.39 -22.15
CA ILE D 376 45.22 25.43 -21.93
C ILE D 376 44.58 26.60 -22.65
N LYS D 377 45.36 27.61 -23.04
CA LYS D 377 44.88 28.60 -24.00
C LYS D 377 44.56 27.95 -25.34
N GLU D 378 45.48 27.13 -25.85
CA GLU D 378 45.27 26.48 -27.14
C GLU D 378 44.27 25.33 -27.04
N VAL D 379 44.17 24.69 -25.88
CA VAL D 379 43.20 23.62 -25.70
C VAL D 379 41.79 24.17 -25.69
N LEU D 380 41.58 25.28 -24.99
CA LEU D 380 40.27 25.92 -24.97
C LEU D 380 39.98 26.76 -26.20
N GLU D 381 40.87 26.78 -27.20
CA GLU D 381 40.61 27.56 -28.41
C GLU D 381 39.55 26.90 -29.27
N SER D 382 39.59 25.58 -29.41
CA SER D 382 38.67 24.83 -30.26
C SER D 382 37.87 23.89 -29.39
N PRO D 383 36.72 24.34 -28.86
CA PRO D 383 35.90 23.46 -28.02
C PRO D 383 35.01 22.49 -28.80
N HIS D 384 35.10 22.48 -30.13
CA HIS D 384 34.39 21.47 -30.91
C HIS D 384 35.16 20.16 -31.01
N LEU D 385 36.31 20.06 -30.35
CA LEU D 385 37.02 18.80 -30.21
C LEU D 385 37.10 18.35 -28.76
N LEU D 386 36.43 19.07 -27.86
CA LEU D 386 36.43 18.75 -26.45
C LEU D 386 35.02 18.41 -26.01
N THR D 387 34.87 17.27 -25.36
CA THR D 387 33.58 16.82 -24.84
C THR D 387 33.77 16.42 -23.38
N VAL D 388 32.80 16.75 -22.54
CA VAL D 388 32.90 16.55 -21.10
C VAL D 388 31.88 15.50 -20.68
N ILE D 389 32.29 14.58 -19.82
CA ILE D 389 31.39 13.66 -19.15
C ILE D 389 31.23 14.18 -17.73
N LYS D 390 30.14 14.90 -17.48
CA LYS D 390 29.97 15.58 -16.20
C LYS D 390 29.55 14.60 -15.11
N ILE D 391 29.75 15.04 -13.86
CA ILE D 391 29.39 14.22 -12.71
C ILE D 391 27.87 14.11 -12.58
N GLU D 392 27.16 15.19 -12.89
CA GLU D 392 25.70 15.23 -12.77
C GLU D 392 25.04 14.26 -13.74
N GLU D 393 25.63 14.02 -14.91
CA GLU D 393 25.12 13.02 -15.82
C GLU D 393 25.71 11.66 -15.44
N ALA D 394 25.24 11.15 -14.32
CA ALA D 394 25.53 9.77 -13.90
C ALA D 394 24.40 8.84 -14.33
N GLY D 395 24.00 8.91 -15.59
CA GLY D 395 22.94 8.09 -16.11
C GLY D 395 23.47 6.82 -16.74
N ASP D 396 22.67 6.27 -17.66
CA ASP D 396 23.09 5.18 -18.51
C ASP D 396 23.51 5.77 -19.84
N GLU D 397 24.23 4.97 -20.64
CA GLU D 397 24.79 5.31 -21.97
C GLU D 397 25.51 6.66 -21.99
N ILE D 398 26.17 7.00 -20.88
CA ILE D 398 26.90 8.26 -20.80
C ILE D 398 28.20 8.22 -21.57
N VAL D 399 28.67 7.04 -21.95
CA VAL D 399 29.86 6.95 -22.78
C VAL D 399 29.51 7.11 -24.25
N SER D 400 28.46 6.42 -24.70
CA SER D 400 28.05 6.54 -26.09
C SER D 400 27.41 7.89 -26.38
N ASN D 401 26.88 8.56 -25.37
CA ASN D 401 26.45 9.93 -25.55
C ASN D 401 27.60 10.91 -25.52
N ALA D 402 28.80 10.45 -25.16
CA ALA D 402 30.00 11.28 -25.19
C ALA D 402 30.91 10.93 -26.34
N ILE D 403 30.98 9.66 -26.73
CA ILE D 403 31.76 9.27 -27.89
C ILE D 403 31.13 9.81 -29.16
N SER D 404 29.83 9.56 -29.33
CA SER D 404 29.16 9.95 -30.57
C SER D 404 28.98 11.45 -30.67
N PHE D 405 28.83 12.14 -29.54
CA PHE D 405 28.80 13.59 -29.57
C PHE D 405 30.15 14.15 -29.97
N ALA D 406 31.23 13.53 -29.51
CA ALA D 406 32.57 13.96 -29.93
C ALA D 406 32.84 13.59 -31.38
N LEU D 407 32.33 12.45 -31.84
CA LEU D 407 32.50 12.08 -33.23
C LEU D 407 31.62 12.89 -34.17
N TYR D 408 30.51 13.43 -33.67
CA TYR D 408 29.69 14.29 -34.50
C TYR D 408 30.23 15.71 -34.56
N LYS D 409 30.79 16.19 -33.46
CA LYS D 409 31.33 17.55 -33.42
C LYS D 409 32.57 17.69 -34.28
N ALA D 410 33.30 16.61 -34.49
CA ALA D 410 34.43 16.63 -35.41
C ALA D 410 34.06 16.12 -36.79
N PHE D 411 32.77 15.90 -37.04
CA PHE D 411 32.29 15.55 -38.37
C PHE D 411 31.51 16.68 -39.03
N SER D 412 30.81 17.49 -38.25
CA SER D 412 30.06 18.62 -38.77
C SER D 412 30.93 19.84 -39.01
N THR D 413 32.20 19.81 -38.61
CA THR D 413 33.08 20.98 -38.71
C THR D 413 34.24 20.75 -39.68
N ASN D 414 34.11 19.80 -40.60
CA ASN D 414 35.16 19.57 -41.58
C ASN D 414 35.08 20.53 -42.76
N GLU D 415 33.96 21.26 -42.89
CA GLU D 415 33.67 22.27 -43.91
C GLU D 415 33.60 21.72 -45.34
N HIS D 416 33.65 20.40 -45.48
CA HIS D 416 33.25 19.73 -46.71
C HIS D 416 32.21 18.65 -46.47
N ASP D 417 32.03 18.22 -45.22
CA ASP D 417 31.00 17.27 -44.84
C ASP D 417 29.84 17.92 -44.14
N ARG D 418 29.90 19.24 -43.90
CA ARG D 418 28.74 19.96 -43.37
C ARG D 418 27.62 20.03 -44.39
N ASP D 419 27.95 19.99 -45.68
CA ASP D 419 26.93 19.82 -46.72
C ASP D 419 26.40 18.40 -46.75
N ASN D 420 27.19 17.43 -46.28
CA ASN D 420 26.82 16.02 -46.30
C ASN D 420 26.03 15.71 -45.04
N TRP D 421 24.71 15.91 -45.11
CA TRP D 421 23.85 15.51 -44.01
C TRP D 421 23.57 14.02 -44.00
N ASN D 422 23.80 13.33 -45.13
CA ASN D 422 23.59 11.88 -45.19
C ASN D 422 24.59 11.14 -44.32
N GLY D 423 25.86 11.55 -44.37
CA GLY D 423 26.88 10.90 -43.56
C GLY D 423 26.69 11.17 -42.08
N GLN D 424 26.23 12.37 -41.73
CA GLN D 424 25.96 12.68 -40.33
C GLN D 424 24.73 11.97 -39.81
N LEU D 425 23.84 11.52 -40.68
CA LEU D 425 22.70 10.75 -40.23
C LEU D 425 23.06 9.28 -40.02
N LYS D 426 23.83 8.71 -40.94
CA LYS D 426 24.26 7.33 -40.78
C LYS D 426 25.23 7.18 -39.62
N LEU D 427 26.01 8.22 -39.33
CA LEU D 427 26.86 8.21 -38.14
C LEU D 427 26.02 8.23 -36.88
N LEU D 428 25.00 9.07 -36.84
CA LEU D 428 24.14 9.18 -35.68
C LEU D 428 23.15 8.04 -35.55
N LEU D 429 23.13 7.11 -36.50
CA LEU D 429 22.24 5.96 -36.47
C LEU D 429 22.88 4.72 -35.86
N GLU D 430 24.21 4.57 -36.01
CA GLU D 430 24.91 3.48 -35.35
C GLU D 430 24.83 3.62 -33.84
N TRP D 431 25.29 4.77 -33.33
CA TRP D 431 25.03 5.12 -31.96
C TRP D 431 23.56 5.50 -31.82
N ASN D 432 23.04 5.40 -30.59
CA ASN D 432 21.62 5.61 -30.34
C ASN D 432 21.29 7.06 -30.03
N GLN D 433 22.10 8.02 -30.49
CA GLN D 433 21.89 9.40 -30.13
C GLN D 433 20.74 9.95 -30.96
N LEU D 434 19.55 9.91 -30.39
CA LEU D 434 18.33 10.39 -31.04
C LEU D 434 18.16 11.89 -30.90
N ASP D 435 18.37 12.44 -29.70
CA ASP D 435 18.20 13.86 -29.46
C ASP D 435 19.23 14.71 -30.20
N LEU D 436 20.36 14.13 -30.58
CA LEU D 436 21.28 14.85 -31.44
C LEU D 436 20.87 14.77 -32.90
N ALA D 437 20.28 13.65 -33.31
CA ALA D 437 19.86 13.53 -34.70
C ALA D 437 18.64 14.37 -35.00
N SER D 438 17.78 14.58 -34.01
CA SER D 438 16.64 15.46 -34.22
C SER D 438 17.08 16.91 -34.27
N ASP D 439 17.83 17.35 -33.26
CA ASP D 439 18.13 18.77 -33.09
C ASP D 439 19.13 19.29 -34.11
N GLU D 440 20.09 18.48 -34.53
CA GLU D 440 21.15 18.99 -35.37
C GLU D 440 20.96 18.70 -36.85
N ILE D 441 20.12 17.74 -37.21
CA ILE D 441 19.94 17.34 -38.59
C ILE D 441 18.56 17.73 -39.12
N PHE D 442 17.52 17.48 -38.33
CA PHE D 442 16.16 17.74 -38.78
C PHE D 442 15.63 19.11 -38.41
N THR D 443 16.16 19.78 -37.39
CA THR D 443 15.64 21.11 -37.03
C THR D 443 16.41 22.23 -37.73
N ASN D 444 16.45 22.21 -39.05
CA ASN D 444 16.66 23.43 -39.83
C ASN D 444 15.77 23.53 -41.05
N ASP D 445 15.12 22.43 -41.46
CA ASP D 445 14.53 22.27 -42.79
C ASP D 445 15.53 22.64 -43.87
N ARG D 446 16.77 22.15 -43.72
CA ARG D 446 17.86 22.68 -44.55
C ARG D 446 17.89 22.00 -45.92
N ASN D 447 18.22 20.70 -45.95
CA ASN D 447 18.43 19.99 -47.21
C ASN D 447 18.06 18.52 -46.98
N TRP D 448 16.80 18.18 -47.24
CA TRP D 448 16.42 16.81 -47.54
C TRP D 448 15.10 16.83 -48.29
N GLU D 449 14.75 15.67 -48.83
CA GLU D 449 13.58 15.53 -49.67
C GLU D 449 12.60 14.50 -49.14
N SER D 450 12.95 13.79 -48.07
CA SER D 450 12.24 12.60 -47.55
C SER D 450 12.07 11.52 -48.61
N ALA D 451 13.00 11.44 -49.56
CA ALA D 451 13.06 10.39 -50.56
C ALA D 451 14.35 9.61 -50.51
N ASP D 452 15.44 10.23 -50.06
CA ASP D 452 16.64 9.50 -49.65
C ASP D 452 16.67 9.29 -48.14
N LEU D 453 15.54 9.39 -47.48
CA LEU D 453 15.39 8.96 -46.10
C LEU D 453 15.00 7.49 -46.02
N GLN D 454 14.98 6.79 -47.15
CA GLN D 454 14.54 5.41 -47.21
C GLN D 454 15.68 4.42 -46.94
N ASP D 455 16.88 4.69 -47.44
CA ASP D 455 17.99 3.79 -47.18
C ASP D 455 18.43 3.84 -45.72
N VAL D 456 18.25 4.99 -45.07
CA VAL D 456 18.52 5.07 -43.64
C VAL D 456 17.35 4.51 -42.84
N MET D 457 16.17 4.38 -43.45
CA MET D 457 15.05 3.77 -42.74
C MET D 457 15.19 2.26 -42.70
N PHE D 458 15.62 1.65 -43.80
CA PHE D 458 15.76 0.20 -43.88
C PHE D 458 16.82 -0.31 -42.92
N THR D 459 17.90 0.46 -42.76
CA THR D 459 18.91 0.11 -41.77
C THR D 459 18.51 0.52 -40.36
N ALA D 460 17.46 1.33 -40.20
CA ALA D 460 16.95 1.61 -38.87
C ALA D 460 16.01 0.52 -38.37
N LEU D 461 15.45 -0.27 -39.28
CA LEU D 461 14.60 -1.39 -38.88
C LEU D 461 15.44 -2.59 -38.51
N VAL D 462 16.35 -3.00 -39.40
CA VAL D 462 17.06 -4.25 -39.25
C VAL D 462 18.15 -4.19 -38.19
N LYS D 463 18.58 -3.01 -37.77
CA LYS D 463 19.56 -2.86 -36.71
C LYS D 463 18.93 -2.46 -35.39
N ASP D 464 17.60 -2.57 -35.29
CA ASP D 464 16.81 -2.31 -34.08
C ASP D 464 17.04 -0.89 -33.57
N ARG D 465 16.60 0.06 -34.38
CA ARG D 465 16.58 1.45 -33.95
C ARG D 465 15.14 1.88 -33.80
N PRO D 466 14.50 1.60 -32.66
CA PRO D 466 13.07 1.90 -32.54
C PRO D 466 12.78 3.38 -32.41
N LYS D 467 13.68 4.14 -31.78
CA LYS D 467 13.45 5.58 -31.66
C LYS D 467 13.81 6.32 -32.95
N PHE D 468 14.55 5.69 -33.85
CA PHE D 468 14.86 6.32 -35.12
C PHE D 468 13.85 5.98 -36.19
N VAL D 469 13.13 4.86 -36.06
CA VAL D 469 11.96 4.62 -36.88
C VAL D 469 10.90 5.66 -36.58
N ARG D 470 10.71 5.96 -35.29
CA ARG D 470 9.77 7.01 -34.89
C ARG D 470 10.23 8.38 -35.34
N LEU D 471 11.54 8.61 -35.41
CA LEU D 471 12.03 9.91 -35.84
C LEU D 471 11.89 10.10 -37.35
N PHE D 472 11.96 9.02 -38.12
CA PHE D 472 11.80 9.16 -39.56
C PHE D 472 10.34 9.32 -39.94
N LEU D 473 9.42 8.80 -39.11
CA LEU D 473 8.01 8.95 -39.39
C LEU D 473 7.49 10.30 -38.93
N GLU D 474 8.08 10.87 -37.87
CA GLU D 474 7.71 12.22 -37.45
C GLU D 474 8.12 13.25 -38.49
N ASN D 475 9.24 13.03 -39.17
CA ASN D 475 9.78 13.99 -40.13
C ASN D 475 9.35 13.69 -41.55
N GLY D 476 8.35 12.84 -41.73
CA GLY D 476 7.76 12.65 -43.03
C GLY D 476 8.31 11.45 -43.75
N LEU D 477 7.56 10.35 -43.74
CA LEU D 477 7.95 9.14 -44.46
C LEU D 477 6.70 8.31 -44.66
N ASN D 478 6.28 8.16 -45.91
CA ASN D 478 5.09 7.37 -46.20
C ASN D 478 5.42 5.90 -46.05
N LEU D 479 4.96 5.30 -44.94
CA LEU D 479 5.25 3.92 -44.68
C LEU D 479 4.51 2.99 -45.62
N ARG D 480 3.34 3.40 -46.12
CA ARG D 480 2.65 2.61 -47.12
C ARG D 480 3.29 2.73 -48.49
N LYS D 481 4.12 3.75 -48.72
CA LYS D 481 4.90 3.85 -49.93
C LYS D 481 6.29 3.26 -49.79
N PHE D 482 6.87 3.34 -48.59
CA PHE D 482 8.19 2.77 -48.36
C PHE D 482 8.13 1.25 -48.39
N LEU D 483 7.04 0.68 -47.88
CA LEU D 483 6.89 -0.78 -47.84
C LEU D 483 6.40 -1.26 -49.20
N THR D 484 7.33 -1.35 -50.13
CA THR D 484 7.01 -1.94 -51.43
C THR D 484 7.07 -3.46 -51.31
N THR D 485 6.74 -4.14 -52.43
CA THR D 485 6.85 -5.59 -52.45
C THR D 485 8.30 -6.06 -52.42
N GLU D 486 9.24 -5.21 -52.83
CA GLU D 486 10.65 -5.58 -52.76
C GLU D 486 11.22 -5.40 -51.37
N VAL D 487 10.81 -4.33 -50.66
CA VAL D 487 11.36 -4.05 -49.34
C VAL D 487 10.90 -5.10 -48.34
N LEU D 488 9.67 -5.59 -48.49
CA LEU D 488 9.22 -6.68 -47.64
C LEU D 488 9.89 -8.00 -48.02
N ARG D 489 10.28 -8.16 -49.28
CA ARG D 489 11.02 -9.34 -49.69
C ARG D 489 12.43 -9.34 -49.10
N GLU D 490 13.07 -8.16 -49.06
CA GLU D 490 14.36 -8.06 -48.39
C GLU D 490 14.23 -8.08 -46.88
N LEU D 491 13.03 -7.96 -46.34
CA LEU D 491 12.81 -8.02 -44.91
C LEU D 491 12.37 -9.40 -44.44
N TYR D 492 11.80 -10.21 -45.32
CA TYR D 492 11.35 -11.54 -44.98
C TYR D 492 12.34 -12.64 -45.34
N THR D 493 13.26 -12.38 -46.25
CA THR D 493 14.24 -13.38 -46.63
C THR D 493 15.56 -13.26 -45.89
N ASN D 494 16.04 -12.03 -45.67
CA ASN D 494 17.36 -11.82 -45.12
C ASN D 494 17.34 -11.54 -43.62
N ASN D 495 16.63 -10.49 -43.22
CA ASN D 495 16.65 -10.04 -41.84
C ASN D 495 15.60 -10.74 -40.98
N PHE D 496 14.63 -11.39 -41.58
CA PHE D 496 13.74 -12.27 -40.83
C PHE D 496 14.53 -13.50 -40.41
N SER D 497 14.81 -13.60 -39.11
CA SER D 497 15.71 -14.64 -38.60
C SER D 497 15.07 -16.01 -38.73
N SER D 498 15.85 -16.97 -39.24
CA SER D 498 15.33 -18.31 -39.50
C SER D 498 15.15 -19.12 -38.23
N LEU D 499 15.72 -18.68 -37.10
CA LEU D 499 15.38 -19.27 -35.81
C LEU D 499 13.92 -19.05 -35.47
N VAL D 500 13.39 -17.90 -35.86
CA VAL D 500 11.95 -17.65 -35.75
C VAL D 500 11.21 -18.47 -36.80
N PHE D 501 11.74 -18.55 -38.02
CA PHE D 501 11.05 -19.25 -39.09
C PHE D 501 11.02 -20.75 -38.87
N LYS D 502 12.04 -21.32 -38.23
CA LYS D 502 11.96 -22.72 -37.83
C LYS D 502 11.05 -22.89 -36.63
N ASN D 503 10.88 -21.84 -35.82
CA ASN D 503 9.92 -21.91 -34.71
C ASN D 503 8.50 -21.80 -35.23
N LEU D 504 8.31 -21.21 -36.42
CA LEU D 504 7.02 -21.28 -37.08
C LEU D 504 6.87 -22.57 -37.87
N GLN D 505 7.99 -23.20 -38.21
CA GLN D 505 7.93 -24.54 -38.78
C GLN D 505 7.50 -25.57 -37.75
N ILE D 506 7.77 -25.30 -36.47
CA ILE D 506 7.29 -26.16 -35.38
C ILE D 506 5.78 -26.08 -35.29
N ALA D 507 5.23 -24.87 -35.43
CA ALA D 507 3.79 -24.62 -35.32
C ALA D 507 2.98 -25.20 -36.47
N LYS D 508 3.61 -25.69 -37.53
CA LYS D 508 2.88 -26.25 -38.66
C LYS D 508 2.38 -27.67 -38.40
N ASN D 509 2.78 -28.29 -37.28
CA ASN D 509 2.26 -29.57 -36.86
C ASN D 509 1.82 -29.56 -35.41
N SER D 510 2.43 -28.75 -34.56
CA SER D 510 2.19 -28.77 -33.12
C SER D 510 0.83 -28.17 -32.76
N TYR D 511 0.58 -26.92 -33.15
CA TYR D 511 -0.66 -26.22 -32.82
C TYR D 511 -1.15 -25.55 -34.09
N ASN D 512 -2.03 -26.24 -34.83
CA ASN D 512 -2.54 -25.73 -36.09
C ASN D 512 -3.70 -24.79 -35.83
N ASP D 513 -3.49 -23.50 -36.08
CA ASP D 513 -4.51 -22.47 -35.91
C ASP D 513 -4.98 -21.95 -37.26
N ALA D 514 -5.84 -20.94 -37.23
CA ALA D 514 -6.43 -20.36 -38.43
C ALA D 514 -5.74 -19.08 -38.87
N LEU D 515 -5.20 -18.30 -37.94
CA LEU D 515 -4.47 -17.10 -38.32
C LEU D 515 -3.02 -17.41 -38.64
N LEU D 516 -2.47 -18.46 -38.02
CA LEU D 516 -1.10 -18.88 -38.32
C LEU D 516 -0.99 -19.38 -39.74
N THR D 517 -2.03 -20.04 -40.25
CA THR D 517 -2.00 -20.47 -41.64
C THR D 517 -2.31 -19.32 -42.58
N PHE D 518 -2.80 -18.19 -42.06
CA PHE D 518 -2.92 -17.00 -42.89
C PHE D 518 -1.57 -16.34 -43.10
N VAL D 519 -0.73 -16.34 -42.07
CA VAL D 519 0.56 -15.66 -42.21
C VAL D 519 1.60 -16.54 -42.86
N TRP D 520 1.39 -17.87 -42.88
CA TRP D 520 2.37 -18.77 -43.48
C TRP D 520 2.39 -18.62 -44.99
N LYS D 521 1.25 -18.32 -45.61
CA LYS D 521 1.27 -18.05 -47.05
C LYS D 521 1.92 -16.71 -47.33
N MET D 522 1.82 -15.77 -46.38
CA MET D 522 2.33 -14.43 -46.62
C MET D 522 3.83 -14.36 -46.38
N VAL D 523 4.34 -15.03 -45.34
CA VAL D 523 5.78 -15.01 -45.11
C VAL D 523 6.50 -15.85 -46.17
N GLU D 524 5.85 -16.91 -46.65
CA GLU D 524 6.48 -17.73 -47.69
C GLU D 524 6.19 -17.19 -49.08
N ASP D 525 5.32 -16.16 -49.21
CA ASP D 525 5.17 -15.49 -50.49
C ASP D 525 6.45 -14.77 -50.88
N PHE D 526 6.98 -13.97 -49.97
CA PHE D 526 8.23 -13.25 -50.23
C PHE D 526 9.43 -14.17 -50.11
N ARG D 527 9.32 -15.24 -49.33
CA ARG D 527 10.40 -16.22 -49.25
C ARG D 527 10.51 -17.08 -50.50
N ARG D 528 9.46 -17.14 -51.32
CA ARG D 528 9.50 -17.84 -52.59
C ARG D 528 9.98 -16.97 -53.74
N GLY D 529 10.46 -15.77 -53.46
CA GLY D 529 10.93 -14.87 -54.49
C GLY D 529 12.28 -15.27 -55.06
N ARG D 553 -2.36 -5.05 -50.24
CA ARG D 553 -2.50 -6.26 -49.44
C ARG D 553 -2.39 -5.92 -47.96
N HIS D 554 -2.63 -4.65 -47.64
CA HIS D 554 -2.39 -4.03 -46.34
C HIS D 554 -0.96 -4.28 -45.88
N PRO D 555 0.03 -3.65 -46.51
CA PRO D 555 1.43 -4.00 -46.21
C PRO D 555 1.96 -3.41 -44.93
N LEU D 556 1.31 -2.39 -44.37
CA LEU D 556 1.79 -1.82 -43.13
C LEU D 556 1.57 -2.77 -41.95
N GLN D 557 0.50 -3.55 -42.00
CA GLN D 557 0.32 -4.61 -41.03
C GLN D 557 1.23 -5.80 -41.27
N ALA D 558 1.79 -5.93 -42.48
CA ALA D 558 2.78 -6.97 -42.70
C ALA D 558 4.10 -6.64 -42.03
N LEU D 559 4.46 -5.35 -41.97
CA LEU D 559 5.62 -4.94 -41.20
C LEU D 559 5.40 -5.14 -39.72
N PHE D 560 4.16 -4.96 -39.25
CA PHE D 560 3.87 -5.17 -37.84
C PHE D 560 3.97 -6.64 -37.46
N ILE D 561 3.64 -7.54 -38.38
CA ILE D 561 3.85 -8.97 -38.16
C ILE D 561 5.34 -9.28 -38.07
N TRP D 562 6.14 -8.64 -38.93
CA TRP D 562 7.58 -8.87 -38.98
C TRP D 562 8.25 -8.49 -37.67
N SER D 563 7.79 -7.40 -37.05
CA SER D 563 8.45 -6.90 -35.86
C SER D 563 7.95 -7.55 -34.58
N VAL D 564 6.75 -8.13 -34.59
CA VAL D 564 6.23 -8.74 -33.37
C VAL D 564 6.68 -10.21 -33.26
N LEU D 565 6.99 -10.85 -34.39
CA LEU D 565 7.45 -12.24 -34.35
C LEU D 565 8.85 -12.33 -33.75
N GLN D 566 9.71 -11.36 -34.06
CA GLN D 566 11.07 -11.35 -33.57
C GLN D 566 11.21 -10.66 -32.23
N ASN D 567 10.10 -10.50 -31.50
CA ASN D 567 10.06 -10.01 -30.11
C ASN D 567 10.62 -8.60 -29.97
N LYS D 568 10.61 -7.82 -31.05
CA LYS D 568 11.10 -6.46 -31.02
C LYS D 568 10.04 -5.62 -30.33
N LYS D 569 10.22 -5.42 -29.02
CA LYS D 569 9.16 -4.85 -28.21
C LYS D 569 8.99 -3.35 -28.46
N GLU D 570 10.08 -2.60 -28.48
CA GLU D 570 9.99 -1.16 -28.65
C GLU D 570 9.73 -0.77 -30.10
N LEU D 571 10.16 -1.59 -31.05
CA LEU D 571 9.92 -1.26 -32.45
C LEU D 571 8.47 -1.52 -32.82
N SER D 572 7.89 -2.61 -32.31
CA SER D 572 6.51 -2.95 -32.64
C SER D 572 5.53 -1.94 -32.08
N LYS D 573 5.87 -1.29 -30.98
CA LYS D 573 5.01 -0.23 -30.47
C LYS D 573 5.02 0.99 -31.37
N VAL D 574 6.08 1.18 -32.15
CA VAL D 574 6.12 2.29 -33.08
C VAL D 574 5.28 1.99 -34.31
N ILE D 575 5.43 0.79 -34.86
CA ILE D 575 4.70 0.41 -36.06
C ILE D 575 3.21 0.19 -35.77
N TRP D 576 2.86 -0.09 -34.52
CA TRP D 576 1.46 -0.26 -34.17
C TRP D 576 0.70 1.05 -34.30
N GLU D 577 1.35 2.19 -34.03
CA GLU D 577 0.69 3.48 -34.10
C GLU D 577 0.44 3.97 -35.52
N GLN D 578 0.85 3.23 -36.54
CA GLN D 578 0.64 3.66 -37.92
C GLN D 578 -0.42 2.84 -38.63
N THR D 579 -1.03 1.87 -37.96
CA THR D 579 -2.04 1.04 -38.59
C THR D 579 -3.36 1.78 -38.72
N ARG D 580 -4.26 1.25 -39.55
CA ARG D 580 -5.58 1.85 -39.68
C ARG D 580 -6.58 1.22 -38.72
N GLY D 581 -6.45 -0.08 -38.45
CA GLY D 581 -7.09 -0.62 -37.27
C GLY D 581 -6.05 -0.89 -36.21
N CYS D 582 -5.90 0.02 -35.26
CA CYS D 582 -5.06 -0.24 -34.10
C CYS D 582 -5.85 -0.83 -32.95
N THR D 583 -7.17 -0.67 -32.98
CA THR D 583 -8.04 -1.37 -32.05
C THR D 583 -8.01 -2.88 -32.30
N LEU D 584 -7.81 -3.27 -33.55
CA LEU D 584 -7.79 -4.65 -34.00
C LEU D 584 -6.43 -5.31 -33.83
N ALA D 585 -5.38 -4.65 -34.33
CA ALA D 585 -4.07 -5.27 -34.44
C ALA D 585 -3.39 -5.45 -33.08
N ALA D 586 -3.88 -4.79 -32.04
CA ALA D 586 -3.33 -5.02 -30.71
C ALA D 586 -3.76 -6.37 -30.16
N LEU D 587 -4.79 -6.98 -30.73
CA LEU D 587 -5.22 -8.31 -30.33
C LEU D 587 -4.59 -9.39 -31.20
N GLY D 588 -4.46 -9.13 -32.50
CA GLY D 588 -3.80 -10.07 -33.38
C GLY D 588 -2.33 -10.22 -33.10
N ALA D 589 -1.69 -9.18 -32.57
CA ALA D 589 -0.34 -9.33 -32.08
C ALA D 589 -0.32 -10.14 -30.79
N SER D 590 -1.34 -10.01 -29.96
CA SER D 590 -1.43 -10.84 -28.77
C SER D 590 -1.77 -12.29 -29.10
N LYS D 591 -2.33 -12.55 -30.29
CA LYS D 591 -2.59 -13.91 -30.69
C LYS D 591 -1.34 -14.57 -31.23
N LEU D 592 -0.57 -13.86 -32.05
CA LEU D 592 0.67 -14.39 -32.58
C LEU D 592 1.70 -14.59 -31.48
N LEU D 593 1.74 -13.69 -30.50
CA LEU D 593 2.72 -13.81 -29.43
C LEU D 593 2.38 -14.93 -28.46
N LYS D 594 1.09 -15.18 -28.24
CA LYS D 594 0.71 -16.26 -27.35
C LYS D 594 0.89 -17.62 -27.99
N SER D 595 0.96 -17.69 -29.32
CA SER D 595 1.38 -18.92 -29.97
C SER D 595 2.86 -19.19 -29.72
N MET D 596 3.69 -18.16 -29.86
CA MET D 596 5.13 -18.34 -29.72
C MET D 596 5.55 -18.52 -28.28
N ALA D 597 4.85 -17.89 -27.33
CA ALA D 597 5.16 -18.13 -25.93
C ALA D 597 4.67 -19.49 -25.45
N LYS D 598 3.76 -20.12 -26.20
CA LYS D 598 3.32 -21.46 -25.87
C LYS D 598 4.27 -22.51 -26.43
N VAL D 599 4.84 -22.26 -27.60
CA VAL D 599 5.89 -23.14 -28.13
C VAL D 599 7.15 -22.84 -27.34
N LYS D 600 7.42 -23.63 -26.32
CA LYS D 600 8.44 -23.31 -25.32
C LYS D 600 9.70 -24.13 -25.62
N ASN D 601 10.69 -23.47 -26.22
CA ASN D 601 12.04 -23.98 -26.25
C ASN D 601 13.02 -23.13 -25.46
N ASP D 602 12.66 -21.88 -25.16
CA ASP D 602 13.45 -20.96 -24.35
C ASP D 602 12.64 -20.60 -23.11
N ILE D 603 13.26 -19.82 -22.22
CA ILE D 603 12.66 -19.45 -20.94
C ILE D 603 12.53 -17.93 -20.80
N ASN D 604 13.64 -17.22 -20.97
CA ASN D 604 13.57 -15.76 -20.93
C ASN D 604 12.93 -15.20 -22.19
N ALA D 605 13.12 -15.87 -23.33
CA ALA D 605 12.40 -15.46 -24.53
C ALA D 605 10.93 -15.83 -24.46
N ALA D 606 10.60 -16.91 -23.75
CA ALA D 606 9.19 -17.24 -23.53
C ALA D 606 8.57 -16.30 -22.52
N GLY D 607 9.30 -15.97 -21.45
CA GLY D 607 8.78 -15.11 -20.40
C GLY D 607 8.68 -13.65 -20.79
N GLU D 608 9.33 -13.26 -21.88
CA GLU D 608 9.20 -11.91 -22.42
C GLU D 608 8.19 -11.82 -23.55
N SER D 609 8.05 -12.88 -24.35
CA SER D 609 7.03 -12.89 -25.40
C SER D 609 5.64 -12.97 -24.80
N GLU D 610 5.49 -13.60 -23.64
CA GLU D 610 4.19 -13.56 -22.96
C GLU D 610 3.96 -12.19 -22.33
N GLU D 611 5.04 -11.48 -21.99
CA GLU D 611 4.89 -10.16 -21.40
C GLU D 611 4.38 -9.16 -22.44
N LEU D 612 4.98 -9.17 -23.63
CA LEU D 612 4.54 -8.28 -24.69
C LEU D 612 3.14 -8.64 -25.19
N ALA D 613 2.75 -9.91 -25.08
CA ALA D 613 1.36 -10.28 -25.35
C ALA D 613 0.42 -9.70 -24.30
N ASN D 614 0.91 -9.49 -23.08
CA ASN D 614 0.11 -8.85 -22.05
C ASN D 614 0.26 -7.34 -22.03
N GLU D 615 1.18 -6.79 -22.82
CA GLU D 615 1.17 -5.36 -23.06
C GLU D 615 0.13 -4.97 -24.09
N TYR D 616 0.11 -5.68 -25.22
CA TYR D 616 -0.84 -5.38 -26.28
C TYR D 616 -2.26 -5.78 -25.92
N GLU D 617 -2.44 -6.64 -24.92
CA GLU D 617 -3.80 -6.91 -24.46
C GLU D 617 -4.30 -5.76 -23.61
N THR D 618 -3.46 -5.26 -22.69
CA THR D 618 -3.85 -4.11 -21.89
C THR D 618 -3.89 -2.85 -22.75
N ARG D 619 -3.15 -2.82 -23.85
CA ARG D 619 -3.25 -1.70 -24.78
C ARG D 619 -4.58 -1.70 -25.50
N ALA D 620 -5.09 -2.89 -25.83
CA ALA D 620 -6.41 -2.98 -26.45
C ALA D 620 -7.54 -2.79 -25.45
N VAL D 621 -7.28 -3.01 -24.16
CA VAL D 621 -8.33 -2.82 -23.16
C VAL D 621 -8.59 -1.33 -22.94
N GLU D 622 -7.52 -0.56 -22.72
CA GLU D 622 -7.69 0.88 -22.53
C GLU D 622 -8.11 1.60 -23.81
N LEU D 623 -7.87 0.99 -24.97
CA LEU D 623 -8.44 1.54 -26.19
C LEU D 623 -9.95 1.38 -26.22
N PHE D 624 -10.44 0.21 -25.82
CA PHE D 624 -11.88 -0.03 -25.93
C PHE D 624 -12.67 0.65 -24.85
N THR D 625 -12.11 0.81 -23.64
CA THR D 625 -12.82 1.59 -22.64
C THR D 625 -12.89 3.06 -23.02
N GLU D 626 -11.89 3.56 -23.75
CA GLU D 626 -12.00 4.89 -24.32
C GLU D 626 -12.96 4.88 -25.51
N CYS D 627 -13.02 3.77 -26.25
CA CYS D 627 -14.01 3.65 -27.32
C CYS D 627 -15.42 3.61 -26.74
N TYR D 628 -15.59 2.92 -25.62
CA TYR D 628 -16.92 2.70 -25.05
C TYR D 628 -17.42 3.87 -24.21
N SER D 629 -16.52 4.69 -23.67
CA SER D 629 -16.96 5.85 -22.92
C SER D 629 -17.45 6.97 -23.83
N ASN D 630 -17.12 6.90 -25.11
CA ASN D 630 -17.77 7.67 -26.17
C ASN D 630 -19.00 6.89 -26.64
N ASP D 631 -19.51 7.21 -27.83
CA ASP D 631 -20.69 6.57 -28.39
C ASP D 631 -20.55 5.06 -28.48
N GLU D 632 -21.32 4.35 -27.65
CA GLU D 632 -21.14 2.92 -27.47
C GLU D 632 -21.63 2.11 -28.65
N ASP D 633 -22.68 2.56 -29.33
CA ASP D 633 -23.13 1.88 -30.53
C ASP D 633 -22.12 2.02 -31.66
N LEU D 634 -21.34 3.10 -31.65
CA LEU D 634 -20.18 3.17 -32.53
C LEU D 634 -19.09 2.23 -32.05
N ALA D 635 -18.91 2.12 -30.74
CA ALA D 635 -17.88 1.24 -30.19
C ALA D 635 -18.24 -0.22 -30.39
N GLU D 636 -19.51 -0.57 -30.23
CA GLU D 636 -19.95 -1.94 -30.43
C GLU D 636 -19.98 -2.33 -31.90
N GLN D 637 -19.96 -1.36 -32.81
CA GLN D 637 -19.88 -1.67 -34.21
C GLN D 637 -18.47 -2.00 -34.66
N LEU D 638 -17.46 -1.63 -33.87
CA LEU D 638 -16.09 -1.99 -34.21
C LEU D 638 -15.83 -3.47 -34.01
N LEU D 639 -16.52 -4.09 -33.05
CA LEU D 639 -16.31 -5.50 -32.74
C LEU D 639 -16.85 -6.45 -33.80
N THR D 640 -17.54 -5.94 -34.82
CA THR D 640 -18.14 -6.78 -35.82
C THR D 640 -17.47 -6.65 -37.19
N TYR D 641 -16.53 -5.72 -37.34
CA TYR D 641 -15.90 -5.46 -38.63
C TYR D 641 -14.80 -6.48 -38.89
N SER D 642 -14.75 -7.01 -40.11
CA SER D 642 -13.60 -7.78 -40.53
C SER D 642 -12.40 -6.88 -40.82
N CYS D 643 -12.64 -5.58 -41.03
CA CYS D 643 -11.63 -4.53 -41.20
C CYS D 643 -10.73 -4.82 -42.41
N GLU D 644 -11.38 -4.89 -43.57
CA GLU D 644 -10.75 -5.10 -44.87
C GLU D 644 -9.97 -6.42 -44.95
N ALA D 645 -10.39 -7.39 -44.12
CA ALA D 645 -9.86 -8.75 -44.05
C ALA D 645 -8.36 -8.77 -43.75
N TRP D 646 -7.95 -8.10 -42.68
CA TRP D 646 -6.58 -8.27 -42.20
C TRP D 646 -6.42 -9.65 -41.58
N GLY D 647 -7.13 -9.91 -40.51
CA GLY D 647 -7.18 -11.25 -39.96
C GLY D 647 -8.29 -12.07 -40.58
N GLY D 648 -8.51 -13.24 -40.00
CA GLY D 648 -9.67 -14.01 -40.40
C GLY D 648 -10.96 -13.44 -39.86
N SER D 649 -11.00 -13.15 -38.57
CA SER D 649 -12.23 -12.79 -37.90
C SER D 649 -12.20 -11.34 -37.42
N ASN D 650 -13.25 -10.94 -36.71
CA ASN D 650 -13.42 -9.56 -36.27
C ASN D 650 -12.59 -9.31 -35.02
N CYS D 651 -12.69 -8.09 -34.48
CA CYS D 651 -11.98 -7.72 -33.27
C CYS D 651 -12.48 -8.47 -32.04
N LEU D 652 -13.73 -8.94 -32.06
CA LEU D 652 -14.28 -9.60 -30.90
C LEU D 652 -13.81 -11.05 -30.81
N GLU D 653 -13.93 -11.78 -31.92
CA GLU D 653 -13.51 -13.18 -31.94
C GLU D 653 -12.00 -13.33 -31.87
N LEU D 654 -11.25 -12.31 -32.28
CA LEU D 654 -9.80 -12.42 -32.25
C LEU D 654 -9.25 -12.40 -30.84
N ALA D 655 -9.98 -11.80 -29.90
CA ALA D 655 -9.64 -11.92 -28.49
C ALA D 655 -10.06 -13.26 -27.92
N VAL D 656 -10.97 -13.95 -28.59
CA VAL D 656 -11.47 -15.23 -28.09
C VAL D 656 -10.51 -16.36 -28.46
N GLU D 657 -9.98 -16.33 -29.68
CA GLU D 657 -9.05 -17.38 -30.11
C GLU D 657 -7.73 -17.29 -29.35
N ALA D 658 -7.34 -16.09 -28.94
CA ALA D 658 -6.14 -15.90 -28.14
C ALA D 658 -6.41 -15.87 -26.65
N ARG D 659 -7.68 -16.06 -26.26
CA ARG D 659 -8.11 -16.18 -24.86
C ARG D 659 -7.76 -14.92 -24.06
N ASP D 660 -8.00 -13.75 -24.64
CA ASP D 660 -7.71 -12.50 -23.96
C ASP D 660 -8.82 -12.25 -22.96
N GLN D 661 -8.66 -12.81 -21.77
CA GLN D 661 -9.74 -12.77 -20.80
C GLN D 661 -9.89 -11.41 -20.15
N GLN D 662 -8.88 -10.55 -20.18
CA GLN D 662 -9.08 -9.19 -19.68
C GLN D 662 -9.91 -8.37 -20.66
N PHE D 663 -9.83 -8.69 -21.95
CA PHE D 663 -10.56 -7.93 -22.95
C PHE D 663 -12.04 -8.27 -22.96
N ILE D 664 -12.43 -9.45 -22.50
CA ILE D 664 -13.85 -9.81 -22.46
C ILE D 664 -14.44 -9.65 -21.06
N ALA D 665 -13.62 -9.63 -20.03
CA ALA D 665 -14.14 -9.30 -18.70
C ALA D 665 -14.38 -7.81 -18.50
N GLN D 666 -13.98 -6.98 -19.45
CA GLN D 666 -14.18 -5.55 -19.29
C GLN D 666 -15.65 -5.19 -19.48
N PRO D 667 -16.13 -4.12 -18.84
CA PRO D 667 -17.58 -3.84 -18.86
C PRO D 667 -18.12 -3.41 -20.20
N GLY D 668 -17.29 -3.10 -21.19
CA GLY D 668 -17.81 -2.76 -22.49
C GLY D 668 -18.33 -3.97 -23.23
N VAL D 669 -17.57 -5.06 -23.21
CA VAL D 669 -17.99 -6.26 -23.92
C VAL D 669 -19.07 -7.00 -23.16
N GLN D 670 -19.01 -6.97 -21.83
CA GLN D 670 -20.03 -7.64 -21.03
C GLN D 670 -21.38 -6.96 -21.17
N ASN D 671 -21.39 -5.64 -21.31
CA ASN D 671 -22.63 -4.95 -21.63
C ASN D 671 -23.04 -5.18 -23.07
N PHE D 672 -22.09 -5.47 -23.96
CA PHE D 672 -22.46 -5.78 -25.33
C PHE D 672 -23.07 -7.15 -25.44
N LEU D 673 -22.50 -8.14 -24.76
CA LEU D 673 -22.99 -9.51 -24.84
C LEU D 673 -24.35 -9.66 -24.17
N SER D 674 -24.59 -8.89 -23.12
CA SER D 674 -25.92 -8.90 -22.50
C SER D 674 -26.96 -8.31 -23.43
N LYS D 675 -26.59 -7.32 -24.23
CA LYS D 675 -27.51 -6.79 -25.23
C LYS D 675 -27.74 -7.79 -26.35
N GLN D 676 -26.69 -8.52 -26.74
CA GLN D 676 -26.86 -9.50 -27.81
C GLN D 676 -27.56 -10.75 -27.32
N TRP D 677 -27.51 -11.03 -26.01
CA TRP D 677 -28.20 -12.20 -25.49
C TRP D 677 -29.66 -11.92 -25.21
N TYR D 678 -29.99 -10.72 -24.74
CA TYR D 678 -31.39 -10.38 -24.53
C TYR D 678 -32.10 -10.10 -25.84
N GLY D 679 -31.36 -9.85 -26.92
CA GLY D 679 -31.95 -9.77 -28.25
C GLY D 679 -32.80 -8.53 -28.42
N GLU D 680 -33.94 -8.72 -29.12
CA GLU D 680 -34.87 -7.62 -29.37
C GLU D 680 -35.66 -7.22 -28.14
N ILE D 681 -35.59 -7.99 -27.05
CA ILE D 681 -36.25 -7.62 -25.81
C ILE D 681 -35.59 -6.36 -25.26
N SER D 682 -36.43 -5.40 -24.85
CA SER D 682 -35.98 -4.22 -24.13
C SER D 682 -35.29 -4.64 -22.84
N ARG D 683 -33.98 -4.38 -22.78
CA ARG D 683 -33.14 -4.89 -21.71
C ARG D 683 -33.51 -4.25 -20.38
N ASP D 684 -33.29 -5.03 -19.31
CA ASP D 684 -33.57 -4.65 -17.92
C ASP D 684 -35.05 -4.33 -17.72
N THR D 685 -35.91 -5.29 -18.08
CA THR D 685 -37.29 -5.21 -17.64
C THR D 685 -37.41 -5.82 -16.23
N LYS D 686 -37.27 -7.14 -16.15
CA LYS D 686 -37.05 -7.96 -14.96
C LYS D 686 -36.86 -9.39 -15.47
N ASN D 687 -36.08 -10.20 -14.76
CA ASN D 687 -35.92 -11.59 -15.19
C ASN D 687 -37.16 -12.43 -14.90
N TRP D 688 -38.00 -12.02 -13.96
CA TRP D 688 -39.22 -12.76 -13.65
C TRP D 688 -40.30 -12.56 -14.70
N LYS D 689 -40.45 -11.33 -15.22
CA LYS D 689 -41.56 -10.99 -16.09
C LYS D 689 -41.48 -11.65 -17.45
N ILE D 690 -40.29 -12.04 -17.91
CA ILE D 690 -40.18 -12.76 -19.17
C ILE D 690 -40.71 -14.17 -19.01
N ILE D 691 -40.49 -14.77 -17.85
CA ILE D 691 -41.00 -16.12 -17.59
C ILE D 691 -42.52 -16.07 -17.41
N MET D 692 -43.05 -14.97 -16.88
CA MET D 692 -44.49 -14.78 -16.84
C MET D 692 -45.09 -14.62 -18.24
N CYS D 693 -44.28 -14.20 -19.21
CA CYS D 693 -44.67 -14.20 -20.60
C CYS D 693 -44.25 -15.46 -21.34
N LEU D 694 -44.16 -16.58 -20.62
CA LEU D 694 -43.83 -17.86 -21.24
C LEU D 694 -44.81 -18.94 -20.82
N LEU D 720 -47.01 -9.49 -36.14
CA LEU D 720 -45.70 -10.12 -36.16
C LEU D 720 -44.80 -9.57 -35.05
N TYR D 721 -45.39 -8.79 -34.16
CA TYR D 721 -44.69 -8.33 -32.96
C TYR D 721 -44.64 -9.40 -31.88
N TYR D 722 -45.63 -10.29 -31.86
CA TYR D 722 -45.64 -11.41 -30.92
C TYR D 722 -44.58 -12.46 -31.29
N VAL D 723 -44.23 -12.54 -32.57
CA VAL D 723 -43.27 -13.54 -33.03
C VAL D 723 -41.84 -13.03 -32.84
N SER D 724 -41.62 -11.72 -32.94
CA SER D 724 -40.29 -11.15 -32.73
C SER D 724 -39.84 -11.22 -31.27
N PHE D 725 -40.76 -11.49 -30.33
CA PHE D 725 -40.37 -11.88 -28.99
C PHE D 725 -39.61 -13.20 -29.01
N PHE D 726 -40.07 -14.15 -29.83
CA PHE D 726 -39.42 -15.45 -29.95
C PHE D 726 -38.32 -15.44 -31.00
N THR D 727 -37.43 -14.45 -30.92
CA THR D 727 -36.25 -14.38 -31.76
C THR D 727 -34.98 -14.16 -30.97
N SER D 728 -35.08 -13.64 -29.76
CA SER D 728 -33.92 -13.41 -28.93
C SER D 728 -33.32 -14.73 -28.47
N PRO D 729 -32.00 -14.82 -28.34
CA PRO D 729 -31.38 -16.08 -27.92
C PRO D 729 -31.60 -16.41 -26.46
N PHE D 730 -32.06 -15.47 -25.65
CA PHE D 730 -32.43 -15.78 -24.27
C PHE D 730 -33.65 -16.69 -24.23
N VAL D 731 -34.59 -16.47 -25.13
CA VAL D 731 -35.79 -17.29 -25.17
C VAL D 731 -35.52 -18.59 -25.90
N VAL D 732 -34.66 -18.55 -26.93
CA VAL D 732 -34.23 -19.77 -27.62
C VAL D 732 -33.43 -20.66 -26.67
N PHE D 733 -32.70 -20.07 -25.72
CA PHE D 733 -32.07 -20.86 -24.68
C PHE D 733 -33.11 -21.48 -23.75
N SER D 734 -34.12 -20.70 -23.35
CA SER D 734 -35.11 -21.19 -22.41
C SER D 734 -35.98 -22.29 -23.01
N TRP D 735 -36.31 -22.17 -24.29
CA TRP D 735 -37.07 -23.22 -24.93
C TRP D 735 -36.19 -24.36 -25.43
N ASN D 736 -34.89 -24.32 -25.15
CA ASN D 736 -34.06 -25.51 -25.24
C ASN D 736 -33.82 -26.12 -23.88
N VAL D 737 -34.09 -25.40 -22.80
CA VAL D 737 -34.05 -25.98 -21.46
C VAL D 737 -35.35 -26.72 -21.18
N ILE D 738 -36.48 -26.07 -21.51
CA ILE D 738 -37.80 -26.66 -21.31
C ILE D 738 -37.96 -27.91 -22.17
N PHE D 739 -37.40 -27.89 -23.38
CA PHE D 739 -37.39 -29.10 -24.20
C PHE D 739 -36.48 -30.16 -23.60
N TYR D 740 -35.37 -29.75 -22.98
CA TYR D 740 -34.44 -30.73 -22.44
C TYR D 740 -34.96 -31.33 -21.13
N ILE D 741 -35.62 -30.52 -20.31
CA ILE D 741 -36.20 -31.03 -19.07
C ILE D 741 -37.33 -31.99 -19.38
N ALA D 742 -38.19 -31.62 -20.32
CA ALA D 742 -39.24 -32.52 -20.76
C ALA D 742 -38.70 -33.71 -21.52
N PHE D 743 -37.49 -33.62 -22.08
CA PHE D 743 -36.83 -34.81 -22.59
C PHE D 743 -36.44 -35.73 -21.45
N LEU D 744 -35.94 -35.16 -20.35
CA LEU D 744 -35.53 -35.99 -19.23
C LEU D 744 -36.73 -36.54 -18.47
N LEU D 745 -37.83 -35.79 -18.43
CA LEU D 745 -39.03 -36.29 -17.77
C LEU D 745 -39.66 -37.42 -18.58
N LEU D 746 -39.56 -37.37 -19.89
CA LEU D 746 -39.98 -38.51 -20.71
C LEU D 746 -39.03 -39.67 -20.55
N PHE D 747 -37.72 -39.39 -20.54
CA PHE D 747 -36.72 -40.41 -20.31
C PHE D 747 -36.82 -40.98 -18.90
N ALA D 748 -37.34 -40.21 -17.95
CA ALA D 748 -37.66 -40.76 -16.64
C ALA D 748 -38.84 -41.72 -16.73
N TYR D 749 -39.97 -41.25 -17.28
CA TYR D 749 -41.20 -42.03 -17.30
C TYR D 749 -41.08 -43.28 -18.17
N VAL D 750 -40.29 -43.22 -19.23
CA VAL D 750 -40.03 -44.41 -20.02
C VAL D 750 -39.23 -45.43 -19.22
N LEU D 751 -38.25 -44.96 -18.46
CA LEU D 751 -37.34 -45.86 -17.78
C LEU D 751 -37.97 -46.57 -16.59
N LEU D 752 -38.97 -45.97 -15.95
CA LEU D 752 -39.54 -46.53 -14.73
C LEU D 752 -40.85 -47.25 -14.98
N MET D 753 -41.86 -46.54 -15.50
CA MET D 753 -43.17 -47.15 -15.65
C MET D 753 -43.34 -47.87 -16.98
N ASP D 754 -42.82 -47.31 -18.06
CA ASP D 754 -42.78 -47.94 -19.37
C ASP D 754 -41.61 -48.90 -19.46
N PHE D 755 -41.08 -49.09 -20.67
CA PHE D 755 -39.99 -49.99 -21.03
C PHE D 755 -40.42 -51.44 -20.83
N GLN D 756 -41.40 -51.85 -21.63
CA GLN D 756 -41.84 -53.23 -21.70
C GLN D 756 -40.95 -54.00 -22.67
N LYS D 757 -41.39 -55.18 -23.08
CA LYS D 757 -40.58 -56.06 -23.92
C LYS D 757 -40.40 -55.47 -25.32
N GLU D 758 -41.46 -55.04 -25.93
CA GLU D 758 -41.25 -54.32 -27.17
C GLU D 758 -41.27 -52.82 -26.91
N PRO D 759 -40.54 -52.04 -27.71
CA PRO D 759 -40.56 -50.57 -27.52
C PRO D 759 -41.93 -49.98 -27.79
N THR D 760 -42.51 -49.38 -26.76
CA THR D 760 -43.90 -48.95 -26.77
C THR D 760 -44.05 -47.63 -27.53
N ALA D 761 -45.23 -47.02 -27.39
CA ALA D 761 -45.54 -45.81 -28.15
C ALA D 761 -44.69 -44.63 -27.70
N LEU D 762 -44.68 -44.34 -26.39
CA LEU D 762 -43.90 -43.22 -25.88
C LEU D 762 -42.40 -43.45 -25.99
N GLU D 763 -41.97 -44.70 -26.06
CA GLU D 763 -40.55 -45.01 -26.13
C GLU D 763 -39.98 -44.60 -27.49
N ILE D 764 -40.81 -44.59 -28.52
CA ILE D 764 -40.37 -44.17 -29.85
C ILE D 764 -40.19 -42.65 -29.92
N ILE D 765 -41.03 -41.90 -29.20
CA ILE D 765 -40.86 -40.44 -29.12
C ILE D 765 -39.54 -40.11 -28.44
N LEU D 766 -39.08 -40.96 -27.52
CA LEU D 766 -37.75 -40.81 -26.97
C LEU D 766 -36.66 -41.08 -28.01
N TYR D 767 -36.94 -41.97 -28.97
CA TYR D 767 -35.97 -42.21 -30.03
C TYR D 767 -35.90 -41.05 -31.00
N VAL D 768 -36.97 -40.28 -31.11
CA VAL D 768 -36.94 -39.06 -31.90
C VAL D 768 -36.15 -37.98 -31.19
N LEU D 769 -36.34 -37.85 -29.88
CA LEU D 769 -35.72 -36.77 -29.13
C LEU D 769 -34.22 -36.98 -28.97
N VAL D 770 -33.75 -38.22 -29.01
CA VAL D 770 -32.31 -38.43 -28.97
C VAL D 770 -31.71 -38.18 -30.35
N PHE D 771 -32.50 -38.37 -31.41
CA PHE D 771 -32.04 -38.04 -32.76
C PHE D 771 -31.92 -36.53 -32.92
N VAL D 772 -32.78 -35.77 -32.25
CA VAL D 772 -32.68 -34.32 -32.26
C VAL D 772 -31.40 -33.86 -31.58
N LEU D 773 -31.09 -34.44 -30.42
CA LEU D 773 -29.82 -34.14 -29.76
C LEU D 773 -28.63 -34.72 -30.52
N LEU D 774 -28.85 -35.74 -31.33
CA LEU D 774 -27.81 -36.19 -32.24
C LEU D 774 -27.63 -35.20 -33.39
N CYS D 775 -28.74 -34.68 -33.93
CA CYS D 775 -28.66 -33.72 -35.01
C CYS D 775 -28.11 -32.38 -34.53
N ASP D 776 -28.36 -32.02 -33.26
CA ASP D 776 -27.82 -30.79 -32.72
C ASP D 776 -26.34 -30.90 -32.44
N GLU D 777 -25.81 -32.12 -32.32
CA GLU D 777 -24.38 -32.32 -32.21
C GLU D 777 -23.72 -32.52 -33.57
N VAL D 778 -24.50 -32.90 -34.58
CA VAL D 778 -24.03 -32.84 -35.95
C VAL D 778 -23.81 -31.39 -36.37
N ARG D 779 -24.72 -30.51 -35.95
CA ARG D 779 -24.61 -29.09 -36.25
C ARG D 779 -23.39 -28.46 -35.55
N GLN D 780 -23.08 -28.92 -34.33
CA GLN D 780 -21.86 -28.48 -33.67
C GLN D 780 -20.61 -29.13 -34.26
N TRP D 781 -20.77 -30.19 -35.04
CA TRP D 781 -19.71 -30.72 -35.88
C TRP D 781 -19.68 -30.04 -37.24
N TYR D 782 -20.61 -29.12 -37.49
CA TYR D 782 -20.70 -28.38 -38.74
C TYR D 782 -20.45 -26.90 -38.58
N MET D 783 -20.70 -26.34 -37.40
CA MET D 783 -20.29 -24.97 -37.12
C MET D 783 -18.83 -24.91 -36.67
N ASN D 784 -18.22 -26.06 -36.42
CA ASN D 784 -16.79 -26.14 -36.13
C ASN D 784 -16.29 -27.49 -36.59
N GLY D 785 -14.99 -27.55 -36.87
CA GLY D 785 -14.38 -28.79 -37.32
C GLY D 785 -13.75 -29.62 -36.21
N SER D 786 -12.80 -29.05 -35.47
CA SER D 786 -12.08 -29.80 -34.46
C SER D 786 -11.90 -29.08 -33.13
N LYS D 787 -12.21 -27.79 -33.05
CA LYS D 787 -12.31 -27.15 -31.74
C LYS D 787 -13.57 -27.59 -31.00
N TYR D 788 -14.54 -28.12 -31.73
CA TYR D 788 -15.68 -28.78 -31.12
C TYR D 788 -15.26 -29.98 -30.28
N PHE D 789 -14.30 -30.76 -30.79
CA PHE D 789 -13.77 -31.88 -30.01
C PHE D 789 -12.80 -31.42 -28.94
N SER D 790 -12.23 -30.22 -29.08
CA SER D 790 -11.31 -29.71 -28.06
C SER D 790 -12.04 -29.35 -26.78
N ASP D 791 -13.33 -29.03 -26.89
CA ASP D 791 -14.14 -28.81 -25.71
C ASP D 791 -14.37 -30.13 -24.99
N LEU D 792 -14.26 -30.10 -23.65
CA LEU D 792 -14.41 -31.32 -22.87
C LEU D 792 -15.87 -31.76 -22.82
N TRP D 793 -16.79 -30.82 -22.56
CA TRP D 793 -18.19 -31.17 -22.41
C TRP D 793 -18.86 -31.53 -23.72
N ASN D 794 -18.26 -31.18 -24.85
CA ASN D 794 -18.73 -31.69 -26.13
C ASN D 794 -18.19 -33.06 -26.46
N VAL D 795 -17.55 -33.74 -25.51
CA VAL D 795 -17.24 -35.16 -25.67
C VAL D 795 -18.26 -36.00 -24.92
N MET D 796 -18.65 -35.54 -23.73
CA MET D 796 -19.56 -36.29 -22.85
C MET D 796 -20.93 -36.45 -23.49
N ASP D 797 -21.43 -35.43 -24.18
CA ASP D 797 -22.73 -35.54 -24.82
C ASP D 797 -22.70 -36.40 -26.09
N THR D 798 -21.52 -36.70 -26.63
CA THR D 798 -21.45 -37.65 -27.73
C THR D 798 -21.57 -39.09 -27.23
N LEU D 799 -20.85 -39.42 -26.15
CA LEU D 799 -21.02 -40.72 -25.55
C LEU D 799 -22.35 -40.84 -24.81
N ALA D 800 -23.03 -39.73 -24.54
CA ALA D 800 -24.42 -39.79 -24.13
C ALA D 800 -25.29 -40.37 -25.24
N ILE D 801 -25.03 -39.96 -26.48
CA ILE D 801 -25.77 -40.55 -27.59
C ILE D 801 -25.21 -41.93 -27.93
N PHE D 802 -23.89 -42.11 -27.80
CA PHE D 802 -23.28 -43.39 -28.15
C PHE D 802 -23.69 -44.50 -27.21
N TYR D 803 -23.89 -44.19 -25.93
CA TYR D 803 -24.43 -45.20 -25.03
C TYR D 803 -25.92 -45.40 -25.26
N PHE D 804 -26.62 -44.38 -25.73
CA PHE D 804 -28.04 -44.53 -26.03
C PHE D 804 -28.25 -45.43 -27.23
N ILE D 805 -27.49 -45.23 -28.31
CA ILE D 805 -27.64 -46.09 -29.47
C ILE D 805 -27.09 -47.48 -29.19
N ALA D 806 -26.17 -47.60 -28.23
CA ALA D 806 -25.81 -48.93 -27.74
C ALA D 806 -26.92 -49.52 -26.90
N GLY D 807 -27.76 -48.67 -26.29
CA GLY D 807 -28.87 -49.17 -25.51
C GLY D 807 -29.97 -49.77 -26.37
N ILE D 808 -30.18 -49.23 -27.57
CA ILE D 808 -31.17 -49.79 -28.47
C ILE D 808 -30.66 -51.10 -29.06
N VAL D 809 -29.35 -51.25 -29.19
CA VAL D 809 -28.77 -52.49 -29.70
C VAL D 809 -28.95 -53.63 -28.69
N PHE D 810 -28.63 -53.38 -27.42
CA PHE D 810 -28.84 -54.40 -26.40
C PHE D 810 -30.32 -54.66 -26.12
N ARG D 811 -31.20 -53.69 -26.39
CA ARG D 811 -32.62 -53.92 -26.14
C ARG D 811 -33.21 -54.86 -27.17
N LEU D 812 -33.03 -54.54 -28.46
CA LEU D 812 -33.62 -55.33 -29.54
C LEU D 812 -32.84 -56.63 -29.73
N HIS D 813 -33.05 -57.54 -28.78
CA HIS D 813 -32.54 -58.90 -28.88
C HIS D 813 -33.57 -59.94 -28.47
N SER D 814 -34.68 -59.52 -27.84
CA SER D 814 -35.76 -60.39 -27.33
C SER D 814 -35.27 -61.49 -26.40
N ASP D 815 -34.19 -61.22 -25.67
CA ASP D 815 -33.60 -62.17 -24.73
C ASP D 815 -33.37 -61.46 -23.41
N GLU D 816 -33.97 -61.96 -22.34
CA GLU D 816 -33.86 -61.34 -21.02
C GLU D 816 -32.44 -61.37 -20.47
N SER D 817 -31.57 -62.25 -20.99
CA SER D 817 -30.16 -62.16 -20.69
C SER D 817 -29.53 -60.90 -21.29
N SER D 818 -30.13 -60.35 -22.34
CA SER D 818 -29.65 -59.12 -22.96
C SER D 818 -30.64 -57.97 -22.88
N TRP D 819 -31.94 -58.24 -22.79
CA TRP D 819 -32.93 -57.16 -22.73
C TRP D 819 -32.84 -56.40 -21.43
N TYR D 820 -32.51 -57.07 -20.32
CA TYR D 820 -32.35 -56.36 -19.07
C TYR D 820 -31.09 -55.51 -19.08
N SER D 821 -30.02 -56.00 -19.71
CA SER D 821 -28.81 -55.19 -19.82
C SER D 821 -28.98 -54.05 -20.81
N GLY D 822 -30.03 -54.05 -21.63
CA GLY D 822 -30.38 -52.86 -22.36
C GLY D 822 -30.93 -51.78 -21.45
N ARG D 823 -31.72 -52.17 -20.45
CA ARG D 823 -32.28 -51.19 -19.53
C ARG D 823 -31.21 -50.62 -18.60
N VAL D 824 -30.18 -51.41 -18.29
CA VAL D 824 -29.12 -50.93 -17.41
C VAL D 824 -28.28 -49.86 -18.11
N ILE D 825 -28.04 -50.03 -19.41
CA ILE D 825 -27.32 -49.01 -20.18
C ILE D 825 -28.15 -47.74 -20.30
N PHE D 826 -29.47 -47.89 -20.48
CA PHE D 826 -30.34 -46.72 -20.48
C PHE D 826 -30.42 -46.07 -19.11
N CYS D 827 -30.27 -46.85 -18.05
CA CYS D 827 -30.23 -46.28 -16.71
C CYS D 827 -28.94 -45.52 -16.48
N LEU D 828 -27.80 -46.12 -16.86
CA LEU D 828 -26.52 -45.44 -16.74
C LEU D 828 -26.39 -44.27 -17.68
N ASP D 829 -27.16 -44.26 -18.77
CA ASP D 829 -27.17 -43.11 -19.65
C ASP D 829 -27.95 -41.95 -19.07
N TYR D 830 -28.88 -42.22 -18.15
CA TYR D 830 -29.68 -41.14 -17.59
C TYR D 830 -28.84 -40.22 -16.72
N ILE D 831 -27.75 -40.73 -16.16
CA ILE D 831 -26.85 -39.88 -15.40
C ILE D 831 -26.13 -38.90 -16.32
N VAL D 832 -25.69 -39.38 -17.49
CA VAL D 832 -24.91 -38.54 -18.39
C VAL D 832 -25.78 -37.47 -19.02
N PHE D 833 -27.05 -37.76 -19.26
CA PHE D 833 -27.95 -36.75 -19.80
C PHE D 833 -28.39 -35.76 -18.73
N THR D 834 -28.51 -36.20 -17.48
CA THR D 834 -28.92 -35.28 -16.42
C THR D 834 -27.76 -34.41 -15.96
N LEU D 835 -26.54 -34.92 -16.04
CA LEU D 835 -25.38 -34.09 -15.73
C LEU D 835 -25.01 -33.15 -16.88
N ARG D 836 -25.76 -33.14 -17.97
CA ARG D 836 -25.68 -32.05 -18.92
C ARG D 836 -26.48 -30.85 -18.47
N LEU D 837 -27.41 -31.03 -17.55
CA LEU D 837 -28.15 -29.89 -17.02
C LEU D 837 -27.29 -29.03 -16.10
N ILE D 838 -26.16 -29.56 -15.65
CA ILE D 838 -25.18 -28.72 -14.96
C ILE D 838 -24.53 -27.77 -15.95
N HIS D 839 -24.05 -28.29 -17.08
CA HIS D 839 -23.30 -27.47 -18.03
C HIS D 839 -24.20 -26.53 -18.82
N ILE D 840 -25.49 -26.81 -18.93
CA ILE D 840 -26.39 -25.90 -19.61
C ILE D 840 -26.59 -24.64 -18.77
N PHE D 841 -26.57 -24.76 -17.45
CA PHE D 841 -26.85 -23.63 -16.58
C PHE D 841 -25.58 -22.90 -16.15
N THR D 842 -24.56 -22.86 -17.01
CA THR D 842 -23.41 -22.00 -16.81
C THR D 842 -23.62 -20.60 -17.39
N VAL D 843 -24.87 -20.23 -17.66
CA VAL D 843 -25.20 -18.92 -18.18
C VAL D 843 -25.88 -18.04 -17.16
N SER D 844 -26.21 -18.58 -15.99
CA SER D 844 -27.29 -18.04 -15.19
C SER D 844 -26.91 -16.84 -14.34
N ARG D 845 -25.64 -16.44 -14.33
CA ARG D 845 -25.07 -15.28 -13.65
C ARG D 845 -25.03 -15.46 -12.13
N ASN D 846 -25.67 -16.52 -11.63
CA ASN D 846 -25.63 -16.90 -10.23
C ASN D 846 -25.05 -18.29 -10.04
N LEU D 847 -25.58 -19.29 -10.74
CA LEU D 847 -24.94 -20.59 -10.77
C LEU D 847 -23.69 -20.58 -11.63
N GLY D 848 -23.68 -19.75 -12.66
CA GLY D 848 -22.63 -19.65 -13.66
C GLY D 848 -21.19 -19.58 -13.18
N PRO D 849 -20.86 -18.63 -12.30
CA PRO D 849 -19.50 -18.63 -11.74
C PRO D 849 -19.24 -19.80 -10.83
N LYS D 850 -20.26 -20.33 -10.15
CA LYS D 850 -20.03 -21.38 -9.19
C LYS D 850 -19.83 -22.74 -9.85
N ILE D 851 -20.45 -22.97 -11.01
CA ILE D 851 -20.23 -24.22 -11.72
C ILE D 851 -18.82 -24.25 -12.31
N ILE D 852 -18.31 -23.11 -12.76
CA ILE D 852 -16.93 -23.09 -13.23
C ILE D 852 -15.96 -23.12 -12.05
N MET D 853 -16.38 -22.62 -10.90
CA MET D 853 -15.61 -22.79 -9.67
C MET D 853 -15.50 -24.26 -9.29
N LEU D 854 -16.54 -25.04 -9.59
CA LEU D 854 -16.57 -26.46 -9.29
C LEU D 854 -15.53 -27.24 -10.08
N GLN D 855 -15.08 -26.74 -11.23
CA GLN D 855 -14.05 -27.40 -12.01
C GLN D 855 -12.65 -27.05 -11.55
N ARG D 856 -12.51 -26.24 -10.51
CA ARG D 856 -11.21 -25.98 -9.90
C ARG D 856 -10.97 -26.82 -8.66
N MET D 857 -12.01 -27.43 -8.11
CA MET D 857 -11.88 -28.27 -6.94
C MET D 857 -11.37 -29.67 -7.25
N MET D 858 -11.26 -30.03 -8.53
CA MET D 858 -10.94 -31.40 -8.89
C MET D 858 -9.49 -31.78 -8.61
N ILE D 859 -8.64 -30.81 -8.30
CA ILE D 859 -7.31 -31.14 -7.81
C ILE D 859 -7.30 -31.25 -6.28
N ASP D 860 -8.25 -30.59 -5.60
CA ASP D 860 -8.37 -30.80 -4.17
C ASP D 860 -9.05 -32.12 -3.86
N VAL D 861 -9.94 -32.57 -4.73
CA VAL D 861 -10.63 -33.83 -4.53
C VAL D 861 -9.70 -35.01 -4.82
N PHE D 862 -8.95 -34.93 -5.92
CA PHE D 862 -8.04 -36.02 -6.28
C PHE D 862 -6.88 -36.16 -5.31
N PHE D 863 -6.54 -35.10 -4.59
CA PHE D 863 -5.62 -35.27 -3.48
C PHE D 863 -6.29 -35.96 -2.31
N PHE D 864 -7.56 -35.62 -2.05
CA PHE D 864 -8.28 -36.23 -0.95
C PHE D 864 -8.59 -37.69 -1.24
N LEU D 865 -8.94 -38.02 -2.49
CA LEU D 865 -9.17 -39.40 -2.83
C LEU D 865 -7.90 -40.22 -2.83
N PHE D 866 -6.76 -39.58 -3.07
CA PHE D 866 -5.49 -40.29 -2.97
C PHE D 866 -5.16 -40.63 -1.52
N LEU D 867 -5.31 -39.68 -0.62
CA LEU D 867 -5.09 -39.94 0.80
C LEU D 867 -6.10 -40.92 1.35
N PHE D 868 -7.34 -40.88 0.87
CA PHE D 868 -8.34 -41.77 1.40
C PHE D 868 -8.15 -43.20 0.91
N ALA D 869 -7.71 -43.37 -0.34
CA ALA D 869 -7.54 -44.71 -0.88
C ALA D 869 -6.33 -45.41 -0.30
N VAL D 870 -5.27 -44.68 -0.01
CA VAL D 870 -4.11 -45.28 0.63
C VAL D 870 -4.44 -45.65 2.06
N TRP D 871 -5.21 -44.80 2.75
CA TRP D 871 -5.63 -45.11 4.11
C TRP D 871 -6.64 -46.24 4.15
N MET D 872 -7.44 -46.39 3.09
CA MET D 872 -8.40 -47.49 3.04
C MET D 872 -7.70 -48.82 2.89
N VAL D 873 -6.71 -48.89 2.01
CA VAL D 873 -6.00 -50.14 1.76
C VAL D 873 -5.11 -50.50 2.94
N ALA D 874 -4.47 -49.49 3.55
CA ALA D 874 -3.62 -49.74 4.70
C ALA D 874 -4.43 -50.24 5.88
N PHE D 875 -5.63 -49.70 6.08
CA PHE D 875 -6.47 -50.17 7.17
C PHE D 875 -7.20 -51.45 6.81
N GLY D 876 -7.69 -51.54 5.57
CA GLY D 876 -8.54 -52.67 5.19
C GLY D 876 -7.79 -53.98 5.10
N VAL D 877 -6.52 -53.93 4.67
CA VAL D 877 -5.74 -55.16 4.64
C VAL D 877 -5.29 -55.52 6.05
N ALA D 878 -4.90 -54.52 6.84
CA ALA D 878 -4.57 -54.79 8.24
C ALA D 878 -5.78 -55.11 9.09
N ARG D 879 -6.99 -54.88 8.58
CA ARG D 879 -8.20 -55.35 9.23
C ARG D 879 -8.32 -56.87 9.13
N GLN D 880 -7.59 -57.50 8.22
CA GLN D 880 -7.58 -58.95 8.06
C GLN D 880 -6.48 -59.62 8.85
N GLY D 881 -6.15 -59.09 10.02
CA GLY D 881 -5.58 -59.87 11.10
C GLY D 881 -6.69 -60.39 11.98
N ILE D 882 -7.83 -60.68 11.37
CA ILE D 882 -9.02 -61.22 12.02
C ILE D 882 -9.40 -62.51 11.32
N LEU D 883 -9.66 -62.43 10.02
CA LEU D 883 -10.06 -63.58 9.23
C LEU D 883 -8.84 -64.25 8.62
N ARG D 884 -9.03 -65.49 8.17
CA ARG D 884 -7.95 -66.24 7.53
C ARG D 884 -8.56 -67.38 6.71
N LYS D 885 -8.40 -67.32 5.39
CA LYS D 885 -8.80 -68.39 4.48
C LYS D 885 -7.96 -68.23 3.22
N ASN D 886 -8.13 -69.13 2.24
CA ASN D 886 -7.29 -69.15 1.05
C ASN D 886 -8.00 -68.79 -0.23
N GLU D 887 -9.32 -68.99 -0.34
CA GLU D 887 -9.99 -68.72 -1.61
C GLU D 887 -10.58 -67.31 -1.63
N HIS D 888 -11.52 -67.03 -0.71
CA HIS D 888 -12.19 -65.73 -0.54
C HIS D 888 -12.88 -65.23 -1.81
N ARG D 889 -13.31 -66.15 -2.69
CA ARG D 889 -14.08 -65.89 -3.91
C ARG D 889 -13.31 -65.11 -4.98
N TRP D 890 -12.07 -64.70 -4.65
CA TRP D 890 -11.26 -63.61 -5.22
C TRP D 890 -11.92 -62.23 -5.08
N GLU D 891 -13.12 -62.15 -4.51
CA GLU D 891 -13.87 -60.91 -4.45
C GLU D 891 -14.66 -60.73 -3.16
N TRP D 892 -14.48 -61.59 -2.16
CA TRP D 892 -14.89 -61.25 -0.80
C TRP D 892 -13.90 -60.30 -0.16
N ILE D 893 -12.69 -60.21 -0.72
CA ILE D 893 -11.70 -59.25 -0.25
C ILE D 893 -12.23 -57.83 -0.43
N PHE D 894 -12.64 -57.49 -1.65
CA PHE D 894 -13.11 -56.14 -1.95
C PHE D 894 -14.41 -55.80 -1.26
N ARG D 895 -15.17 -56.79 -0.80
CA ARG D 895 -16.32 -56.50 0.05
C ARG D 895 -15.92 -56.13 1.46
N SER D 896 -14.68 -56.39 1.87
CA SER D 896 -14.29 -56.19 3.25
C SER D 896 -13.04 -55.34 3.38
N VAL D 897 -12.16 -55.38 2.38
CA VAL D 897 -10.95 -54.57 2.40
C VAL D 897 -11.20 -53.18 1.86
N ILE D 898 -11.99 -53.05 0.80
CA ILE D 898 -12.25 -51.76 0.18
C ILE D 898 -13.63 -51.23 0.56
N TYR D 899 -14.66 -52.05 0.43
CA TYR D 899 -16.03 -51.55 0.55
C TYR D 899 -16.39 -51.24 1.99
N GLU D 900 -16.01 -52.10 2.92
CA GLU D 900 -16.37 -51.87 4.32
C GLU D 900 -15.60 -50.71 4.96
N PRO D 901 -14.32 -50.45 4.67
CA PRO D 901 -13.75 -49.17 5.09
C PRO D 901 -14.27 -47.98 4.31
N TYR D 902 -14.92 -48.19 3.15
CA TYR D 902 -15.47 -47.06 2.43
C TYR D 902 -16.71 -46.52 3.13
N LEU D 903 -17.55 -47.40 3.65
CA LEU D 903 -18.74 -46.97 4.38
C LEU D 903 -18.38 -46.36 5.72
N ALA D 904 -17.18 -46.60 6.23
CA ALA D 904 -16.75 -46.03 7.49
C ALA D 904 -16.49 -44.53 7.38
N MET D 905 -16.34 -44.00 6.16
CA MET D 905 -16.16 -42.57 6.02
C MET D 905 -17.47 -41.82 6.23
N PHE D 906 -18.59 -42.43 5.83
CA PHE D 906 -19.90 -41.84 6.09
C PHE D 906 -20.50 -42.32 7.40
N GLY D 907 -19.76 -43.10 8.17
CA GLY D 907 -20.21 -43.58 9.46
C GLY D 907 -20.71 -45.01 9.38
N GLN D 908 -19.83 -45.95 9.68
CA GLN D 908 -20.21 -47.34 9.91
C GLN D 908 -19.51 -47.97 11.10
N TYR D 909 -18.25 -47.59 11.29
CA TYR D 909 -17.45 -47.97 12.46
C TYR D 909 -17.38 -49.44 12.90
N PRO D 910 -17.08 -50.39 11.97
CA PRO D 910 -17.00 -51.80 12.30
C PRO D 910 -18.16 -52.29 13.19
N ASP D 911 -19.36 -52.29 12.62
CA ASP D 911 -20.58 -52.54 13.39
C ASP D 911 -20.64 -53.80 14.22
N ASP D 912 -20.19 -54.98 13.78
CA ASP D 912 -20.32 -56.05 14.76
C ASP D 912 -19.27 -57.13 14.49
N ILE D 913 -18.02 -56.71 14.36
CA ILE D 913 -16.92 -57.62 14.09
C ILE D 913 -15.81 -57.35 15.12
N ASP D 914 -15.91 -56.20 15.80
CA ASP D 914 -14.84 -55.72 16.67
C ASP D 914 -15.02 -56.08 18.13
N GLY D 915 -15.59 -57.25 18.42
CA GLY D 915 -15.60 -57.71 19.80
C GLY D 915 -16.98 -57.81 20.42
N THR D 916 -17.16 -58.82 21.29
CA THR D 916 -18.43 -59.14 21.97
C THR D 916 -19.59 -59.36 20.99
N THR D 917 -19.27 -59.75 19.76
CA THR D 917 -20.25 -60.11 18.73
C THR D 917 -19.77 -61.47 18.20
N TYR D 918 -20.44 -62.53 18.63
CA TYR D 918 -19.95 -63.88 18.39
C TYR D 918 -20.44 -64.39 17.03
N ASN D 919 -20.31 -65.69 16.81
CA ASN D 919 -20.55 -66.32 15.51
C ASN D 919 -22.01 -66.68 15.29
N PHE D 920 -22.94 -65.92 15.90
CA PHE D 920 -24.36 -66.26 15.86
C PHE D 920 -24.93 -66.15 14.45
N ASP D 921 -24.38 -65.25 13.63
CA ASP D 921 -24.88 -65.01 12.28
C ASP D 921 -23.73 -64.37 11.52
N ARG D 922 -24.03 -63.81 10.35
CA ARG D 922 -23.20 -62.97 9.49
C ARG D 922 -22.01 -63.70 8.87
N CYS D 923 -21.77 -64.96 9.22
CA CYS D 923 -20.53 -65.59 8.82
C CYS D 923 -20.77 -67.07 8.58
N THR D 924 -19.79 -67.71 7.93
CA THR D 924 -20.01 -69.00 7.29
C THR D 924 -19.19 -70.15 7.86
N PHE D 925 -17.89 -69.93 8.11
CA PHE D 925 -16.80 -70.89 8.35
C PHE D 925 -16.43 -71.69 7.10
N SER D 926 -17.18 -71.56 6.01
CA SER D 926 -17.02 -72.46 4.88
C SER D 926 -16.64 -71.74 3.59
N GLY D 927 -17.43 -70.75 3.18
CA GLY D 927 -17.28 -70.20 1.84
C GLY D 927 -18.61 -70.18 1.11
N ASN D 928 -19.66 -70.55 1.83
CA ASN D 928 -21.03 -70.43 1.36
C ASN D 928 -21.92 -70.36 2.58
N GLU D 929 -22.86 -69.40 2.60
CA GLU D 929 -23.24 -68.52 1.49
C GLU D 929 -22.42 -67.24 1.44
N SER D 930 -22.94 -66.24 0.72
CA SER D 930 -22.25 -64.97 0.44
C SER D 930 -21.93 -64.09 1.66
N LYS D 931 -22.28 -64.54 2.86
CA LYS D 931 -21.87 -63.86 4.08
C LYS D 931 -20.35 -63.87 4.22
N PRO D 932 -19.75 -62.81 4.75
CA PRO D 932 -18.30 -62.79 4.92
C PRO D 932 -17.87 -63.73 6.04
N LEU D 933 -16.80 -64.48 5.78
CA LEU D 933 -16.46 -65.64 6.59
C LEU D 933 -16.00 -65.24 7.99
N CYS D 934 -15.93 -66.25 8.86
CA CYS D 934 -15.88 -66.00 10.28
C CYS D 934 -14.48 -65.64 10.74
N VAL D 935 -14.43 -65.12 11.97
CA VAL D 935 -13.19 -64.89 12.66
C VAL D 935 -12.48 -66.21 12.88
N GLU D 936 -11.15 -66.21 12.76
CA GLU D 936 -10.35 -67.36 13.11
C GLU D 936 -10.52 -67.70 14.59
N LEU D 937 -10.64 -68.99 14.88
CA LEU D 937 -11.03 -69.45 16.20
C LEU D 937 -9.93 -70.34 16.79
N ASP D 938 -10.24 -70.94 17.94
CA ASP D 938 -9.28 -71.75 18.68
C ASP D 938 -9.89 -73.07 19.13
N ALA D 939 -9.16 -73.80 19.99
CA ALA D 939 -9.73 -74.97 20.63
C ALA D 939 -10.85 -74.59 21.59
N ASN D 940 -10.78 -73.39 22.18
CA ASN D 940 -11.83 -72.87 23.02
C ASN D 940 -12.97 -72.26 22.22
N ASN D 941 -12.87 -72.24 20.88
CA ASN D 941 -13.80 -71.56 19.97
C ASN D 941 -13.96 -70.09 20.34
N GLN D 942 -12.87 -69.46 20.68
CA GLN D 942 -12.83 -68.05 21.00
C GLN D 942 -12.33 -67.25 19.81
N PRO D 943 -12.81 -66.02 19.66
CA PRO D 943 -12.25 -65.13 18.63
C PRO D 943 -10.79 -64.83 18.90
N ARG D 944 -9.96 -65.07 17.88
CA ARG D 944 -8.52 -65.06 18.06
C ARG D 944 -7.92 -63.66 18.05
N PHE D 945 -8.60 -62.69 17.42
CA PHE D 945 -8.03 -61.37 17.26
C PHE D 945 -7.89 -60.69 18.62
N PRO D 946 -6.80 -59.96 18.85
CA PRO D 946 -6.42 -59.61 20.24
C PRO D 946 -7.34 -58.60 20.89
N GLU D 947 -7.97 -57.72 20.10
CA GLU D 947 -8.99 -56.74 20.49
C GLU D 947 -8.43 -55.58 21.30
N TRP D 948 -7.16 -55.64 21.68
CA TRP D 948 -6.44 -54.45 22.12
C TRP D 948 -5.70 -53.81 20.95
N ILE D 949 -5.80 -54.41 19.77
CA ILE D 949 -5.14 -53.92 18.58
C ILE D 949 -6.16 -53.50 17.52
N THR D 950 -7.17 -54.34 17.27
CA THR D 950 -8.16 -54.04 16.25
C THR D 950 -9.06 -52.88 16.66
N ILE D 951 -9.34 -52.73 17.95
CA ILE D 951 -10.20 -51.65 18.42
C ILE D 951 -9.49 -50.30 18.30
N PRO D 952 -8.24 -50.07 18.76
CA PRO D 952 -7.61 -48.78 18.45
C PRO D 952 -7.19 -48.62 17.00
N LEU D 953 -7.16 -49.69 16.22
CA LEU D 953 -6.87 -49.53 14.79
C LEU D 953 -8.05 -48.89 14.07
N VAL D 954 -9.27 -49.35 14.39
CA VAL D 954 -10.46 -48.75 13.81
C VAL D 954 -10.62 -47.32 14.30
N CYS D 955 -10.37 -47.09 15.59
CA CYS D 955 -10.54 -45.76 16.17
C CYS D 955 -9.50 -44.78 15.65
N ILE D 956 -8.34 -45.26 15.21
CA ILE D 956 -7.40 -44.38 14.52
C ILE D 956 -7.89 -44.09 13.11
N TYR D 957 -8.39 -45.12 12.42
CA TYR D 957 -8.90 -44.96 11.07
C TYR D 957 -10.15 -44.10 11.05
N MET D 958 -11.06 -44.32 12.00
CA MET D 958 -12.25 -43.48 12.08
C MET D 958 -11.93 -42.07 12.49
N LEU D 959 -10.82 -41.85 13.19
CA LEU D 959 -10.39 -40.49 13.47
C LEU D 959 -9.85 -39.82 12.22
N SER D 960 -9.02 -40.55 11.47
CA SER D 960 -8.32 -39.94 10.35
C SER D 960 -9.25 -39.64 9.19
N THR D 961 -9.89 -40.67 8.63
CA THR D 961 -10.65 -40.48 7.42
C THR D 961 -11.99 -39.80 7.62
N ASN D 962 -12.54 -39.78 8.83
CA ASN D 962 -13.79 -39.08 9.04
C ASN D 962 -13.60 -37.67 9.58
N ILE D 963 -12.46 -37.37 10.20
CA ILE D 963 -12.26 -36.05 10.80
C ILE D 963 -10.94 -35.42 10.35
N LEU D 964 -9.81 -36.13 10.51
CA LEU D 964 -8.53 -35.54 10.17
C LEU D 964 -8.33 -35.44 8.66
N LEU D 965 -9.25 -36.07 7.91
CA LEU D 965 -9.25 -36.01 6.44
C LEU D 965 -10.37 -35.16 5.75
N VAL D 966 -11.65 -35.40 6.04
CA VAL D 966 -12.74 -34.64 5.39
C VAL D 966 -12.75 -33.13 5.70
N ASN D 967 -12.60 -32.82 6.98
CA ASN D 967 -12.44 -31.47 7.52
C ASN D 967 -11.18 -30.81 6.99
N LEU D 968 -10.17 -31.60 6.63
CA LEU D 968 -9.03 -31.07 5.91
C LEU D 968 -9.43 -30.62 4.51
N LEU D 969 -10.33 -31.38 3.87
CA LEU D 969 -10.78 -31.07 2.52
C LEU D 969 -11.54 -29.76 2.46
N VAL D 970 -12.24 -29.40 3.55
CA VAL D 970 -12.93 -28.12 3.59
C VAL D 970 -11.94 -26.97 3.60
N ALA D 971 -10.83 -27.12 4.33
CA ALA D 971 -9.81 -26.07 4.36
C ALA D 971 -9.15 -25.92 3.00
N MET D 972 -8.90 -27.02 2.31
CA MET D 972 -8.34 -26.93 0.97
C MET D 972 -9.38 -26.49 -0.05
N PHE D 973 -10.67 -26.73 0.22
CA PHE D 973 -11.72 -26.06 -0.53
C PHE D 973 -11.80 -24.59 -0.16
N GLY D 974 -11.62 -24.26 1.12
CA GLY D 974 -11.77 -22.89 1.56
C GLY D 974 -10.67 -21.98 1.09
N TYR D 975 -9.48 -22.53 0.84
CA TYR D 975 -8.43 -21.72 0.25
C TYR D 975 -8.66 -21.50 -1.24
N THR D 976 -9.32 -22.45 -1.90
CA THR D 976 -9.50 -22.34 -3.34
C THR D 976 -10.52 -21.24 -3.67
N VAL D 977 -11.62 -21.17 -2.93
CA VAL D 977 -12.58 -20.08 -3.13
C VAL D 977 -12.00 -18.75 -2.68
N GLY D 978 -10.99 -18.76 -1.81
CA GLY D 978 -10.31 -17.53 -1.46
C GLY D 978 -9.36 -17.06 -2.53
N SER D 979 -8.83 -17.99 -3.33
CA SER D 979 -7.76 -17.66 -4.26
C SER D 979 -8.21 -17.46 -5.70
N VAL D 980 -9.11 -18.30 -6.21
CA VAL D 980 -9.44 -18.25 -7.62
C VAL D 980 -10.77 -17.53 -7.87
N GLN D 981 -11.29 -16.81 -6.87
CA GLN D 981 -12.60 -16.18 -7.02
C GLN D 981 -12.54 -15.00 -7.97
N GLU D 982 -11.53 -14.14 -7.82
CA GLU D 982 -11.38 -13.00 -8.73
C GLU D 982 -10.92 -13.43 -10.10
N ASN D 983 -10.34 -14.63 -10.23
CA ASN D 983 -10.01 -15.16 -11.53
C ASN D 983 -11.18 -15.89 -12.18
N ASN D 984 -12.09 -16.45 -11.36
CA ASN D 984 -13.22 -17.18 -11.92
C ASN D 984 -14.23 -16.27 -12.58
N ASP D 985 -14.29 -15.00 -12.15
CA ASP D 985 -15.17 -14.03 -12.80
C ASP D 985 -14.71 -13.77 -14.24
N GLN D 986 -13.41 -13.59 -14.44
CA GLN D 986 -12.89 -13.44 -15.79
C GLN D 986 -13.05 -14.71 -16.61
N VAL D 987 -12.95 -15.87 -15.96
CA VAL D 987 -13.11 -17.12 -16.69
C VAL D 987 -14.56 -17.32 -17.09
N TRP D 988 -15.49 -17.03 -16.17
CA TRP D 988 -16.91 -17.18 -16.49
C TRP D 988 -17.37 -16.17 -17.54
N LYS D 989 -16.89 -14.94 -17.43
CA LYS D 989 -17.18 -13.95 -18.46
C LYS D 989 -16.54 -14.32 -19.79
N PHE D 990 -15.45 -15.08 -19.77
CA PHE D 990 -14.88 -15.56 -21.02
C PHE D 990 -15.75 -16.63 -21.65
N GLN D 991 -16.14 -17.65 -20.89
CA GLN D 991 -17.00 -18.68 -21.48
C GLN D 991 -18.43 -18.21 -21.69
N ARG D 992 -18.80 -17.05 -21.13
CA ARG D 992 -20.08 -16.44 -21.43
C ARG D 992 -20.21 -16.06 -22.91
N PHE D 993 -19.10 -15.86 -23.62
CA PHE D 993 -19.16 -15.52 -25.02
C PHE D 993 -19.66 -16.70 -25.86
N PHE D 994 -19.17 -17.91 -25.56
CA PHE D 994 -19.51 -19.08 -26.38
C PHE D 994 -20.97 -19.46 -26.24
N LEU D 995 -21.56 -19.23 -25.07
CA LEU D 995 -22.97 -19.51 -24.87
C LEU D 995 -23.86 -18.51 -25.58
N VAL D 996 -23.38 -17.29 -25.79
CA VAL D 996 -24.11 -16.34 -26.61
C VAL D 996 -23.82 -16.58 -28.09
N GLN D 997 -22.63 -17.10 -28.41
CA GLN D 997 -22.24 -17.40 -29.78
C GLN D 997 -23.09 -18.52 -30.38
N GLU D 998 -23.67 -19.38 -29.53
CA GLU D 998 -24.34 -20.59 -29.99
C GLU D 998 -25.64 -20.33 -30.76
N TYR D 999 -26.13 -19.11 -30.78
CA TYR D 999 -27.38 -18.80 -31.45
C TYR D 999 -27.26 -17.65 -32.45
N PHE D 1007 -38.85 -26.00 -32.39
CA PHE D 1007 -37.41 -26.09 -32.21
C PHE D 1007 -36.65 -26.92 -33.29
N PRO D 1008 -37.19 -28.03 -33.81
CA PRO D 1008 -36.57 -28.60 -35.03
C PRO D 1008 -36.72 -27.72 -36.26
N PHE D 1009 -37.65 -26.76 -36.25
CA PHE D 1009 -37.73 -25.77 -37.32
C PHE D 1009 -36.50 -24.87 -37.34
N VAL D 1010 -35.87 -24.66 -36.18
CA VAL D 1010 -34.63 -23.89 -36.13
C VAL D 1010 -33.49 -24.68 -36.76
N ILE D 1011 -33.41 -25.98 -36.49
CA ILE D 1011 -32.33 -26.80 -37.02
C ILE D 1011 -32.58 -27.17 -38.47
N PHE D 1012 -33.78 -27.68 -38.77
CA PHE D 1012 -34.15 -27.99 -40.15
C PHE D 1012 -35.66 -27.93 -40.33
N ASN D 1044 -17.13 4.48 -43.00
CA ASN D 1044 -16.98 5.88 -43.31
C ASN D 1044 -17.01 6.75 -42.06
N GLU D 1045 -18.22 7.01 -41.56
CA GLU D 1045 -18.37 7.84 -40.37
C GLU D 1045 -17.85 7.14 -39.13
N ILE D 1046 -17.96 5.81 -39.07
CA ILE D 1046 -17.43 5.08 -37.92
C ILE D 1046 -15.91 5.09 -37.95
N LEU D 1047 -15.32 4.91 -39.14
CA LEU D 1047 -13.87 4.99 -39.27
C LEU D 1047 -13.36 6.40 -39.04
N ALA D 1048 -14.14 7.40 -39.44
CA ALA D 1048 -13.76 8.78 -39.13
C ALA D 1048 -13.91 9.07 -37.64
N TRP D 1049 -14.84 8.42 -36.96
CA TRP D 1049 -15.01 8.64 -35.53
C TRP D 1049 -13.85 8.04 -34.75
N GLU D 1050 -13.36 6.88 -35.18
CA GLU D 1050 -12.21 6.29 -34.52
C GLU D 1050 -10.94 7.08 -34.81
N ALA D 1051 -10.84 7.63 -36.01
CA ALA D 1051 -9.62 8.32 -36.42
C ALA D 1051 -9.38 9.59 -35.63
N VAL D 1052 -10.43 10.26 -35.18
CA VAL D 1052 -10.26 11.38 -34.25
C VAL D 1052 -9.84 10.87 -32.88
N MET D 1053 -10.51 9.82 -32.41
CA MET D 1053 -10.30 9.37 -31.04
C MET D 1053 -9.00 8.59 -30.89
N LYS D 1054 -8.57 7.89 -31.93
CA LYS D 1054 -7.26 7.26 -31.91
C LYS D 1054 -6.15 8.29 -31.95
N GLU D 1055 -6.39 9.42 -32.64
CA GLU D 1055 -5.40 10.46 -32.70
C GLU D 1055 -5.21 11.12 -31.34
N ASN D 1056 -6.29 11.32 -30.59
CA ASN D 1056 -6.18 11.82 -29.24
C ASN D 1056 -5.55 10.82 -28.29
N TYR D 1057 -5.58 9.53 -28.65
CA TYR D 1057 -4.93 8.51 -27.84
C TYR D 1057 -3.43 8.52 -28.06
N LEU D 1058 -2.99 8.54 -29.32
CA LEU D 1058 -1.56 8.53 -29.62
C LEU D 1058 -0.89 9.82 -29.19
N VAL D 1059 -1.64 10.93 -29.20
CA VAL D 1059 -1.15 12.16 -28.58
C VAL D 1059 -0.96 11.98 -27.09
N LYS D 1060 -1.93 11.33 -26.43
CA LYS D 1060 -1.89 11.19 -24.98
C LYS D 1060 -0.78 10.25 -24.54
N ILE D 1061 -0.38 9.30 -25.39
CA ILE D 1061 0.74 8.42 -25.06
C ILE D 1061 2.05 9.18 -25.10
N ASN D 1062 2.37 9.77 -26.26
CA ASN D 1062 3.69 10.31 -26.52
C ASN D 1062 3.94 11.66 -25.85
N THR D 1063 2.99 12.18 -25.07
CA THR D 1063 3.25 13.31 -24.21
C THR D 1063 3.20 12.98 -22.73
N LYS D 1064 2.58 11.85 -22.33
CA LYS D 1064 2.54 11.48 -20.92
C LYS D 1064 3.91 11.15 -20.36
N ALA D 1065 4.85 10.73 -21.21
CA ALA D 1065 6.25 10.65 -20.81
C ALA D 1065 6.80 12.03 -20.46
N ASN D 1066 6.32 13.07 -21.13
CA ASN D 1066 6.69 14.43 -20.78
C ASN D 1066 5.80 14.99 -19.67
N ASP D 1067 4.54 14.55 -19.60
CA ASP D 1067 3.67 14.97 -18.50
C ASP D 1067 3.91 14.19 -17.22
N SER D 1068 4.90 13.31 -17.17
CA SER D 1068 5.33 12.73 -15.90
C SER D 1068 5.88 13.83 -15.00
N SER D 1069 7.03 14.39 -15.39
CA SER D 1069 7.56 15.68 -14.92
C SER D 1069 7.69 15.77 -13.41
N GLU D 1070 7.91 14.64 -12.73
CA GLU D 1070 7.92 14.61 -11.27
C GLU D 1070 9.19 15.17 -10.66
N GLU D 1071 10.20 15.47 -11.47
CA GLU D 1071 11.45 16.04 -10.98
C GLU D 1071 11.67 17.40 -11.60
N MET D 1072 12.08 18.35 -10.76
CA MET D 1072 12.46 19.68 -11.22
C MET D 1072 13.92 19.76 -11.65
N VAL D 1073 14.58 18.60 -11.86
CA VAL D 1073 15.95 18.60 -12.34
C VAL D 1073 16.03 19.08 -13.79
N HIS D 1074 14.93 18.99 -14.54
CA HIS D 1074 14.87 19.69 -15.82
C HIS D 1074 14.69 21.18 -15.61
N ARG D 1075 13.89 21.56 -14.62
CA ARG D 1075 13.75 22.98 -14.29
C ARG D 1075 15.00 23.52 -13.61
N PHE D 1076 15.74 22.64 -12.90
CA PHE D 1076 17.05 23.01 -12.39
C PHE D 1076 18.02 23.34 -13.52
N ARG D 1077 17.90 22.64 -14.65
CA ARG D 1077 18.69 22.99 -15.82
C ARG D 1077 18.26 24.33 -16.41
N GLN D 1078 16.98 24.67 -16.33
CA GLN D 1078 16.50 25.94 -16.84
C GLN D 1078 16.88 27.12 -15.95
N LEU D 1079 17.15 26.88 -14.66
CA LEU D 1079 17.56 27.95 -13.76
C LEU D 1079 18.94 28.47 -14.13
N ASP D 1080 19.93 27.57 -14.19
CA ASP D 1080 21.32 27.94 -14.39
C ASP D 1080 21.64 28.38 -15.81
N ALA D 1081 20.66 28.36 -16.72
CA ALA D 1081 20.89 28.86 -18.08
C ALA D 1081 21.08 30.38 -18.07
N LYS D 1082 20.54 31.08 -17.08
CA LYS D 1082 20.71 32.52 -17.00
C LYS D 1082 21.86 32.95 -16.10
N LEU D 1083 22.28 32.08 -15.18
CA LEU D 1083 23.39 32.43 -14.29
C LEU D 1083 24.71 32.53 -15.05
N SER D 1084 24.85 31.79 -16.15
CA SER D 1084 25.98 32.02 -17.04
C SER D 1084 25.80 33.33 -17.80
N ASP D 1085 24.55 33.67 -18.14
CA ASP D 1085 24.30 34.93 -18.83
C ASP D 1085 24.47 36.12 -17.90
N LEU D 1086 24.22 35.92 -16.59
CA LEU D 1086 24.41 36.99 -15.63
C LEU D 1086 25.89 37.30 -15.42
N LYS D 1087 26.71 36.27 -15.20
CA LYS D 1087 28.13 36.49 -14.97
C LYS D 1087 28.84 36.94 -16.24
N GLY D 1088 28.38 36.49 -17.41
CA GLY D 1088 28.98 36.91 -18.66
C GLY D 1088 28.66 38.35 -19.00
N LEU D 1089 27.46 38.81 -18.63
CA LEU D 1089 27.11 40.21 -18.86
C LEU D 1089 27.88 41.13 -17.94
N LEU D 1090 28.26 40.64 -16.75
CA LEU D 1090 29.11 41.42 -15.85
C LEU D 1090 30.56 41.36 -16.31
N LYS D 1091 30.96 40.29 -16.98
CA LYS D 1091 32.27 40.25 -17.61
C LYS D 1091 32.36 41.24 -18.77
N GLU D 1092 31.25 41.42 -19.50
CA GLU D 1092 31.24 42.37 -20.60
C GLU D 1092 31.24 43.81 -20.11
N ILE D 1093 30.61 44.08 -18.96
CA ILE D 1093 30.66 45.42 -18.41
C ILE D 1093 31.99 45.68 -17.73
N SER D 1094 32.76 44.64 -17.44
CA SER D 1094 34.07 44.82 -16.82
C SER D 1094 35.08 45.38 -17.81
N SER D 1095 34.88 45.16 -19.10
CA SER D 1095 35.74 45.72 -20.11
C SER D 1095 35.39 47.17 -20.44
N LYS D 1096 34.18 47.61 -20.10
CA LYS D 1096 33.75 48.96 -20.47
C LYS D 1096 34.26 50.01 -19.49
N ILE D 1097 34.37 49.67 -18.20
CA ILE D 1097 34.93 50.61 -17.24
C ILE D 1097 36.43 50.74 -17.43
N LYS D 1098 37.10 49.64 -17.80
CA LYS D 1098 38.55 49.64 -17.94
C LYS D 1098 38.96 49.83 -19.40
CA CA E . 14.38 -43.87 2.23
CAA Y01 F . 0.65 -51.92 -11.43
CBA Y01 F . -0.80 -51.43 -11.54
CAB Y01 F . -1.70 -52.61 -11.90
CAN Y01 F . -0.90 -50.35 -12.62
CAJ Y01 F . -1.09 -48.99 -11.98
CAO Y01 F . -0.38 -47.91 -12.81
CBB Y01 F . 0.56 -46.99 -11.90
CAC Y01 F . 1.52 -47.98 -11.09
CBE Y01 F . 1.28 -46.08 -12.63
CAP Y01 F . 0.38 -45.43 -13.88
CAQ Y01 F . 0.34 -43.86 -13.61
CBG Y01 F . 1.73 -43.58 -12.85
CBI Y01 F . 1.85 -44.71 -11.81
CAE Y01 F . 0.82 -44.38 -10.71
CAU Y01 F . 3.10 -44.69 -11.17
CAS Y01 F . 3.65 -43.22 -10.70
CBF Y01 F . 3.46 -42.10 -11.75
CBD Y01 F . 2.09 -42.17 -12.32
CAK Y01 F . 1.90 -41.12 -13.58
CAI Y01 F . 2.55 -39.82 -13.32
CAZ Y01 F . 2.98 -39.52 -11.72
CAV Y01 F . 3.36 -38.09 -11.28
CBH Y01 F . 3.76 -40.57 -11.05
CAD Y01 F . 3.28 -40.59 -9.60
CAT Y01 F . 5.28 -40.28 -11.08
CAR Y01 F . 5.63 -38.84 -10.69
CBC Y01 F . 4.86 -37.83 -11.44
OAW Y01 F . 5.14 -36.53 -10.89
CAY Y01 F . 5.44 -35.49 -11.77
OAG Y01 F . 6.05 -34.57 -11.36
CAM Y01 F . 5.01 -35.50 -13.25
CAL Y01 F . 3.58 -35.01 -13.42
CAX Y01 F . 3.54 -33.48 -13.40
OAH Y01 F . 2.44 -32.89 -13.57
OAF Y01 F . 4.59 -32.81 -13.24
CAA Y01 G . -1.67 -52.24 -2.86
CBA Y01 G . -3.07 -51.80 -3.24
CAB Y01 G . -4.06 -52.96 -3.08
CAN Y01 G . -3.08 -51.32 -4.69
CAJ Y01 G . -2.55 -49.88 -4.72
CAO Y01 G . -3.67 -48.95 -5.19
CBB Y01 G . -3.26 -47.40 -5.03
CAC Y01 G . -2.56 -47.22 -3.61
CBE Y01 G . -2.49 -46.92 -6.06
CAP Y01 G . -2.85 -47.59 -7.55
CAQ Y01 G . -3.33 -46.39 -8.48
CBG Y01 G . -2.50 -45.14 -7.90
CBI Y01 G . -2.61 -45.25 -6.36
CAE Y01 G . -4.05 -44.82 -6.03
CAU Y01 G . -1.79 -44.32 -5.70
CAS Y01 G . -1.74 -42.82 -6.36
CBF Y01 G . -1.61 -42.83 -7.88
CBD Y01 G . -2.69 -43.69 -8.42
CAK Y01 G . -2.78 -43.73 -10.09
CAI Y01 G . -2.62 -42.42 -10.75
CAZ Y01 G . -1.79 -41.17 -9.94
CAV Y01 G . -1.74 -39.76 -10.53
CBH Y01 G . -1.67 -41.24 -8.48
CAD Y01 G . -2.91 -40.60 -7.84
CAT Y01 G . -0.40 -40.49 -8.01
CAR Y01 G . -0.26 -39.08 -8.60
CBC Y01 G . -0.51 -38.94 -10.06
OAW Y01 G . -0.80 -37.55 -10.26
CAY Y01 G . -0.25 -36.98 -11.40
OAG Y01 G . 0.21 -37.66 -12.26
CAM Y01 G . -0.24 -35.46 -11.55
CAL Y01 G . -0.40 -35.08 -13.03
CAX Y01 G . -1.76 -35.56 -13.54
OAH Y01 G . -1.83 -36.58 -14.27
OAF Y01 G . -2.81 -34.94 -13.22
CAA Y01 H . -8.45 -39.50 21.49
CBA Y01 H . -7.85 -40.71 22.21
CAB Y01 H . -6.36 -40.48 22.39
CAN Y01 H . -8.08 -41.97 21.38
CAJ Y01 H . -8.95 -42.97 22.16
CAO Y01 H . -8.28 -44.33 22.15
CBB Y01 H . -9.30 -45.48 22.63
CAC Y01 H . -10.53 -45.39 21.61
CBE Y01 H . -8.74 -46.73 22.63
CAP Y01 H . -7.12 -46.74 23.04
CAQ Y01 H . -6.89 -48.00 23.99
CBG Y01 H . -8.25 -48.86 23.87
CBI Y01 H . -9.40 -47.83 23.73
CAE Y01 H . -9.47 -47.10 25.07
CAU Y01 H . -10.67 -48.43 23.58
CAS Y01 H . -10.94 -49.75 24.48
CBF Y01 H . -9.78 -50.73 24.42
CBD Y01 H . -8.54 -50.03 24.83
CAK Y01 H . -7.17 -50.96 24.78
CAI Y01 H . -7.45 -52.39 25.03
CAZ Y01 H . -8.88 -52.79 25.82
CAV Y01 H . -9.05 -54.23 26.34
CBH Y01 H . -10.10 -52.16 25.30
CAD Y01 H . -10.98 -51.81 26.51
CAT Y01 H . -10.91 -53.10 24.40
CAR Y01 H . -11.09 -54.51 24.97
CBC Y01 H . -9.79 -55.13 25.35
OAW Y01 H . -10.10 -56.38 26.00
CAY Y01 H . -9.02 -57.27 26.07
OAG Y01 H . -8.17 -57.27 25.25
CAM Y01 H . -8.95 -58.26 27.23
CAL Y01 H . -7.51 -58.32 27.75
CAX Y01 H . -7.52 -58.65 29.25
OAH Y01 H . -7.97 -57.82 30.08
OAF Y01 H . -7.07 -59.76 29.64
CA CA I . -6.93 -20.59 40.80
CAA Y01 J . 1.03 -39.33 35.76
CBA Y01 J . 0.87 -39.96 34.37
CAB Y01 J . 0.75 -41.48 34.52
CAN Y01 J . 2.09 -39.62 33.51
CAJ Y01 J . 1.68 -38.58 32.45
CAO Y01 J . 2.85 -37.64 32.18
CBB Y01 J . 2.40 -36.10 32.27
CAC Y01 J . 1.70 -35.92 33.69
CBE Y01 J . 3.45 -35.22 32.12
CAP Y01 J . 4.55 -35.74 30.96
CAQ Y01 J . 4.58 -34.60 29.86
CBG Y01 J . 4.26 -33.26 30.71
CBI Y01 J . 3.08 -33.65 31.63
CAE Y01 J . 1.85 -33.74 30.71
CAU Y01 J . 2.80 -32.63 32.55
CAS Y01 J . 2.77 -31.11 31.95
CBF Y01 J . 3.93 -30.77 30.99
CBD Y01 J . 4.11 -31.89 30.03
CAK Y01 J . 5.46 -31.67 29.10
CAI Y01 J . 5.63 -30.27 28.67
CAZ Y01 J . 4.28 -29.27 28.86
CAV Y01 J . 4.24 -27.91 28.17
CBH Y01 J . 3.64 -29.30 30.18
CAD Y01 J . 2.13 -29.17 29.93
CAT Y01 J . 4.10 -28.12 31.07
CAR Y01 J . 4.10 -26.77 30.36
CBC Y01 J . 4.81 -26.80 29.06
OAW Y01 J . 4.60 -25.55 28.39
CAY Y01 J . 5.72 -24.89 27.85
OAG Y01 J . 5.66 -23.73 27.67
CAM Y01 J . 7.01 -25.64 27.47
CAL Y01 J . 6.91 -26.28 26.09
CAX Y01 J . 7.17 -25.23 25.00
OAH Y01 J . 7.17 -25.58 23.80
OAF Y01 J . 7.41 -24.03 25.31
CAA Y01 K . -7.74 -38.37 34.76
CBA Y01 K . -7.64 -39.09 33.41
CAB Y01 K . -8.27 -40.49 33.52
CAN Y01 K . -6.19 -39.22 33.01
CAJ Y01 K . -5.75 -37.89 32.39
CAO Y01 K . -5.40 -38.10 30.92
CBB Y01 K . -5.15 -36.71 30.14
CAC Y01 K . -6.29 -35.69 30.60
CBE Y01 K . -3.89 -36.20 30.32
CAP Y01 K . -2.69 -37.37 30.44
CAQ Y01 K . -1.71 -37.13 29.22
CBG Y01 K . -1.80 -35.54 28.99
CBI Y01 K . -3.32 -35.21 29.06
CAE Y01 K . -3.91 -35.74 27.75
CAU Y01 K . -3.56 -33.82 29.04
CAS Y01 K . -2.63 -32.95 28.01
CBF Y01 K . -1.15 -33.35 28.03
CBD Y01 K . -1.07 -34.82 27.83
CAK Y01 K . 0.47 -35.42 27.70
CAI Y01 K . 1.39 -34.61 26.88
CAZ Y01 K . 1.07 -32.95 26.65
CAV Y01 K . 1.91 -32.12 25.68
CBH Y01 K . -0.30 -32.47 26.87
CAD Y01 K . -1.08 -32.63 25.56
CAT Y01 K . -0.27 -30.98 27.29
CAR Y01 K . 0.59 -30.09 26.38
CBC Y01 K . 1.93 -30.61 26.03
OAW Y01 K . 2.32 -29.89 24.85
CAY Y01 K . 3.65 -29.49 24.79
OAG Y01 K . 4.45 -29.94 25.55
CAM Y01 K . 4.08 -28.48 23.74
CAL Y01 K . 5.52 -28.78 23.29
CAX Y01 K . 5.57 -30.14 22.62
OAH Y01 K . 6.05 -31.13 23.23
OAF Y01 K . 5.12 -30.29 21.44
CAA Y01 L . -30.09 -26.28 22.32
CBA Y01 L . -30.87 -26.51 23.61
CAB Y01 L . -30.61 -25.32 24.54
CAN Y01 L . -30.38 -27.80 24.28
CAJ Y01 L . -31.52 -28.81 24.37
CAO Y01 L . -31.60 -29.34 25.80
CBB Y01 L . -32.54 -30.63 25.89
CAC Y01 L . -31.86 -31.68 24.90
CBE Y01 L . -32.64 -31.15 27.15
CAP Y01 L . -32.63 -29.98 28.35
CAQ Y01 L . -33.71 -30.41 29.43
CBG Y01 L . -34.10 -31.92 29.04
CBI Y01 L . -34.06 -31.99 27.50
CAE Y01 L . -35.21 -31.12 27.01
CAU Y01 L . -34.35 -33.27 26.99
CAS Y01 L . -35.53 -34.10 27.74
CBF Y01 L . -35.36 -34.05 29.27
CBD Y01 L . -35.31 -32.63 29.68
CAK Y01 L . -35.10 -32.41 31.32
CAI Y01 L . -35.68 -33.50 32.12
CAZ Y01 L . -36.87 -34.46 31.41
CAV Y01 L . -37.68 -35.41 32.29
CBH Y01 L . -36.56 -34.98 30.06
CAD Y01 L . -37.85 -34.92 29.25
CAT Y01 L . -36.08 -36.44 30.09
CAR Y01 L . -36.93 -37.35 30.96
CBC Y01 L . -37.10 -36.84 32.33
OAW Y01 L . -38.02 -37.69 33.02
CAY Y01 L . -38.01 -37.60 34.41
OAG Y01 L . -37.01 -37.31 34.97
CAM Y01 L . -39.28 -37.88 35.21
CAL Y01 L . -39.42 -36.83 36.30
CAX Y01 L . -40.90 -36.60 36.61
OAH Y01 L . -41.64 -36.05 35.75
OAF Y01 L . -41.38 -36.96 37.73
CA CA M . -44.40 -6.08 11.32
CAA Y01 N . -41.21 -15.58 29.76
CBA Y01 N . -40.06 -16.55 30.01
CAB Y01 N . -40.52 -17.64 30.98
CAN Y01 N . -38.87 -15.80 30.60
CAJ Y01 N . -37.77 -15.67 29.54
CAO Y01 N . -37.03 -14.34 29.71
CBB Y01 N . -36.93 -13.53 28.33
CAC Y01 N . -38.43 -13.42 27.77
CBE Y01 N . -36.36 -12.29 28.48
CAP Y01 N . -35.09 -12.31 29.57
CAQ Y01 N . -33.82 -11.83 28.74
CBG Y01 N . -34.45 -10.85 27.63
CBI Y01 N . -35.69 -11.59 27.10
CAE Y01 N . -35.15 -12.74 26.22
CAU Y01 N . -36.44 -10.77 26.24
CAS Y01 N . -35.59 -9.92 25.14
CBF Y01 N . -34.31 -9.24 25.69
CBD Y01 N . -33.57 -10.19 26.54
CAK Y01 N . -32.31 -9.46 27.32
CAI Y01 N . -31.60 -8.51 26.45
CAZ Y01 N . -31.92 -8.63 24.79
CAV Y01 N . -31.01 -7.92 23.78
CBH Y01 N . -33.34 -8.65 24.42
CAD Y01 N . -33.45 -9.60 23.23
CAT Y01 N . -33.84 -7.25 23.98
CAR Y01 N . -32.91 -6.53 23.01
CBC Y01 N . -31.50 -6.50 23.48
OAW Y01 N . -30.67 -5.97 22.43
CAY Y01 N . -29.75 -4.96 22.76
OAG Y01 N . -29.38 -4.25 21.90
CAM Y01 N . -29.22 -4.77 24.18
CAL Y01 N . -28.05 -5.71 24.48
CAX Y01 N . -26.76 -5.15 23.89
OAH Y01 N . -25.68 -5.77 24.07
OAF Y01 N . -26.76 -4.06 23.25
CAA Y01 O . -42.28 -20.89 22.72
CBA Y01 O . -41.12 -21.75 23.22
CAB Y01 O . -41.65 -23.09 23.74
CAN Y01 O . -40.40 -21.02 24.33
CAJ Y01 O . -39.45 -20.00 23.70
CAO Y01 O . -38.00 -20.39 24.02
CBB Y01 O . -36.94 -19.50 23.20
CAC Y01 O . -37.46 -19.38 21.70
CBE Y01 O . -36.69 -18.27 23.76
CAP Y01 O . -36.73 -18.27 25.44
CAQ Y01 O . -35.28 -17.85 25.93
CBG Y01 O . -34.78 -16.88 24.75
CBI Y01 O . -35.16 -17.60 23.43
CAE Y01 O . -34.16 -18.77 23.30
CAU Y01 O . -34.94 -16.80 22.30
CAS Y01 O . -33.56 -15.91 22.31
CBF Y01 O . -33.29 -15.23 23.66
CBD Y01 O . -33.35 -16.27 24.72
CAK Y01 O . -32.96 -15.73 26.24
CAI Y01 O . -31.79 -14.83 26.30
CAZ Y01 O . -31.34 -13.95 24.91
CAV Y01 O . -30.05 -13.13 24.89
CBH Y01 O . -31.80 -14.43 23.60
CAD Y01 O . -30.78 -15.46 23.07
CAT Y01 O . -31.90 -13.25 22.61
CAR Y01 O . -30.66 -12.35 22.57
CBC Y01 O . -30.09 -11.96 23.88
OAW Y01 O . -28.73 -11.58 23.60
CAY Y01 O . -28.26 -10.45 24.28
OAG Y01 O . -28.87 -10.02 25.21
CAM Y01 O . -26.96 -9.80 23.84
CAL Y01 O . -26.23 -9.22 25.06
CAX Y01 O . -25.84 -10.35 26.01
OAH Y01 O . -26.49 -10.53 27.07
OAF Y01 O . -24.87 -11.11 25.72
CAA Y01 P . -33.79 -30.77 -2.39
CBA Y01 P . -35.25 -31.03 -2.73
CAB Y01 P . -35.84 -29.75 -3.32
CAN Y01 P . -36.01 -31.40 -1.45
CAJ Y01 P . -36.58 -32.81 -1.58
CAO Y01 P . -38.06 -32.79 -1.19
CBB Y01 P . -38.62 -34.27 -0.97
CAC Y01 P . -37.72 -34.87 0.20
CBE Y01 P . -39.95 -34.31 -0.62
CAP Y01 P . -40.85 -33.10 -1.36
CAQ Y01 P . -42.24 -33.76 -1.78
CBG Y01 P . -42.25 -35.19 -1.04
CBI Y01 P . -40.80 -35.70 -1.05
CAE Y01 P . -40.46 -35.99 -2.50
CAU Y01 P . -40.63 -36.93 -0.39
CAS Y01 P . -41.80 -38.03 -0.64
CBF Y01 P . -43.20 -37.42 -0.47
CBD Y01 P . -43.31 -36.26 -1.39
CAK Y01 P . -44.76 -35.47 -1.31
CAI Y01 P . -45.88 -36.35 -0.93
CAZ Y01 P . -45.69 -38.01 -1.16
CAV Y01 P . -46.91 -38.92 -1.04
CBH Y01 P . -44.43 -38.59 -0.65
CAD Y01 P . -43.98 -39.63 -1.67
CAT Y01 P . -44.62 -39.29 0.70
CAR Y01 P . -45.84 -40.20 0.76
CBC Y01 P . -47.08 -39.53 0.36
OAW Y01 P . -48.13 -40.50 0.32
CAY Y01 P . -49.43 -39.99 0.34
OAG Y01 P . -49.65 -38.97 0.88
CAM Y01 P . -50.55 -40.76 -0.34
CAL Y01 P . -51.43 -39.77 -1.12
CAX Y01 P . -52.05 -40.47 -2.32
OAH Y01 P . -51.31 -40.84 -3.28
OAF Y01 P . -53.29 -40.69 -2.37
CA CA Q . -23.08 -29.36 -27.23
CAA Y01 R . -41.59 -28.17 -17.42
CBA Y01 R . -41.72 -28.03 -15.91
CAB Y01 R . -42.97 -28.78 -15.44
CAN Y01 R . -41.84 -26.55 -15.54
CAJ Y01 R . -40.53 -26.08 -14.89
CAO Y01 R . -40.26 -24.62 -15.27
CBB Y01 R . -38.77 -24.42 -15.83
CAC Y01 R . -38.59 -25.49 -17.01
CBE Y01 R . -38.52 -23.14 -16.27
CAP Y01 R . -39.24 -21.99 -15.28
CAQ Y01 R . -38.04 -21.09 -14.73
CBG Y01 R . -36.96 -21.16 -15.92
CBI Y01 R . -36.91 -22.65 -16.33
CAE Y01 R . -36.16 -23.37 -15.20
CAU Y01 R . -36.12 -22.82 -17.49
CAS Y01 R . -34.70 -22.03 -17.52
CBF Y01 R . -34.77 -20.57 -17.04
CBD Y01 R . -35.58 -20.48 -15.79
CAK Y01 R . -35.86 -18.92 -15.36
CAI Y01 R . -34.66 -18.06 -15.55
CAZ Y01 R . -33.21 -18.88 -15.78
CAV Y01 R . -31.89 -18.11 -15.67
CBH Y01 R . -33.21 -19.92 -16.81
CAD Y01 R . -32.29 -21.03 -16.30
CAT Y01 R . -32.66 -19.41 -18.16
CAR Y01 R . -31.36 -18.61 -18.03
CBC Y01 R . -31.44 -17.53 -17.02
OAW Y01 R . -30.14 -16.96 -16.85
CAY Y01 R . -30.03 -15.56 -16.86
OAG Y01 R . -28.98 -15.08 -17.13
CAM Y01 R . -31.20 -14.63 -16.53
CAL Y01 R . -31.37 -14.44 -15.03
CAX Y01 R . -30.38 -13.40 -14.51
OAH Y01 R . -30.40 -13.07 -13.30
OAF Y01 R . -29.57 -12.84 -15.29
CAA Y01 S . -36.20 -34.76 -14.89
CBA Y01 S . -36.54 -34.45 -13.44
CAB Y01 S . -37.43 -35.56 -12.86
CAN Y01 S . -37.28 -33.12 -13.36
CAJ Y01 S . -36.24 -32.00 -13.41
CAO Y01 S . -36.26 -31.24 -12.08
CBB Y01 S . -35.04 -30.19 -11.97
CAC Y01 S . -33.73 -30.91 -12.51
CBE Y01 S . -35.28 -28.99 -12.61
CAP Y01 S . -36.89 -28.50 -12.56
CAQ Y01 S . -36.90 -27.11 -11.77
CBG Y01 S . -35.46 -26.49 -12.14
CBI Y01 S . -34.45 -27.65 -11.99
CAE Y01 S . -34.31 -27.86 -10.48
CAU Y01 S . -33.16 -27.29 -12.44
CAS Y01 S . -32.66 -25.79 -12.06
CBF Y01 S . -33.74 -24.71 -12.26
CBD Y01 S . -34.96 -25.15 -11.54
CAK Y01 S . -36.20 -24.05 -11.55
CAI Y01 S . -35.79 -22.64 -11.33
CAZ Y01 S . -34.20 -22.18 -11.68
CAV Y01 S . -33.69 -20.77 -11.32
CBH Y01 S . -33.15 -23.20 -11.75
CAD Y01 S . -32.60 -23.43 -10.33
CAT Y01 S . -32.02 -22.76 -12.69
CAR Y01 S . -31.50 -21.35 -12.41
CBC Y01 S . -32.52 -20.30 -12.20
OAW Y01 S . -31.84 -19.25 -11.51
CAY Y01 S . -32.15 -17.94 -11.91
OAG Y01 S . -33.10 -17.74 -12.60
CAM Y01 S . -31.28 -16.79 -11.45
CAL Y01 S . -32.14 -15.53 -11.25
CAX Y01 S . -33.16 -15.77 -10.14
OAH Y01 S . -34.36 -15.99 -10.43
OAF Y01 S . -32.79 -15.76 -8.94
CAA Y01 T . -12.14 -44.01 -3.23
CBA Y01 T . -12.24 -45.23 -4.12
CAB Y01 T . -11.58 -44.90 -5.47
CAN Y01 T . -13.71 -45.58 -4.35
CAJ Y01 T . -14.01 -46.98 -3.79
CAO Y01 T . -14.75 -47.79 -4.85
CBB Y01 T . -15.38 -49.12 -4.22
CAC Y01 T . -16.37 -48.59 -3.09
CBE Y01 T . -16.05 -49.89 -5.14
CAP Y01 T . -15.35 -49.87 -6.66
CAQ Y01 T . -15.42 -51.35 -7.23
CBG Y01 T . -16.40 -52.13 -6.21
CBI Y01 T . -16.12 -51.54 -4.81
CAE Y01 T . -14.71 -51.98 -4.44
CAU Y01 T . -16.94 -52.10 -3.80
CAS Y01 T . -17.22 -53.69 -3.90
CBF Y01 T . -17.61 -54.11 -5.33
CBD Y01 T . -16.54 -53.66 -6.25
CAK Y01 T . -16.82 -54.02 -7.84
CAI Y01 T . -17.64 -55.24 -8.02
CAZ Y01 T . -17.68 -56.34 -6.74
CAV Y01 T . -18.29 -57.73 -6.99
CBH Y01 T . -17.96 -55.78 -5.42
CAD Y01 T . -17.09 -56.53 -4.42
CAT Y01 T . -19.44 -55.96 -4.99
CAR Y01 T . -19.97 -57.37 -5.24
CBC Y01 T . -19.78 -57.83 -6.62
OAW Y01 T . -20.19 -59.20 -6.70
CAY Y01 T . -20.44 -59.67 -7.99
OAG Y01 T . -20.81 -58.93 -8.83
CAM Y01 T . -20.22 -61.15 -8.31
CAL Y01 T . -19.52 -61.27 -9.67
CAX Y01 T . -18.66 -62.53 -9.69
OAH Y01 T . -17.64 -62.61 -8.95
OAF Y01 T . -18.98 -63.50 -10.44
#